data_2HW0
#
_entry.id   2HW0
#
_entity_poly.entity_id   1
_entity_poly.type   'polypeptide(L)'
_entity_poly.pdbx_seq_one_letter_code
;PSKKNGRSGPQPHKRWVFTLNNPSEDERKKIRDLPISLFDYFIVGEEGNEEGRTPHLQGFANFVKKQTFNKVKWYLGARC
HIEKAKGTDQQNKEYCSKEGNLLMECGAPRSQGQR
;
_entity_poly.pdbx_strand_id   A
#
# COMPACT_ATOMS: atom_id res chain seq x y z
N PRO A 1 -2.58 9.58 26.36
CA PRO A 1 -3.52 8.99 25.40
C PRO A 1 -3.50 7.47 25.42
N SER A 2 -4.60 6.87 25.85
CA SER A 2 -4.70 5.41 25.92
C SER A 2 -5.79 4.90 24.98
N LYS A 3 -5.48 3.82 24.27
CA LYS A 3 -6.43 3.23 23.33
C LYS A 3 -6.55 1.72 23.56
N LYS A 4 -7.71 1.16 23.25
CA LYS A 4 -7.95 -0.26 23.42
C LYS A 4 -8.12 -0.94 22.06
N ASN A 5 -7.36 -2.02 21.84
CA ASN A 5 -7.43 -2.75 20.58
C ASN A 5 -7.78 -4.22 20.84
N GLY A 6 -8.35 -4.86 19.82
CA GLY A 6 -8.72 -6.26 19.96
C GLY A 6 -9.04 -6.91 18.62
N ARG A 7 -10.14 -7.65 18.57
CA ARG A 7 -10.55 -8.32 17.33
C ARG A 7 -12.01 -8.04 17.02
N SER A 8 -12.47 -6.86 17.41
CA SER A 8 -13.86 -6.45 17.16
C SER A 8 -14.03 -5.96 15.73
N GLY A 9 -15.14 -6.35 15.10
CA GLY A 9 -15.41 -5.94 13.74
C GLY A 9 -14.23 -6.19 12.82
N PRO A 10 -13.56 -5.10 12.40
CA PRO A 10 -12.40 -5.17 11.51
C PRO A 10 -11.18 -5.79 12.19
N GLN A 11 -10.49 -6.67 11.48
CA GLN A 11 -9.30 -7.32 12.02
C GLN A 11 -8.08 -7.04 11.15
N PRO A 12 -6.88 -7.23 11.73
CA PRO A 12 -5.62 -7.00 11.04
C PRO A 12 -5.37 -8.04 9.94
N HIS A 13 -4.67 -7.62 8.89
CA HIS A 13 -4.36 -8.52 7.78
C HIS A 13 -2.92 -8.32 7.31
N LYS A 14 -2.51 -9.11 6.32
CA LYS A 14 -1.16 -9.02 5.77
C LYS A 14 -1.16 -8.30 4.43
N ARG A 15 -2.24 -7.57 4.16
CA ARG A 15 -2.37 -6.83 2.90
C ARG A 15 -3.01 -5.47 3.15
N TRP A 16 -2.33 -4.41 2.71
CA TRP A 16 -2.83 -3.06 2.88
C TRP A 16 -2.35 -2.15 1.74
N VAL A 17 -3.27 -1.35 1.21
CA VAL A 17 -2.95 -0.44 0.11
C VAL A 17 -2.92 1.00 0.59
N PHE A 18 -2.28 1.87 -0.19
CA PHE A 18 -2.17 3.28 0.15
C PHE A 18 -2.43 4.16 -1.07
N THR A 19 -3.08 5.29 -0.84
CA THR A 19 -3.40 6.22 -1.92
C THR A 19 -3.44 7.67 -1.41
N LEU A 20 -2.71 8.54 -2.09
CA LEU A 20 -2.66 9.96 -1.71
C LEU A 20 -2.68 10.85 -2.94
N ASN A 21 -3.47 11.92 -2.88
CA ASN A 21 -3.57 12.86 -3.99
C ASN A 21 -2.43 13.88 -3.95
N ASN A 22 -1.84 14.15 -5.11
CA ASN A 22 -0.75 15.10 -5.20
C ASN A 22 0.33 14.80 -4.18
N PRO A 23 1.01 13.65 -4.35
CA PRO A 23 2.07 13.21 -3.44
C PRO A 23 3.32 14.06 -3.58
N SER A 24 3.98 14.32 -2.45
CA SER A 24 5.19 15.14 -2.44
C SER A 24 6.44 14.26 -2.56
N GLU A 25 7.53 14.86 -3.01
CA GLU A 25 8.79 14.13 -3.18
C GLU A 25 9.24 13.52 -1.86
N ASP A 26 8.88 14.17 -0.76
CA ASP A 26 9.26 13.69 0.57
C ASP A 26 8.46 12.45 0.94
N GLU A 27 7.14 12.52 0.77
CA GLU A 27 6.27 11.40 1.08
C GLU A 27 6.57 10.20 0.18
N ARG A 28 6.64 10.46 -1.12
CA ARG A 28 6.92 9.41 -2.10
C ARG A 28 8.26 8.74 -1.82
N LYS A 29 9.24 9.54 -1.38
CA LYS A 29 10.57 9.04 -1.07
C LYS A 29 10.55 8.18 0.18
N LYS A 30 9.74 8.58 1.16
CA LYS A 30 9.63 7.86 2.41
C LYS A 30 9.08 6.45 2.18
N ILE A 31 7.96 6.37 1.48
CA ILE A 31 7.34 5.08 1.17
C ILE A 31 8.21 4.24 0.25
N ARG A 32 8.83 4.91 -0.73
CA ARG A 32 9.70 4.23 -1.69
C ARG A 32 11.00 3.80 -1.02
N ASP A 33 11.34 4.45 0.10
CA ASP A 33 12.56 4.13 0.83
C ASP A 33 12.26 3.21 2.01
N LEU A 34 11.03 2.72 2.06
CA LEU A 34 10.62 1.83 3.15
C LEU A 34 11.37 0.51 3.08
N PRO A 35 11.39 -0.22 4.21
CA PRO A 35 12.08 -1.52 4.30
C PRO A 35 11.37 -2.61 3.50
N ILE A 36 12.07 -3.15 2.50
CA ILE A 36 11.51 -4.20 1.66
C ILE A 36 11.32 -5.49 2.45
N SER A 37 12.22 -5.74 3.39
CA SER A 37 12.16 -6.95 4.20
C SER A 37 10.93 -6.92 5.11
N LEU A 38 10.41 -5.72 5.37
CA LEU A 38 9.25 -5.56 6.22
C LEU A 38 7.98 -6.04 5.51
N PHE A 39 7.98 -5.95 4.19
CA PHE A 39 6.84 -6.37 3.38
C PHE A 39 7.27 -7.40 2.33
N ASP A 40 6.76 -8.61 2.46
CA ASP A 40 7.09 -9.68 1.52
C ASP A 40 6.85 -9.23 0.08
N TYR A 41 5.92 -8.30 -0.10
CA TYR A 41 5.59 -7.79 -1.42
C TYR A 41 5.36 -6.28 -1.38
N PHE A 42 6.10 -5.56 -2.21
CA PHE A 42 5.98 -4.10 -2.26
C PHE A 42 5.90 -3.62 -3.71
N ILE A 43 4.77 -3.04 -4.08
CA ILE A 43 4.57 -2.54 -5.43
C ILE A 43 3.88 -1.18 -5.41
N VAL A 44 4.59 -0.16 -5.92
CA VAL A 44 4.04 1.19 -5.98
C VAL A 44 4.00 1.71 -7.41
N GLY A 45 2.92 2.41 -7.74
CA GLY A 45 2.78 2.96 -9.08
C GLY A 45 2.32 4.39 -9.07
N GLU A 46 2.84 5.19 -10.00
CA GLU A 46 2.47 6.60 -10.09
C GLU A 46 1.47 6.84 -11.22
N GLU A 47 0.43 7.60 -10.91
CA GLU A 47 -0.61 7.91 -11.90
C GLU A 47 -0.68 9.40 -12.18
N GLY A 48 -0.21 9.80 -13.34
CA GLY A 48 -0.22 11.21 -13.71
C GLY A 48 -0.12 11.42 -15.21
N ASN A 49 -1.16 11.05 -15.94
CA ASN A 49 -1.18 11.20 -17.38
C ASN A 49 -2.24 12.20 -17.82
N GLU A 50 -2.47 13.22 -16.98
CA GLU A 50 -3.46 14.24 -17.28
C GLU A 50 -2.88 15.63 -17.07
N GLU A 51 -2.77 16.40 -18.15
CA GLU A 51 -2.24 17.75 -18.07
C GLU A 51 -3.19 18.68 -17.33
N GLY A 52 -2.63 19.58 -16.53
CA GLY A 52 -3.44 20.52 -15.77
C GLY A 52 -3.81 19.98 -14.41
N ARG A 53 -3.65 18.68 -14.21
CA ARG A 53 -3.96 18.05 -12.93
C ARG A 53 -2.69 17.55 -12.25
N THR A 54 -2.75 17.43 -10.93
CA THR A 54 -1.61 16.96 -10.16
C THR A 54 -1.53 15.44 -10.15
N PRO A 55 -0.34 14.89 -9.86
CA PRO A 55 -0.11 13.44 -9.81
C PRO A 55 -0.81 12.79 -8.62
N HIS A 56 -0.90 11.46 -8.66
CA HIS A 56 -1.54 10.71 -7.59
C HIS A 56 -0.77 9.43 -7.28
N LEU A 57 -0.64 9.12 -5.99
CA LEU A 57 0.08 7.92 -5.58
C LEU A 57 -0.89 6.76 -5.35
N GLN A 58 -0.54 5.60 -5.89
CA GLN A 58 -1.38 4.41 -5.75
C GLN A 58 -0.54 3.13 -5.82
N GLY A 59 -0.45 2.43 -4.70
CA GLY A 59 0.33 1.20 -4.66
C GLY A 59 -0.19 0.23 -3.62
N PHE A 60 0.40 -0.97 -3.59
CA PHE A 60 -0.02 -2.00 -2.64
C PHE A 60 1.20 -2.62 -1.95
N ALA A 61 1.06 -2.88 -0.66
CA ALA A 61 2.15 -3.47 0.12
C ALA A 61 1.64 -4.59 1.01
N ASN A 62 2.25 -5.77 0.88
CA ASN A 62 1.85 -6.92 1.67
C ASN A 62 2.67 -7.01 2.96
N PHE A 63 2.00 -6.84 4.09
CA PHE A 63 2.66 -6.90 5.39
C PHE A 63 3.10 -8.32 5.72
N VAL A 64 4.37 -8.48 6.09
CA VAL A 64 4.91 -9.78 6.42
C VAL A 64 4.17 -10.39 7.61
N LYS A 65 3.59 -9.53 8.44
CA LYS A 65 2.86 -9.99 9.61
C LYS A 65 1.44 -9.41 9.64
N LYS A 66 0.72 -9.66 10.72
CA LYS A 66 -0.65 -9.16 10.86
C LYS A 66 -0.66 -7.78 11.51
N GLN A 67 -1.23 -6.81 10.82
CA GLN A 67 -1.32 -5.44 11.34
C GLN A 67 -2.71 -4.87 11.13
N THR A 68 -3.09 -3.92 11.98
CA THR A 68 -4.39 -3.29 11.90
C THR A 68 -4.33 -2.01 11.08
N PHE A 69 -5.50 -1.43 10.80
CA PHE A 69 -5.57 -0.20 10.02
C PHE A 69 -4.85 0.95 10.73
N ASN A 70 -5.24 1.18 11.98
CA ASN A 70 -4.63 2.25 12.78
C ASN A 70 -3.14 2.01 12.96
N LYS A 71 -2.77 0.76 13.22
CA LYS A 71 -1.37 0.40 13.41
C LYS A 71 -0.58 0.61 12.13
N VAL A 72 -1.09 0.09 11.02
CA VAL A 72 -0.43 0.23 9.73
C VAL A 72 -0.13 1.69 9.43
N LYS A 73 -0.91 2.59 10.00
CA LYS A 73 -0.73 4.02 9.79
C LYS A 73 0.61 4.48 10.34
N TRP A 74 1.25 3.62 11.12
CA TRP A 74 2.54 3.95 11.72
C TRP A 74 3.63 4.02 10.65
N TYR A 75 3.37 3.39 9.50
CA TYR A 75 4.33 3.37 8.41
C TYR A 75 3.79 4.15 7.21
N LEU A 76 2.57 3.83 6.80
CA LEU A 76 1.94 4.50 5.67
C LEU A 76 1.52 5.92 6.04
N GLY A 77 1.57 6.24 7.33
CA GLY A 77 1.20 7.55 7.78
C GLY A 77 -0.29 7.83 7.60
N ALA A 78 -0.82 8.74 8.41
CA ALA A 78 -2.23 9.10 8.33
C ALA A 78 -2.51 9.99 7.13
N ARG A 79 -1.49 10.75 6.71
CA ARG A 79 -1.63 11.65 5.56
C ARG A 79 -2.14 10.89 4.35
N CYS A 80 -1.61 9.69 4.12
CA CYS A 80 -2.02 8.88 2.99
C CYS A 80 -3.15 7.94 3.38
N HIS A 81 -4.21 7.92 2.57
CA HIS A 81 -5.35 7.07 2.84
C HIS A 81 -5.03 5.60 2.53
N ILE A 82 -5.26 4.74 3.52
CA ILE A 82 -4.98 3.31 3.36
C ILE A 82 -6.26 2.50 3.40
N GLU A 83 -6.28 1.39 2.67
CA GLU A 83 -7.45 0.52 2.62
C GLU A 83 -7.03 -0.94 2.42
N LYS A 84 -7.97 -1.85 2.67
CA LYS A 84 -7.70 -3.28 2.52
C LYS A 84 -7.73 -3.68 1.05
N ALA A 85 -6.72 -4.44 0.63
CA ALA A 85 -6.64 -4.89 -0.75
C ALA A 85 -7.33 -6.24 -0.93
N LYS A 86 -7.70 -6.55 -2.16
CA LYS A 86 -8.38 -7.80 -2.47
C LYS A 86 -8.00 -8.30 -3.86
N GLY A 87 -7.87 -9.61 -3.99
CA GLY A 87 -7.50 -10.19 -5.28
C GLY A 87 -6.22 -11.01 -5.22
N THR A 88 -5.82 -11.55 -6.36
CA THR A 88 -4.61 -12.37 -6.42
C THR A 88 -3.37 -11.49 -6.63
N ASP A 89 -2.20 -12.12 -6.58
CA ASP A 89 -0.94 -11.40 -6.76
C ASP A 89 -0.95 -10.61 -8.08
N GLN A 90 -1.50 -11.23 -9.12
CA GLN A 90 -1.57 -10.58 -10.43
C GLN A 90 -2.56 -9.43 -10.41
N GLN A 91 -3.65 -9.60 -9.67
CA GLN A 91 -4.68 -8.57 -9.57
C GLN A 91 -4.13 -7.30 -8.92
N ASN A 92 -3.31 -7.48 -7.89
CA ASN A 92 -2.72 -6.35 -7.18
C ASN A 92 -1.55 -5.77 -7.98
N LYS A 93 -0.69 -6.65 -8.48
CA LYS A 93 0.46 -6.22 -9.26
C LYS A 93 0.03 -5.49 -10.53
N GLU A 94 -0.97 -6.04 -11.21
CA GLU A 94 -1.48 -5.43 -12.43
C GLU A 94 -2.25 -4.15 -12.13
N TYR A 95 -2.99 -4.16 -11.03
CA TYR A 95 -3.77 -2.99 -10.62
C TYR A 95 -2.89 -1.76 -10.47
N CYS A 96 -1.76 -1.94 -9.79
CA CYS A 96 -0.82 -0.85 -9.56
C CYS A 96 -0.16 -0.42 -10.87
N SER A 97 0.08 -1.38 -11.75
CA SER A 97 0.70 -1.11 -13.04
C SER A 97 -0.30 -0.53 -14.02
N LYS A 98 -1.58 -0.62 -13.67
CA LYS A 98 -2.64 -0.10 -14.52
C LYS A 98 -2.45 1.39 -14.80
N GLU A 99 -1.69 2.05 -13.93
CA GLU A 99 -1.41 3.47 -14.09
C GLU A 99 -0.45 3.72 -15.25
N GLY A 100 0.26 2.67 -15.64
CA GLY A 100 1.21 2.80 -16.73
C GLY A 100 2.56 3.34 -16.28
N ASN A 101 2.63 3.70 -15.00
CA ASN A 101 3.87 4.24 -14.44
C ASN A 101 4.20 3.58 -13.10
N LEU A 102 5.39 3.01 -13.01
CA LEU A 102 5.83 2.35 -11.79
C LEU A 102 6.72 3.27 -10.95
N LEU A 103 6.41 3.37 -9.67
CA LEU A 103 7.19 4.22 -8.77
C LEU A 103 8.18 3.38 -7.96
N MET A 104 7.84 2.12 -7.73
CA MET A 104 8.70 1.22 -6.98
C MET A 104 8.34 -0.24 -7.27
N GLU A 105 9.36 -1.07 -7.45
CA GLU A 105 9.16 -2.48 -7.73
C GLU A 105 10.08 -3.35 -6.87
N CYS A 106 9.49 -4.00 -5.87
CA CYS A 106 10.25 -4.85 -4.96
C CYS A 106 9.37 -5.95 -4.39
N GLY A 107 9.96 -6.83 -3.59
CA GLY A 107 9.22 -7.92 -2.98
C GLY A 107 8.87 -9.01 -3.98
N ALA A 108 8.14 -10.02 -3.51
CA ALA A 108 7.73 -11.12 -4.38
C ALA A 108 6.23 -11.08 -4.64
N PRO A 109 5.81 -11.77 -5.71
CA PRO A 109 4.40 -11.83 -6.11
C PRO A 109 3.55 -12.65 -5.13
N ARG A 110 3.18 -12.03 -4.02
CA ARG A 110 2.37 -12.69 -3.01
C ARG A 110 0.94 -12.92 -3.50
N SER A 111 0.54 -14.18 -3.55
CA SER A 111 -0.80 -14.53 -4.02
C SER A 111 -1.61 -15.19 -2.91
N GLN A 112 -2.93 -15.23 -3.07
CA GLN A 112 -3.81 -15.83 -2.08
C GLN A 112 -3.96 -17.33 -2.33
N GLY A 113 -4.33 -18.06 -1.29
CA GLY A 113 -4.52 -19.49 -1.41
C GLY A 113 -5.68 -20.01 -0.59
N GLN A 114 -6.47 -20.91 -1.18
CA GLN A 114 -7.63 -21.47 -0.50
C GLN A 114 -8.18 -22.66 -1.27
N ARG A 115 -8.52 -22.44 -2.53
CA ARG A 115 -9.06 -23.51 -3.38
C ARG A 115 -10.25 -24.19 -2.70
N PRO A 1 -2.29 -5.63 35.36
CA PRO A 1 -3.48 -6.37 34.93
C PRO A 1 -4.62 -5.44 34.50
N SER A 2 -4.57 -5.00 33.24
CA SER A 2 -5.58 -4.11 32.70
C SER A 2 -6.31 -4.75 31.53
N LYS A 3 -5.60 -5.59 30.79
CA LYS A 3 -6.18 -6.28 29.64
C LYS A 3 -6.76 -5.29 28.65
N LYS A 4 -7.46 -5.81 27.64
CA LYS A 4 -8.07 -4.96 26.62
C LYS A 4 -9.53 -5.35 26.38
N ASN A 5 -10.21 -4.57 25.56
CA ASN A 5 -11.62 -4.85 25.25
C ASN A 5 -11.78 -5.28 23.79
N GLY A 6 -12.58 -6.30 23.57
CA GLY A 6 -12.81 -6.79 22.23
C GLY A 6 -14.21 -6.48 21.73
N ARG A 7 -14.32 -5.44 20.91
CA ARG A 7 -15.61 -5.03 20.35
C ARG A 7 -15.61 -5.14 18.84
N SER A 8 -16.80 -5.10 18.25
CA SER A 8 -16.94 -5.20 16.80
C SER A 8 -16.23 -4.04 16.10
N GLY A 9 -15.82 -4.26 14.86
CA GLY A 9 -15.14 -3.23 14.11
C GLY A 9 -14.08 -3.79 13.17
N PRO A 10 -13.37 -2.90 12.47
CA PRO A 10 -12.31 -3.29 11.53
C PRO A 10 -11.08 -3.86 12.24
N GLN A 11 -10.60 -5.00 11.75
CA GLN A 11 -9.44 -5.65 12.34
C GLN A 11 -8.21 -5.48 11.45
N PRO A 12 -7.03 -5.66 12.04
CA PRO A 12 -5.75 -5.52 11.33
C PRO A 12 -5.53 -6.65 10.31
N HIS A 13 -4.87 -6.32 9.20
CA HIS A 13 -4.59 -7.31 8.17
C HIS A 13 -3.16 -7.18 7.66
N LYS A 14 -2.79 -8.05 6.73
CA LYS A 14 -1.43 -8.04 6.17
C LYS A 14 -1.44 -7.42 4.77
N ARG A 15 -2.52 -6.70 4.45
CA ARG A 15 -2.64 -6.06 3.15
C ARG A 15 -3.22 -4.66 3.29
N TRP A 16 -2.50 -3.67 2.79
CA TRP A 16 -2.96 -2.29 2.85
C TRP A 16 -2.46 -1.49 1.65
N VAL A 17 -3.34 -0.69 1.07
CA VAL A 17 -2.99 0.13 -0.09
C VAL A 17 -2.92 1.60 0.28
N PHE A 18 -2.25 2.38 -0.55
CA PHE A 18 -2.09 3.81 -0.31
C PHE A 18 -2.33 4.61 -1.59
N THR A 19 -2.93 5.79 -1.45
CA THR A 19 -3.22 6.64 -2.59
C THR A 19 -3.20 8.11 -2.19
N LEU A 20 -2.45 8.91 -2.94
CA LEU A 20 -2.34 10.34 -2.66
C LEU A 20 -2.34 11.15 -3.96
N ASN A 21 -3.08 12.25 -3.97
CA ASN A 21 -3.16 13.10 -5.14
C ASN A 21 -2.02 14.12 -5.17
N ASN A 22 -1.41 14.28 -6.35
CA ASN A 22 -0.30 15.21 -6.50
C ASN A 22 0.77 14.97 -5.44
N PRO A 23 1.42 13.79 -5.50
CA PRO A 23 2.47 13.42 -4.54
C PRO A 23 3.74 14.24 -4.73
N SER A 24 4.43 14.50 -3.63
CA SER A 24 5.67 15.27 -3.66
C SER A 24 6.88 14.36 -3.83
N GLU A 25 7.98 14.93 -4.32
CA GLU A 25 9.20 14.16 -4.53
C GLU A 25 9.66 13.51 -3.22
N ASP A 26 9.34 14.16 -2.11
CA ASP A 26 9.71 13.64 -0.79
C ASP A 26 8.77 12.52 -0.36
N GLU A 27 7.49 12.69 -0.63
CA GLU A 27 6.48 11.70 -0.27
C GLU A 27 6.74 10.38 -0.98
N ARG A 28 6.94 10.46 -2.30
CA ARG A 28 7.20 9.27 -3.09
C ARG A 28 8.55 8.66 -2.75
N LYS A 29 9.49 9.50 -2.36
CA LYS A 29 10.84 9.06 -2.00
C LYS A 29 10.81 8.29 -0.68
N LYS A 30 10.05 8.79 0.28
CA LYS A 30 9.93 8.16 1.59
C LYS A 30 9.32 6.76 1.46
N ILE A 31 8.17 6.69 0.80
CA ILE A 31 7.49 5.42 0.60
C ILE A 31 8.32 4.47 -0.25
N ARG A 32 8.97 5.00 -1.28
CA ARG A 32 9.80 4.20 -2.16
C ARG A 32 11.09 3.78 -1.46
N ASP A 33 11.46 4.52 -0.42
CA ASP A 33 12.67 4.23 0.32
C ASP A 33 12.36 3.40 1.57
N LEU A 34 11.12 2.95 1.67
CA LEU A 34 10.68 2.14 2.81
C LEU A 34 11.39 0.79 2.82
N PRO A 35 11.39 0.14 3.99
CA PRO A 35 12.03 -1.17 4.16
C PRO A 35 11.28 -2.28 3.44
N ILE A 36 11.94 -2.91 2.47
CA ILE A 36 11.34 -3.99 1.70
C ILE A 36 11.11 -5.23 2.57
N SER A 37 12.02 -5.45 3.52
CA SER A 37 11.92 -6.60 4.41
C SER A 37 10.69 -6.48 5.32
N LEU A 38 10.22 -5.25 5.50
CA LEU A 38 9.05 -4.99 6.34
C LEU A 38 7.78 -5.47 5.64
N PHE A 39 7.78 -5.45 4.32
CA PHE A 39 6.62 -5.88 3.54
C PHE A 39 7.02 -6.97 2.55
N ASP A 40 6.47 -8.17 2.76
CA ASP A 40 6.75 -9.30 1.88
C ASP A 40 6.52 -8.93 0.42
N TYR A 41 5.60 -8.00 0.19
CA TYR A 41 5.28 -7.56 -1.17
C TYR A 41 5.12 -6.04 -1.22
N PHE A 42 5.89 -5.40 -2.10
CA PHE A 42 5.84 -3.96 -2.26
C PHE A 42 5.78 -3.57 -3.73
N ILE A 43 4.66 -2.96 -4.13
CA ILE A 43 4.47 -2.54 -5.51
C ILE A 43 3.84 -1.15 -5.57
N VAL A 44 4.58 -0.20 -6.15
CA VAL A 44 4.09 1.17 -6.28
C VAL A 44 4.08 1.61 -7.74
N GLY A 45 3.19 2.53 -8.07
CA GLY A 45 3.09 3.03 -9.43
C GLY A 45 2.60 4.46 -9.50
N GLU A 46 3.29 5.29 -10.26
CA GLU A 46 2.92 6.69 -10.39
C GLU A 46 2.03 6.90 -11.61
N GLU A 47 0.95 7.65 -11.43
CA GLU A 47 0.01 7.91 -12.52
C GLU A 47 0.09 9.38 -12.95
N GLY A 48 0.10 9.60 -14.26
CA GLY A 48 0.16 10.95 -14.78
C GLY A 48 0.43 10.99 -16.27
N ASN A 49 -0.57 10.59 -17.05
CA ASN A 49 -0.44 10.58 -18.50
C ASN A 49 -1.51 11.46 -19.15
N GLU A 50 -1.89 12.52 -18.47
CA GLU A 50 -2.91 13.44 -18.97
C GLU A 50 -2.48 14.89 -18.76
N GLU A 51 -2.06 15.54 -19.85
CA GLU A 51 -1.62 16.93 -19.79
C GLU A 51 -2.69 17.81 -19.14
N GLY A 52 -2.25 18.81 -18.38
CA GLY A 52 -3.19 19.70 -17.73
C GLY A 52 -3.54 19.24 -16.33
N ARG A 53 -3.30 17.97 -16.05
CA ARG A 53 -3.61 17.40 -14.74
C ARG A 53 -2.32 17.07 -13.98
N THR A 54 -2.45 16.87 -12.67
CA THR A 54 -1.31 16.56 -11.83
C THR A 54 -1.18 15.05 -11.62
N PRO A 55 0.03 14.61 -11.25
CA PRO A 55 0.31 13.19 -11.01
C PRO A 55 -0.37 12.67 -9.75
N HIS A 56 -0.53 11.35 -9.66
CA HIS A 56 -1.17 10.73 -8.51
C HIS A 56 -0.44 9.44 -8.11
N LEU A 57 -0.31 9.22 -6.81
CA LEU A 57 0.37 8.04 -6.29
C LEU A 57 -0.64 6.93 -6.01
N GLN A 58 -0.33 5.72 -6.49
CA GLN A 58 -1.20 4.57 -6.28
C GLN A 58 -0.40 3.27 -6.26
N GLY A 59 -0.35 2.63 -5.10
CA GLY A 59 0.38 1.38 -4.96
C GLY A 59 -0.17 0.49 -3.86
N PHE A 60 0.36 -0.71 -3.76
CA PHE A 60 -0.08 -1.67 -2.74
C PHE A 60 1.11 -2.27 -2.02
N ALA A 61 0.97 -2.44 -0.71
CA ALA A 61 2.04 -3.01 0.11
C ALA A 61 1.49 -4.07 1.07
N ASN A 62 2.06 -5.26 1.02
CA ASN A 62 1.63 -6.35 1.89
C ASN A 62 2.46 -6.41 3.17
N PHE A 63 1.82 -6.13 4.30
CA PHE A 63 2.51 -6.14 5.58
C PHE A 63 2.89 -7.56 6.00
N VAL A 64 4.15 -7.74 6.36
CA VAL A 64 4.64 -9.06 6.77
C VAL A 64 3.89 -9.57 7.99
N LYS A 65 3.35 -8.63 8.78
CA LYS A 65 2.61 -8.99 9.99
C LYS A 65 1.22 -8.34 9.98
N LYS A 66 0.50 -8.49 11.08
CA LYS A 66 -0.84 -7.92 11.20
C LYS A 66 -0.77 -6.50 11.74
N GLN A 67 -1.35 -5.56 11.00
CA GLN A 67 -1.36 -4.16 11.40
C GLN A 67 -2.74 -3.54 11.21
N THR A 68 -3.05 -2.53 12.02
CA THR A 68 -4.34 -1.86 11.94
C THR A 68 -4.28 -0.66 11.01
N PHE A 69 -5.43 -0.10 10.69
CA PHE A 69 -5.51 1.06 9.80
C PHE A 69 -4.77 2.24 10.39
N ASN A 70 -5.15 2.62 11.61
CA ASN A 70 -4.51 3.75 12.29
C ASN A 70 -3.02 3.49 12.50
N LYS A 71 -2.69 2.25 12.87
CA LYS A 71 -1.30 1.87 13.10
C LYS A 71 -0.49 1.97 11.81
N VAL A 72 -1.01 1.38 10.74
CA VAL A 72 -0.32 1.39 9.45
C VAL A 72 0.01 2.82 9.03
N LYS A 73 -0.78 3.78 9.53
CA LYS A 73 -0.56 5.18 9.20
C LYS A 73 0.79 5.67 9.73
N TRP A 74 1.41 4.86 10.58
CA TRP A 74 2.70 5.21 11.15
C TRP A 74 3.80 5.15 10.09
N TYR A 75 3.53 4.44 9.00
CA TYR A 75 4.49 4.32 7.91
C TYR A 75 3.98 5.02 6.65
N LEU A 76 2.75 4.70 6.27
CA LEU A 76 2.14 5.29 5.08
C LEU A 76 1.78 6.76 5.32
N GLY A 77 1.84 7.17 6.58
CA GLY A 77 1.53 8.55 6.92
C GLY A 77 0.06 8.87 6.73
N ALA A 78 -0.44 9.85 7.48
CA ALA A 78 -1.83 10.25 7.40
C ALA A 78 -2.09 11.06 6.13
N ARG A 79 -1.06 11.74 5.65
CA ARG A 79 -1.18 12.54 4.44
C ARG A 79 -1.74 11.73 3.28
N CYS A 80 -1.25 10.50 3.15
CA CYS A 80 -1.70 9.61 2.08
C CYS A 80 -2.86 8.74 2.55
N HIS A 81 -3.93 8.70 1.77
CA HIS A 81 -5.11 7.91 2.10
C HIS A 81 -4.84 6.42 1.91
N ILE A 82 -5.09 5.64 2.96
CA ILE A 82 -4.88 4.20 2.91
C ILE A 82 -6.19 3.44 2.98
N GLU A 83 -6.23 2.28 2.34
CA GLU A 83 -7.44 1.45 2.34
C GLU A 83 -7.08 -0.03 2.26
N LYS A 84 -8.05 -0.89 2.55
CA LYS A 84 -7.85 -2.32 2.52
C LYS A 84 -7.89 -2.83 1.08
N ALA A 85 -6.90 -3.67 0.73
CA ALA A 85 -6.83 -4.23 -0.61
C ALA A 85 -7.57 -5.57 -0.69
N LYS A 86 -7.96 -5.96 -1.89
CA LYS A 86 -8.67 -7.22 -2.10
C LYS A 86 -8.33 -7.82 -3.46
N GLY A 87 -8.22 -9.14 -3.50
CA GLY A 87 -7.90 -9.82 -4.75
C GLY A 87 -6.65 -10.67 -4.64
N THR A 88 -6.26 -11.29 -5.75
CA THR A 88 -5.08 -12.14 -5.76
C THR A 88 -3.81 -11.33 -6.05
N ASP A 89 -2.67 -11.98 -5.99
CA ASP A 89 -1.39 -11.32 -6.24
C ASP A 89 -1.40 -10.63 -7.60
N GLN A 90 -1.99 -11.29 -8.59
CA GLN A 90 -2.06 -10.74 -9.94
C GLN A 90 -3.02 -9.56 -10.00
N GLN A 91 -4.10 -9.63 -9.22
CA GLN A 91 -5.09 -8.57 -9.18
C GLN A 91 -4.48 -7.28 -8.64
N ASN A 92 -3.65 -7.41 -7.60
CA ASN A 92 -3.01 -6.25 -6.98
C ASN A 92 -1.83 -5.77 -7.84
N LYS A 93 -1.01 -6.72 -8.28
CA LYS A 93 0.14 -6.39 -9.11
C LYS A 93 -0.28 -5.73 -10.42
N GLU A 94 -1.31 -6.30 -11.05
CA GLU A 94 -1.81 -5.75 -12.31
C GLU A 94 -2.53 -4.43 -12.08
N TYR A 95 -3.26 -4.34 -10.98
CA TYR A 95 -4.00 -3.13 -10.65
C TYR A 95 -3.08 -1.92 -10.60
N CYS A 96 -1.93 -2.09 -9.93
CA CYS A 96 -0.96 -1.01 -9.80
C CYS A 96 -0.32 -0.70 -11.16
N SER A 97 -0.06 -1.74 -11.94
CA SER A 97 0.55 -1.57 -13.26
C SER A 97 -0.47 -1.03 -14.26
N LYS A 98 -1.74 -1.05 -13.88
CA LYS A 98 -2.80 -0.56 -14.75
C LYS A 98 -2.55 0.89 -15.14
N GLU A 99 -1.75 1.59 -14.35
CA GLU A 99 -1.44 2.99 -14.62
C GLU A 99 -0.50 3.12 -15.81
N GLY A 100 0.17 2.01 -16.16
CA GLY A 100 1.08 2.01 -17.28
C GLY A 100 2.44 2.56 -16.91
N ASN A 101 2.59 3.00 -15.66
CA ASN A 101 3.85 3.54 -15.18
C ASN A 101 4.21 2.95 -13.82
N LEU A 102 5.40 2.36 -13.73
CA LEU A 102 5.86 1.76 -12.49
C LEU A 102 6.79 2.71 -11.73
N LEU A 103 6.60 2.82 -10.43
CA LEU A 103 7.42 3.68 -9.60
C LEU A 103 8.39 2.87 -8.75
N MET A 104 7.91 1.76 -8.21
CA MET A 104 8.74 0.89 -7.38
C MET A 104 8.34 -0.57 -7.55
N GLU A 105 9.33 -1.44 -7.66
CA GLU A 105 9.07 -2.87 -7.84
C GLU A 105 9.95 -3.69 -6.89
N CYS A 106 9.33 -4.23 -5.84
CA CYS A 106 10.04 -5.03 -4.87
C CYS A 106 9.12 -6.07 -4.23
N GLY A 107 9.68 -6.91 -3.36
CA GLY A 107 8.89 -7.93 -2.70
C GLY A 107 8.49 -9.05 -3.63
N ALA A 108 7.74 -10.01 -3.11
CA ALA A 108 7.27 -11.14 -3.92
C ALA A 108 5.77 -11.07 -4.17
N PRO A 109 5.31 -11.78 -5.20
CA PRO A 109 3.89 -11.81 -5.57
C PRO A 109 3.04 -12.55 -4.54
N ARG A 110 2.67 -11.85 -3.47
CA ARG A 110 1.85 -12.44 -2.41
C ARG A 110 0.43 -12.68 -2.90
N SER A 111 0.00 -13.93 -2.89
CA SER A 111 -1.34 -14.30 -3.32
C SER A 111 -2.19 -14.79 -2.16
N GLN A 112 -3.48 -14.52 -2.20
CA GLN A 112 -4.40 -14.95 -1.15
C GLN A 112 -4.98 -16.33 -1.45
N GLY A 113 -4.21 -17.37 -1.14
CA GLY A 113 -4.66 -18.72 -1.38
C GLY A 113 -3.54 -19.73 -1.29
N GLN A 114 -3.83 -20.97 -1.65
CA GLN A 114 -2.84 -22.04 -1.60
C GLN A 114 -3.22 -23.19 -2.53
N ARG A 115 -2.34 -24.17 -2.63
CA ARG A 115 -2.59 -25.33 -3.49
C ARG A 115 -3.09 -26.52 -2.67
N PRO A 1 -4.84 -13.93 38.65
CA PRO A 1 -5.67 -12.97 37.92
C PRO A 1 -6.28 -13.56 36.65
N SER A 2 -6.92 -12.71 35.85
CA SER A 2 -7.54 -13.16 34.61
C SER A 2 -7.54 -12.04 33.57
N LYS A 3 -7.62 -12.42 32.30
CA LYS A 3 -7.63 -11.44 31.22
C LYS A 3 -8.69 -11.82 30.17
N LYS A 4 -9.75 -11.03 30.11
CA LYS A 4 -10.83 -11.26 29.16
C LYS A 4 -10.70 -10.35 27.94
N ASN A 5 -11.52 -10.59 26.93
CA ASN A 5 -11.50 -9.78 25.72
C ASN A 5 -12.90 -9.62 25.14
N GLY A 6 -13.02 -8.86 24.06
CA GLY A 6 -14.30 -8.64 23.44
C GLY A 6 -14.41 -7.27 22.78
N ARG A 7 -14.30 -7.24 21.46
CA ARG A 7 -14.38 -5.99 20.72
C ARG A 7 -14.83 -6.23 19.28
N SER A 8 -15.33 -5.18 18.63
CA SER A 8 -15.81 -5.29 17.26
C SER A 8 -15.22 -4.17 16.40
N GLY A 9 -15.65 -4.11 15.14
CA GLY A 9 -15.16 -3.09 14.24
C GLY A 9 -14.05 -3.60 13.34
N PRO A 10 -13.33 -2.66 12.69
CA PRO A 10 -12.23 -2.99 11.79
C PRO A 10 -11.01 -3.53 12.53
N GLN A 11 -10.32 -4.47 11.90
CA GLN A 11 -9.14 -5.07 12.51
C GLN A 11 -7.91 -4.87 11.61
N PRO A 12 -6.72 -4.94 12.22
CA PRO A 12 -5.46 -4.78 11.50
C PRO A 12 -5.15 -5.94 10.57
N HIS A 13 -4.67 -5.63 9.37
CA HIS A 13 -4.34 -6.66 8.39
C HIS A 13 -2.89 -6.53 7.92
N LYS A 14 -2.47 -7.43 7.05
CA LYS A 14 -1.11 -7.42 6.53
C LYS A 14 -1.08 -6.86 5.11
N ARG A 15 -2.14 -6.16 4.73
CA ARG A 15 -2.23 -5.58 3.39
C ARG A 15 -2.86 -4.18 3.46
N TRP A 16 -2.18 -3.21 2.88
CA TRP A 16 -2.67 -1.84 2.86
C TRP A 16 -2.16 -1.10 1.64
N VAL A 17 -3.06 -0.34 0.99
CA VAL A 17 -2.70 0.42 -0.21
C VAL A 17 -2.65 1.91 0.10
N PHE A 18 -1.99 2.67 -0.77
CA PHE A 18 -1.87 4.11 -0.60
C PHE A 18 -2.11 4.83 -1.92
N THR A 19 -2.74 6.00 -1.84
CA THR A 19 -3.04 6.80 -3.03
C THR A 19 -3.06 8.29 -2.71
N LEU A 20 -2.31 9.06 -3.48
CA LEU A 20 -2.24 10.51 -3.29
C LEU A 20 -2.25 11.24 -4.62
N ASN A 21 -3.02 12.32 -4.68
CA ASN A 21 -3.13 13.12 -5.90
C ASN A 21 -1.99 14.14 -5.98
N ASN A 22 -1.38 14.24 -7.15
CA ASN A 22 -0.27 15.18 -7.36
C ASN A 22 0.78 15.03 -6.27
N PRO A 23 1.45 13.87 -6.24
CA PRO A 23 2.49 13.58 -5.25
C PRO A 23 3.75 14.41 -5.47
N SER A 24 4.43 14.74 -4.38
CA SER A 24 5.65 15.54 -4.46
C SER A 24 6.88 14.64 -4.56
N GLU A 25 7.98 15.19 -5.07
CA GLU A 25 9.22 14.45 -5.23
C GLU A 25 9.66 13.85 -3.88
N ASP A 26 9.31 14.54 -2.80
CA ASP A 26 9.67 14.07 -1.47
C ASP A 26 8.74 12.97 -0.99
N GLU A 27 7.46 13.11 -1.31
CA GLU A 27 6.47 12.12 -0.92
C GLU A 27 6.76 10.77 -1.57
N ARG A 28 7.00 10.78 -2.88
CA ARG A 28 7.29 9.56 -3.61
C ARG A 28 8.65 8.99 -3.20
N LYS A 29 9.57 9.89 -2.86
CA LYS A 29 10.91 9.48 -2.44
C LYS A 29 10.88 8.79 -1.09
N LYS A 30 10.09 9.33 -0.17
CA LYS A 30 9.97 8.76 1.16
C LYS A 30 9.38 7.35 1.11
N ILE A 31 8.25 7.22 0.43
CA ILE A 31 7.59 5.93 0.30
C ILE A 31 8.47 4.94 -0.46
N ARG A 32 9.12 5.42 -1.51
CA ARG A 32 9.99 4.58 -2.32
C ARG A 32 11.27 4.24 -1.58
N ASP A 33 11.60 5.06 -0.58
CA ASP A 33 12.81 4.85 0.21
C ASP A 33 12.49 4.09 1.49
N LEU A 34 11.26 3.60 1.59
CA LEU A 34 10.82 2.84 2.76
C LEU A 34 11.57 1.52 2.86
N PRO A 35 11.56 0.93 4.07
CA PRO A 35 12.23 -0.35 4.32
C PRO A 35 11.51 -1.52 3.64
N ILE A 36 12.22 -2.18 2.74
CA ILE A 36 11.66 -3.32 2.02
C ILE A 36 11.44 -4.51 2.96
N SER A 37 12.33 -4.66 3.93
CA SER A 37 12.24 -5.75 4.89
C SER A 37 11.00 -5.60 5.77
N LEU A 38 10.50 -4.38 5.87
CA LEU A 38 9.32 -4.10 6.68
C LEU A 38 8.06 -4.64 6.01
N PHE A 39 8.09 -4.71 4.68
CA PHE A 39 6.95 -5.21 3.92
C PHE A 39 7.37 -6.36 3.01
N ASP A 40 6.84 -7.54 3.27
CA ASP A 40 7.17 -8.72 2.47
C ASP A 40 6.96 -8.45 0.99
N TYR A 41 6.02 -7.55 0.69
CA TYR A 41 5.72 -7.20 -0.70
C TYR A 41 5.52 -5.69 -0.84
N PHE A 42 6.28 -5.09 -1.76
CA PHE A 42 6.19 -3.65 -1.99
C PHE A 42 6.13 -3.35 -3.49
N ILE A 43 5.01 -2.81 -3.93
CA ILE A 43 4.83 -2.47 -5.34
C ILE A 43 4.16 -1.11 -5.50
N VAL A 44 4.88 -0.17 -6.12
CA VAL A 44 4.36 1.17 -6.34
C VAL A 44 4.32 1.51 -7.83
N GLY A 45 3.25 2.18 -8.25
CA GLY A 45 3.11 2.54 -9.64
C GLY A 45 2.66 3.98 -9.82
N GLU A 46 3.33 4.71 -10.70
CA GLU A 46 3.00 6.11 -10.96
C GLU A 46 1.97 6.22 -12.08
N GLU A 47 0.95 7.04 -11.86
CA GLU A 47 -0.10 7.24 -12.85
C GLU A 47 0.09 8.57 -13.59
N GLY A 48 0.05 8.50 -14.91
CA GLY A 48 0.21 9.70 -15.71
C GLY A 48 -0.41 9.57 -17.09
N ASN A 49 -1.72 9.76 -17.16
CA ASN A 49 -2.45 9.66 -18.43
C ASN A 49 -1.93 10.70 -19.43
N GLU A 50 -2.65 10.84 -20.54
CA GLU A 50 -2.26 11.79 -21.57
C GLU A 50 -2.08 13.19 -20.99
N GLU A 51 -1.59 14.11 -21.82
CA GLU A 51 -1.38 15.48 -21.38
C GLU A 51 -2.65 16.06 -20.75
N GLY A 52 -2.47 17.04 -19.87
CA GLY A 52 -3.61 17.66 -19.21
C GLY A 52 -3.91 17.02 -17.88
N ARG A 53 -3.53 15.76 -17.72
CA ARG A 53 -3.77 15.04 -16.47
C ARG A 53 -2.57 15.15 -15.54
N THR A 54 -2.84 15.41 -14.26
CA THR A 54 -1.78 15.55 -13.26
C THR A 54 -1.32 14.19 -12.78
N PRO A 55 -0.10 14.14 -12.21
CA PRO A 55 0.49 12.90 -11.69
C PRO A 55 -0.22 12.41 -10.43
N HIS A 56 -0.39 11.09 -10.33
CA HIS A 56 -1.06 10.50 -9.18
C HIS A 56 -0.32 9.24 -8.71
N LEU A 57 -0.20 9.10 -7.40
CA LEU A 57 0.49 7.95 -6.82
C LEU A 57 -0.49 6.84 -6.46
N GLN A 58 -0.15 5.61 -6.84
CA GLN A 58 -1.02 4.46 -6.56
C GLN A 58 -0.20 3.18 -6.46
N GLY A 59 -0.11 2.61 -5.26
CA GLY A 59 0.64 1.39 -5.07
C GLY A 59 0.10 0.56 -3.93
N PHE A 60 0.66 -0.64 -3.75
CA PHE A 60 0.23 -1.54 -2.69
C PHE A 60 1.43 -2.06 -1.91
N ALA A 61 1.28 -2.17 -0.59
CA ALA A 61 2.34 -2.67 0.27
C ALA A 61 1.81 -3.67 1.29
N ASN A 62 2.41 -4.86 1.32
CA ASN A 62 1.99 -5.90 2.24
C ASN A 62 2.80 -5.85 3.53
N PHE A 63 2.14 -5.53 4.63
CA PHE A 63 2.80 -5.45 5.92
C PHE A 63 3.20 -6.84 6.43
N VAL A 64 4.46 -6.97 6.81
CA VAL A 64 4.97 -8.24 7.31
C VAL A 64 4.24 -8.68 8.57
N LYS A 65 3.66 -7.71 9.27
CA LYS A 65 2.91 -7.99 10.49
C LYS A 65 1.52 -7.39 10.43
N LYS A 66 0.78 -7.51 11.53
CA LYS A 66 -0.58 -6.98 11.60
C LYS A 66 -0.57 -5.52 12.04
N GLN A 67 -1.10 -4.65 11.21
CA GLN A 67 -1.16 -3.22 11.52
C GLN A 67 -2.55 -2.66 11.27
N THR A 68 -2.91 -1.62 12.02
CA THR A 68 -4.21 -0.99 11.88
C THR A 68 -4.16 0.16 10.88
N PHE A 69 -5.34 0.66 10.52
CA PHE A 69 -5.44 1.77 9.57
C PHE A 69 -4.73 3.01 10.10
N ASN A 70 -5.13 3.44 11.29
CA ASN A 70 -4.53 4.62 11.91
C ASN A 70 -3.04 4.41 12.18
N LYS A 71 -2.69 3.19 12.60
CA LYS A 71 -1.30 2.86 12.88
C LYS A 71 -0.45 2.91 11.61
N VAL A 72 -0.94 2.25 10.57
CA VAL A 72 -0.23 2.22 9.28
C VAL A 72 0.07 3.63 8.80
N LYS A 73 -0.75 4.59 9.23
CA LYS A 73 -0.56 5.98 8.83
C LYS A 73 0.77 6.52 9.35
N TRP A 74 1.39 5.78 10.26
CA TRP A 74 2.66 6.19 10.83
C TRP A 74 3.78 6.12 9.79
N TYR A 75 3.55 5.34 8.75
CA TYR A 75 4.53 5.17 7.68
C TYR A 75 4.03 5.78 6.38
N LEU A 76 2.82 5.43 5.99
CA LEU A 76 2.22 5.94 4.76
C LEU A 76 1.83 7.40 4.91
N GLY A 77 1.86 7.89 6.15
CA GLY A 77 1.50 9.27 6.41
C GLY A 77 0.03 9.54 6.19
N ALA A 78 -0.50 10.55 6.89
CA ALA A 78 -1.91 10.91 6.76
C ALA A 78 -2.17 11.64 5.45
N ARG A 79 -1.15 12.32 4.95
CA ARG A 79 -1.27 13.08 3.70
C ARG A 79 -1.80 12.18 2.59
N CYS A 80 -1.29 10.96 2.51
CA CYS A 80 -1.70 10.01 1.49
C CYS A 80 -2.85 9.14 1.99
N HIS A 81 -3.90 9.04 1.19
CA HIS A 81 -5.06 8.23 1.55
C HIS A 81 -4.75 6.74 1.44
N ILE A 82 -4.99 6.01 2.52
CA ILE A 82 -4.74 4.57 2.54
C ILE A 82 -6.04 3.79 2.63
N GLU A 83 -6.05 2.59 2.05
CA GLU A 83 -7.23 1.74 2.07
C GLU A 83 -6.83 0.26 2.06
N LYS A 84 -7.79 -0.60 2.39
CA LYS A 84 -7.54 -2.03 2.43
C LYS A 84 -7.55 -2.62 1.02
N ALA A 85 -6.55 -3.44 0.71
CA ALA A 85 -6.44 -4.06 -0.60
C ALA A 85 -7.15 -5.41 -0.62
N LYS A 86 -7.51 -5.86 -1.82
CA LYS A 86 -8.20 -7.13 -1.98
C LYS A 86 -7.81 -7.80 -3.30
N GLY A 87 -7.70 -9.12 -3.28
CA GLY A 87 -7.34 -9.86 -4.47
C GLY A 87 -6.07 -10.67 -4.30
N THR A 88 -5.68 -11.40 -5.34
CA THR A 88 -4.49 -12.22 -5.29
C THR A 88 -3.24 -11.40 -5.59
N ASP A 89 -2.08 -12.03 -5.46
CA ASP A 89 -0.81 -11.35 -5.70
C ASP A 89 -0.80 -10.72 -7.09
N GLN A 90 -1.34 -11.44 -8.07
CA GLN A 90 -1.39 -10.96 -9.45
C GLN A 90 -2.36 -9.78 -9.58
N GLN A 91 -3.45 -9.85 -8.82
CA GLN A 91 -4.45 -8.79 -8.86
C GLN A 91 -3.88 -7.47 -8.36
N ASN A 92 -3.08 -7.55 -7.30
CA ASN A 92 -2.47 -6.36 -6.72
C ASN A 92 -1.29 -5.88 -7.56
N LYS A 93 -0.44 -6.83 -7.96
CA LYS A 93 0.73 -6.50 -8.77
C LYS A 93 0.30 -5.91 -10.12
N GLU A 94 -0.70 -6.53 -10.73
CA GLU A 94 -1.20 -6.06 -12.02
C GLU A 94 -1.94 -4.74 -11.88
N TYR A 95 -2.70 -4.61 -10.79
CA TYR A 95 -3.47 -3.40 -10.53
C TYR A 95 -2.56 -2.18 -10.51
N CYS A 96 -1.45 -2.29 -9.80
CA CYS A 96 -0.49 -1.19 -9.68
C CYS A 96 0.18 -0.93 -11.03
N SER A 97 0.42 -1.99 -11.78
CA SER A 97 1.06 -1.88 -13.09
C SER A 97 0.07 -1.38 -14.15
N LYS A 98 -1.21 -1.41 -13.80
CA LYS A 98 -2.26 -0.98 -14.71
C LYS A 98 -2.02 0.47 -15.16
N GLU A 99 -1.28 1.21 -14.36
CA GLU A 99 -0.98 2.61 -14.68
C GLU A 99 0.02 2.70 -15.83
N GLY A 100 0.72 1.61 -16.10
CA GLY A 100 1.69 1.58 -17.17
C GLY A 100 3.02 2.17 -16.76
N ASN A 101 3.09 2.65 -15.53
CA ASN A 101 4.32 3.24 -15.01
C ASN A 101 4.63 2.73 -13.60
N LEU A 102 5.81 2.16 -13.43
CA LEU A 102 6.22 1.63 -12.14
C LEU A 102 7.09 2.63 -11.38
N LEU A 103 6.74 2.87 -10.13
CA LEU A 103 7.49 3.82 -9.30
C LEU A 103 8.48 3.08 -8.40
N MET A 104 8.17 1.82 -8.10
CA MET A 104 9.04 1.01 -7.25
C MET A 104 8.66 -0.47 -7.35
N GLU A 105 9.68 -1.33 -7.45
CA GLU A 105 9.46 -2.76 -7.55
C GLU A 105 10.34 -3.52 -6.57
N CYS A 106 9.73 -4.03 -5.51
CA CYS A 106 10.47 -4.77 -4.49
C CYS A 106 9.56 -5.78 -3.79
N GLY A 107 10.14 -6.57 -2.89
CA GLY A 107 9.36 -7.56 -2.17
C GLY A 107 9.01 -8.75 -3.03
N ALA A 108 8.25 -9.69 -2.47
CA ALA A 108 7.83 -10.89 -3.20
C ALA A 108 6.35 -10.86 -3.49
N PRO A 109 5.92 -11.65 -4.49
CA PRO A 109 4.51 -11.74 -4.89
C PRO A 109 3.65 -12.42 -3.84
N ARG A 110 3.24 -11.66 -2.83
CA ARG A 110 2.41 -12.19 -1.75
C ARG A 110 0.99 -12.48 -2.25
N SER A 111 0.58 -13.74 -2.16
CA SER A 111 -0.74 -14.14 -2.61
C SER A 111 -1.58 -14.65 -1.44
N GLN A 112 -2.84 -14.22 -1.39
CA GLN A 112 -3.74 -14.62 -0.32
C GLN A 112 -4.45 -15.92 -0.67
N GLY A 113 -4.13 -16.99 0.06
CA GLY A 113 -4.75 -18.27 -0.19
C GLY A 113 -6.04 -18.46 0.57
N GLN A 114 -7.08 -18.90 -0.12
CA GLN A 114 -8.38 -19.12 0.50
C GLN A 114 -8.53 -20.56 0.97
N ARG A 115 -8.52 -21.50 0.03
CA ARG A 115 -8.64 -22.92 0.37
C ARG A 115 -7.63 -23.75 -0.41
N PRO A 1 -1.81 -17.66 16.58
CA PRO A 1 -1.97 -16.71 17.67
C PRO A 1 -3.19 -15.81 17.48
N SER A 2 -3.99 -15.67 18.53
CA SER A 2 -5.19 -14.83 18.47
C SER A 2 -5.09 -13.67 19.46
N LYS A 3 -6.09 -12.81 19.44
CA LYS A 3 -6.13 -11.65 20.32
C LYS A 3 -7.55 -11.38 20.82
N LYS A 4 -7.67 -10.94 22.06
CA LYS A 4 -8.97 -10.64 22.65
C LYS A 4 -9.43 -9.23 22.28
N ASN A 5 -10.58 -9.15 21.60
CA ASN A 5 -11.13 -7.87 21.19
C ASN A 5 -11.68 -7.10 22.38
N GLY A 6 -12.16 -5.88 22.13
CA GLY A 6 -12.70 -5.06 23.20
C GLY A 6 -13.82 -4.16 22.72
N ARG A 7 -13.49 -3.21 21.85
CA ARG A 7 -14.48 -2.28 21.32
C ARG A 7 -13.97 -1.61 20.04
N SER A 8 -14.07 -2.31 18.92
CA SER A 8 -13.62 -1.78 17.65
C SER A 8 -14.15 -2.62 16.49
N GLY A 9 -14.83 -1.96 15.55
CA GLY A 9 -15.38 -2.65 14.40
C GLY A 9 -14.31 -3.28 13.54
N PRO A 10 -13.57 -2.44 12.81
CA PRO A 10 -12.49 -2.88 11.92
C PRO A 10 -11.29 -3.43 12.69
N GLN A 11 -10.60 -4.40 12.08
CA GLN A 11 -9.43 -5.00 12.71
C GLN A 11 -8.20 -4.84 11.83
N PRO A 12 -7.01 -4.99 12.44
CA PRO A 12 -5.73 -4.86 11.72
C PRO A 12 -5.49 -6.03 10.77
N HIS A 13 -4.78 -5.76 9.68
CA HIS A 13 -4.47 -6.79 8.69
C HIS A 13 -3.04 -6.67 8.21
N LYS A 14 -2.64 -7.58 7.32
CA LYS A 14 -1.29 -7.57 6.77
C LYS A 14 -1.27 -7.01 5.36
N ARG A 15 -2.34 -6.29 5.01
CA ARG A 15 -2.45 -5.70 3.68
C ARG A 15 -3.08 -4.30 3.76
N TRP A 16 -2.38 -3.32 3.19
CA TRP A 16 -2.88 -1.95 3.19
C TRP A 16 -2.38 -1.19 1.97
N VAL A 17 -3.27 -0.43 1.35
CA VAL A 17 -2.92 0.35 0.17
C VAL A 17 -2.88 1.85 0.48
N PHE A 18 -2.22 2.60 -0.38
CA PHE A 18 -2.10 4.05 -0.19
C PHE A 18 -2.29 4.79 -1.52
N THR A 19 -2.90 5.96 -1.44
CA THR A 19 -3.14 6.77 -2.63
C THR A 19 -3.12 8.25 -2.30
N LEU A 20 -2.33 9.02 -3.06
CA LEU A 20 -2.22 10.45 -2.85
C LEU A 20 -2.18 11.20 -4.18
N ASN A 21 -3.10 12.14 -4.35
CA ASN A 21 -3.17 12.93 -5.58
C ASN A 21 -2.05 13.96 -5.63
N ASN A 22 -1.36 14.03 -6.76
CA ASN A 22 -0.27 14.98 -6.93
C ASN A 22 0.72 14.88 -5.77
N PRO A 23 1.43 13.75 -5.69
CA PRO A 23 2.42 13.50 -4.64
C PRO A 23 3.65 14.38 -4.79
N SER A 24 4.30 14.69 -3.68
CA SER A 24 5.50 15.52 -3.69
C SER A 24 6.76 14.67 -3.79
N GLU A 25 7.84 15.26 -4.25
CA GLU A 25 9.11 14.55 -4.40
C GLU A 25 9.60 14.04 -3.04
N ASP A 26 9.25 14.75 -1.98
CA ASP A 26 9.64 14.36 -0.64
C ASP A 26 8.78 13.21 -0.13
N GLU A 27 7.46 13.35 -0.26
CA GLU A 27 6.54 12.32 0.19
C GLU A 27 6.72 11.04 -0.62
N ARG A 28 6.76 11.18 -1.93
CA ARG A 28 6.92 10.02 -2.83
C ARG A 28 8.24 9.30 -2.54
N LYS A 29 9.27 10.07 -2.21
CA LYS A 29 10.57 9.50 -1.91
C LYS A 29 10.55 8.74 -0.59
N LYS A 30 9.79 9.26 0.37
CA LYS A 30 9.67 8.64 1.68
C LYS A 30 9.10 7.23 1.56
N ILE A 31 7.99 7.11 0.84
CA ILE A 31 7.33 5.81 0.64
C ILE A 31 8.21 4.88 -0.17
N ARG A 32 8.84 5.41 -1.21
CA ARG A 32 9.71 4.62 -2.08
C ARG A 32 11.00 4.25 -1.35
N ASP A 33 11.33 5.01 -0.31
CA ASP A 33 12.54 4.75 0.46
C ASP A 33 12.22 3.97 1.73
N LEU A 34 10.98 3.50 1.83
CA LEU A 34 10.55 2.73 2.99
C LEU A 34 11.30 1.40 3.07
N PRO A 35 11.29 0.80 4.27
CA PRO A 35 11.97 -0.47 4.53
C PRO A 35 11.26 -1.64 3.83
N ILE A 36 11.98 -2.29 2.92
CA ILE A 36 11.42 -3.42 2.19
C ILE A 36 11.22 -4.63 3.12
N SER A 37 12.11 -4.78 4.08
CA SER A 37 12.03 -5.88 5.04
C SER A 37 10.79 -5.75 5.92
N LEU A 38 10.27 -4.53 6.02
CA LEU A 38 9.09 -4.27 6.84
C LEU A 38 7.84 -4.81 6.17
N PHE A 39 7.86 -4.86 4.84
CA PHE A 39 6.72 -5.37 4.07
C PHE A 39 7.15 -6.50 3.14
N ASP A 40 6.62 -7.69 3.39
CA ASP A 40 6.95 -8.86 2.57
C ASP A 40 6.75 -8.56 1.09
N TYR A 41 5.83 -7.65 0.79
CA TYR A 41 5.54 -7.28 -0.59
C TYR A 41 5.30 -5.78 -0.71
N PHE A 42 6.07 -5.12 -1.57
CA PHE A 42 5.94 -3.69 -1.78
C PHE A 42 5.89 -3.35 -3.27
N ILE A 43 4.77 -2.83 -3.73
CA ILE A 43 4.61 -2.46 -5.13
C ILE A 43 3.92 -1.12 -5.27
N VAL A 44 4.62 -0.15 -5.86
CA VAL A 44 4.07 1.19 -6.06
C VAL A 44 4.05 1.55 -7.54
N GLY A 45 2.95 2.15 -7.98
CA GLY A 45 2.83 2.56 -9.37
C GLY A 45 2.35 3.98 -9.53
N GLU A 46 3.02 4.75 -10.38
CA GLU A 46 2.66 6.14 -10.61
C GLU A 46 1.67 6.25 -11.76
N GLU A 47 0.61 7.05 -11.55
CA GLU A 47 -0.41 7.24 -12.56
C GLU A 47 -0.24 8.59 -13.26
N GLY A 48 0.06 8.54 -14.55
CA GLY A 48 0.25 9.75 -15.32
C GLY A 48 0.06 9.54 -16.80
N ASN A 49 -1.17 9.23 -17.21
CA ASN A 49 -1.47 9.00 -18.62
C ASN A 49 -2.57 9.94 -19.09
N GLU A 50 -2.62 11.14 -18.52
CA GLU A 50 -3.63 12.12 -18.88
C GLU A 50 -3.05 13.54 -18.80
N GLU A 51 -2.92 14.18 -19.96
CA GLU A 51 -2.39 15.54 -20.02
C GLU A 51 -3.41 16.55 -19.51
N GLY A 52 -2.91 17.65 -18.95
CA GLY A 52 -3.79 18.67 -18.42
C GLY A 52 -4.07 18.50 -16.94
N ARG A 53 -3.90 17.26 -16.45
CA ARG A 53 -4.14 16.97 -15.05
C ARG A 53 -2.85 16.55 -14.35
N THR A 54 -2.83 16.65 -13.03
CA THR A 54 -1.66 16.28 -12.25
C THR A 54 -1.58 14.78 -12.04
N PRO A 55 -0.38 14.28 -11.72
CA PRO A 55 -0.13 12.85 -11.49
C PRO A 55 -0.78 12.36 -10.20
N HIS A 56 -0.88 11.04 -10.06
CA HIS A 56 -1.48 10.44 -8.87
C HIS A 56 -0.70 9.20 -8.44
N LEU A 57 -0.52 9.05 -7.13
CA LEU A 57 0.21 7.92 -6.58
C LEU A 57 -0.74 6.82 -6.15
N GLN A 58 -0.42 5.57 -6.51
CA GLN A 58 -1.26 4.43 -6.16
C GLN A 58 -0.42 3.17 -6.08
N GLY A 59 -0.27 2.64 -4.86
CA GLY A 59 0.50 1.42 -4.67
C GLY A 59 -0.02 0.58 -3.53
N PHE A 60 0.45 -0.67 -3.44
CA PHE A 60 0.02 -1.58 -2.39
C PHE A 60 1.22 -2.14 -1.64
N ALA A 61 1.08 -2.26 -0.32
CA ALA A 61 2.15 -2.79 0.52
C ALA A 61 1.61 -3.79 1.53
N ASN A 62 2.19 -4.98 1.55
CA ASN A 62 1.77 -6.04 2.46
C ASN A 62 2.58 -5.99 3.76
N PHE A 63 1.92 -5.68 4.85
CA PHE A 63 2.58 -5.60 6.15
C PHE A 63 2.98 -6.98 6.64
N VAL A 64 4.25 -7.14 7.00
CA VAL A 64 4.75 -8.42 7.49
C VAL A 64 4.03 -8.83 8.76
N LYS A 65 3.46 -7.86 9.46
CA LYS A 65 2.74 -8.14 10.70
C LYS A 65 1.34 -7.53 10.66
N LYS A 66 0.63 -7.64 11.77
CA LYS A 66 -0.74 -7.12 11.86
C LYS A 66 -0.72 -5.65 12.32
N GLN A 67 -1.31 -4.78 11.51
CA GLN A 67 -1.37 -3.36 11.83
C GLN A 67 -2.77 -2.80 11.57
N THR A 68 -3.12 -1.75 12.32
CA THR A 68 -4.42 -1.13 12.17
C THR A 68 -4.36 0.06 11.21
N PHE A 69 -5.54 0.58 10.86
CA PHE A 69 -5.61 1.71 9.93
C PHE A 69 -4.89 2.92 10.50
N ASN A 70 -5.27 3.33 11.71
CA ASN A 70 -4.66 4.48 12.36
C ASN A 70 -3.17 4.25 12.58
N LYS A 71 -2.81 3.03 12.97
CA LYS A 71 -1.42 2.68 13.22
C LYS A 71 -0.61 2.76 11.93
N VAL A 72 -1.12 2.12 10.88
CA VAL A 72 -0.44 2.11 9.59
C VAL A 72 -0.14 3.53 9.12
N LYS A 73 -0.93 4.48 9.59
CA LYS A 73 -0.74 5.88 9.23
C LYS A 73 0.61 6.41 9.73
N TRP A 74 1.24 5.64 10.60
CA TRP A 74 2.53 6.02 11.16
C TRP A 74 3.62 5.95 10.10
N TYR A 75 3.36 5.20 9.03
CA TYR A 75 4.33 5.05 7.95
C TYR A 75 3.81 5.69 6.67
N LEU A 76 2.59 5.34 6.29
CA LEU A 76 1.96 5.88 5.09
C LEU A 76 1.56 7.35 5.30
N GLY A 77 1.58 7.79 6.54
CA GLY A 77 1.21 9.15 6.85
C GLY A 77 -0.26 9.43 6.61
N ALA A 78 -0.80 10.43 7.31
CA ALA A 78 -2.20 10.79 7.17
C ALA A 78 -2.44 11.54 5.86
N ARG A 79 -1.42 12.23 5.38
CA ARG A 79 -1.52 12.99 4.14
C ARG A 79 -2.04 12.11 3.01
N CYS A 80 -1.54 10.89 2.95
CA CYS A 80 -1.94 9.95 1.91
C CYS A 80 -3.09 9.06 2.38
N HIS A 81 -4.12 8.95 1.55
CA HIS A 81 -5.29 8.14 1.90
C HIS A 81 -4.96 6.65 1.81
N ILE A 82 -5.22 5.93 2.89
CA ILE A 82 -4.96 4.50 2.93
C ILE A 82 -6.26 3.70 3.06
N GLU A 83 -6.27 2.51 2.46
CA GLU A 83 -7.45 1.65 2.52
C GLU A 83 -7.05 0.18 2.47
N LYS A 84 -7.99 -0.69 2.83
CA LYS A 84 -7.73 -2.13 2.84
C LYS A 84 -7.78 -2.69 1.42
N ALA A 85 -6.78 -3.50 1.09
CA ALA A 85 -6.69 -4.11 -0.24
C ALA A 85 -7.49 -5.41 -0.29
N LYS A 86 -7.87 -5.81 -1.50
CA LYS A 86 -8.64 -7.04 -1.69
C LYS A 86 -8.14 -7.80 -2.91
N GLY A 87 -8.17 -9.13 -2.83
CA GLY A 87 -7.73 -9.95 -3.93
C GLY A 87 -6.44 -10.70 -3.62
N THR A 88 -5.66 -10.98 -4.65
CA THR A 88 -4.40 -11.70 -4.49
C THR A 88 -3.21 -10.82 -4.88
N ASP A 89 -2.01 -11.33 -4.65
CA ASP A 89 -0.79 -10.60 -4.99
C ASP A 89 -0.79 -10.17 -6.46
N GLN A 90 -1.27 -11.07 -7.31
CA GLN A 90 -1.32 -10.79 -8.75
C GLN A 90 -2.32 -9.68 -9.05
N GLN A 91 -3.41 -9.65 -8.29
CA GLN A 91 -4.45 -8.64 -8.48
C GLN A 91 -3.92 -7.25 -8.13
N ASN A 92 -3.14 -7.17 -7.06
CA ASN A 92 -2.56 -5.90 -6.63
C ASN A 92 -1.35 -5.53 -7.47
N LYS A 93 -0.55 -6.52 -7.81
CA LYS A 93 0.65 -6.30 -8.62
C LYS A 93 0.27 -5.76 -9.99
N GLU A 94 -0.71 -6.38 -10.63
CA GLU A 94 -1.16 -5.96 -11.95
C GLU A 94 -1.91 -4.64 -11.87
N TYR A 95 -2.71 -4.48 -10.82
CA TYR A 95 -3.49 -3.26 -10.63
C TYR A 95 -2.57 -2.04 -10.55
N CYS A 96 -1.52 -2.15 -9.75
CA CYS A 96 -0.56 -1.06 -9.59
C CYS A 96 0.16 -0.76 -10.90
N SER A 97 0.44 -1.81 -11.67
CA SER A 97 1.13 -1.66 -12.94
C SER A 97 0.17 -1.23 -14.03
N LYS A 98 -1.13 -1.31 -13.74
CA LYS A 98 -2.16 -0.91 -14.69
C LYS A 98 -1.99 0.54 -15.11
N GLU A 99 -1.31 1.32 -14.26
CA GLU A 99 -1.08 2.73 -14.55
C GLU A 99 -0.05 2.91 -15.65
N GLY A 100 0.68 1.84 -15.94
CA GLY A 100 1.70 1.90 -16.98
C GLY A 100 3.01 2.49 -16.49
N ASN A 101 3.01 2.93 -15.23
CA ASN A 101 4.21 3.52 -14.64
C ASN A 101 4.48 2.93 -13.26
N LEU A 102 5.68 2.42 -13.05
CA LEU A 102 6.06 1.83 -11.77
C LEU A 102 6.94 2.80 -10.97
N LEU A 103 6.51 3.11 -9.76
CA LEU A 103 7.25 4.02 -8.89
C LEU A 103 8.25 3.25 -8.03
N MET A 104 7.90 2.02 -7.68
CA MET A 104 8.76 1.18 -6.86
C MET A 104 8.41 -0.30 -7.03
N GLU A 105 9.44 -1.14 -7.15
CA GLU A 105 9.23 -2.57 -7.33
C GLU A 105 10.13 -3.36 -6.39
N CYS A 106 9.53 -3.92 -5.34
CA CYS A 106 10.28 -4.70 -4.35
C CYS A 106 9.37 -5.73 -3.68
N GLY A 107 9.95 -6.53 -2.80
CA GLY A 107 9.19 -7.54 -2.09
C GLY A 107 9.13 -8.85 -2.84
N ALA A 108 8.44 -9.83 -2.27
CA ALA A 108 8.30 -11.14 -2.89
C ALA A 108 6.86 -11.39 -3.34
N PRO A 109 6.68 -12.32 -4.28
CA PRO A 109 5.36 -12.68 -4.81
C PRO A 109 4.51 -13.41 -3.78
N ARG A 110 3.58 -12.69 -3.16
CA ARG A 110 2.70 -13.27 -2.16
C ARG A 110 1.70 -14.22 -2.81
N SER A 111 1.21 -15.18 -2.03
CA SER A 111 0.25 -16.17 -2.52
C SER A 111 -0.51 -16.81 -1.37
N GLN A 112 -1.72 -17.27 -1.65
CA GLN A 112 -2.56 -17.92 -0.65
C GLN A 112 -3.41 -19.02 -1.26
N GLY A 113 -4.12 -19.76 -0.41
CA GLY A 113 -4.97 -20.83 -0.88
C GLY A 113 -5.14 -21.93 0.14
N GLN A 114 -6.03 -21.70 1.10
CA GLN A 114 -6.28 -22.69 2.15
C GLN A 114 -7.47 -22.28 3.01
N ARG A 115 -8.28 -23.26 3.40
CA ARG A 115 -9.46 -23.00 4.22
C ARG A 115 -9.07 -22.82 5.69
N PRO A 1 -3.18 -10.54 37.38
CA PRO A 1 -3.28 -10.62 35.92
C PRO A 1 -4.71 -10.46 35.43
N SER A 2 -4.90 -9.68 34.36
CA SER A 2 -6.22 -9.46 33.79
C SER A 2 -6.11 -8.79 32.42
N LYS A 3 -6.60 -9.47 31.40
CA LYS A 3 -6.57 -8.95 30.04
C LYS A 3 -7.53 -9.72 29.14
N LYS A 4 -8.33 -8.97 28.37
CA LYS A 4 -9.29 -9.58 27.47
C LYS A 4 -9.99 -8.52 26.62
N ASN A 5 -10.42 -8.91 25.43
CA ASN A 5 -11.11 -7.99 24.53
C ASN A 5 -12.20 -8.70 23.74
N GLY A 6 -12.93 -7.94 22.92
CA GLY A 6 -13.99 -8.52 22.13
C GLY A 6 -15.04 -7.50 21.72
N ARG A 7 -14.78 -6.81 20.62
CA ARG A 7 -15.70 -5.80 20.11
C ARG A 7 -15.95 -5.97 18.62
N SER A 8 -16.67 -5.02 18.04
CA SER A 8 -16.98 -5.07 16.61
C SER A 8 -16.38 -3.87 15.88
N GLY A 9 -16.26 -3.98 14.56
CA GLY A 9 -15.71 -2.90 13.77
C GLY A 9 -14.59 -3.36 12.85
N PRO A 10 -13.83 -2.40 12.31
CA PRO A 10 -12.72 -2.69 11.40
C PRO A 10 -11.54 -3.35 12.13
N GLN A 11 -10.89 -4.29 11.45
CA GLN A 11 -9.75 -4.99 12.02
C GLN A 11 -8.52 -4.87 11.12
N PRO A 12 -7.34 -5.11 11.69
CA PRO A 12 -6.06 -5.03 10.96
C PRO A 12 -5.91 -6.17 9.95
N HIS A 13 -5.23 -5.88 8.85
CA HIS A 13 -5.01 -6.87 7.81
C HIS A 13 -3.56 -6.82 7.31
N LYS A 14 -3.23 -7.72 6.38
CA LYS A 14 -1.89 -7.79 5.82
C LYS A 14 -1.84 -7.15 4.44
N ARG A 15 -2.86 -6.34 4.13
CA ARG A 15 -2.93 -5.68 2.83
C ARG A 15 -3.47 -4.26 2.98
N TRP A 16 -2.73 -3.29 2.46
CA TRP A 16 -3.12 -1.88 2.53
C TRP A 16 -2.59 -1.10 1.34
N VAL A 17 -3.44 -0.26 0.76
CA VAL A 17 -3.06 0.54 -0.39
C VAL A 17 -2.94 2.02 -0.02
N PHE A 18 -2.25 2.78 -0.85
CA PHE A 18 -2.05 4.21 -0.60
C PHE A 18 -2.26 5.01 -1.88
N THR A 19 -2.83 6.22 -1.73
CA THR A 19 -3.09 7.08 -2.87
C THR A 19 -3.01 8.55 -2.47
N LEU A 20 -2.24 9.32 -3.22
CA LEU A 20 -2.08 10.74 -2.94
C LEU A 20 -2.05 11.54 -4.24
N ASN A 21 -2.74 12.68 -4.24
CA ASN A 21 -2.79 13.54 -5.42
C ASN A 21 -1.57 14.45 -5.48
N ASN A 22 -0.97 14.55 -6.66
CA ASN A 22 0.20 15.39 -6.85
C ASN A 22 1.27 15.08 -5.80
N PRO A 23 1.82 13.86 -5.85
CA PRO A 23 2.84 13.41 -4.91
C PRO A 23 4.18 14.12 -5.14
N SER A 24 4.86 14.45 -4.04
CA SER A 24 6.14 15.14 -4.11
C SER A 24 7.29 14.14 -4.12
N GLU A 25 8.44 14.56 -4.63
CA GLU A 25 9.61 13.70 -4.70
C GLU A 25 10.00 13.20 -3.31
N ASP A 26 9.72 14.01 -2.30
CA ASP A 26 10.04 13.66 -0.92
C ASP A 26 9.12 12.53 -0.43
N GLU A 27 7.83 12.68 -0.64
CA GLU A 27 6.86 11.68 -0.22
C GLU A 27 7.06 10.37 -0.97
N ARG A 28 7.18 10.46 -2.29
CA ARG A 28 7.38 9.29 -3.13
C ARG A 28 8.69 8.59 -2.78
N LYS A 29 9.68 9.38 -2.37
CA LYS A 29 10.99 8.84 -2.00
C LYS A 29 10.91 8.05 -0.70
N LYS A 30 10.13 8.56 0.24
CA LYS A 30 9.96 7.89 1.54
C LYS A 30 9.34 6.52 1.36
N ILE A 31 8.21 6.46 0.65
CA ILE A 31 7.52 5.20 0.41
C ILE A 31 8.36 4.27 -0.47
N ARG A 32 9.01 4.85 -1.47
CA ARG A 32 9.84 4.07 -2.38
C ARG A 32 11.12 3.59 -1.68
N ASP A 33 11.47 4.28 -0.60
CA ASP A 33 12.67 3.93 0.16
C ASP A 33 12.31 3.09 1.38
N LEU A 34 11.05 2.68 1.47
CA LEU A 34 10.58 1.87 2.59
C LEU A 34 11.25 0.51 2.59
N PRO A 35 11.22 -0.16 3.76
CA PRO A 35 11.82 -1.48 3.93
C PRO A 35 11.05 -2.57 3.19
N ILE A 36 11.74 -3.23 2.26
CA ILE A 36 11.11 -4.29 1.47
C ILE A 36 10.84 -5.52 2.33
N SER A 37 11.72 -5.77 3.29
CA SER A 37 11.59 -6.92 4.18
C SER A 37 10.36 -6.75 5.09
N LEU A 38 9.88 -5.52 5.21
CA LEU A 38 8.72 -5.23 6.04
C LEU A 38 7.43 -5.64 5.34
N PHE A 39 7.45 -5.62 4.02
CA PHE A 39 6.27 -6.01 3.23
C PHE A 39 6.62 -7.12 2.24
N ASP A 40 6.02 -8.29 2.44
CA ASP A 40 6.26 -9.42 1.56
C ASP A 40 6.07 -9.04 0.10
N TYR A 41 5.19 -8.08 -0.15
CA TYR A 41 4.91 -7.61 -1.50
C TYR A 41 4.78 -6.09 -1.55
N PHE A 42 5.57 -5.47 -2.41
CA PHE A 42 5.56 -4.02 -2.55
C PHE A 42 5.51 -3.61 -4.02
N ILE A 43 4.42 -2.98 -4.41
CA ILE A 43 4.25 -2.54 -5.80
C ILE A 43 3.66 -1.13 -5.86
N VAL A 44 4.42 -0.21 -6.43
CA VAL A 44 3.98 1.18 -6.55
C VAL A 44 3.98 1.63 -8.01
N GLY A 45 2.98 2.42 -8.38
CA GLY A 45 2.89 2.90 -9.74
C GLY A 45 2.57 4.38 -9.81
N GLU A 46 3.17 5.08 -10.77
CA GLU A 46 2.94 6.51 -10.94
C GLU A 46 1.86 6.77 -11.99
N GLU A 47 0.93 7.65 -11.66
CA GLU A 47 -0.15 7.99 -12.59
C GLU A 47 0.12 9.32 -13.28
N GLY A 48 -0.01 9.32 -14.60
CA GLY A 48 0.23 10.53 -15.38
C GLY A 48 -0.50 10.52 -16.71
N ASN A 49 -1.79 10.83 -16.68
CA ASN A 49 -2.59 10.86 -17.90
C ASN A 49 -2.05 11.89 -18.89
N GLU A 50 -2.82 12.14 -19.94
CA GLU A 50 -2.42 13.11 -20.97
C GLU A 50 -2.09 14.45 -20.34
N GLU A 51 -1.52 15.35 -21.14
CA GLU A 51 -1.16 16.68 -20.67
C GLU A 51 -2.34 17.37 -20.00
N GLY A 52 -2.05 18.30 -19.11
CA GLY A 52 -3.11 19.02 -18.40
C GLY A 52 -3.46 18.38 -17.08
N ARG A 53 -3.20 17.07 -16.96
CA ARG A 53 -3.50 16.34 -15.73
C ARG A 53 -2.26 16.24 -14.85
N THR A 54 -2.45 16.44 -13.55
CA THR A 54 -1.35 16.37 -12.60
C THR A 54 -1.03 14.93 -12.22
N PRO A 55 0.19 14.71 -11.72
CA PRO A 55 0.65 13.37 -11.32
C PRO A 55 -0.07 12.87 -10.07
N HIS A 56 -0.26 11.55 -9.99
CA HIS A 56 -0.93 10.94 -8.85
C HIS A 56 -0.25 9.63 -8.46
N LEU A 57 -0.10 9.42 -7.15
CA LEU A 57 0.52 8.21 -6.65
C LEU A 57 -0.52 7.14 -6.33
N GLN A 58 -0.27 5.92 -6.77
CA GLN A 58 -1.18 4.81 -6.54
C GLN A 58 -0.44 3.48 -6.53
N GLY A 59 -0.38 2.86 -5.36
CA GLY A 59 0.31 1.57 -5.23
C GLY A 59 -0.26 0.71 -4.13
N PHE A 60 0.21 -0.52 -4.03
CA PHE A 60 -0.27 -1.45 -3.01
C PHE A 60 0.91 -2.13 -2.31
N ALA A 61 0.77 -2.30 -0.99
CA ALA A 61 1.81 -2.94 -0.20
C ALA A 61 1.22 -3.96 0.77
N ASN A 62 1.73 -5.19 0.70
CA ASN A 62 1.24 -6.26 1.57
C ASN A 62 2.07 -6.34 2.85
N PHE A 63 1.44 -6.03 3.97
CA PHE A 63 2.11 -6.06 5.27
C PHE A 63 2.42 -7.50 5.68
N VAL A 64 3.67 -7.74 6.05
CA VAL A 64 4.10 -9.07 6.48
C VAL A 64 3.33 -9.53 7.70
N LYS A 65 2.83 -8.57 8.48
CA LYS A 65 2.07 -8.87 9.68
C LYS A 65 0.72 -8.17 9.67
N LYS A 66 -0.01 -8.27 10.78
CA LYS A 66 -1.31 -7.64 10.90
C LYS A 66 -1.18 -6.21 11.42
N GLN A 67 -1.68 -5.26 10.64
CA GLN A 67 -1.62 -3.85 11.03
C GLN A 67 -2.96 -3.17 10.84
N THR A 68 -3.22 -2.14 11.64
CA THR A 68 -4.48 -1.41 11.57
C THR A 68 -4.36 -0.21 10.65
N PHE A 69 -5.49 0.42 10.35
CA PHE A 69 -5.52 1.59 9.48
C PHE A 69 -4.69 2.73 10.08
N ASN A 70 -5.05 3.12 11.30
CA ASN A 70 -4.34 4.19 11.99
C ASN A 70 -2.88 3.85 12.21
N LYS A 71 -2.62 2.58 12.54
CA LYS A 71 -1.25 2.12 12.76
C LYS A 71 -0.43 2.19 11.49
N VAL A 72 -0.99 1.65 10.40
CA VAL A 72 -0.30 1.65 9.11
C VAL A 72 0.12 3.06 8.72
N LYS A 73 -0.61 4.05 9.23
CA LYS A 73 -0.32 5.45 8.93
C LYS A 73 1.05 5.85 9.48
N TRP A 74 1.62 4.99 10.32
CA TRP A 74 2.93 5.26 10.91
C TRP A 74 4.03 5.16 9.84
N TYR A 75 3.73 4.48 8.75
CA TYR A 75 4.69 4.32 7.67
C TYR A 75 4.23 5.05 6.41
N LEU A 76 2.99 4.82 6.00
CA LEU A 76 2.43 5.47 4.83
C LEU A 76 2.20 6.95 5.08
N GLY A 77 1.72 7.28 6.27
CA GLY A 77 1.46 8.66 6.62
C GLY A 77 0.01 9.05 6.41
N ALA A 78 -0.45 10.02 7.18
CA ALA A 78 -1.83 10.50 7.08
C ALA A 78 -2.03 11.36 5.85
N ARG A 79 -0.95 12.01 5.40
CA ARG A 79 -1.01 12.87 4.23
C ARG A 79 -1.61 12.13 3.04
N CYS A 80 -1.28 10.85 2.91
CA CYS A 80 -1.79 10.03 1.81
C CYS A 80 -2.96 9.16 2.28
N HIS A 81 -4.01 9.09 1.48
CA HIS A 81 -5.18 8.29 1.81
C HIS A 81 -4.89 6.80 1.64
N ILE A 82 -5.15 6.03 2.69
CA ILE A 82 -4.92 4.59 2.65
C ILE A 82 -6.22 3.82 2.81
N GLU A 83 -6.32 2.69 2.12
CA GLU A 83 -7.52 1.85 2.18
C GLU A 83 -7.17 0.38 2.01
N LYS A 84 -8.10 -0.49 2.37
CA LYS A 84 -7.89 -1.93 2.25
C LYS A 84 -8.02 -2.39 0.80
N ALA A 85 -7.07 -3.18 0.35
CA ALA A 85 -7.07 -3.69 -1.02
C ALA A 85 -7.92 -4.95 -1.13
N LYS A 86 -8.38 -5.25 -2.34
CA LYS A 86 -9.20 -6.43 -2.58
C LYS A 86 -8.81 -7.10 -3.90
N GLY A 87 -8.87 -8.43 -3.91
CA GLY A 87 -8.53 -9.17 -5.12
C GLY A 87 -7.31 -10.05 -4.92
N THR A 88 -6.92 -10.75 -5.98
CA THR A 88 -5.76 -11.64 -5.92
C THR A 88 -4.47 -10.88 -6.17
N ASP A 89 -3.34 -11.57 -6.03
CA ASP A 89 -2.04 -10.95 -6.25
C ASP A 89 -1.96 -10.33 -7.64
N GLN A 90 -2.52 -11.02 -8.63
CA GLN A 90 -2.51 -10.53 -10.01
C GLN A 90 -3.41 -9.31 -10.14
N GLN A 91 -4.52 -9.31 -9.42
CA GLN A 91 -5.47 -8.20 -9.47
C GLN A 91 -4.85 -6.94 -8.88
N ASN A 92 -4.06 -7.10 -7.83
CA ASN A 92 -3.41 -5.97 -7.17
C ASN A 92 -2.21 -5.49 -7.99
N LYS A 93 -1.39 -6.42 -8.44
CA LYS A 93 -0.21 -6.10 -9.22
C LYS A 93 -0.60 -5.42 -10.53
N GLU A 94 -1.57 -5.99 -11.22
CA GLU A 94 -2.05 -5.44 -12.49
C GLU A 94 -2.72 -4.09 -12.28
N TYR A 95 -3.43 -3.95 -11.16
CA TYR A 95 -4.13 -2.72 -10.83
C TYR A 95 -3.15 -1.54 -10.79
N CYS A 96 -2.02 -1.74 -10.14
CA CYS A 96 -1.01 -0.70 -10.01
C CYS A 96 -0.36 -0.41 -11.36
N SER A 97 -0.21 -1.46 -12.18
CA SER A 97 0.39 -1.31 -13.49
C SER A 97 -0.61 -0.75 -14.50
N LYS A 98 -1.89 -0.73 -14.10
CA LYS A 98 -2.95 -0.23 -14.97
C LYS A 98 -2.68 1.22 -15.36
N GLU A 99 -1.86 1.92 -14.56
CA GLU A 99 -1.53 3.31 -14.82
C GLU A 99 -0.57 3.42 -16.02
N GLY A 100 0.11 2.31 -16.33
CA GLY A 100 1.04 2.31 -17.44
C GLY A 100 2.42 2.80 -17.04
N ASN A 101 2.56 3.22 -15.79
CA ASN A 101 3.83 3.72 -15.28
C ASN A 101 4.15 3.11 -13.92
N LEU A 102 5.31 2.47 -13.82
CA LEU A 102 5.73 1.84 -12.57
C LEU A 102 6.63 2.79 -11.76
N LEU A 103 6.42 2.81 -10.46
CA LEU A 103 7.20 3.67 -9.57
C LEU A 103 8.19 2.85 -8.75
N MET A 104 7.75 1.67 -8.32
CA MET A 104 8.60 0.78 -7.52
C MET A 104 8.16 -0.67 -7.68
N GLU A 105 9.13 -1.57 -7.83
CA GLU A 105 8.84 -2.99 -7.99
C GLU A 105 9.67 -3.82 -7.02
N CYS A 106 9.02 -4.33 -5.98
CA CYS A 106 9.70 -5.15 -4.98
C CYS A 106 8.77 -6.24 -4.45
N GLY A 107 9.31 -7.10 -3.58
CA GLY A 107 8.51 -8.17 -3.01
C GLY A 107 8.05 -9.16 -4.07
N ALA A 108 7.22 -10.11 -3.65
CA ALA A 108 6.70 -11.12 -4.55
C ALA A 108 5.20 -10.91 -4.81
N PRO A 109 4.73 -11.39 -5.97
CA PRO A 109 3.31 -11.28 -6.35
C PRO A 109 2.41 -12.15 -5.51
N ARG A 110 2.17 -11.74 -4.27
CA ARG A 110 1.32 -12.49 -3.35
C ARG A 110 0.15 -11.64 -2.87
N SER A 111 -0.95 -12.30 -2.51
CA SER A 111 -2.13 -11.60 -2.04
C SER A 111 -2.51 -12.05 -0.62
N GLN A 112 -2.86 -13.32 -0.49
CA GLN A 112 -3.23 -13.88 0.80
C GLN A 112 -2.37 -15.08 1.16
N GLY A 113 -2.53 -15.58 2.38
CA GLY A 113 -1.74 -16.72 2.81
C GLY A 113 -2.56 -18.00 2.85
N GLN A 114 -1.93 -19.09 3.27
CA GLN A 114 -2.61 -20.38 3.36
C GLN A 114 -1.95 -21.28 4.40
N ARG A 115 -0.67 -21.58 4.19
CA ARG A 115 0.07 -22.43 5.11
C ARG A 115 0.45 -21.66 6.38
N PRO A 1 -10.40 -4.21 38.35
CA PRO A 1 -11.49 -4.06 37.39
C PRO A 1 -11.38 -5.05 36.23
N SER A 2 -12.21 -4.86 35.22
CA SER A 2 -12.22 -5.75 34.05
C SER A 2 -12.65 -5.00 32.80
N LYS A 3 -12.07 -5.36 31.67
CA LYS A 3 -12.41 -4.72 30.39
C LYS A 3 -12.86 -5.75 29.36
N LYS A 4 -14.12 -5.66 28.96
CA LYS A 4 -14.68 -6.59 27.99
C LYS A 4 -15.69 -5.88 27.09
N ASN A 5 -15.90 -6.43 25.89
CA ASN A 5 -16.85 -5.86 24.94
C ASN A 5 -17.33 -6.90 23.95
N GLY A 6 -18.23 -6.50 23.06
CA GLY A 6 -18.75 -7.42 22.07
C GLY A 6 -17.83 -7.62 20.90
N ARG A 7 -17.57 -6.55 20.16
CA ARG A 7 -16.69 -6.61 19.00
C ARG A 7 -15.38 -5.87 19.28
N SER A 8 -14.29 -6.41 18.75
CA SER A 8 -12.97 -5.81 18.95
C SER A 8 -12.67 -4.79 17.85
N GLY A 9 -12.86 -5.21 16.60
CA GLY A 9 -12.60 -4.33 15.48
C GLY A 9 -11.72 -4.97 14.42
N PRO A 10 -11.22 -4.15 13.48
CA PRO A 10 -10.36 -4.62 12.40
C PRO A 10 -8.98 -5.06 12.90
N GLN A 11 -8.59 -6.29 12.59
CA GLN A 11 -7.30 -6.82 13.01
C GLN A 11 -6.23 -6.50 11.99
N PRO A 12 -4.96 -6.56 12.41
CA PRO A 12 -3.81 -6.28 11.55
C PRO A 12 -3.61 -7.36 10.49
N HIS A 13 -3.17 -6.94 9.30
CA HIS A 13 -2.94 -7.87 8.21
C HIS A 13 -1.55 -7.67 7.61
N LYS A 14 -1.21 -8.50 6.62
CA LYS A 14 0.09 -8.40 5.96
C LYS A 14 -0.03 -7.73 4.60
N ARG A 15 -1.14 -7.03 4.39
CA ARG A 15 -1.38 -6.33 3.12
C ARG A 15 -2.01 -4.97 3.36
N TRP A 16 -1.40 -3.94 2.80
CA TRP A 16 -1.90 -2.58 2.95
C TRP A 16 -1.54 -1.72 1.74
N VAL A 17 -2.50 -0.94 1.26
CA VAL A 17 -2.28 -0.08 0.11
C VAL A 17 -2.24 1.39 0.51
N PHE A 18 -1.68 2.23 -0.35
CA PHE A 18 -1.58 3.66 -0.08
C PHE A 18 -1.95 4.47 -1.31
N THR A 19 -2.59 5.62 -1.07
CA THR A 19 -3.00 6.49 -2.17
C THR A 19 -3.00 7.95 -1.74
N LEU A 20 -2.34 8.79 -2.53
CA LEU A 20 -2.25 10.22 -2.22
C LEU A 20 -2.38 11.06 -3.49
N ASN A 21 -3.25 12.06 -3.44
CA ASN A 21 -3.45 12.94 -4.60
C ASN A 21 -2.34 13.98 -4.70
N ASN A 22 -1.80 14.14 -5.90
CA ASN A 22 -0.73 15.10 -6.13
C ASN A 22 0.40 14.90 -5.12
N PRO A 23 1.10 13.77 -5.22
CA PRO A 23 2.21 13.44 -4.32
C PRO A 23 3.42 14.33 -4.57
N SER A 24 4.16 14.65 -3.50
CA SER A 24 5.34 15.49 -3.60
C SER A 24 6.58 14.64 -3.88
N GLU A 25 7.63 15.29 -4.38
CA GLU A 25 8.87 14.60 -4.69
C GLU A 25 9.50 14.02 -3.42
N ASP A 26 9.26 14.68 -2.29
CA ASP A 26 9.80 14.23 -1.02
C ASP A 26 9.00 13.04 -0.47
N GLU A 27 7.68 13.14 -0.56
CA GLU A 27 6.80 12.09 -0.07
C GLU A 27 6.91 10.85 -0.96
N ARG A 28 6.82 11.05 -2.27
CA ARG A 28 6.90 9.95 -3.22
C ARG A 28 8.25 9.26 -3.13
N LYS A 29 9.30 10.03 -2.90
CA LYS A 29 10.65 9.48 -2.79
C LYS A 29 10.81 8.67 -1.51
N LYS A 30 10.14 9.11 -0.45
CA LYS A 30 10.21 8.42 0.84
C LYS A 30 9.63 7.01 0.72
N ILE A 31 8.43 6.90 0.18
CA ILE A 31 7.77 5.61 0.02
C ILE A 31 8.58 4.71 -0.90
N ARG A 32 9.11 5.27 -1.99
CA ARG A 32 9.89 4.51 -2.94
C ARG A 32 11.27 4.18 -2.36
N ASP A 33 11.69 4.94 -1.36
CA ASP A 33 12.98 4.73 -0.72
C ASP A 33 12.82 3.86 0.52
N LEU A 34 11.63 3.30 0.72
CA LEU A 34 11.35 2.46 1.86
C LEU A 34 12.12 1.14 1.77
N PRO A 35 12.28 0.47 2.92
CA PRO A 35 12.99 -0.81 2.99
C PRO A 35 12.23 -1.95 2.32
N ILE A 36 12.84 -2.53 1.28
CA ILE A 36 12.21 -3.63 0.56
C ILE A 36 12.12 -4.88 1.43
N SER A 37 13.12 -5.08 2.27
CA SER A 37 13.16 -6.25 3.15
C SER A 37 12.00 -6.21 4.14
N LEU A 38 11.47 -5.02 4.39
CA LEU A 38 10.36 -4.85 5.32
C LEU A 38 9.06 -5.36 4.71
N PHE A 39 8.97 -5.32 3.39
CA PHE A 39 7.78 -5.79 2.69
C PHE A 39 8.14 -6.83 1.64
N ASP A 40 7.68 -8.06 1.85
CA ASP A 40 7.95 -9.16 0.93
C ASP A 40 7.57 -8.76 -0.50
N TYR A 41 6.60 -7.87 -0.62
CA TYR A 41 6.15 -7.42 -1.93
C TYR A 41 5.91 -5.91 -1.93
N PHE A 42 6.56 -5.21 -2.86
CA PHE A 42 6.43 -3.76 -2.97
C PHE A 42 6.21 -3.34 -4.42
N ILE A 43 5.04 -2.79 -4.70
CA ILE A 43 4.71 -2.35 -6.05
C ILE A 43 4.00 -1.00 -6.02
N VAL A 44 4.63 0.00 -6.64
CA VAL A 44 4.06 1.34 -6.69
C VAL A 44 3.87 1.81 -8.13
N GLY A 45 2.80 2.54 -8.38
CA GLY A 45 2.53 3.04 -9.72
C GLY A 45 2.04 4.48 -9.71
N GLU A 46 2.41 5.23 -10.75
CA GLU A 46 2.01 6.62 -10.86
C GLU A 46 0.94 6.80 -11.94
N GLU A 47 -0.10 7.55 -11.60
CA GLU A 47 -1.19 7.79 -12.53
C GLU A 47 -1.48 9.29 -12.67
N GLY A 48 -1.10 9.85 -13.81
CA GLY A 48 -1.31 11.27 -14.04
C GLY A 48 -1.50 11.59 -15.51
N ASN A 49 -2.10 10.66 -16.25
CA ASN A 49 -2.34 10.86 -17.68
C ASN A 49 -3.67 11.54 -17.92
N GLU A 50 -3.66 12.88 -17.92
CA GLU A 50 -4.87 13.66 -18.15
C GLU A 50 -4.57 15.14 -18.12
N GLU A 51 -4.50 15.75 -19.30
CA GLU A 51 -4.21 17.17 -19.42
C GLU A 51 -5.17 17.99 -18.54
N GLY A 52 -4.61 18.93 -17.78
CA GLY A 52 -5.42 19.76 -16.91
C GLY A 52 -5.66 19.12 -15.56
N ARG A 53 -5.16 17.91 -15.37
CA ARG A 53 -5.32 17.19 -14.12
C ARG A 53 -3.97 16.95 -13.45
N THR A 54 -3.99 16.78 -12.13
CA THR A 54 -2.77 16.55 -11.36
C THR A 54 -2.49 15.06 -11.22
N PRO A 55 -1.22 14.72 -10.93
CA PRO A 55 -0.79 13.34 -10.75
C PRO A 55 -1.35 12.71 -9.49
N HIS A 56 -1.40 11.38 -9.45
CA HIS A 56 -1.91 10.66 -8.30
C HIS A 56 -1.07 9.42 -8.01
N LEU A 57 -0.81 9.17 -6.73
CA LEU A 57 -0.02 8.02 -6.32
C LEU A 57 -0.91 6.86 -5.88
N GLN A 58 -0.60 5.66 -6.36
CA GLN A 58 -1.38 4.48 -6.00
C GLN A 58 -0.53 3.22 -6.10
N GLY A 59 -0.25 2.60 -4.96
CA GLY A 59 0.55 1.40 -4.95
C GLY A 59 0.16 0.45 -3.83
N PHE A 60 0.72 -0.75 -3.84
CA PHE A 60 0.42 -1.75 -2.83
C PHE A 60 1.70 -2.32 -2.23
N ALA A 61 1.69 -2.54 -0.92
CA ALA A 61 2.84 -3.09 -0.23
C ALA A 61 2.43 -4.19 0.75
N ASN A 62 3.05 -5.36 0.62
CA ASN A 62 2.74 -6.49 1.48
C ASN A 62 3.66 -6.50 2.70
N PHE A 63 3.08 -6.29 3.87
CA PHE A 63 3.84 -6.27 5.12
C PHE A 63 4.30 -7.68 5.50
N VAL A 64 5.60 -7.83 5.71
CA VAL A 64 6.17 -9.12 6.07
C VAL A 64 5.59 -9.63 7.38
N LYS A 65 5.10 -8.70 8.20
CA LYS A 65 4.51 -9.04 9.49
C LYS A 65 3.09 -8.51 9.60
N LYS A 66 2.47 -8.74 10.76
CA LYS A 66 1.11 -8.27 11.00
C LYS A 66 1.11 -6.87 11.59
N GLN A 67 0.52 -5.91 10.86
CA GLN A 67 0.45 -4.54 11.32
C GLN A 67 -0.98 -4.00 11.22
N THR A 68 -1.29 -3.02 12.05
CA THR A 68 -2.62 -2.41 12.06
C THR A 68 -2.66 -1.16 11.18
N PHE A 69 -3.86 -0.62 10.99
CA PHE A 69 -4.04 0.57 10.16
C PHE A 69 -3.29 1.76 10.77
N ASN A 70 -3.56 2.04 12.03
CA ASN A 70 -2.90 3.15 12.72
C ASN A 70 -1.39 2.94 12.77
N LYS A 71 -0.97 1.71 13.04
CA LYS A 71 0.45 1.38 13.11
C LYS A 71 1.11 1.55 11.76
N VAL A 72 0.51 0.97 10.72
CA VAL A 72 1.05 1.07 9.37
C VAL A 72 1.28 2.53 8.97
N LYS A 73 0.53 3.43 9.59
CA LYS A 73 0.65 4.86 9.31
C LYS A 73 2.03 5.37 9.71
N TRP A 74 2.78 4.56 10.45
CA TRP A 74 4.11 4.94 10.90
C TRP A 74 5.09 4.95 9.73
N TYR A 75 4.74 4.26 8.66
CA TYR A 75 5.59 4.19 7.48
C TYR A 75 4.94 4.89 6.29
N LEU A 76 3.69 4.53 6.03
CA LEU A 76 2.93 5.12 4.92
C LEU A 76 2.55 6.56 5.24
N GLY A 77 2.71 6.95 6.50
CA GLY A 77 2.36 8.30 6.91
C GLY A 77 0.86 8.56 6.86
N ALA A 78 0.40 9.49 7.68
CA ALA A 78 -1.02 9.83 7.73
C ALA A 78 -1.42 10.67 6.52
N ARG A 79 -0.45 11.42 5.98
CA ARG A 79 -0.71 12.26 4.82
C ARG A 79 -1.35 11.47 3.68
N CYS A 80 -0.83 10.26 3.46
CA CYS A 80 -1.35 9.40 2.40
C CYS A 80 -2.41 8.45 2.95
N HIS A 81 -3.54 8.37 2.25
CA HIS A 81 -4.64 7.50 2.66
C HIS A 81 -4.30 6.04 2.42
N ILE A 82 -4.41 5.22 3.45
CA ILE A 82 -4.12 3.80 3.34
C ILE A 82 -5.38 2.96 3.53
N GLU A 83 -5.44 1.82 2.86
CA GLU A 83 -6.58 0.92 2.96
C GLU A 83 -6.15 -0.53 2.78
N LYS A 84 -7.03 -1.45 3.16
CA LYS A 84 -6.75 -2.88 3.03
C LYS A 84 -6.91 -3.34 1.58
N ALA A 85 -5.94 -4.09 1.10
CA ALA A 85 -5.97 -4.60 -0.26
C ALA A 85 -6.65 -5.96 -0.33
N LYS A 86 -7.14 -6.32 -1.51
CA LYS A 86 -7.82 -7.59 -1.71
C LYS A 86 -7.56 -8.15 -3.10
N GLY A 87 -7.41 -9.47 -3.20
CA GLY A 87 -7.16 -10.09 -4.48
C GLY A 87 -5.86 -10.88 -4.49
N THR A 88 -5.59 -11.56 -5.60
CA THR A 88 -4.37 -12.35 -5.74
C THR A 88 -3.18 -11.47 -6.09
N ASP A 89 -2.00 -12.08 -6.12
CA ASP A 89 -0.78 -11.34 -6.44
C ASP A 89 -0.92 -10.62 -7.78
N GLN A 90 -1.54 -11.29 -8.75
CA GLN A 90 -1.73 -10.70 -10.07
C GLN A 90 -2.74 -9.57 -10.02
N GLN A 91 -3.77 -9.72 -9.17
CA GLN A 91 -4.79 -8.70 -9.03
C GLN A 91 -4.21 -7.40 -8.51
N ASN A 92 -3.31 -7.51 -7.55
CA ASN A 92 -2.66 -6.34 -6.96
C ASN A 92 -1.60 -5.77 -7.88
N LYS A 93 -0.76 -6.66 -8.43
CA LYS A 93 0.30 -6.24 -9.33
C LYS A 93 -0.27 -5.59 -10.59
N GLU A 94 -1.34 -6.18 -11.11
CA GLU A 94 -1.99 -5.64 -12.31
C GLU A 94 -2.70 -4.33 -12.01
N TYR A 95 -3.30 -4.25 -10.82
CA TYR A 95 -4.02 -3.05 -10.42
C TYR A 95 -3.10 -1.82 -10.46
N CYS A 96 -1.97 -1.92 -9.79
CA CYS A 96 -1.01 -0.82 -9.74
C CYS A 96 -0.49 -0.50 -11.14
N SER A 97 -0.35 -1.53 -11.97
CA SER A 97 0.14 -1.36 -13.33
C SER A 97 -0.97 -0.84 -14.25
N LYS A 98 -2.20 -0.89 -13.76
CA LYS A 98 -3.35 -0.42 -14.52
C LYS A 98 -3.20 1.06 -14.87
N GLU A 99 -2.37 1.77 -14.11
CA GLU A 99 -2.14 3.19 -14.33
C GLU A 99 -1.31 3.41 -15.59
N GLY A 100 -0.61 2.36 -16.02
CA GLY A 100 0.21 2.47 -17.22
C GLY A 100 1.59 3.04 -16.92
N ASN A 101 1.79 3.46 -15.67
CA ASN A 101 3.07 4.04 -15.26
C ASN A 101 3.53 3.45 -13.93
N LEU A 102 4.73 2.87 -13.92
CA LEU A 102 5.28 2.27 -12.71
C LEU A 102 6.20 3.26 -11.99
N LEU A 103 6.04 3.34 -10.67
CA LEU A 103 6.85 4.24 -9.86
C LEU A 103 7.94 3.47 -9.12
N MET A 104 7.66 2.20 -8.81
CA MET A 104 8.62 1.36 -8.11
C MET A 104 8.27 -0.12 -8.29
N GLU A 105 9.30 -0.93 -8.54
CA GLU A 105 9.11 -2.36 -8.74
C GLU A 105 10.10 -3.16 -7.90
N CYS A 106 9.60 -3.77 -6.83
CA CYS A 106 10.44 -4.57 -5.95
C CYS A 106 9.62 -5.66 -5.26
N GLY A 107 10.30 -6.49 -4.47
CA GLY A 107 9.61 -7.57 -3.78
C GLY A 107 9.18 -8.68 -4.71
N ALA A 108 8.53 -9.70 -4.16
CA ALA A 108 8.06 -10.83 -4.95
C ALA A 108 6.53 -10.82 -5.06
N PRO A 109 6.02 -11.54 -6.06
CA PRO A 109 4.57 -11.63 -6.30
C PRO A 109 3.85 -12.45 -5.23
N ARG A 110 3.59 -11.82 -4.09
CA ARG A 110 2.92 -12.49 -2.98
C ARG A 110 1.45 -12.75 -3.31
N SER A 111 1.06 -14.02 -3.31
CA SER A 111 -0.31 -14.41 -3.61
C SER A 111 -1.09 -14.67 -2.33
N GLN A 112 -2.33 -15.13 -2.49
CA GLN A 112 -3.19 -15.42 -1.35
C GLN A 112 -2.96 -16.84 -0.84
N GLY A 113 -3.76 -17.24 0.14
CA GLY A 113 -3.63 -18.58 0.70
C GLY A 113 -4.81 -19.46 0.38
N GLN A 114 -4.83 -20.66 0.96
CA GLN A 114 -5.91 -21.60 0.72
C GLN A 114 -7.15 -21.21 1.51
N ARG A 115 -8.29 -21.79 1.14
CA ARG A 115 -9.56 -21.49 1.82
C ARG A 115 -9.83 -22.51 2.92
N PRO A 1 -4.36 -14.94 37.29
CA PRO A 1 -5.69 -14.68 36.71
C PRO A 1 -5.61 -14.16 35.27
N SER A 2 -6.76 -13.76 34.74
CA SER A 2 -6.82 -13.26 33.37
C SER A 2 -7.82 -12.11 33.26
N LYS A 3 -7.74 -11.38 32.15
CA LYS A 3 -8.64 -10.25 31.93
C LYS A 3 -9.16 -10.26 30.49
N LYS A 4 -10.32 -9.65 30.29
CA LYS A 4 -10.94 -9.58 28.96
C LYS A 4 -11.44 -8.17 28.67
N ASN A 5 -11.93 -7.97 27.45
CA ASN A 5 -12.44 -6.66 27.04
C ASN A 5 -13.16 -6.76 25.69
N GLY A 6 -12.38 -6.91 24.63
CA GLY A 6 -12.96 -7.00 23.30
C GLY A 6 -12.24 -6.14 22.28
N ARG A 7 -12.91 -5.84 21.17
CA ARG A 7 -12.33 -5.02 20.13
C ARG A 7 -13.38 -4.63 19.08
N SER A 8 -13.91 -5.64 18.40
CA SER A 8 -14.93 -5.40 17.38
C SER A 8 -14.37 -4.54 16.25
N GLY A 9 -15.23 -4.18 15.31
CA GLY A 9 -14.81 -3.35 14.20
C GLY A 9 -13.82 -4.07 13.29
N PRO A 10 -13.17 -3.31 12.41
CA PRO A 10 -12.18 -3.86 11.46
C PRO A 10 -10.90 -4.32 12.17
N GLN A 11 -10.31 -5.39 11.66
CA GLN A 11 -9.08 -5.93 12.25
C GLN A 11 -7.89 -5.66 11.33
N PRO A 12 -6.68 -5.74 11.90
CA PRO A 12 -5.44 -5.51 11.15
C PRO A 12 -5.14 -6.63 10.17
N HIS A 13 -4.66 -6.28 8.99
CA HIS A 13 -4.34 -7.25 7.96
C HIS A 13 -2.89 -7.09 7.49
N LYS A 14 -2.47 -7.95 6.57
CA LYS A 14 -1.12 -7.91 6.03
C LYS A 14 -1.11 -7.30 4.64
N ARG A 15 -2.17 -6.59 4.30
CA ARG A 15 -2.29 -5.95 2.99
C ARG A 15 -2.92 -4.57 3.12
N TRP A 16 -2.26 -3.56 2.57
CA TRP A 16 -2.75 -2.20 2.62
C TRP A 16 -2.27 -1.40 1.42
N VAL A 17 -3.18 -0.64 0.81
CA VAL A 17 -2.84 0.18 -0.35
C VAL A 17 -2.84 1.67 -0.01
N PHE A 18 -2.20 2.46 -0.84
CA PHE A 18 -2.13 3.91 -0.62
C PHE A 18 -2.36 4.67 -1.92
N THR A 19 -3.00 5.83 -1.82
CA THR A 19 -3.28 6.66 -2.98
C THR A 19 -3.25 8.14 -2.63
N LEU A 20 -2.50 8.91 -3.40
CA LEU A 20 -2.39 10.34 -3.16
C LEU A 20 -2.43 11.11 -4.49
N ASN A 21 -3.18 12.22 -4.50
CA ASN A 21 -3.29 13.05 -5.70
C ASN A 21 -2.14 14.04 -5.79
N ASN A 22 -1.54 14.14 -6.97
CA ASN A 22 -0.43 15.05 -7.19
C ASN A 22 0.66 14.85 -6.14
N PRO A 23 1.31 13.67 -6.18
CA PRO A 23 2.37 13.32 -5.24
C PRO A 23 3.64 14.14 -5.47
N SER A 24 4.29 14.54 -4.39
CA SER A 24 5.51 15.32 -4.47
C SER A 24 6.75 14.43 -4.47
N GLU A 25 7.85 14.95 -4.99
CA GLU A 25 9.10 14.19 -5.06
C GLU A 25 9.53 13.74 -3.66
N ASP A 26 9.18 14.53 -2.66
CA ASP A 26 9.54 14.21 -1.28
C ASP A 26 8.71 13.04 -0.76
N GLU A 27 7.40 13.11 -0.96
CA GLU A 27 6.50 12.06 -0.52
C GLU A 27 6.77 10.75 -1.26
N ARG A 28 6.87 10.83 -2.58
CA ARG A 28 7.13 9.67 -3.41
C ARG A 28 8.47 9.02 -3.03
N LYS A 29 9.43 9.85 -2.66
CA LYS A 29 10.75 9.36 -2.28
C LYS A 29 10.69 8.63 -0.94
N LYS A 30 9.84 9.11 -0.04
CA LYS A 30 9.68 8.50 1.27
C LYS A 30 9.16 7.08 1.16
N ILE A 31 8.07 6.91 0.40
CA ILE A 31 7.47 5.59 0.20
C ILE A 31 8.37 4.70 -0.66
N ARG A 32 9.03 5.32 -1.63
CA ARG A 32 9.92 4.58 -2.52
C ARG A 32 11.22 4.20 -1.81
N ASP A 33 11.52 4.91 -0.72
CA ASP A 33 12.73 4.64 0.04
C ASP A 33 12.41 3.82 1.30
N LEU A 34 11.17 3.35 1.38
CA LEU A 34 10.73 2.55 2.52
C LEU A 34 11.47 1.22 2.57
N PRO A 35 11.47 0.59 3.75
CA PRO A 35 12.14 -0.70 3.96
C PRO A 35 11.43 -1.84 3.24
N ILE A 36 12.14 -2.46 2.29
CA ILE A 36 11.58 -3.58 1.53
C ILE A 36 11.37 -4.81 2.42
N SER A 37 12.26 -4.98 3.39
CA SER A 37 12.18 -6.12 4.30
C SER A 37 10.95 -6.01 5.19
N LEU A 38 10.44 -4.79 5.35
CA LEU A 38 9.26 -4.55 6.18
C LEU A 38 8.00 -5.08 5.50
N PHE A 39 8.01 -5.09 4.18
CA PHE A 39 6.88 -5.58 3.40
C PHE A 39 7.29 -6.69 2.45
N ASP A 40 6.77 -7.89 2.67
CA ASP A 40 7.09 -9.04 1.83
C ASP A 40 6.88 -8.70 0.35
N TYR A 41 5.96 -7.77 0.09
CA TYR A 41 5.67 -7.37 -1.29
C TYR A 41 5.43 -5.87 -1.37
N PHE A 42 6.19 -5.20 -2.23
CA PHE A 42 6.07 -3.76 -2.41
C PHE A 42 6.02 -3.39 -3.89
N ILE A 43 4.88 -2.85 -4.32
CA ILE A 43 4.70 -2.46 -5.72
C ILE A 43 4.01 -1.10 -5.82
N VAL A 44 4.72 -0.13 -6.39
CA VAL A 44 4.17 1.21 -6.56
C VAL A 44 4.14 1.62 -8.03
N GLY A 45 3.10 2.34 -8.42
CA GLY A 45 2.98 2.77 -9.80
C GLY A 45 2.53 4.21 -9.91
N GLU A 46 2.97 4.90 -10.95
CA GLU A 46 2.60 6.29 -11.17
C GLU A 46 1.56 6.42 -12.28
N GLU A 47 0.53 7.21 -12.03
CA GLU A 47 -0.54 7.42 -13.01
C GLU A 47 -0.70 8.90 -13.33
N GLY A 48 -0.25 9.29 -14.53
CA GLY A 48 -0.36 10.68 -14.94
C GLY A 48 0.35 10.94 -16.26
N ASN A 49 -0.16 10.33 -17.33
CA ASN A 49 0.43 10.50 -18.66
C ASN A 49 -0.54 11.24 -19.57
N GLU A 50 -1.28 12.18 -19.02
CA GLU A 50 -2.24 12.96 -19.79
C GLU A 50 -2.09 14.45 -19.51
N GLU A 51 -1.67 15.20 -20.51
CA GLU A 51 -1.48 16.64 -20.38
C GLU A 51 -2.75 17.31 -19.83
N GLY A 52 -2.56 18.36 -19.03
CA GLY A 52 -3.69 19.06 -18.47
C GLY A 52 -4.08 18.52 -17.10
N ARG A 53 -3.66 17.30 -16.80
CA ARG A 53 -3.96 16.67 -15.52
C ARG A 53 -2.68 16.39 -14.74
N THR A 54 -2.78 16.50 -13.41
CA THR A 54 -1.64 16.25 -12.55
C THR A 54 -1.44 14.76 -12.30
N PRO A 55 -0.22 14.38 -11.90
CA PRO A 55 0.12 12.98 -11.61
C PRO A 55 -0.57 12.47 -10.35
N HIS A 56 -0.66 11.14 -10.23
CA HIS A 56 -1.29 10.52 -9.07
C HIS A 56 -0.52 9.29 -8.64
N LEU A 57 -0.36 9.12 -7.32
CA LEU A 57 0.36 7.98 -6.77
C LEU A 57 -0.60 6.87 -6.37
N GLN A 58 -0.30 5.65 -6.80
CA GLN A 58 -1.13 4.49 -6.49
C GLN A 58 -0.31 3.21 -6.46
N GLY A 59 -0.17 2.64 -5.27
CA GLY A 59 0.60 1.41 -5.12
C GLY A 59 0.09 0.54 -4.00
N PHE A 60 0.56 -0.71 -3.96
CA PHE A 60 0.14 -1.64 -2.93
C PHE A 60 1.35 -2.23 -2.19
N ALA A 61 1.21 -2.37 -0.87
CA ALA A 61 2.28 -2.91 -0.06
C ALA A 61 1.76 -3.95 0.93
N ASN A 62 2.36 -5.15 0.90
CA ASN A 62 1.94 -6.22 1.79
C ASN A 62 2.76 -6.21 3.08
N PHE A 63 2.09 -5.93 4.20
CA PHE A 63 2.76 -5.88 5.49
C PHE A 63 3.17 -7.28 5.94
N VAL A 64 4.44 -7.44 6.28
CA VAL A 64 4.96 -8.73 6.73
C VAL A 64 4.25 -9.20 8.00
N LYS A 65 3.66 -8.25 8.72
CA LYS A 65 2.95 -8.56 9.95
C LYS A 65 1.53 -7.98 9.93
N LYS A 66 0.82 -8.13 11.03
CA LYS A 66 -0.54 -7.62 11.13
C LYS A 66 -0.55 -6.17 11.62
N GLN A 67 -1.07 -5.28 10.77
CA GLN A 67 -1.14 -3.85 11.11
C GLN A 67 -2.55 -3.32 10.91
N THR A 68 -2.88 -2.27 11.66
CA THR A 68 -4.20 -1.65 11.57
C THR A 68 -4.19 -0.46 10.62
N PHE A 69 -5.37 0.07 10.32
CA PHE A 69 -5.50 1.20 9.42
C PHE A 69 -4.77 2.43 9.99
N ASN A 70 -5.13 2.80 11.21
CA ASN A 70 -4.52 3.96 11.86
C ASN A 70 -3.04 3.72 12.10
N LYS A 71 -2.68 2.48 12.45
CA LYS A 71 -1.29 2.12 12.70
C LYS A 71 -0.46 2.22 11.43
N VAL A 72 -0.96 1.61 10.35
CA VAL A 72 -0.26 1.64 9.07
C VAL A 72 0.04 3.06 8.63
N LYS A 73 -0.76 4.01 9.11
CA LYS A 73 -0.58 5.42 8.77
C LYS A 73 0.74 5.94 9.32
N TRP A 74 1.36 5.15 10.19
CA TRP A 74 2.63 5.54 10.79
C TRP A 74 3.75 5.51 9.75
N TYR A 75 3.52 4.81 8.65
CA TYR A 75 4.51 4.70 7.58
C TYR A 75 4.02 5.39 6.32
N LEU A 76 2.80 5.05 5.90
CA LEU A 76 2.21 5.62 4.70
C LEU A 76 1.88 7.10 4.92
N GLY A 77 1.45 7.43 6.14
CA GLY A 77 1.11 8.80 6.45
C GLY A 77 -0.35 9.11 6.20
N ALA A 78 -0.88 10.08 6.93
CA ALA A 78 -2.28 10.47 6.79
C ALA A 78 -2.49 11.29 5.52
N ARG A 79 -1.44 11.97 5.08
CA ARG A 79 -1.52 12.79 3.87
C ARG A 79 -2.09 12.00 2.71
N CYS A 80 -1.74 10.71 2.65
CA CYS A 80 -2.22 9.85 1.58
C CYS A 80 -3.33 8.93 2.07
N HIS A 81 -4.34 8.72 1.24
CA HIS A 81 -5.47 7.86 1.59
C HIS A 81 -5.10 6.39 1.44
N ILE A 82 -5.32 5.63 2.51
CA ILE A 82 -5.01 4.20 2.50
C ILE A 82 -6.27 3.36 2.60
N GLU A 83 -6.25 2.19 1.97
CA GLU A 83 -7.40 1.30 2.00
C GLU A 83 -6.96 -0.16 1.92
N LYS A 84 -7.87 -1.07 2.25
CA LYS A 84 -7.58 -2.50 2.22
C LYS A 84 -7.59 -3.02 0.79
N ALA A 85 -6.57 -3.79 0.43
CA ALA A 85 -6.48 -4.36 -0.91
C ALA A 85 -7.19 -5.71 -0.98
N LYS A 86 -7.57 -6.10 -2.20
CA LYS A 86 -8.26 -7.37 -2.41
C LYS A 86 -7.88 -7.97 -3.76
N GLY A 87 -7.76 -9.30 -3.80
CA GLY A 87 -7.41 -9.98 -5.03
C GLY A 87 -6.14 -10.79 -4.90
N THR A 88 -5.75 -11.45 -5.98
CA THR A 88 -4.54 -12.28 -5.99
C THR A 88 -3.31 -11.42 -6.24
N ASP A 89 -2.13 -12.04 -6.15
CA ASP A 89 -0.87 -11.34 -6.37
C ASP A 89 -0.87 -10.65 -7.73
N GLN A 90 -1.40 -11.34 -8.73
CA GLN A 90 -1.46 -10.81 -10.09
C GLN A 90 -2.44 -9.65 -10.18
N GLN A 91 -3.53 -9.75 -9.42
CA GLN A 91 -4.55 -8.71 -9.42
C GLN A 91 -3.99 -7.39 -8.87
N ASN A 92 -3.18 -7.49 -7.82
CA ASN A 92 -2.57 -6.32 -7.21
C ASN A 92 -1.41 -5.81 -8.05
N LYS A 93 -0.55 -6.72 -8.48
CA LYS A 93 0.60 -6.36 -9.29
C LYS A 93 0.17 -5.74 -10.61
N GLU A 94 -0.83 -6.34 -11.25
CA GLU A 94 -1.34 -5.83 -12.52
C GLU A 94 -2.04 -4.49 -12.33
N TYR A 95 -2.72 -4.33 -11.19
CA TYR A 95 -3.42 -3.09 -10.90
C TYR A 95 -2.48 -1.90 -10.94
N CYS A 96 -1.41 -1.96 -10.14
CA CYS A 96 -0.43 -0.88 -10.09
C CYS A 96 0.20 -0.65 -11.45
N SER A 97 0.38 -1.74 -12.20
CA SER A 97 0.99 -1.67 -13.53
C SER A 97 -0.02 -1.17 -14.55
N LYS A 98 -1.29 -1.15 -14.17
CA LYS A 98 -2.36 -0.69 -15.05
C LYS A 98 -2.18 0.77 -15.41
N GLU A 99 -1.42 1.50 -14.58
CA GLU A 99 -1.17 2.91 -14.82
C GLU A 99 -0.21 3.11 -15.98
N GLY A 100 0.52 2.05 -16.33
CA GLY A 100 1.46 2.13 -17.43
C GLY A 100 2.81 2.68 -17.00
N ASN A 101 2.89 3.11 -15.74
CA ASN A 101 4.13 3.67 -15.21
C ASN A 101 4.43 3.08 -13.83
N LEU A 102 5.64 2.57 -13.67
CA LEU A 102 6.08 1.99 -12.40
C LEU A 102 6.95 2.95 -11.63
N LEU A 103 6.63 3.13 -10.34
CA LEU A 103 7.39 4.04 -9.48
C LEU A 103 8.37 3.25 -8.61
N MET A 104 8.02 2.01 -8.30
CA MET A 104 8.88 1.16 -7.48
C MET A 104 8.51 -0.31 -7.66
N GLU A 105 9.53 -1.16 -7.78
CA GLU A 105 9.31 -2.59 -7.97
C GLU A 105 10.22 -3.40 -7.03
N CYS A 106 9.62 -3.95 -5.99
CA CYS A 106 10.38 -4.75 -5.02
C CYS A 106 9.48 -5.78 -4.35
N GLY A 107 10.08 -6.61 -3.49
CA GLY A 107 9.32 -7.62 -2.80
C GLY A 107 8.98 -8.81 -3.69
N ALA A 108 8.20 -9.75 -3.16
CA ALA A 108 7.80 -10.92 -3.92
C ALA A 108 6.32 -10.88 -4.27
N PRO A 109 5.94 -11.67 -5.28
CA PRO A 109 4.54 -11.74 -5.75
C PRO A 109 3.63 -12.41 -4.74
N ARG A 110 3.27 -11.69 -3.68
CA ARG A 110 2.40 -12.22 -2.65
C ARG A 110 0.94 -12.16 -3.07
N SER A 111 0.21 -13.26 -2.84
CA SER A 111 -1.19 -13.33 -3.20
C SER A 111 -2.08 -13.33 -1.97
N GLN A 112 -3.36 -13.61 -2.16
CA GLN A 112 -4.32 -13.64 -1.06
C GLN A 112 -4.19 -14.94 -0.27
N GLY A 113 -4.41 -14.85 1.04
CA GLY A 113 -4.31 -16.02 1.88
C GLY A 113 -5.55 -16.90 1.81
N GLN A 114 -5.39 -18.16 2.20
CA GLN A 114 -6.51 -19.10 2.16
C GLN A 114 -6.71 -19.76 3.53
N ARG A 115 -7.96 -20.05 3.86
CA ARG A 115 -8.30 -20.67 5.13
C ARG A 115 -9.78 -21.04 5.20
N PRO A 1 -9.69 -11.97 40.21
CA PRO A 1 -10.66 -10.91 39.89
C PRO A 1 -10.20 -10.03 38.74
N SER A 2 -10.34 -10.53 37.53
CA SER A 2 -9.93 -9.79 36.34
C SER A 2 -10.29 -10.55 35.07
N LYS A 3 -11.21 -9.99 34.29
CA LYS A 3 -11.64 -10.61 33.04
C LYS A 3 -11.40 -9.68 31.85
N LYS A 4 -10.59 -10.14 30.91
CA LYS A 4 -10.28 -9.36 29.71
C LYS A 4 -11.11 -9.82 28.53
N ASN A 5 -12.00 -8.95 28.04
CA ASN A 5 -12.85 -9.28 26.90
C ASN A 5 -13.19 -8.02 26.11
N GLY A 6 -12.64 -7.92 24.90
CA GLY A 6 -12.91 -6.76 24.07
C GLY A 6 -13.13 -7.14 22.61
N ARG A 7 -13.93 -6.35 21.91
CA ARG A 7 -14.23 -6.60 20.51
C ARG A 7 -13.95 -5.37 19.66
N SER A 8 -14.01 -5.54 18.34
CA SER A 8 -13.75 -4.44 17.41
C SER A 8 -14.12 -4.84 15.98
N GLY A 9 -14.50 -3.85 15.18
CA GLY A 9 -14.86 -4.11 13.80
C GLY A 9 -13.66 -4.29 12.90
N PRO A 10 -12.96 -3.18 12.62
CA PRO A 10 -11.76 -3.19 11.77
C PRO A 10 -10.58 -3.88 12.43
N GLN A 11 -9.85 -4.67 11.66
CA GLN A 11 -8.69 -5.40 12.16
C GLN A 11 -7.49 -5.22 11.24
N PRO A 12 -6.29 -5.41 11.81
CA PRO A 12 -5.03 -5.28 11.06
C PRO A 12 -4.85 -6.39 10.03
N HIS A 13 -4.19 -6.07 8.92
CA HIS A 13 -3.96 -7.04 7.86
C HIS A 13 -2.53 -6.92 7.32
N LYS A 14 -2.18 -7.78 6.39
CA LYS A 14 -0.85 -7.78 5.79
C LYS A 14 -0.87 -7.15 4.40
N ARG A 15 -1.95 -6.42 4.10
CA ARG A 15 -2.09 -5.77 2.81
C ARG A 15 -2.68 -4.38 2.97
N TRP A 16 -1.98 -3.38 2.45
CA TRP A 16 -2.43 -2.00 2.54
C TRP A 16 -1.99 -1.20 1.31
N VAL A 17 -2.92 -0.41 0.76
CA VAL A 17 -2.63 0.41 -0.42
C VAL A 17 -2.60 1.89 -0.06
N PHE A 18 -1.76 2.64 -0.77
CA PHE A 18 -1.64 4.07 -0.53
C PHE A 18 -1.94 4.85 -1.81
N THR A 19 -2.56 6.02 -1.65
CA THR A 19 -2.90 6.87 -2.78
C THR A 19 -2.87 8.34 -2.40
N LEU A 20 -2.14 9.13 -3.17
CA LEU A 20 -2.02 10.57 -2.91
C LEU A 20 -2.05 11.37 -4.22
N ASN A 21 -2.79 12.47 -4.22
CA ASN A 21 -2.90 13.32 -5.40
C ASN A 21 -1.74 14.31 -5.46
N ASN A 22 -1.20 14.49 -6.66
CA ASN A 22 -0.08 15.41 -6.85
C ASN A 22 1.03 15.15 -5.84
N PRO A 23 1.67 13.98 -5.97
CA PRO A 23 2.76 13.57 -5.07
C PRO A 23 4.02 14.39 -5.31
N SER A 24 4.76 14.65 -4.22
CA SER A 24 5.99 15.42 -4.31
C SER A 24 7.19 14.51 -4.49
N GLU A 25 8.28 15.06 -5.02
CA GLU A 25 9.50 14.30 -5.26
C GLU A 25 10.04 13.74 -3.96
N ASP A 26 9.80 14.46 -2.86
CA ASP A 26 10.27 14.03 -1.55
C ASP A 26 9.41 12.88 -1.02
N GLU A 27 8.10 13.00 -1.18
CA GLU A 27 7.18 11.98 -0.71
C GLU A 27 7.37 10.67 -1.48
N ARG A 28 7.41 10.77 -2.80
CA ARG A 28 7.59 9.60 -3.65
C ARG A 28 8.92 8.91 -3.35
N LYS A 29 9.93 9.71 -3.01
CA LYS A 29 11.25 9.18 -2.71
C LYS A 29 11.24 8.43 -1.38
N LYS A 30 10.45 8.92 -0.43
CA LYS A 30 10.34 8.30 0.88
C LYS A 30 9.77 6.88 0.76
N ILE A 31 8.64 6.77 0.08
CA ILE A 31 7.99 5.48 -0.11
C ILE A 31 8.81 4.58 -1.02
N ARG A 32 9.45 5.17 -2.02
CA ARG A 32 10.27 4.42 -2.96
C ARG A 32 11.60 4.00 -2.32
N ASP A 33 11.97 4.69 -1.25
CA ASP A 33 13.21 4.38 -0.54
C ASP A 33 12.92 3.54 0.72
N LEU A 34 11.68 3.11 0.86
CA LEU A 34 11.27 2.32 2.01
C LEU A 34 11.98 0.96 2.02
N PRO A 35 12.02 0.32 3.19
CA PRO A 35 12.67 -0.98 3.36
C PRO A 35 11.90 -2.10 2.67
N ILE A 36 12.56 -2.77 1.73
CA ILE A 36 11.94 -3.87 1.00
C ILE A 36 11.73 -5.09 1.90
N SER A 37 12.65 -5.28 2.84
CA SER A 37 12.57 -6.42 3.75
C SER A 37 11.38 -6.26 4.70
N LEU A 38 10.86 -5.04 4.78
CA LEU A 38 9.72 -4.77 5.65
C LEU A 38 8.41 -5.21 5.01
N PHE A 39 8.38 -5.22 3.68
CA PHE A 39 7.20 -5.63 2.95
C PHE A 39 7.53 -6.74 1.95
N ASP A 40 6.98 -7.92 2.18
CA ASP A 40 7.22 -9.07 1.30
C ASP A 40 6.96 -8.69 -0.15
N TYR A 41 6.03 -7.77 -0.36
CA TYR A 41 5.68 -7.33 -1.70
C TYR A 41 5.51 -5.82 -1.76
N PHE A 42 6.26 -5.16 -2.65
CA PHE A 42 6.20 -3.72 -2.79
C PHE A 42 6.11 -3.33 -4.26
N ILE A 43 4.99 -2.72 -4.65
CA ILE A 43 4.79 -2.30 -6.03
C ILE A 43 4.15 -0.92 -6.09
N VAL A 44 4.86 0.04 -6.67
CA VAL A 44 4.36 1.40 -6.80
C VAL A 44 4.34 1.84 -8.26
N GLY A 45 3.33 2.63 -8.62
CA GLY A 45 3.21 3.11 -9.98
C GLY A 45 2.76 4.56 -10.05
N GLU A 46 3.06 5.22 -11.16
CA GLU A 46 2.68 6.62 -11.34
C GLU A 46 1.40 6.73 -12.15
N GLU A 47 0.48 7.57 -11.70
CA GLU A 47 -0.79 7.77 -12.40
C GLU A 47 -0.76 9.06 -13.21
N GLY A 48 -1.14 8.94 -14.48
CA GLY A 48 -1.16 10.11 -15.36
C GLY A 48 -2.12 9.94 -16.52
N ASN A 49 -3.40 10.18 -16.26
CA ASN A 49 -4.42 10.06 -17.29
C ASN A 49 -4.14 11.02 -18.46
N GLU A 50 -5.11 11.15 -19.35
CA GLU A 50 -4.97 12.03 -20.50
C GLU A 50 -4.54 13.42 -20.06
N GLU A 51 -4.17 14.26 -21.04
CA GLU A 51 -3.74 15.62 -20.76
C GLU A 51 -4.76 16.35 -19.89
N GLY A 52 -4.28 17.31 -19.11
CA GLY A 52 -5.16 18.07 -18.25
C GLY A 52 -5.25 17.49 -16.85
N ARG A 53 -4.92 16.21 -16.73
CA ARG A 53 -4.97 15.53 -15.44
C ARG A 53 -3.62 15.62 -14.73
N THR A 54 -3.67 15.89 -13.42
CA THR A 54 -2.45 16.01 -12.63
C THR A 54 -1.91 14.63 -12.23
N PRO A 55 -0.62 14.59 -11.89
CA PRO A 55 0.05 13.34 -11.49
C PRO A 55 -0.44 12.84 -10.13
N HIS A 56 -0.67 11.54 -10.03
CA HIS A 56 -1.13 10.94 -8.78
C HIS A 56 -0.34 9.69 -8.46
N LEU A 57 -0.06 9.48 -7.18
CA LEU A 57 0.70 8.32 -6.73
C LEU A 57 -0.23 7.18 -6.32
N GLN A 58 -0.07 6.03 -6.98
CA GLN A 58 -0.90 4.87 -6.69
C GLN A 58 -0.05 3.60 -6.64
N GLY A 59 0.05 3.01 -5.44
CA GLY A 59 0.83 1.80 -5.28
C GLY A 59 0.30 0.92 -4.16
N PHE A 60 0.78 -0.31 -4.11
CA PHE A 60 0.35 -1.26 -3.08
C PHE A 60 1.55 -1.91 -2.41
N ALA A 61 1.45 -2.10 -1.09
CA ALA A 61 2.53 -2.71 -0.32
C ALA A 61 1.98 -3.74 0.67
N ASN A 62 2.52 -4.94 0.62
CA ASN A 62 2.09 -6.01 1.50
C ASN A 62 2.96 -6.07 2.76
N PHE A 63 2.33 -5.81 3.90
CA PHE A 63 3.04 -5.82 5.18
C PHE A 63 3.43 -7.24 5.57
N VAL A 64 4.71 -7.43 5.90
CA VAL A 64 5.21 -8.74 6.29
C VAL A 64 4.49 -9.25 7.53
N LYS A 65 3.96 -8.34 8.33
CA LYS A 65 3.24 -8.69 9.54
C LYS A 65 1.87 -8.05 9.58
N LYS A 66 1.16 -8.22 10.69
CA LYS A 66 -0.18 -7.66 10.85
C LYS A 66 -0.11 -6.25 11.42
N GLN A 67 -0.67 -5.30 10.69
CA GLN A 67 -0.67 -3.89 11.12
C GLN A 67 -2.04 -3.27 10.92
N THR A 68 -2.34 -2.24 11.72
CA THR A 68 -3.62 -1.55 11.63
C THR A 68 -3.53 -0.34 10.72
N PHE A 69 -4.68 0.27 10.43
CA PHE A 69 -4.73 1.44 9.56
C PHE A 69 -3.93 2.60 10.17
N ASN A 70 -4.26 2.93 11.41
CA ASN A 70 -3.58 4.02 12.11
C ASN A 70 -2.09 3.74 12.25
N LYS A 71 -1.77 2.49 12.58
CA LYS A 71 -0.38 2.08 12.75
C LYS A 71 0.38 2.17 11.43
N VAL A 72 -0.20 1.60 10.37
CA VAL A 72 0.42 1.61 9.06
C VAL A 72 0.76 3.04 8.63
N LYS A 73 0.02 4.01 9.18
CA LYS A 73 0.24 5.41 8.85
C LYS A 73 1.62 5.86 9.32
N TRP A 74 2.27 5.04 10.13
CA TRP A 74 3.59 5.37 10.64
C TRP A 74 4.63 5.33 9.52
N TYR A 75 4.30 4.65 8.44
CA TYR A 75 5.21 4.54 7.30
C TYR A 75 4.64 5.28 6.08
N LEU A 76 3.39 4.99 5.75
CA LEU A 76 2.74 5.62 4.62
C LEU A 76 2.38 7.07 4.92
N GLY A 77 2.48 7.44 6.20
CA GLY A 77 2.17 8.80 6.61
C GLY A 77 0.70 9.12 6.46
N ALA A 78 0.23 10.11 7.21
CA ALA A 78 -1.17 10.52 7.16
C ALA A 78 -1.46 11.31 5.89
N ARG A 79 -0.44 11.99 5.38
CA ARG A 79 -0.58 12.79 4.17
C ARG A 79 -1.18 11.96 3.04
N CYS A 80 -0.70 10.73 2.90
CA CYS A 80 -1.17 9.84 1.85
C CYS A 80 -2.35 8.99 2.35
N HIS A 81 -3.39 8.88 1.53
CA HIS A 81 -4.57 8.11 1.88
C HIS A 81 -4.28 6.61 1.81
N ILE A 82 -4.64 5.89 2.87
CA ILE A 82 -4.43 4.46 2.92
C ILE A 82 -5.75 3.70 2.87
N GLU A 83 -5.75 2.57 2.17
CA GLU A 83 -6.96 1.75 2.04
C GLU A 83 -6.60 0.27 2.02
N LYS A 84 -7.60 -0.58 2.24
CA LYS A 84 -7.40 -2.03 2.25
C LYS A 84 -7.43 -2.59 0.84
N ALA A 85 -6.45 -3.43 0.51
CA ALA A 85 -6.38 -4.04 -0.80
C ALA A 85 -7.14 -5.36 -0.84
N LYS A 86 -7.52 -5.78 -2.05
CA LYS A 86 -8.26 -7.03 -2.22
C LYS A 86 -7.88 -7.70 -3.54
N GLY A 87 -8.09 -9.01 -3.61
CA GLY A 87 -7.77 -9.75 -4.81
C GLY A 87 -6.50 -10.57 -4.66
N THR A 88 -6.00 -11.08 -5.78
CA THR A 88 -4.78 -11.89 -5.76
C THR A 88 -3.55 -11.04 -6.08
N ASP A 89 -2.37 -11.65 -5.98
CA ASP A 89 -1.12 -10.95 -6.25
C ASP A 89 -1.15 -10.33 -7.65
N GLN A 90 -1.71 -11.06 -8.61
CA GLN A 90 -1.79 -10.57 -9.98
C GLN A 90 -2.75 -9.38 -10.08
N GLN A 91 -3.82 -9.43 -9.30
CA GLN A 91 -4.81 -8.35 -9.30
C GLN A 91 -4.19 -7.05 -8.81
N ASN A 92 -3.31 -7.14 -7.82
CA ASN A 92 -2.65 -5.96 -7.27
C ASN A 92 -1.51 -5.50 -8.18
N LYS A 93 -0.71 -6.44 -8.65
CA LYS A 93 0.41 -6.13 -9.52
C LYS A 93 -0.07 -5.50 -10.83
N GLU A 94 -1.18 -6.03 -11.36
CA GLU A 94 -1.74 -5.51 -12.61
C GLU A 94 -2.38 -4.14 -12.38
N TYR A 95 -2.98 -3.97 -11.21
CA TYR A 95 -3.63 -2.70 -10.87
C TYR A 95 -2.66 -1.53 -10.99
N CYS A 96 -1.54 -1.64 -10.29
CA CYS A 96 -0.52 -0.59 -10.31
C CYS A 96 0.09 -0.46 -11.70
N SER A 97 0.22 -1.58 -12.39
CA SER A 97 0.79 -1.59 -13.73
C SER A 97 -0.20 -1.04 -14.76
N LYS A 98 -1.46 -0.91 -14.33
CA LYS A 98 -2.51 -0.40 -15.21
C LYS A 98 -2.13 0.97 -15.78
N GLU A 99 -1.28 1.68 -15.05
CA GLU A 99 -0.83 3.01 -15.48
C GLU A 99 0.13 2.90 -16.66
N GLY A 100 0.82 1.76 -16.74
CA GLY A 100 1.77 1.56 -17.82
C GLY A 100 3.20 1.89 -17.40
N ASN A 101 3.35 2.49 -16.24
CA ASN A 101 4.66 2.87 -15.73
C ASN A 101 4.81 2.48 -14.27
N LEU A 102 5.96 1.90 -13.93
CA LEU A 102 6.24 1.47 -12.56
C LEU A 102 7.27 2.38 -11.91
N LEU A 103 6.93 2.91 -10.74
CA LEU A 103 7.83 3.79 -10.00
C LEU A 103 8.78 2.99 -9.12
N MET A 104 8.36 1.79 -8.73
CA MET A 104 9.17 0.92 -7.89
C MET A 104 8.69 -0.52 -7.98
N GLU A 105 9.64 -1.44 -8.08
CA GLU A 105 9.32 -2.86 -8.17
C GLU A 105 10.18 -3.68 -7.22
N CYS A 106 9.58 -4.13 -6.12
CA CYS A 106 10.30 -4.92 -5.13
C CYS A 106 9.43 -6.07 -4.61
N GLY A 107 10.00 -6.90 -3.75
CA GLY A 107 9.26 -8.02 -3.20
C GLY A 107 8.75 -8.97 -4.28
N ALA A 108 7.98 -9.96 -3.86
CA ALA A 108 7.42 -10.93 -4.79
C ALA A 108 5.91 -10.76 -4.93
N PRO A 109 5.36 -11.24 -6.05
CA PRO A 109 3.92 -11.16 -6.33
C PRO A 109 3.10 -12.06 -5.42
N ARG A 110 2.89 -11.61 -4.19
CA ARG A 110 2.11 -12.39 -3.22
C ARG A 110 0.90 -11.59 -2.74
N SER A 111 -0.13 -12.31 -2.31
CA SER A 111 -1.36 -11.67 -1.83
C SER A 111 -2.34 -12.72 -1.30
N GLN A 112 -1.84 -13.63 -0.47
CA GLN A 112 -2.67 -14.67 0.10
C GLN A 112 -2.02 -15.27 1.36
N GLY A 113 -2.84 -15.57 2.35
CA GLY A 113 -2.32 -16.12 3.59
C GLY A 113 -3.40 -16.79 4.41
N GLN A 114 -4.37 -17.41 3.74
CA GLN A 114 -5.47 -18.08 4.41
C GLN A 114 -5.27 -19.60 4.40
N ARG A 115 -6.27 -20.33 4.88
CA ARG A 115 -6.21 -21.78 4.91
C ARG A 115 -6.70 -22.38 3.60
N PRO A 1 -11.79 -22.01 32.02
CA PRO A 1 -11.26 -20.65 32.15
C PRO A 1 -11.89 -19.68 31.16
N SER A 2 -11.69 -18.38 31.38
CA SER A 2 -12.24 -17.36 30.51
C SER A 2 -11.23 -16.25 30.26
N LYS A 3 -11.65 -15.22 29.54
CA LYS A 3 -10.78 -14.09 29.24
C LYS A 3 -11.53 -13.03 28.42
N LYS A 4 -11.70 -11.86 29.01
CA LYS A 4 -12.39 -10.76 28.35
C LYS A 4 -11.46 -9.59 28.08
N ASN A 5 -11.56 -9.00 26.90
CA ASN A 5 -10.71 -7.87 26.52
C ASN A 5 -11.49 -6.86 25.70
N GLY A 6 -10.78 -5.88 25.16
CA GLY A 6 -11.41 -4.85 24.35
C GLY A 6 -11.56 -5.27 22.90
N ARG A 7 -12.79 -5.33 22.42
CA ARG A 7 -13.06 -5.71 21.04
C ARG A 7 -13.66 -4.56 20.25
N SER A 8 -12.94 -4.11 19.21
CA SER A 8 -13.39 -3.00 18.39
C SER A 8 -13.66 -3.47 16.96
N GLY A 9 -14.33 -2.63 16.18
CA GLY A 9 -14.64 -2.97 14.81
C GLY A 9 -13.41 -3.01 13.93
N PRO A 10 -12.83 -1.83 13.66
CA PRO A 10 -11.62 -1.70 12.83
C PRO A 10 -10.39 -2.27 13.52
N GLN A 11 -9.70 -3.19 12.83
CA GLN A 11 -8.50 -3.80 13.38
C GLN A 11 -7.34 -3.70 12.38
N PRO A 12 -6.11 -3.86 12.90
CA PRO A 12 -4.90 -3.79 12.07
C PRO A 12 -4.77 -4.99 11.14
N HIS A 13 -4.13 -4.77 9.99
CA HIS A 13 -3.95 -5.84 9.01
C HIS A 13 -2.54 -5.79 8.42
N LYS A 14 -2.23 -6.73 7.54
CA LYS A 14 -0.93 -6.80 6.90
C LYS A 14 -0.99 -6.29 5.47
N ARG A 15 -2.06 -5.56 5.15
CA ARG A 15 -2.25 -5.02 3.81
C ARG A 15 -2.81 -3.60 3.87
N TRP A 16 -2.11 -2.67 3.26
CA TRP A 16 -2.54 -1.26 3.24
C TRP A 16 -2.11 -0.58 1.95
N VAL A 17 -3.01 0.19 1.36
CA VAL A 17 -2.72 0.91 0.12
C VAL A 17 -2.59 2.40 0.38
N PHE A 18 -1.96 3.11 -0.56
CA PHE A 18 -1.76 4.54 -0.45
C PHE A 18 -2.00 5.24 -1.79
N THR A 19 -2.57 6.43 -1.74
CA THR A 19 -2.84 7.20 -2.94
C THR A 19 -2.77 8.70 -2.67
N LEU A 20 -2.00 9.41 -3.49
CA LEU A 20 -1.86 10.85 -3.34
C LEU A 20 -1.83 11.55 -4.70
N ASN A 21 -2.60 12.63 -4.82
CA ASN A 21 -2.65 13.38 -6.07
C ASN A 21 -1.50 14.36 -6.17
N ASN A 22 -0.88 14.42 -7.34
CA ASN A 22 0.25 15.32 -7.57
C ASN A 22 1.30 15.16 -6.48
N PRO A 23 1.94 13.98 -6.45
CA PRO A 23 2.99 13.68 -5.46
C PRO A 23 4.26 14.48 -5.69
N SER A 24 4.92 14.87 -4.61
CA SER A 24 6.14 15.65 -4.69
C SER A 24 7.36 14.73 -4.82
N GLU A 25 8.48 15.31 -5.26
CA GLU A 25 9.71 14.53 -5.42
C GLU A 25 10.21 14.01 -4.09
N ASP A 26 9.92 14.75 -3.02
CA ASP A 26 10.34 14.35 -1.68
C ASP A 26 9.43 13.26 -1.12
N GLU A 27 8.13 13.44 -1.30
CA GLU A 27 7.16 12.46 -0.82
C GLU A 27 7.22 11.17 -1.62
N ARG A 28 7.28 11.31 -2.94
CA ARG A 28 7.36 10.15 -3.83
C ARG A 28 8.64 9.37 -3.60
N LYS A 29 9.74 10.09 -3.37
CA LYS A 29 11.03 9.46 -3.14
C LYS A 29 11.06 8.76 -1.78
N LYS A 30 10.39 9.34 -0.80
CA LYS A 30 10.33 8.78 0.53
C LYS A 30 9.69 7.40 0.51
N ILE A 31 8.53 7.29 -0.14
CA ILE A 31 7.81 6.03 -0.24
C ILE A 31 8.61 5.02 -1.07
N ARG A 32 9.18 5.49 -2.17
CA ARG A 32 9.95 4.62 -3.05
C ARG A 32 11.28 4.22 -2.40
N ASP A 33 11.70 5.01 -1.41
CA ASP A 33 12.95 4.73 -0.71
C ASP A 33 12.68 4.01 0.61
N LEU A 34 11.43 3.60 0.80
CA LEU A 34 11.03 2.90 2.02
C LEU A 34 11.74 1.55 2.12
N PRO A 35 11.79 1.00 3.34
CA PRO A 35 12.43 -0.30 3.60
C PRO A 35 11.65 -1.47 3.01
N ILE A 36 12.28 -2.18 2.08
CA ILE A 36 11.64 -3.32 1.43
C ILE A 36 11.46 -4.47 2.42
N SER A 37 12.39 -4.61 3.34
CA SER A 37 12.33 -5.68 4.34
C SER A 37 11.16 -5.46 5.29
N LEU A 38 10.70 -4.22 5.38
CA LEU A 38 9.58 -3.88 6.25
C LEU A 38 8.27 -4.41 5.69
N PHE A 39 8.19 -4.50 4.37
CA PHE A 39 7.00 -4.99 3.70
C PHE A 39 7.32 -6.17 2.80
N ASP A 40 6.75 -7.33 3.12
CA ASP A 40 6.97 -8.55 2.34
C ASP A 40 6.68 -8.31 0.86
N TYR A 41 5.80 -7.35 0.59
CA TYR A 41 5.43 -7.03 -0.78
C TYR A 41 5.23 -5.52 -0.95
N PHE A 42 5.96 -4.94 -1.90
CA PHE A 42 5.87 -3.51 -2.16
C PHE A 42 5.75 -3.25 -3.66
N ILE A 43 4.60 -2.69 -4.07
CA ILE A 43 4.37 -2.38 -5.47
C ILE A 43 3.72 -1.01 -5.64
N VAL A 44 4.42 -0.11 -6.30
CA VAL A 44 3.91 1.24 -6.53
C VAL A 44 3.80 1.54 -8.02
N GLY A 45 2.68 2.15 -8.42
CA GLY A 45 2.48 2.48 -9.81
C GLY A 45 2.02 3.92 -10.00
N GLU A 46 2.71 4.65 -10.88
CA GLU A 46 2.38 6.04 -11.15
C GLU A 46 1.35 6.14 -12.28
N GLU A 47 0.32 6.97 -12.06
CA GLU A 47 -0.72 7.15 -13.06
C GLU A 47 -0.54 8.48 -13.80
N GLY A 48 -0.38 8.40 -15.12
CA GLY A 48 -0.20 9.59 -15.91
C GLY A 48 -0.79 9.45 -17.31
N ASN A 49 -2.11 9.55 -17.41
CA ASN A 49 -2.80 9.43 -18.68
C ASN A 49 -2.35 10.52 -19.65
N GLU A 50 -3.04 10.64 -20.77
CA GLU A 50 -2.71 11.64 -21.77
C GLU A 50 -2.81 13.05 -21.18
N GLU A 51 -2.58 14.06 -22.02
CA GLU A 51 -2.64 15.44 -21.59
C GLU A 51 -3.96 15.73 -20.87
N GLY A 52 -3.93 16.69 -19.96
CA GLY A 52 -5.12 17.05 -19.22
C GLY A 52 -5.21 16.34 -17.87
N ARG A 53 -4.47 15.25 -17.73
CA ARG A 53 -4.46 14.49 -16.50
C ARG A 53 -3.17 14.73 -15.71
N THR A 54 -3.33 14.97 -14.41
CA THR A 54 -2.18 15.22 -13.55
C THR A 54 -1.61 13.92 -12.99
N PRO A 55 -0.34 13.97 -12.56
CA PRO A 55 0.35 12.79 -12.00
C PRO A 55 -0.21 12.40 -10.64
N HIS A 56 -0.73 11.18 -10.55
CA HIS A 56 -1.30 10.67 -9.31
C HIS A 56 -0.57 9.41 -8.85
N LEU A 57 -0.35 9.29 -7.55
CA LEU A 57 0.32 8.13 -6.99
C LEU A 57 -0.67 7.06 -6.55
N GLN A 58 -0.40 5.82 -6.91
CA GLN A 58 -1.28 4.71 -6.56
C GLN A 58 -0.49 3.40 -6.46
N GLY A 59 -0.37 2.87 -5.25
CA GLY A 59 0.35 1.64 -5.04
C GLY A 59 -0.14 0.87 -3.84
N PHE A 60 0.37 -0.35 -3.67
CA PHE A 60 -0.03 -1.19 -2.54
C PHE A 60 1.19 -1.77 -1.84
N ALA A 61 1.13 -1.82 -0.51
CA ALA A 61 2.24 -2.35 0.28
C ALA A 61 1.73 -3.30 1.36
N ASN A 62 2.27 -4.51 1.38
CA ASN A 62 1.87 -5.50 2.38
C ASN A 62 2.78 -5.46 3.60
N PHE A 63 2.21 -5.07 4.74
CA PHE A 63 2.96 -4.98 5.98
C PHE A 63 3.35 -6.36 6.49
N VAL A 64 4.63 -6.55 6.79
CA VAL A 64 5.13 -7.82 7.29
C VAL A 64 4.45 -8.20 8.60
N LYS A 65 3.97 -7.21 9.32
CA LYS A 65 3.28 -7.44 10.60
C LYS A 65 1.92 -6.77 10.61
N LYS A 66 1.26 -6.81 11.76
CA LYS A 66 -0.07 -6.21 11.91
C LYS A 66 0.05 -4.74 12.31
N GLN A 67 -0.56 -3.87 11.52
CA GLN A 67 -0.53 -2.43 11.80
C GLN A 67 -1.91 -1.82 11.62
N THR A 68 -2.16 -0.73 12.35
CA THR A 68 -3.45 -0.04 12.26
C THR A 68 -3.40 1.10 11.26
N PHE A 69 -4.57 1.67 10.97
CA PHE A 69 -4.65 2.78 10.02
C PHE A 69 -3.85 3.98 10.50
N ASN A 70 -4.14 4.43 11.72
CA ASN A 70 -3.46 5.57 12.30
C ASN A 70 -1.96 5.29 12.43
N LYS A 71 -1.62 4.09 12.85
CA LYS A 71 -0.22 3.70 13.00
C LYS A 71 0.50 3.69 11.66
N VAL A 72 -0.11 3.04 10.68
CA VAL A 72 0.46 2.96 9.35
C VAL A 72 0.80 4.34 8.80
N LYS A 73 0.08 5.35 9.29
CA LYS A 73 0.30 6.72 8.86
C LYS A 73 1.69 7.21 9.25
N TRP A 74 2.35 6.44 10.11
CA TRP A 74 3.69 6.79 10.57
C TRP A 74 4.70 6.64 9.44
N TYR A 75 4.35 5.86 8.43
CA TYR A 75 5.23 5.63 7.29
C TYR A 75 4.65 6.23 6.01
N LEU A 76 3.39 5.91 5.74
CA LEU A 76 2.71 6.43 4.55
C LEU A 76 2.37 7.91 4.71
N GLY A 77 2.51 8.41 5.93
CA GLY A 77 2.21 9.80 6.20
C GLY A 77 0.73 10.13 6.05
N ALA A 78 0.29 11.18 6.74
CA ALA A 78 -1.11 11.58 6.67
C ALA A 78 -1.41 12.29 5.36
N ARG A 79 -0.41 12.93 4.79
CA ARG A 79 -0.57 13.65 3.53
C ARG A 79 -1.18 12.74 2.46
N CYS A 80 -0.71 11.50 2.41
CA CYS A 80 -1.21 10.53 1.44
C CYS A 80 -2.36 9.72 2.02
N HIS A 81 -3.44 9.61 1.25
CA HIS A 81 -4.62 8.86 1.68
C HIS A 81 -4.35 7.36 1.64
N ILE A 82 -4.59 6.69 2.76
CA ILE A 82 -4.37 5.25 2.85
C ILE A 82 -5.68 4.51 3.10
N GLU A 83 -5.80 3.31 2.56
CA GLU A 83 -6.99 2.50 2.74
C GLU A 83 -6.66 1.00 2.73
N LYS A 84 -7.60 0.19 3.20
CA LYS A 84 -7.40 -1.25 3.24
C LYS A 84 -7.56 -1.87 1.85
N ALA A 85 -6.61 -2.72 1.49
CA ALA A 85 -6.63 -3.38 0.19
C ALA A 85 -7.43 -4.69 0.25
N LYS A 86 -7.91 -5.14 -0.91
CA LYS A 86 -8.68 -6.36 -0.98
C LYS A 86 -8.29 -7.18 -2.22
N GLY A 87 -8.27 -8.50 -2.07
CA GLY A 87 -7.92 -9.37 -3.17
C GLY A 87 -6.61 -10.11 -2.94
N THR A 88 -6.01 -10.61 -4.01
CA THR A 88 -4.76 -11.34 -3.91
C THR A 88 -3.59 -10.50 -4.42
N ASP A 89 -2.38 -11.02 -4.26
CA ASP A 89 -1.18 -10.33 -4.71
C ASP A 89 -1.25 -10.01 -6.19
N GLN A 90 -1.80 -10.94 -6.98
CA GLN A 90 -1.93 -10.76 -8.42
C GLN A 90 -2.93 -9.64 -8.73
N GLN A 91 -3.98 -9.54 -7.92
CA GLN A 91 -5.00 -8.51 -8.12
C GLN A 91 -4.44 -7.13 -7.81
N ASN A 92 -3.59 -7.04 -6.79
CA ASN A 92 -3.00 -5.78 -6.39
C ASN A 92 -1.83 -5.41 -7.31
N LYS A 93 -1.05 -6.42 -7.69
CA LYS A 93 0.09 -6.21 -8.56
C LYS A 93 -0.35 -5.67 -9.92
N GLU A 94 -1.37 -6.30 -10.50
CA GLU A 94 -1.90 -5.88 -11.79
C GLU A 94 -2.63 -4.55 -11.67
N TYR A 95 -3.32 -4.36 -10.56
CA TYR A 95 -4.07 -3.13 -10.32
C TYR A 95 -3.15 -1.91 -10.38
N CYS A 96 -2.02 -2.01 -9.72
CA CYS A 96 -1.05 -0.92 -9.69
C CYS A 96 -0.42 -0.71 -11.06
N SER A 97 -0.23 -1.80 -11.80
CA SER A 97 0.37 -1.73 -13.12
C SER A 97 -0.66 -1.31 -14.16
N LYS A 98 -1.93 -1.33 -13.76
CA LYS A 98 -3.02 -0.94 -14.66
C LYS A 98 -2.82 0.48 -15.18
N GLU A 99 -2.05 1.27 -14.43
CA GLU A 99 -1.77 2.65 -14.83
C GLU A 99 -0.81 2.69 -16.01
N GLY A 100 -0.06 1.61 -16.21
CA GLY A 100 0.89 1.55 -17.30
C GLY A 100 2.24 2.10 -16.92
N ASN A 101 2.35 2.61 -15.70
CA ASN A 101 3.61 3.18 -15.21
C ASN A 101 3.92 2.67 -13.81
N LEU A 102 5.11 2.06 -13.65
CA LEU A 102 5.54 1.54 -12.36
C LEU A 102 6.49 2.50 -11.67
N LEU A 103 6.15 2.90 -10.46
CA LEU A 103 6.99 3.81 -9.70
C LEU A 103 8.02 3.04 -8.87
N MET A 104 7.64 1.85 -8.43
CA MET A 104 8.54 1.02 -7.64
C MET A 104 8.13 -0.45 -7.72
N GLU A 105 9.10 -1.33 -7.87
CA GLU A 105 8.84 -2.76 -7.96
C GLU A 105 9.76 -3.55 -7.03
N CYS A 106 9.21 -4.03 -5.92
CA CYS A 106 9.99 -4.80 -4.95
C CYS A 106 9.09 -5.75 -4.18
N GLY A 107 9.70 -6.54 -3.29
CA GLY A 107 8.94 -7.48 -2.50
C GLY A 107 8.55 -8.71 -3.28
N ALA A 108 7.94 -9.68 -2.60
CA ALA A 108 7.51 -10.92 -3.25
C ALA A 108 5.99 -11.01 -3.29
N PRO A 109 5.47 -11.84 -4.21
CA PRO A 109 4.03 -12.05 -4.37
C PRO A 109 3.41 -12.78 -3.19
N ARG A 110 2.51 -12.10 -2.48
CA ARG A 110 1.84 -12.69 -1.33
C ARG A 110 0.84 -13.76 -1.77
N SER A 111 0.57 -14.71 -0.87
CA SER A 111 -0.35 -15.79 -1.17
C SER A 111 -1.02 -16.30 0.10
N GLN A 112 -1.96 -17.23 -0.05
CA GLN A 112 -2.66 -17.80 1.08
C GLN A 112 -2.25 -19.25 1.32
N GLY A 113 -2.38 -20.07 0.28
CA GLY A 113 -2.01 -21.47 0.38
C GLY A 113 -3.02 -22.27 1.18
N GLN A 114 -4.30 -21.99 0.96
CA GLN A 114 -5.37 -22.69 1.67
C GLN A 114 -6.50 -23.06 0.71
N ARG A 115 -7.55 -23.68 1.26
CA ARG A 115 -8.69 -24.08 0.45
C ARG A 115 -9.91 -23.21 0.75
N PRO A 1 -17.48 -22.68 33.07
CA PRO A 1 -16.87 -21.39 32.75
C PRO A 1 -17.58 -20.69 31.60
N SER A 2 -17.09 -19.51 31.25
CA SER A 2 -17.68 -18.72 30.15
C SER A 2 -16.62 -17.89 29.45
N LYS A 3 -17.07 -17.01 28.55
CA LYS A 3 -16.16 -16.14 27.81
C LYS A 3 -16.70 -14.72 27.74
N LYS A 4 -16.02 -13.87 26.98
CA LYS A 4 -16.43 -12.48 26.83
C LYS A 4 -16.60 -12.13 25.35
N ASN A 5 -17.04 -10.90 25.08
CA ASN A 5 -17.25 -10.45 23.72
C ASN A 5 -17.40 -8.93 23.67
N GLY A 6 -17.14 -8.35 22.50
CA GLY A 6 -17.25 -6.91 22.35
C GLY A 6 -16.29 -6.36 21.31
N ARG A 7 -16.53 -5.12 20.88
CA ARG A 7 -15.68 -4.49 19.88
C ARG A 7 -14.66 -3.56 20.55
N SER A 8 -13.91 -2.84 19.73
CA SER A 8 -12.90 -1.92 20.25
C SER A 8 -12.46 -0.93 19.17
N GLY A 9 -12.19 -1.45 17.98
CA GLY A 9 -11.76 -0.60 16.88
C GLY A 9 -11.00 -1.35 15.82
N PRO A 10 -10.32 -0.62 14.93
CA PRO A 10 -9.54 -1.21 13.85
C PRO A 10 -8.28 -1.91 14.35
N GLN A 11 -7.96 -3.05 13.75
CA GLN A 11 -6.78 -3.82 14.14
C GLN A 11 -5.70 -3.75 13.07
N PRO A 12 -4.45 -3.93 13.49
CA PRO A 12 -3.29 -3.89 12.57
C PRO A 12 -3.26 -5.10 11.65
N HIS A 13 -2.79 -4.88 10.42
CA HIS A 13 -2.70 -5.95 9.43
C HIS A 13 -1.37 -5.89 8.69
N LYS A 14 -1.16 -6.85 7.78
CA LYS A 14 0.07 -6.90 7.02
C LYS A 14 -0.14 -6.38 5.60
N ARG A 15 -1.26 -5.68 5.40
CA ARG A 15 -1.58 -5.12 4.09
C ARG A 15 -2.09 -3.69 4.22
N TRP A 16 -1.46 -2.77 3.51
CA TRP A 16 -1.85 -1.37 3.55
C TRP A 16 -1.53 -0.67 2.23
N VAL A 17 -2.46 0.13 1.73
CA VAL A 17 -2.28 0.85 0.48
C VAL A 17 -2.14 2.34 0.72
N PHE A 18 -1.56 3.05 -0.24
CA PHE A 18 -1.37 4.49 -0.14
C PHE A 18 -1.76 5.18 -1.44
N THR A 19 -2.31 6.39 -1.32
CA THR A 19 -2.72 7.16 -2.48
C THR A 19 -2.60 8.65 -2.22
N LEU A 20 -1.92 9.36 -3.13
CA LEU A 20 -1.74 10.80 -2.99
C LEU A 20 -1.87 11.49 -4.35
N ASN A 21 -2.66 12.55 -4.38
CA ASN A 21 -2.86 13.31 -5.61
C ASN A 21 -1.72 14.30 -5.86
N ASN A 22 -1.19 14.29 -7.07
CA ASN A 22 -0.09 15.18 -7.43
C ASN A 22 1.04 15.07 -6.43
N PRO A 23 1.71 13.89 -6.42
CA PRO A 23 2.84 13.63 -5.52
C PRO A 23 4.07 14.45 -5.88
N SER A 24 4.90 14.73 -4.88
CA SER A 24 6.12 15.51 -5.09
C SER A 24 7.30 14.59 -5.37
N GLU A 25 8.33 15.14 -6.02
CA GLU A 25 9.52 14.37 -6.34
C GLU A 25 10.19 13.83 -5.08
N ASP A 26 10.04 14.57 -3.98
CA ASP A 26 10.62 14.17 -2.70
C ASP A 26 9.79 13.07 -2.05
N GLU A 27 8.49 13.29 -1.98
CA GLU A 27 7.58 12.32 -1.36
C GLU A 27 7.57 11.02 -2.16
N ARG A 28 7.43 11.14 -3.48
CA ARG A 28 7.40 9.97 -4.36
C ARG A 28 8.71 9.19 -4.25
N LYS A 29 9.82 9.90 -4.13
CA LYS A 29 11.13 9.27 -4.02
C LYS A 29 11.28 8.56 -2.69
N LYS A 30 10.70 9.13 -1.64
CA LYS A 30 10.78 8.54 -0.31
C LYS A 30 10.12 7.17 -0.29
N ILE A 31 8.91 7.09 -0.83
CA ILE A 31 8.17 5.83 -0.87
C ILE A 31 8.85 4.83 -1.80
N ARG A 32 9.32 5.31 -2.94
CA ARG A 32 10.00 4.46 -3.92
C ARG A 32 11.37 4.03 -3.40
N ASP A 33 11.90 4.79 -2.46
CA ASP A 33 13.22 4.48 -1.88
C ASP A 33 13.06 3.74 -0.55
N LEU A 34 11.83 3.34 -0.25
CA LEU A 34 11.56 2.62 1.00
C LEU A 34 12.26 1.28 1.02
N PRO A 35 12.43 0.71 2.22
CA PRO A 35 13.09 -0.59 2.41
C PRO A 35 12.25 -1.74 1.87
N ILE A 36 12.80 -2.47 0.90
CA ILE A 36 12.10 -3.60 0.30
C ILE A 36 12.00 -4.75 1.28
N SER A 37 13.02 -4.91 2.12
CA SER A 37 13.06 -5.99 3.10
C SER A 37 11.98 -5.78 4.16
N LEU A 38 11.52 -4.53 4.29
CA LEU A 38 10.48 -4.20 5.27
C LEU A 38 9.13 -4.71 4.82
N PHE A 39 8.93 -4.81 3.52
CA PHE A 39 7.67 -5.29 2.96
C PHE A 39 7.90 -6.47 2.01
N ASP A 40 7.35 -7.62 2.38
CA ASP A 40 7.49 -8.82 1.57
C ASP A 40 7.11 -8.55 0.11
N TYR A 41 6.18 -7.61 -0.07
CA TYR A 41 5.71 -7.26 -1.41
C TYR A 41 5.46 -5.76 -1.52
N PHE A 42 6.11 -5.12 -2.49
CA PHE A 42 5.97 -3.69 -2.70
C PHE A 42 5.74 -3.37 -4.18
N ILE A 43 4.57 -2.84 -4.49
CA ILE A 43 4.24 -2.49 -5.87
C ILE A 43 3.57 -1.13 -5.95
N VAL A 44 4.21 -0.19 -6.64
CA VAL A 44 3.67 1.15 -6.79
C VAL A 44 3.47 1.50 -8.27
N GLY A 45 2.37 2.18 -8.57
CA GLY A 45 2.09 2.57 -9.93
C GLY A 45 1.65 4.02 -10.05
N GLU A 46 2.21 4.73 -11.00
CA GLU A 46 1.87 6.14 -11.22
C GLU A 46 0.69 6.27 -12.18
N GLU A 47 -0.26 7.11 -11.82
CA GLU A 47 -1.45 7.33 -12.65
C GLU A 47 -1.31 8.61 -13.46
N GLY A 48 -1.74 8.56 -14.71
CA GLY A 48 -1.66 9.73 -15.57
C GLY A 48 -2.59 9.64 -16.76
N ASN A 49 -3.87 9.87 -16.52
CA ASN A 49 -4.88 9.80 -17.59
C ASN A 49 -4.59 10.85 -18.67
N GLU A 50 -5.53 11.02 -19.59
CA GLU A 50 -5.37 11.98 -20.67
C GLU A 50 -5.18 13.39 -20.12
N GLU A 51 -4.93 14.33 -21.03
CA GLU A 51 -4.72 15.73 -20.63
C GLU A 51 -5.88 16.23 -19.76
N GLY A 52 -5.57 17.18 -18.89
CA GLY A 52 -6.59 17.73 -18.00
C GLY A 52 -6.55 17.11 -16.62
N ARG A 53 -5.99 15.91 -16.52
CA ARG A 53 -5.90 15.21 -15.25
C ARG A 53 -4.47 15.23 -14.72
N THR A 54 -4.32 15.52 -13.43
CA THR A 54 -3.02 15.58 -12.80
C THR A 54 -2.51 14.18 -12.42
N PRO A 55 -1.20 14.05 -12.24
CA PRO A 55 -0.58 12.77 -11.87
C PRO A 55 -0.92 12.35 -10.44
N HIS A 56 -1.51 11.17 -10.31
CA HIS A 56 -1.88 10.65 -9.00
C HIS A 56 -1.08 9.40 -8.66
N LEU A 57 -0.65 9.29 -7.41
CA LEU A 57 0.13 8.15 -6.95
C LEU A 57 -0.76 7.09 -6.33
N GLN A 58 -0.58 5.84 -6.73
CA GLN A 58 -1.37 4.74 -6.21
C GLN A 58 -0.57 3.45 -6.18
N GLY A 59 -0.25 2.97 -4.97
CA GLY A 59 0.53 1.75 -4.84
C GLY A 59 0.12 0.95 -3.62
N PHE A 60 0.53 -0.31 -3.59
CA PHE A 60 0.20 -1.19 -2.47
C PHE A 60 1.46 -1.85 -1.91
N ALA A 61 1.54 -1.97 -0.59
CA ALA A 61 2.69 -2.58 0.06
C ALA A 61 2.24 -3.51 1.19
N ASN A 62 2.82 -4.72 1.21
CA ASN A 62 2.47 -5.69 2.24
C ASN A 62 3.50 -5.67 3.37
N PHE A 63 3.05 -5.25 4.56
CA PHE A 63 3.92 -5.18 5.72
C PHE A 63 4.34 -6.58 6.18
N VAL A 64 5.64 -6.78 6.34
CA VAL A 64 6.17 -8.07 6.78
C VAL A 64 5.61 -8.45 8.15
N LYS A 65 5.20 -7.45 8.92
CA LYS A 65 4.65 -7.68 10.25
C LYS A 65 3.30 -6.99 10.40
N LYS A 66 2.75 -7.03 11.62
CA LYS A 66 1.46 -6.42 11.90
C LYS A 66 1.64 -4.96 12.31
N GLN A 67 0.97 -4.06 11.59
CA GLN A 67 1.05 -2.63 11.89
C GLN A 67 -0.34 -2.00 11.86
N THR A 68 -0.51 -0.94 12.65
CA THR A 68 -1.78 -0.23 12.70
C THR A 68 -1.83 0.89 11.69
N PHE A 69 -3.02 1.47 11.51
CA PHE A 69 -3.21 2.57 10.57
C PHE A 69 -2.35 3.77 10.95
N ASN A 70 -2.50 4.23 12.19
CA ASN A 70 -1.75 5.37 12.69
C ASN A 70 -0.25 5.08 12.67
N LYS A 71 0.12 3.86 13.05
CA LYS A 71 1.52 3.46 13.07
C LYS A 71 2.11 3.43 11.66
N VAL A 72 1.40 2.77 10.75
CA VAL A 72 1.85 2.68 9.37
C VAL A 72 2.13 4.06 8.78
N LYS A 73 1.45 5.07 9.33
CA LYS A 73 1.61 6.44 8.86
C LYS A 73 3.04 6.93 9.11
N TRP A 74 3.79 6.18 9.90
CA TRP A 74 5.17 6.54 10.21
C TRP A 74 6.06 6.39 8.98
N TYR A 75 5.60 5.62 8.01
CA TYR A 75 6.35 5.40 6.78
C TYR A 75 5.64 6.02 5.58
N LEU A 76 4.35 5.71 5.44
CA LEU A 76 3.56 6.24 4.35
C LEU A 76 3.26 7.73 4.54
N GLY A 77 3.54 8.22 5.75
CA GLY A 77 3.29 9.61 6.05
C GLY A 77 1.81 9.95 6.07
N ALA A 78 1.47 11.00 6.81
CA ALA A 78 0.08 11.43 6.92
C ALA A 78 -0.37 12.15 5.65
N ARG A 79 0.57 12.76 4.96
CA ARG A 79 0.28 13.48 3.72
C ARG A 79 -0.47 12.59 2.73
N CYS A 80 -0.04 11.34 2.64
CA CYS A 80 -0.66 10.39 1.74
C CYS A 80 -1.76 9.60 2.44
N HIS A 81 -2.89 9.45 1.77
CA HIS A 81 -4.03 8.71 2.34
C HIS A 81 -3.75 7.21 2.34
N ILE A 82 -3.99 6.57 3.48
CA ILE A 82 -3.78 5.13 3.61
C ILE A 82 -5.10 4.39 3.78
N GLU A 83 -5.18 3.21 3.20
CA GLU A 83 -6.40 2.39 3.29
C GLU A 83 -6.06 0.90 3.25
N LYS A 84 -7.02 0.08 3.65
CA LYS A 84 -6.82 -1.37 3.66
C LYS A 84 -7.04 -1.96 2.26
N ALA A 85 -6.13 -2.81 1.83
CA ALA A 85 -6.22 -3.44 0.52
C ALA A 85 -7.05 -4.72 0.59
N LYS A 86 -7.59 -5.13 -0.55
CA LYS A 86 -8.41 -6.34 -0.62
C LYS A 86 -8.10 -7.13 -1.89
N GLY A 87 -8.14 -8.46 -1.78
CA GLY A 87 -7.86 -9.31 -2.92
C GLY A 87 -6.55 -10.05 -2.78
N THR A 88 -6.05 -10.59 -3.90
CA THR A 88 -4.80 -11.34 -3.90
C THR A 88 -3.66 -10.49 -4.46
N ASP A 89 -2.45 -11.03 -4.39
CA ASP A 89 -1.27 -10.33 -4.89
C ASP A 89 -1.45 -9.95 -6.35
N GLN A 90 -2.03 -10.85 -7.13
CA GLN A 90 -2.27 -10.61 -8.55
C GLN A 90 -3.27 -9.48 -8.75
N GLN A 91 -4.26 -9.40 -7.87
CA GLN A 91 -5.29 -8.38 -7.95
C GLN A 91 -4.70 -7.00 -7.69
N ASN A 92 -3.79 -6.91 -6.72
CA ASN A 92 -3.15 -5.65 -6.37
C ASN A 92 -2.05 -5.32 -7.37
N LYS A 93 -1.30 -6.33 -7.80
CA LYS A 93 -0.22 -6.14 -8.75
C LYS A 93 -0.75 -5.60 -10.07
N GLU A 94 -1.82 -6.21 -10.58
CA GLU A 94 -2.41 -5.78 -11.84
C GLU A 94 -3.13 -4.44 -11.68
N TYR A 95 -3.73 -4.23 -10.51
CA TYR A 95 -4.44 -2.99 -10.23
C TYR A 95 -3.50 -1.80 -10.28
N CYS A 96 -2.37 -1.92 -9.59
CA CYS A 96 -1.38 -0.86 -9.56
C CYS A 96 -0.81 -0.58 -10.95
N SER A 97 -0.68 -1.64 -11.75
CA SER A 97 -0.15 -1.53 -13.10
C SER A 97 -1.24 -1.09 -14.07
N LYS A 98 -2.49 -1.16 -13.62
CA LYS A 98 -3.62 -0.78 -14.46
C LYS A 98 -3.51 0.67 -14.90
N GLU A 99 -2.71 1.45 -14.17
CA GLU A 99 -2.52 2.86 -14.50
C GLU A 99 -1.65 3.01 -15.74
N GLY A 100 -1.01 1.92 -16.15
CA GLY A 100 -0.16 1.96 -17.33
C GLY A 100 1.23 2.50 -17.02
N ASN A 101 1.44 2.91 -15.77
CA ASN A 101 2.72 3.46 -15.35
C ASN A 101 3.17 2.86 -14.03
N LEU A 102 4.36 2.30 -14.00
CA LEU A 102 4.91 1.70 -12.79
C LEU A 102 5.97 2.59 -12.15
N LEU A 103 5.72 2.99 -10.90
CA LEU A 103 6.66 3.84 -10.18
C LEU A 103 7.72 3.01 -9.48
N MET A 104 7.30 1.90 -8.89
CA MET A 104 8.23 1.02 -8.19
C MET A 104 7.78 -0.44 -8.29
N GLU A 105 8.73 -1.33 -8.55
CA GLU A 105 8.43 -2.75 -8.67
C GLU A 105 9.45 -3.60 -7.90
N CYS A 106 9.03 -4.11 -6.76
CA CYS A 106 9.89 -4.93 -5.92
C CYS A 106 9.08 -5.90 -5.06
N GLY A 107 9.77 -6.73 -4.30
CA GLY A 107 9.10 -7.69 -3.45
C GLY A 107 8.88 -9.02 -4.13
N ALA A 108 8.23 -9.95 -3.43
CA ALA A 108 7.95 -11.27 -3.98
C ALA A 108 6.47 -11.46 -4.23
N PRO A 109 6.13 -12.43 -5.10
CA PRO A 109 4.74 -12.73 -5.45
C PRO A 109 3.98 -13.38 -4.30
N ARG A 110 3.17 -12.58 -3.61
CA ARG A 110 2.39 -13.07 -2.48
C ARG A 110 1.28 -14.00 -2.95
N SER A 111 0.84 -14.90 -2.07
CA SER A 111 -0.21 -15.85 -2.40
C SER A 111 -1.22 -15.95 -1.28
N GLN A 112 -2.43 -16.42 -1.60
CA GLN A 112 -3.49 -16.55 -0.62
C GLN A 112 -3.56 -17.98 -0.09
N GLY A 113 -4.25 -18.17 1.03
CA GLY A 113 -4.39 -19.49 1.62
C GLY A 113 -5.42 -19.53 2.72
N GLN A 114 -5.71 -20.73 3.22
CA GLN A 114 -6.69 -20.91 4.28
C GLN A 114 -6.04 -20.74 5.66
N ARG A 115 -4.77 -21.09 5.75
CA ARG A 115 -4.03 -20.98 7.00
C ARG A 115 -2.68 -20.32 6.79
N PRO A 1 -21.28 -14.70 38.92
CA PRO A 1 -20.79 -15.25 37.65
C PRO A 1 -19.63 -14.44 37.08
N SER A 2 -18.40 -14.91 37.33
CA SER A 2 -17.21 -14.22 36.85
C SER A 2 -16.83 -14.71 35.46
N LYS A 3 -16.42 -13.78 34.60
CA LYS A 3 -16.03 -14.11 33.24
C LYS A 3 -15.14 -13.02 32.64
N LYS A 4 -14.45 -13.34 31.56
CA LYS A 4 -13.56 -12.39 30.90
C LYS A 4 -13.97 -12.20 29.44
N ASN A 5 -13.70 -11.01 28.91
CA ASN A 5 -14.03 -10.70 27.53
C ASN A 5 -13.13 -9.59 26.99
N GLY A 6 -13.39 -9.16 25.76
CA GLY A 6 -12.60 -8.12 25.15
C GLY A 6 -13.45 -7.12 24.38
N ARG A 7 -12.83 -6.47 23.40
CA ARG A 7 -13.53 -5.47 22.59
C ARG A 7 -13.19 -5.64 21.11
N SER A 8 -14.13 -5.30 20.24
CA SER A 8 -13.93 -5.41 18.80
C SER A 8 -13.34 -4.12 18.24
N GLY A 9 -13.30 -4.03 16.91
CA GLY A 9 -12.76 -2.84 16.27
C GLY A 9 -11.74 -3.18 15.19
N PRO A 10 -11.03 -2.14 14.70
CA PRO A 10 -10.02 -2.31 13.66
C PRO A 10 -8.77 -3.04 14.17
N GLN A 11 -8.19 -3.88 13.33
CA GLN A 11 -7.00 -4.63 13.70
C GLN A 11 -5.92 -4.49 12.64
N PRO A 12 -4.65 -4.65 13.06
CA PRO A 12 -3.50 -4.55 12.16
C PRO A 12 -3.42 -5.71 11.18
N HIS A 13 -2.91 -5.44 9.98
CA HIS A 13 -2.78 -6.47 8.96
C HIS A 13 -1.43 -6.37 8.26
N LYS A 14 -1.18 -7.28 7.32
CA LYS A 14 0.08 -7.30 6.57
C LYS A 14 -0.12 -6.74 5.18
N ARG A 15 -1.21 -6.00 4.98
CA ARG A 15 -1.51 -5.41 3.68
C ARG A 15 -2.08 -4.01 3.85
N TRP A 16 -1.46 -3.03 3.19
CA TRP A 16 -1.91 -1.65 3.26
C TRP A 16 -1.62 -0.90 1.96
N VAL A 17 -2.59 -0.14 1.48
CA VAL A 17 -2.43 0.63 0.26
C VAL A 17 -2.32 2.12 0.54
N PHE A 18 -1.71 2.85 -0.38
CA PHE A 18 -1.54 4.29 -0.23
C PHE A 18 -1.89 5.02 -1.53
N THR A 19 -2.47 6.21 -1.39
CA THR A 19 -2.85 7.01 -2.55
C THR A 19 -2.77 8.50 -2.24
N LEU A 20 -2.08 9.24 -3.10
CA LEU A 20 -1.92 10.68 -2.92
C LEU A 20 -2.02 11.41 -4.26
N ASN A 21 -2.91 12.40 -4.31
CA ASN A 21 -3.10 13.18 -5.53
C ASN A 21 -1.99 14.22 -5.70
N ASN A 22 -1.44 14.30 -6.91
CA ASN A 22 -0.37 15.25 -7.20
C ASN A 22 0.76 15.12 -6.18
N PRO A 23 1.46 13.97 -6.21
CA PRO A 23 2.57 13.70 -5.30
C PRO A 23 3.79 14.57 -5.60
N SER A 24 4.58 14.85 -4.57
CA SER A 24 5.78 15.66 -4.72
C SER A 24 7.00 14.80 -5.01
N GLU A 25 8.03 15.41 -5.57
CA GLU A 25 9.26 14.69 -5.89
C GLU A 25 9.91 14.11 -4.64
N ASP A 26 9.70 14.78 -3.51
CA ASP A 26 10.25 14.33 -2.25
C ASP A 26 9.42 13.19 -1.66
N GLU A 27 8.11 13.38 -1.61
CA GLU A 27 7.21 12.37 -1.08
C GLU A 27 7.23 11.11 -1.94
N ARG A 28 7.08 11.30 -3.25
CA ARG A 28 7.08 10.18 -4.18
C ARG A 28 8.40 9.41 -4.12
N LYS A 29 9.50 10.14 -3.97
CA LYS A 29 10.82 9.54 -3.90
C LYS A 29 11.00 8.78 -2.58
N LYS A 30 10.41 9.32 -1.52
CA LYS A 30 10.50 8.70 -0.20
C LYS A 30 9.89 7.30 -0.22
N ILE A 31 8.67 7.20 -0.74
CA ILE A 31 7.97 5.91 -0.82
C ILE A 31 8.69 4.96 -1.77
N ARG A 32 9.14 5.49 -2.90
CA ARG A 32 9.84 4.68 -3.89
C ARG A 32 11.23 4.29 -3.40
N ASP A 33 11.74 5.03 -2.43
CA ASP A 33 13.05 4.76 -1.85
C ASP A 33 12.92 3.99 -0.55
N LEU A 34 11.72 3.54 -0.24
CA LEU A 34 11.46 2.78 0.98
C LEU A 34 12.19 1.44 0.95
N PRO A 35 12.38 0.85 2.15
CA PRO A 35 13.06 -0.44 2.28
C PRO A 35 12.23 -1.60 1.72
N ILE A 36 12.78 -2.28 0.71
CA ILE A 36 12.08 -3.40 0.10
C ILE A 36 12.01 -4.59 1.04
N SER A 37 13.04 -4.75 1.86
CA SER A 37 13.10 -5.86 2.82
C SER A 37 12.02 -5.69 3.89
N LEU A 38 11.55 -4.46 4.07
CA LEU A 38 10.52 -4.17 5.06
C LEU A 38 9.16 -4.68 4.60
N PHE A 39 8.97 -4.75 3.28
CA PHE A 39 7.71 -5.23 2.72
C PHE A 39 7.96 -6.38 1.75
N ASP A 40 7.43 -7.55 2.09
CA ASP A 40 7.59 -8.74 1.25
C ASP A 40 7.18 -8.43 -0.18
N TYR A 41 6.25 -7.51 -0.36
CA TYR A 41 5.76 -7.14 -1.68
C TYR A 41 5.53 -5.62 -1.77
N PHE A 42 6.17 -5.00 -2.75
CA PHE A 42 6.04 -3.55 -2.95
C PHE A 42 5.78 -3.23 -4.42
N ILE A 43 4.61 -2.70 -4.70
CA ILE A 43 4.24 -2.33 -6.07
C ILE A 43 3.54 -0.98 -6.11
N VAL A 44 4.16 -0.03 -6.79
CA VAL A 44 3.59 1.31 -6.92
C VAL A 44 3.35 1.68 -8.38
N GLY A 45 2.25 2.38 -8.64
CA GLY A 45 1.94 2.78 -9.99
C GLY A 45 1.65 4.27 -10.11
N GLU A 46 2.07 4.87 -11.22
CA GLU A 46 1.86 6.30 -11.44
C GLU A 46 0.86 6.52 -12.57
N GLU A 47 -0.09 7.42 -12.34
CA GLU A 47 -1.11 7.73 -13.34
C GLU A 47 -1.16 9.23 -13.62
N GLY A 48 -0.74 9.61 -14.82
CA GLY A 48 -0.74 11.02 -15.20
C GLY A 48 -0.52 11.22 -16.68
N ASN A 49 -1.04 10.30 -17.49
CA ASN A 49 -0.89 10.38 -18.94
C ASN A 49 -2.14 10.98 -19.57
N GLU A 50 -2.70 11.99 -18.91
CA GLU A 50 -3.89 12.66 -19.42
C GLU A 50 -3.82 14.16 -19.17
N GLU A 51 -3.60 14.92 -20.24
CA GLU A 51 -3.50 16.37 -20.15
C GLU A 51 -4.74 16.95 -19.47
N GLY A 52 -4.55 18.04 -18.74
CA GLY A 52 -5.65 18.68 -18.04
C GLY A 52 -5.78 18.22 -16.61
N ARG A 53 -5.20 17.06 -16.31
CA ARG A 53 -5.25 16.51 -14.96
C ARG A 53 -3.85 16.24 -14.42
N THR A 54 -3.68 16.37 -13.11
CA THR A 54 -2.39 16.16 -12.48
C THR A 54 -2.18 14.68 -12.19
N PRO A 55 -0.90 14.29 -12.01
CA PRO A 55 -0.53 12.90 -11.71
C PRO A 55 -0.96 12.47 -10.32
N HIS A 56 -1.48 11.25 -10.21
CA HIS A 56 -1.93 10.72 -8.93
C HIS A 56 -1.14 9.47 -8.56
N LEU A 57 -0.85 9.32 -7.27
CA LEU A 57 -0.10 8.16 -6.79
C LEU A 57 -1.04 7.06 -6.31
N GLN A 58 -0.77 5.84 -6.75
CA GLN A 58 -1.59 4.69 -6.37
C GLN A 58 -0.78 3.40 -6.39
N GLY A 59 -0.55 2.83 -5.22
CA GLY A 59 0.21 1.61 -5.12
C GLY A 59 -0.16 0.78 -3.91
N PHE A 60 0.37 -0.43 -3.83
CA PHE A 60 0.09 -1.32 -2.70
C PHE A 60 1.38 -1.90 -2.14
N ALA A 61 1.44 -2.01 -0.81
CA ALA A 61 2.62 -2.55 -0.14
C ALA A 61 2.23 -3.54 0.94
N ASN A 62 2.78 -4.75 0.87
CA ASN A 62 2.49 -5.79 1.84
C ASN A 62 3.48 -5.75 3.00
N PHE A 63 2.98 -5.44 4.19
CA PHE A 63 3.81 -5.37 5.38
C PHE A 63 4.28 -6.76 5.81
N VAL A 64 5.59 -6.91 5.99
CA VAL A 64 6.17 -8.18 6.40
C VAL A 64 5.61 -8.63 7.75
N LYS A 65 5.16 -7.66 8.55
CA LYS A 65 4.61 -7.95 9.86
C LYS A 65 3.23 -7.33 10.02
N LYS A 66 2.67 -7.43 11.22
CA LYS A 66 1.36 -6.88 11.51
C LYS A 66 1.47 -5.43 11.99
N GLN A 67 0.81 -4.53 11.28
CA GLN A 67 0.83 -3.12 11.63
C GLN A 67 -0.58 -2.51 11.57
N THR A 68 -0.80 -1.46 12.34
CA THR A 68 -2.08 -0.79 12.37
C THR A 68 -2.13 0.38 11.39
N PHE A 69 -3.32 0.96 11.22
CA PHE A 69 -3.49 2.09 10.30
C PHE A 69 -2.65 3.28 10.76
N ASN A 70 -2.83 3.68 12.02
CA ASN A 70 -2.08 4.80 12.57
C ASN A 70 -0.59 4.53 12.55
N LYS A 71 -0.20 3.32 12.90
CA LYS A 71 1.20 2.93 12.92
C LYS A 71 1.80 2.96 11.52
N VAL A 72 1.10 2.32 10.57
CA VAL A 72 1.56 2.28 9.19
C VAL A 72 1.82 3.68 8.65
N LYS A 73 1.15 4.67 9.23
CA LYS A 73 1.30 6.05 8.81
C LYS A 73 2.72 6.55 9.08
N TRP A 74 3.47 5.77 9.86
CA TRP A 74 4.85 6.12 10.19
C TRP A 74 5.75 6.05 8.96
N TYR A 75 5.30 5.31 7.96
CA TYR A 75 6.06 5.15 6.72
C TYR A 75 5.35 5.81 5.55
N LEU A 76 4.07 5.49 5.39
CA LEU A 76 3.27 6.06 4.31
C LEU A 76 2.96 7.53 4.58
N GLY A 77 3.19 7.97 5.81
CA GLY A 77 2.92 9.35 6.17
C GLY A 77 1.44 9.67 6.17
N ALA A 78 1.06 10.69 6.94
CA ALA A 78 -0.34 11.09 7.02
C ALA A 78 -0.76 11.85 5.77
N ARG A 79 0.19 12.50 5.11
CA ARG A 79 -0.08 13.25 3.90
C ARG A 79 -0.80 12.38 2.87
N CYS A 80 -0.35 11.14 2.73
CA CYS A 80 -0.95 10.20 1.79
C CYS A 80 -2.04 9.37 2.45
N HIS A 81 -3.16 9.21 1.76
CA HIS A 81 -4.29 8.45 2.28
C HIS A 81 -3.99 6.96 2.24
N ILE A 82 -4.24 6.27 3.35
CA ILE A 82 -4.00 4.84 3.45
C ILE A 82 -5.31 4.07 3.57
N GLU A 83 -5.34 2.88 2.95
CA GLU A 83 -6.54 2.04 2.99
C GLU A 83 -6.16 0.57 3.03
N LYS A 84 -7.13 -0.27 3.37
CA LYS A 84 -6.90 -1.72 3.44
C LYS A 84 -7.04 -2.35 2.06
N ALA A 85 -6.08 -3.19 1.70
CA ALA A 85 -6.10 -3.87 0.41
C ALA A 85 -6.86 -5.19 0.50
N LYS A 86 -7.34 -5.66 -0.65
CA LYS A 86 -8.08 -6.92 -0.71
C LYS A 86 -7.78 -7.67 -2.00
N GLY A 87 -7.85 -8.99 -1.94
CA GLY A 87 -7.59 -9.81 -3.11
C GLY A 87 -6.27 -10.55 -3.01
N THR A 88 -5.66 -10.84 -4.16
CA THR A 88 -4.40 -11.56 -4.20
C THR A 88 -3.29 -10.68 -4.79
N ASP A 89 -2.07 -11.20 -4.76
CA ASP A 89 -0.92 -10.46 -5.29
C ASP A 89 -1.17 -10.04 -6.74
N GLN A 90 -1.80 -10.92 -7.50
CA GLN A 90 -2.09 -10.63 -8.90
C GLN A 90 -3.15 -9.53 -9.02
N GLN A 91 -4.10 -9.52 -8.10
CA GLN A 91 -5.16 -8.53 -8.11
C GLN A 91 -4.60 -7.13 -7.83
N ASN A 92 -3.67 -7.05 -6.88
CA ASN A 92 -3.05 -5.79 -6.51
C ASN A 92 -1.98 -5.39 -7.52
N LYS A 93 -1.23 -6.37 -8.00
CA LYS A 93 -0.18 -6.12 -8.98
C LYS A 93 -0.75 -5.55 -10.27
N GLU A 94 -1.82 -6.18 -10.77
CA GLU A 94 -2.46 -5.74 -11.99
C GLU A 94 -3.21 -4.43 -11.77
N TYR A 95 -3.79 -4.27 -10.59
CA TYR A 95 -4.53 -3.06 -10.25
C TYR A 95 -3.65 -1.83 -10.42
N CYS A 96 -2.46 -1.87 -9.85
CA CYS A 96 -1.52 -0.76 -9.94
C CYS A 96 -1.03 -0.57 -11.37
N SER A 97 -0.86 -1.67 -12.08
CA SER A 97 -0.39 -1.64 -13.47
C SER A 97 -1.51 -1.19 -14.41
N LYS A 98 -2.73 -1.18 -13.89
CA LYS A 98 -3.89 -0.78 -14.70
C LYS A 98 -3.69 0.62 -15.27
N GLU A 99 -2.85 1.42 -14.61
CA GLU A 99 -2.58 2.78 -15.06
C GLU A 99 -1.71 2.77 -16.31
N GLY A 100 -0.96 1.68 -16.50
CA GLY A 100 -0.09 1.57 -17.66
C GLY A 100 1.32 2.03 -17.36
N ASN A 101 1.51 2.66 -16.21
CA ASN A 101 2.83 3.16 -15.81
C ASN A 101 3.12 2.81 -14.36
N LEU A 102 4.24 2.11 -14.15
CA LEU A 102 4.64 1.72 -12.81
C LEU A 102 5.72 2.66 -12.25
N LEU A 103 5.50 3.13 -11.04
CA LEU A 103 6.44 4.04 -10.40
C LEU A 103 7.52 3.26 -9.65
N MET A 104 7.20 2.04 -9.25
CA MET A 104 8.14 1.19 -8.54
C MET A 104 7.72 -0.28 -8.62
N GLU A 105 8.71 -1.14 -8.86
CA GLU A 105 8.45 -2.58 -8.97
C GLU A 105 9.46 -3.38 -8.17
N CYS A 106 9.03 -3.90 -7.03
CA CYS A 106 9.91 -4.68 -6.16
C CYS A 106 9.11 -5.68 -5.33
N GLY A 107 9.81 -6.49 -4.55
CA GLY A 107 9.14 -7.47 -3.71
C GLY A 107 9.01 -8.82 -4.40
N ALA A 108 8.38 -9.77 -3.70
CA ALA A 108 8.19 -11.10 -4.25
C ALA A 108 6.71 -11.37 -4.55
N PRO A 109 6.45 -12.35 -5.43
CA PRO A 109 5.09 -12.72 -5.82
C PRO A 109 4.33 -13.39 -4.69
N ARG A 110 3.48 -12.63 -4.01
CA ARG A 110 2.69 -13.15 -2.91
C ARG A 110 1.61 -14.11 -3.41
N SER A 111 1.19 -15.03 -2.55
CA SER A 111 0.16 -16.00 -2.91
C SER A 111 -0.34 -16.74 -1.67
N GLN A 112 -1.63 -17.08 -1.68
CA GLN A 112 -2.23 -17.79 -0.56
C GLN A 112 -2.12 -19.30 -0.75
N GLY A 113 -2.55 -19.79 -1.91
CA GLY A 113 -2.48 -21.21 -2.19
C GLY A 113 -3.85 -21.86 -2.19
N GLN A 114 -4.08 -22.75 -1.23
CA GLN A 114 -5.35 -23.45 -1.12
C GLN A 114 -6.14 -22.95 0.09
N ARG A 115 -6.62 -21.72 0.01
CA ARG A 115 -7.40 -21.12 1.09
C ARG A 115 -6.63 -21.19 2.41
N PRO A 1 -15.47 -13.43 38.51
CA PRO A 1 -14.17 -12.93 38.07
C PRO A 1 -14.29 -11.62 37.28
N SER A 2 -15.49 -11.34 36.79
CA SER A 2 -15.74 -10.15 36.01
C SER A 2 -14.84 -10.10 34.77
N LYS A 3 -14.60 -11.26 34.18
CA LYS A 3 -13.75 -11.37 33.01
C LYS A 3 -14.48 -10.82 31.77
N LYS A 4 -14.42 -9.50 31.59
CA LYS A 4 -15.06 -8.85 30.45
C LYS A 4 -14.02 -8.22 29.52
N ASN A 5 -13.69 -8.92 28.45
CA ASN A 5 -12.72 -8.42 27.48
C ASN A 5 -13.41 -7.65 26.35
N GLY A 6 -12.68 -6.73 25.73
CA GLY A 6 -13.23 -5.94 24.65
C GLY A 6 -13.07 -6.62 23.30
N ARG A 7 -13.70 -6.06 22.28
CA ARG A 7 -13.62 -6.61 20.92
C ARG A 7 -13.74 -5.50 19.88
N SER A 8 -12.62 -4.86 19.57
CA SER A 8 -12.60 -3.79 18.59
C SER A 8 -13.00 -4.31 17.21
N GLY A 9 -13.38 -3.39 16.33
CA GLY A 9 -13.78 -3.76 14.98
C GLY A 9 -12.61 -3.89 14.05
N PRO A 10 -12.01 -2.74 13.68
CA PRO A 10 -10.86 -2.70 12.77
C PRO A 10 -9.59 -3.28 13.41
N GLN A 11 -8.93 -4.17 12.68
CA GLN A 11 -7.71 -4.80 13.17
C GLN A 11 -6.58 -4.64 12.17
N PRO A 12 -5.33 -4.80 12.65
CA PRO A 12 -4.13 -4.69 11.81
C PRO A 12 -4.02 -5.84 10.82
N HIS A 13 -3.44 -5.55 9.66
CA HIS A 13 -3.25 -6.57 8.62
C HIS A 13 -1.86 -6.46 8.00
N LYS A 14 -1.57 -7.36 7.06
CA LYS A 14 -0.28 -7.38 6.39
C LYS A 14 -0.39 -6.80 4.98
N ARG A 15 -1.48 -6.08 4.73
CA ARG A 15 -1.70 -5.47 3.43
C ARG A 15 -2.29 -4.08 3.57
N TRP A 16 -1.64 -3.09 2.97
CA TRP A 16 -2.09 -1.71 3.04
C TRP A 16 -1.71 -0.95 1.77
N VAL A 17 -2.66 -0.17 1.23
CA VAL A 17 -2.42 0.60 0.03
C VAL A 17 -2.30 2.09 0.34
N PHE A 18 -1.72 2.84 -0.59
CA PHE A 18 -1.55 4.28 -0.40
C PHE A 18 -1.88 5.03 -1.68
N THR A 19 -2.48 6.21 -1.53
CA THR A 19 -2.86 7.03 -2.68
C THR A 19 -2.82 8.51 -2.33
N LEU A 20 -2.13 9.29 -3.15
CA LEU A 20 -2.03 10.73 -2.93
C LEU A 20 -2.12 11.50 -4.24
N ASN A 21 -2.87 12.59 -4.23
CA ASN A 21 -3.04 13.41 -5.43
C ASN A 21 -1.89 14.42 -5.57
N ASN A 22 -1.39 14.57 -6.79
CA ASN A 22 -0.29 15.49 -7.06
C ASN A 22 0.85 15.27 -6.08
N PRO A 23 1.49 14.09 -6.17
CA PRO A 23 2.61 13.72 -5.31
C PRO A 23 3.87 14.54 -5.62
N SER A 24 4.64 14.85 -4.58
CA SER A 24 5.86 15.63 -4.74
C SER A 24 7.06 14.71 -4.92
N GLU A 25 8.13 15.26 -5.51
CA GLU A 25 9.33 14.48 -5.75
C GLU A 25 9.86 13.89 -4.45
N ASP A 26 9.60 14.57 -3.34
CA ASP A 26 10.04 14.11 -2.03
C ASP A 26 9.14 12.99 -1.51
N GLU A 27 7.84 13.16 -1.71
CA GLU A 27 6.86 12.17 -1.26
C GLU A 27 7.10 10.83 -1.96
N ARG A 28 7.22 10.86 -3.28
CA ARG A 28 7.45 9.65 -4.05
C ARG A 28 8.82 9.07 -3.77
N LYS A 29 9.81 9.94 -3.57
CA LYS A 29 11.17 9.51 -3.29
C LYS A 29 11.24 8.77 -1.95
N LYS A 30 10.54 9.30 -0.96
CA LYS A 30 10.52 8.70 0.37
C LYS A 30 9.92 7.30 0.33
N ILE A 31 8.73 7.19 -0.26
CA ILE A 31 8.04 5.91 -0.38
C ILE A 31 8.82 4.95 -1.28
N ARG A 32 9.37 5.48 -2.37
CA ARG A 32 10.13 4.67 -3.31
C ARG A 32 11.47 4.27 -2.72
N ASP A 33 11.92 5.02 -1.71
CA ASP A 33 13.19 4.74 -1.05
C ASP A 33 12.97 3.95 0.23
N LEU A 34 11.74 3.51 0.45
CA LEU A 34 11.39 2.75 1.64
C LEU A 34 12.12 1.41 1.65
N PRO A 35 12.22 0.79 2.84
CA PRO A 35 12.88 -0.50 3.02
C PRO A 35 12.08 -1.64 2.39
N ILE A 36 12.69 -2.31 1.41
CA ILE A 36 12.04 -3.42 0.73
C ILE A 36 11.91 -4.62 1.65
N SER A 37 12.88 -4.80 2.54
CA SER A 37 12.88 -5.92 3.48
C SER A 37 11.75 -5.76 4.49
N LEU A 38 11.27 -4.54 4.65
CA LEU A 38 10.19 -4.25 5.60
C LEU A 38 8.85 -4.77 5.06
N PHE A 39 8.72 -4.81 3.73
CA PHE A 39 7.50 -5.28 3.10
C PHE A 39 7.80 -6.43 2.14
N ASP A 40 7.24 -7.60 2.44
CA ASP A 40 7.44 -8.78 1.61
C ASP A 40 7.12 -8.48 0.15
N TYR A 41 6.22 -7.52 -0.07
CA TYR A 41 5.81 -7.14 -1.41
C TYR A 41 5.60 -5.62 -1.52
N PHE A 42 6.30 -5.00 -2.46
CA PHE A 42 6.19 -3.56 -2.66
C PHE A 42 6.02 -3.23 -4.14
N ILE A 43 4.85 -2.67 -4.49
CA ILE A 43 4.57 -2.30 -5.87
C ILE A 43 3.91 -0.93 -5.94
N VAL A 44 4.59 0.01 -6.59
CA VAL A 44 4.06 1.37 -6.74
C VAL A 44 3.90 1.73 -8.21
N GLY A 45 2.95 2.62 -8.49
CA GLY A 45 2.70 3.04 -9.86
C GLY A 45 2.18 4.46 -9.95
N GLU A 46 2.78 5.26 -10.83
CA GLU A 46 2.38 6.65 -11.01
C GLU A 46 1.31 6.77 -12.09
N GLU A 47 0.26 7.53 -11.80
CA GLU A 47 -0.82 7.73 -12.75
C GLU A 47 -0.69 9.08 -13.46
N GLY A 48 -0.75 9.04 -14.79
CA GLY A 48 -0.62 10.26 -15.56
C GLY A 48 -1.26 10.15 -16.94
N ASN A 49 -2.58 10.30 -16.98
CA ASN A 49 -3.32 10.20 -18.24
C ASN A 49 -2.86 11.27 -19.22
N GLU A 50 -3.59 11.42 -20.32
CA GLU A 50 -3.25 12.41 -21.33
C GLU A 50 -3.19 13.82 -20.73
N GLU A 51 -2.82 14.79 -21.55
CA GLU A 51 -2.72 16.17 -21.09
C GLU A 51 -4.02 16.62 -20.41
N GLY A 52 -3.89 17.47 -19.40
CA GLY A 52 -5.06 17.95 -18.69
C GLY A 52 -5.26 17.26 -17.37
N ARG A 53 -4.64 16.09 -17.21
CA ARG A 53 -4.76 15.33 -15.98
C ARG A 53 -3.50 15.47 -15.13
N THR A 54 -3.70 15.70 -13.84
CA THR A 54 -2.57 15.86 -12.91
C THR A 54 -2.04 14.52 -12.46
N PRO A 55 -0.79 14.50 -11.99
CA PRO A 55 -0.13 13.29 -11.50
C PRO A 55 -0.73 12.77 -10.20
N HIS A 56 -0.86 11.45 -10.09
CA HIS A 56 -1.42 10.83 -8.89
C HIS A 56 -0.66 9.57 -8.52
N LEU A 57 -0.42 9.38 -7.23
CA LEU A 57 0.30 8.20 -6.75
C LEU A 57 -0.67 7.10 -6.35
N GLN A 58 -0.39 5.88 -6.81
CA GLN A 58 -1.24 4.74 -6.49
C GLN A 58 -0.43 3.45 -6.47
N GLY A 59 -0.28 2.86 -5.29
CA GLY A 59 0.48 1.63 -5.17
C GLY A 59 0.03 0.79 -3.98
N PHE A 60 0.58 -0.41 -3.87
CA PHE A 60 0.23 -1.32 -2.78
C PHE A 60 1.48 -1.90 -2.14
N ALA A 61 1.46 -2.02 -0.81
CA ALA A 61 2.59 -2.55 -0.07
C ALA A 61 2.13 -3.56 0.98
N ASN A 62 2.69 -4.76 0.93
CA ASN A 62 2.33 -5.81 1.89
C ASN A 62 3.29 -5.82 3.08
N PHE A 63 2.77 -5.50 4.25
CA PHE A 63 3.58 -5.46 5.46
C PHE A 63 4.00 -6.86 5.87
N VAL A 64 5.28 -7.04 6.15
CA VAL A 64 5.82 -8.34 6.55
C VAL A 64 5.17 -8.81 7.85
N LYS A 65 4.68 -7.86 8.64
CA LYS A 65 4.05 -8.19 9.91
C LYS A 65 2.67 -7.53 10.00
N LYS A 66 2.03 -7.65 11.17
CA LYS A 66 0.71 -7.08 11.39
C LYS A 66 0.84 -5.62 11.85
N GLN A 67 0.20 -4.72 11.11
CA GLN A 67 0.23 -3.30 11.44
C GLN A 67 -1.17 -2.68 11.36
N THR A 68 -1.39 -1.65 12.16
CA THR A 68 -2.69 -0.98 12.19
C THR A 68 -2.70 0.21 11.22
N PHE A 69 -3.89 0.76 10.99
CA PHE A 69 -4.04 1.90 10.10
C PHE A 69 -3.25 3.10 10.61
N ASN A 70 -3.52 3.50 11.84
CA ASN A 70 -2.83 4.64 12.44
C ASN A 70 -1.32 4.38 12.53
N LYS A 71 -0.95 3.16 12.87
CA LYS A 71 0.45 2.78 12.98
C LYS A 71 1.14 2.85 11.62
N VAL A 72 0.52 2.24 10.62
CA VAL A 72 1.08 2.24 9.27
C VAL A 72 1.36 3.66 8.80
N LYS A 73 0.64 4.62 9.35
CA LYS A 73 0.80 6.01 8.98
C LYS A 73 2.19 6.52 9.36
N TRP A 74 2.90 5.73 10.16
CA TRP A 74 4.25 6.08 10.59
C TRP A 74 5.23 6.01 9.44
N TYR A 75 4.87 5.27 8.40
CA TYR A 75 5.72 5.12 7.22
C TYR A 75 5.09 5.77 6.01
N LEU A 76 3.83 5.44 5.75
CA LEU A 76 3.11 5.98 4.61
C LEU A 76 2.75 7.45 4.84
N GLY A 77 2.91 7.90 6.08
CA GLY A 77 2.60 9.28 6.43
C GLY A 77 1.12 9.58 6.34
N ALA A 78 0.68 10.59 7.09
CA ALA A 78 -0.72 10.97 7.09
C ALA A 78 -1.09 11.73 5.82
N ARG A 79 -0.10 12.41 5.24
CA ARG A 79 -0.32 13.18 4.02
C ARG A 79 -0.95 12.30 2.94
N CYS A 80 -0.46 11.09 2.80
CA CYS A 80 -0.98 10.15 1.80
C CYS A 80 -2.11 9.30 2.39
N HIS A 81 -3.22 9.21 1.66
CA HIS A 81 -4.36 8.43 2.10
C HIS A 81 -4.08 6.93 1.97
N ILE A 82 -4.26 6.20 3.07
CA ILE A 82 -4.03 4.77 3.07
C ILE A 82 -5.32 4.00 3.33
N GLU A 83 -5.43 2.82 2.72
CA GLU A 83 -6.62 1.99 2.88
C GLU A 83 -6.26 0.51 2.78
N LYS A 84 -7.18 -0.35 3.23
CA LYS A 84 -6.96 -1.79 3.20
C LYS A 84 -7.18 -2.33 1.79
N ALA A 85 -6.24 -3.16 1.33
CA ALA A 85 -6.33 -3.75 0.00
C ALA A 85 -7.10 -5.06 0.04
N LYS A 86 -7.63 -5.46 -1.11
CA LYS A 86 -8.39 -6.70 -1.21
C LYS A 86 -8.02 -7.48 -2.47
N GLY A 87 -7.97 -8.80 -2.37
CA GLY A 87 -7.62 -9.63 -3.49
C GLY A 87 -6.31 -10.36 -3.30
N THR A 88 -5.77 -10.91 -4.38
CA THR A 88 -4.50 -11.63 -4.32
C THR A 88 -3.36 -10.78 -4.84
N ASP A 89 -2.13 -11.30 -4.72
CA ASP A 89 -0.95 -10.59 -5.19
C ASP A 89 -1.10 -10.20 -6.66
N GLN A 90 -1.65 -11.10 -7.45
CA GLN A 90 -1.83 -10.86 -8.88
C GLN A 90 -2.85 -9.75 -9.11
N GLN A 91 -3.86 -9.69 -8.26
CA GLN A 91 -4.89 -8.66 -8.37
C GLN A 91 -4.34 -7.30 -8.02
N ASN A 92 -3.45 -7.24 -7.04
CA ASN A 92 -2.85 -5.99 -6.61
C ASN A 92 -1.73 -5.57 -7.56
N LYS A 93 -0.92 -6.53 -7.99
CA LYS A 93 0.18 -6.26 -8.90
C LYS A 93 -0.35 -5.72 -10.23
N GLU A 94 -1.37 -6.37 -10.77
CA GLU A 94 -1.96 -5.95 -12.04
C GLU A 94 -2.74 -4.64 -11.87
N TYR A 95 -3.45 -4.52 -10.75
CA TYR A 95 -4.23 -3.32 -10.48
C TYR A 95 -3.35 -2.07 -10.50
N CYS A 96 -2.18 -2.17 -9.87
CA CYS A 96 -1.25 -1.05 -9.82
C CYS A 96 -0.66 -0.77 -11.20
N SER A 97 -0.46 -1.82 -11.98
CA SER A 97 0.09 -1.68 -13.33
C SER A 97 -0.98 -1.24 -14.32
N LYS A 98 -2.24 -1.31 -13.89
CA LYS A 98 -3.36 -0.92 -14.73
C LYS A 98 -3.21 0.52 -15.20
N GLU A 99 -2.43 1.30 -14.47
CA GLU A 99 -2.20 2.70 -14.81
C GLU A 99 -1.30 2.81 -16.04
N GLY A 100 -0.56 1.75 -16.33
CA GLY A 100 0.33 1.75 -17.47
C GLY A 100 1.67 2.38 -17.17
N ASN A 101 1.81 2.90 -15.94
CA ASN A 101 3.05 3.53 -15.53
C ASN A 101 3.54 2.97 -14.20
N LEU A 102 4.76 2.46 -14.18
CA LEU A 102 5.34 1.89 -12.97
C LEU A 102 6.34 2.85 -12.33
N LEU A 103 6.22 3.05 -11.02
CA LEU A 103 7.12 3.94 -10.30
C LEU A 103 8.16 3.15 -9.51
N MET A 104 7.73 2.03 -8.93
CA MET A 104 8.63 1.18 -8.15
C MET A 104 8.21 -0.28 -8.26
N GLU A 105 9.20 -1.15 -8.43
CA GLU A 105 8.94 -2.58 -8.55
C GLU A 105 9.91 -3.38 -7.68
N CYS A 106 9.40 -3.91 -6.57
CA CYS A 106 10.21 -4.69 -5.65
C CYS A 106 9.37 -5.68 -4.88
N GLY A 107 10.01 -6.49 -4.04
CA GLY A 107 9.29 -7.48 -3.26
C GLY A 107 9.15 -8.80 -3.97
N ALA A 108 8.51 -9.77 -3.31
CA ALA A 108 8.31 -11.08 -3.90
C ALA A 108 6.84 -11.32 -4.21
N PRO A 109 6.57 -12.28 -5.12
CA PRO A 109 5.21 -12.64 -5.52
C PRO A 109 4.43 -13.34 -4.41
N ARG A 110 3.53 -12.60 -3.77
CA ARG A 110 2.72 -13.15 -2.70
C ARG A 110 1.70 -14.15 -3.23
N SER A 111 1.29 -15.08 -2.37
CA SER A 111 0.32 -16.09 -2.76
C SER A 111 -0.54 -16.50 -1.57
N GLN A 112 -1.86 -16.39 -1.74
CA GLN A 112 -2.80 -16.74 -0.67
C GLN A 112 -2.88 -18.25 -0.51
N GLY A 113 -3.29 -18.94 -1.56
CA GLY A 113 -3.41 -20.38 -1.51
C GLY A 113 -4.80 -20.84 -1.10
N GLN A 114 -5.58 -21.30 -2.08
CA GLN A 114 -6.93 -21.77 -1.82
C GLN A 114 -6.98 -23.29 -1.71
N ARG A 115 -7.60 -23.78 -0.64
CA ARG A 115 -7.71 -25.22 -0.43
C ARG A 115 -6.33 -25.85 -0.28
N PRO A 1 -4.85 -15.19 35.76
CA PRO A 1 -4.48 -14.91 34.36
C PRO A 1 -5.44 -13.93 33.70
N SER A 2 -5.12 -13.56 32.45
CA SER A 2 -5.95 -12.63 31.71
C SER A 2 -6.54 -13.29 30.47
N LYS A 3 -7.87 -13.23 30.35
CA LYS A 3 -8.57 -13.82 29.22
C LYS A 3 -9.26 -12.75 28.38
N LYS A 4 -9.23 -12.92 27.06
CA LYS A 4 -9.86 -11.97 26.15
C LYS A 4 -10.88 -12.68 25.25
N ASN A 5 -11.47 -11.91 24.33
CA ASN A 5 -12.46 -12.46 23.41
C ASN A 5 -12.43 -11.73 22.07
N GLY A 6 -13.32 -12.11 21.17
CA GLY A 6 -13.37 -11.48 19.87
C GLY A 6 -13.67 -9.99 19.96
N ARG A 7 -13.35 -9.26 18.89
CA ARG A 7 -13.58 -7.82 18.86
C ARG A 7 -14.34 -7.42 17.59
N SER A 8 -15.22 -6.45 17.73
CA SER A 8 -16.02 -5.98 16.60
C SER A 8 -15.41 -4.72 15.99
N GLY A 9 -15.96 -4.29 14.85
CA GLY A 9 -15.44 -3.11 14.18
C GLY A 9 -14.25 -3.41 13.31
N PRO A 10 -13.57 -2.34 12.83
CA PRO A 10 -12.39 -2.47 11.98
C PRO A 10 -11.19 -3.03 12.72
N GLN A 11 -10.40 -3.87 12.04
CA GLN A 11 -9.22 -4.46 12.64
C GLN A 11 -8.01 -4.34 11.72
N PRO A 12 -6.81 -4.48 12.29
CA PRO A 12 -5.55 -4.37 11.54
C PRO A 12 -5.35 -5.56 10.60
N HIS A 13 -4.66 -5.32 9.49
CA HIS A 13 -4.40 -6.38 8.51
C HIS A 13 -2.96 -6.29 8.01
N LYS A 14 -2.60 -7.23 7.14
CA LYS A 14 -1.25 -7.26 6.58
C LYS A 14 -1.24 -6.74 5.15
N ARG A 15 -2.30 -6.02 4.77
CA ARG A 15 -2.41 -5.47 3.43
C ARG A 15 -3.02 -4.06 3.47
N TRP A 16 -2.30 -3.10 2.91
CA TRP A 16 -2.76 -1.71 2.89
C TRP A 16 -2.28 -1.01 1.63
N VAL A 17 -3.18 -0.26 1.00
CA VAL A 17 -2.85 0.48 -0.21
C VAL A 17 -2.77 1.97 0.06
N PHE A 18 -2.10 2.70 -0.84
CA PHE A 18 -1.96 4.15 -0.70
C PHE A 18 -2.20 4.85 -2.04
N THR A 19 -2.80 6.03 -1.98
CA THR A 19 -3.09 6.81 -3.17
C THR A 19 -3.05 8.31 -2.88
N LEU A 20 -2.28 9.04 -3.70
CA LEU A 20 -2.16 10.48 -3.52
C LEU A 20 -2.14 11.18 -4.87
N ASN A 21 -2.86 12.30 -4.96
CA ASN A 21 -2.93 13.07 -6.21
C ASN A 21 -1.78 14.07 -6.29
N ASN A 22 -1.13 14.14 -7.44
CA ASN A 22 -0.02 15.05 -7.64
C ASN A 22 1.01 14.91 -6.52
N PRO A 23 1.68 13.76 -6.47
CA PRO A 23 2.71 13.47 -5.46
C PRO A 23 3.96 14.30 -5.66
N SER A 24 4.62 14.65 -4.56
CA SER A 24 5.84 15.45 -4.61
C SER A 24 7.07 14.56 -4.66
N GLU A 25 8.18 15.11 -5.16
CA GLU A 25 9.42 14.36 -5.26
C GLU A 25 9.89 13.90 -3.89
N ASP A 26 9.55 14.67 -2.86
CA ASP A 26 9.95 14.35 -1.49
C ASP A 26 9.07 13.23 -0.94
N GLU A 27 7.76 13.39 -1.08
CA GLU A 27 6.82 12.38 -0.58
C GLU A 27 7.00 11.06 -1.30
N ARG A 28 7.05 11.11 -2.64
CA ARG A 28 7.21 9.91 -3.44
C ARG A 28 8.53 9.21 -3.11
N LYS A 29 9.55 10.00 -2.79
CA LYS A 29 10.86 9.46 -2.45
C LYS A 29 10.82 8.75 -1.11
N LYS A 30 10.04 9.30 -0.18
CA LYS A 30 9.91 8.72 1.15
C LYS A 30 9.33 7.31 1.08
N ILE A 31 8.21 7.17 0.39
CA ILE A 31 7.57 5.87 0.24
C ILE A 31 8.44 4.90 -0.53
N ARG A 32 9.09 5.41 -1.58
CA ARG A 32 9.96 4.59 -2.41
C ARG A 32 11.25 4.24 -1.66
N ASP A 33 11.57 5.04 -0.66
CA ASP A 33 12.78 4.82 0.14
C ASP A 33 12.46 4.05 1.41
N LEU A 34 11.23 3.56 1.51
CA LEU A 34 10.79 2.80 2.67
C LEU A 34 11.52 1.46 2.75
N PRO A 35 11.52 0.86 3.95
CA PRO A 35 12.17 -0.44 4.18
C PRO A 35 11.44 -1.59 3.50
N ILE A 36 12.13 -2.25 2.58
CA ILE A 36 11.53 -3.37 1.86
C ILE A 36 11.31 -4.57 2.79
N SER A 37 12.22 -4.75 3.74
CA SER A 37 12.11 -5.86 4.69
C SER A 37 10.87 -5.70 5.56
N LEU A 38 10.39 -4.47 5.69
CA LEU A 38 9.21 -4.19 6.49
C LEU A 38 7.94 -4.71 5.81
N PHE A 39 7.98 -4.77 4.49
CA PHE A 39 6.83 -5.25 3.72
C PHE A 39 7.24 -6.40 2.79
N ASP A 40 6.71 -7.58 3.07
CA ASP A 40 7.02 -8.76 2.26
C ASP A 40 6.77 -8.49 0.79
N TYR A 41 5.84 -7.58 0.50
CA TYR A 41 5.50 -7.23 -0.88
C TYR A 41 5.32 -5.73 -1.03
N PHE A 42 6.07 -5.15 -1.95
CA PHE A 42 6.00 -3.71 -2.19
C PHE A 42 5.91 -3.41 -3.69
N ILE A 43 4.79 -2.85 -4.12
CA ILE A 43 4.58 -2.52 -5.52
C ILE A 43 3.92 -1.16 -5.67
N VAL A 44 4.62 -0.23 -6.31
CA VAL A 44 4.10 1.12 -6.52
C VAL A 44 4.11 1.48 -8.00
N GLY A 45 3.00 2.06 -8.47
CA GLY A 45 2.91 2.44 -9.87
C GLY A 45 2.44 3.89 -10.04
N GLU A 46 3.05 4.58 -11.00
CA GLU A 46 2.69 5.97 -11.25
C GLU A 46 1.60 6.07 -12.31
N GLU A 47 0.60 6.89 -12.05
CA GLU A 47 -0.52 7.07 -12.98
C GLU A 47 -0.58 8.52 -13.47
N GLY A 48 -0.19 8.73 -14.73
CA GLY A 48 -0.22 10.06 -15.30
C GLY A 48 0.18 10.07 -16.75
N ASN A 49 -0.75 9.71 -17.63
CA ASN A 49 -0.48 9.67 -19.07
C ASN A 49 -1.49 10.54 -19.82
N GLU A 50 -1.94 11.61 -19.18
CA GLU A 50 -2.90 12.53 -19.79
C GLU A 50 -2.38 13.96 -19.77
N GLU A 51 -1.98 14.46 -20.94
CA GLU A 51 -1.46 15.81 -21.06
C GLU A 51 -2.43 16.82 -20.46
N GLY A 52 -1.89 17.82 -19.78
CA GLY A 52 -2.73 18.84 -19.17
C GLY A 52 -3.10 18.50 -17.75
N ARG A 53 -2.93 17.24 -17.37
CA ARG A 53 -3.25 16.79 -16.02
C ARG A 53 -1.97 16.46 -15.24
N THR A 54 -2.11 16.36 -13.92
CA THR A 54 -0.98 16.06 -13.06
C THR A 54 -0.89 14.57 -12.75
N PRO A 55 0.30 14.11 -12.35
CA PRO A 55 0.53 12.71 -12.03
C PRO A 55 -0.17 12.29 -10.74
N HIS A 56 -0.34 10.99 -10.55
CA HIS A 56 -1.00 10.45 -9.36
C HIS A 56 -0.29 9.19 -8.87
N LEU A 57 -0.17 9.06 -7.55
CA LEU A 57 0.49 7.89 -6.97
C LEU A 57 -0.54 6.82 -6.61
N GLN A 58 -0.24 5.58 -6.98
CA GLN A 58 -1.13 4.47 -6.69
C GLN A 58 -0.37 3.15 -6.61
N GLY A 59 -0.29 2.59 -5.41
CA GLY A 59 0.42 1.34 -5.22
C GLY A 59 -0.11 0.55 -4.04
N PHE A 60 0.44 -0.65 -3.84
CA PHE A 60 0.03 -1.51 -2.74
C PHE A 60 1.24 -2.05 -1.99
N ALA A 61 1.13 -2.14 -0.67
CA ALA A 61 2.20 -2.65 0.17
C ALA A 61 1.68 -3.64 1.20
N ASN A 62 2.27 -4.84 1.21
CA ASN A 62 1.86 -5.88 2.14
C ASN A 62 2.68 -5.81 3.44
N PHE A 63 1.99 -5.48 4.53
CA PHE A 63 2.65 -5.37 5.83
C PHE A 63 3.02 -6.75 6.37
N VAL A 64 4.29 -6.92 6.71
CA VAL A 64 4.78 -8.19 7.23
C VAL A 64 4.07 -8.56 8.53
N LYS A 65 3.54 -7.54 9.21
CA LYS A 65 2.83 -7.75 10.47
C LYS A 65 1.43 -7.14 10.42
N LYS A 66 0.72 -7.20 11.54
CA LYS A 66 -0.63 -6.65 11.62
C LYS A 66 -0.60 -5.20 12.07
N GLN A 67 -1.16 -4.31 11.25
CA GLN A 67 -1.20 -2.89 11.57
C GLN A 67 -2.59 -2.32 11.29
N THR A 68 -2.92 -1.23 11.99
CA THR A 68 -4.21 -0.58 11.81
C THR A 68 -4.12 0.58 10.83
N PHE A 69 -5.26 1.15 10.48
CA PHE A 69 -5.31 2.26 9.55
C PHE A 69 -4.54 3.46 10.09
N ASN A 70 -4.89 3.88 11.29
CA ASN A 70 -4.24 5.02 11.92
C ASN A 70 -2.75 4.75 12.13
N LYS A 71 -2.44 3.53 12.56
CA LYS A 71 -1.05 3.14 12.80
C LYS A 71 -0.25 3.15 11.50
N VAL A 72 -0.80 2.51 10.47
CA VAL A 72 -0.14 2.45 9.17
C VAL A 72 0.23 3.85 8.67
N LYS A 73 -0.53 4.84 9.13
CA LYS A 73 -0.29 6.23 8.73
C LYS A 73 1.06 6.71 9.22
N TRP A 74 1.68 5.93 10.12
CA TRP A 74 2.98 6.28 10.66
C TRP A 74 4.07 6.15 9.61
N TYR A 75 3.78 5.39 8.56
CA TYR A 75 4.75 5.19 7.48
C TYR A 75 4.25 5.82 6.18
N LEU A 76 3.01 5.50 5.81
CA LEU A 76 2.42 6.04 4.59
C LEU A 76 2.13 7.53 4.74
N GLY A 77 1.62 7.91 5.91
CA GLY A 77 1.30 9.31 6.16
C GLY A 77 -0.16 9.62 5.91
N ALA A 78 -0.67 10.64 6.61
CA ALA A 78 -2.06 11.04 6.46
C ALA A 78 -2.28 11.80 5.15
N ARG A 79 -1.22 12.45 4.66
CA ARG A 79 -1.29 13.21 3.42
C ARG A 79 -1.87 12.35 2.29
N CYS A 80 -1.49 11.09 2.27
CA CYS A 80 -1.97 10.17 1.24
C CYS A 80 -3.09 9.29 1.78
N HIS A 81 -4.13 9.11 0.98
CA HIS A 81 -5.27 8.29 1.38
C HIS A 81 -4.92 6.80 1.31
N ILE A 82 -5.15 6.11 2.42
CA ILE A 82 -4.86 4.68 2.49
C ILE A 82 -6.13 3.87 2.72
N GLU A 83 -6.17 2.67 2.15
CA GLU A 83 -7.32 1.80 2.28
C GLU A 83 -6.91 0.33 2.25
N LYS A 84 -7.81 -0.55 2.69
CA LYS A 84 -7.53 -1.98 2.70
C LYS A 84 -7.62 -2.57 1.30
N ALA A 85 -6.63 -3.37 0.92
CA ALA A 85 -6.61 -4.00 -0.39
C ALA A 85 -7.38 -5.30 -0.39
N LYS A 86 -7.82 -5.73 -1.57
CA LYS A 86 -8.58 -6.97 -1.71
C LYS A 86 -8.13 -7.74 -2.95
N GLY A 87 -8.15 -9.06 -2.85
CA GLY A 87 -7.74 -9.91 -3.96
C GLY A 87 -6.46 -10.67 -3.68
N THR A 88 -6.04 -11.49 -4.63
CA THR A 88 -4.83 -12.28 -4.48
C THR A 88 -3.59 -11.46 -4.85
N ASP A 89 -2.41 -12.06 -4.63
CA ASP A 89 -1.16 -11.38 -4.94
C ASP A 89 -1.14 -10.90 -6.39
N GLN A 90 -1.65 -11.74 -7.29
CA GLN A 90 -1.69 -11.40 -8.71
C GLN A 90 -2.67 -10.27 -8.98
N GLN A 91 -3.78 -10.27 -8.23
CA GLN A 91 -4.80 -9.24 -8.39
C GLN A 91 -4.27 -7.87 -7.97
N ASN A 92 -3.45 -7.86 -6.92
CA ASN A 92 -2.87 -6.62 -6.42
C ASN A 92 -1.74 -6.14 -7.31
N LYS A 93 -0.88 -7.05 -7.72
CA LYS A 93 0.24 -6.72 -8.59
C LYS A 93 -0.25 -6.18 -9.93
N GLU A 94 -1.25 -6.84 -10.51
CA GLU A 94 -1.81 -6.43 -11.78
C GLU A 94 -2.61 -5.14 -11.64
N TYR A 95 -3.27 -5.00 -10.50
CA TYR A 95 -4.08 -3.81 -10.24
C TYR A 95 -3.24 -2.54 -10.35
N CYS A 96 -2.09 -2.54 -9.70
CA CYS A 96 -1.18 -1.39 -9.73
C CYS A 96 -0.59 -1.21 -11.12
N SER A 97 -0.34 -2.32 -11.80
CA SER A 97 0.24 -2.29 -13.13
C SER A 97 -0.76 -1.74 -14.16
N LYS A 98 -2.01 -1.63 -13.73
CA LYS A 98 -3.07 -1.12 -14.60
C LYS A 98 -2.72 0.27 -15.13
N GLU A 99 -1.84 0.96 -14.41
CA GLU A 99 -1.41 2.29 -14.81
C GLU A 99 -0.50 2.25 -16.03
N GLY A 100 0.13 1.08 -16.24
CA GLY A 100 1.02 0.92 -17.37
C GLY A 100 2.41 1.46 -17.10
N ASN A 101 2.59 2.06 -15.93
CA ASN A 101 3.88 2.62 -15.54
C ASN A 101 4.23 2.23 -14.11
N LEU A 102 5.40 1.61 -13.94
CA LEU A 102 5.85 1.18 -12.63
C LEU A 102 6.74 2.25 -11.99
N LEU A 103 6.50 2.52 -10.71
CA LEU A 103 7.28 3.51 -9.99
C LEU A 103 8.27 2.85 -9.02
N MET A 104 7.95 1.62 -8.63
CA MET A 104 8.80 0.87 -7.71
C MET A 104 8.45 -0.62 -7.74
N GLU A 105 9.48 -1.46 -7.76
CA GLU A 105 9.28 -2.91 -7.79
C GLU A 105 10.14 -3.59 -6.73
N CYS A 106 9.48 -4.04 -5.67
CA CYS A 106 10.18 -4.72 -4.57
C CYS A 106 9.30 -5.79 -3.94
N GLY A 107 9.85 -6.53 -2.99
CA GLY A 107 9.10 -7.57 -2.33
C GLY A 107 8.69 -8.68 -3.27
N ALA A 108 8.03 -9.70 -2.74
CA ALA A 108 7.58 -10.83 -3.54
C ALA A 108 6.06 -10.82 -3.70
N PRO A 109 5.57 -11.51 -4.75
CA PRO A 109 4.13 -11.60 -5.03
C PRO A 109 3.39 -12.45 -3.99
N ARG A 110 3.03 -11.82 -2.88
CA ARG A 110 2.31 -12.52 -1.81
C ARG A 110 0.97 -11.86 -1.54
N SER A 111 0.00 -12.65 -1.09
CA SER A 111 -1.33 -12.15 -0.80
C SER A 111 -1.67 -12.34 0.68
N GLN A 112 -2.92 -12.09 1.03
CA GLN A 112 -3.38 -12.23 2.40
C GLN A 112 -3.02 -13.62 2.95
N GLY A 113 -3.23 -14.64 2.14
CA GLY A 113 -2.93 -16.00 2.55
C GLY A 113 -4.14 -16.71 3.13
N GLN A 114 -5.08 -17.08 2.27
CA GLN A 114 -6.28 -17.77 2.70
C GLN A 114 -6.00 -19.25 2.96
N ARG A 115 -5.39 -19.91 1.99
CA ARG A 115 -5.06 -21.32 2.11
C ARG A 115 -3.55 -21.54 1.99
N PRO A 1 -9.22 -10.83 36.99
CA PRO A 1 -10.10 -11.52 36.05
C PRO A 1 -10.74 -10.58 35.05
N SER A 2 -10.70 -10.96 33.77
CA SER A 2 -11.28 -10.14 32.71
C SER A 2 -12.23 -10.96 31.84
N LYS A 3 -13.22 -10.29 31.26
CA LYS A 3 -14.19 -10.96 30.41
C LYS A 3 -14.59 -10.07 29.24
N LYS A 4 -14.06 -10.38 28.06
CA LYS A 4 -14.35 -9.61 26.86
C LYS A 4 -14.90 -10.50 25.76
N ASN A 5 -16.08 -10.15 25.24
CA ASN A 5 -16.71 -10.93 24.17
C ASN A 5 -18.03 -10.28 23.75
N GLY A 6 -17.98 -9.53 22.66
CA GLY A 6 -19.19 -8.87 22.17
C GLY A 6 -19.02 -8.37 20.74
N ARG A 7 -18.48 -7.18 20.60
CA ARG A 7 -18.28 -6.58 19.28
C ARG A 7 -16.89 -6.93 18.73
N SER A 8 -16.54 -6.31 17.61
CA SER A 8 -15.25 -6.56 16.98
C SER A 8 -14.78 -5.34 16.19
N GLY A 9 -13.73 -4.68 16.68
CA GLY A 9 -13.21 -3.52 16.00
C GLY A 9 -12.16 -3.86 14.97
N PRO A 10 -11.51 -2.83 14.40
CA PRO A 10 -10.48 -3.01 13.38
C PRO A 10 -9.21 -3.64 13.95
N GLN A 11 -8.52 -4.41 13.12
CA GLN A 11 -7.28 -5.07 13.54
C GLN A 11 -6.18 -4.88 12.50
N PRO A 12 -4.92 -5.01 12.94
CA PRO A 12 -3.75 -4.85 12.07
C PRO A 12 -3.63 -6.00 11.06
N HIS A 13 -3.24 -5.66 9.83
CA HIS A 13 -3.08 -6.67 8.79
C HIS A 13 -1.70 -6.55 8.14
N LYS A 14 -1.42 -7.45 7.20
CA LYS A 14 -0.15 -7.45 6.50
C LYS A 14 -0.28 -6.84 5.11
N ARG A 15 -1.36 -6.09 4.90
CA ARG A 15 -1.61 -5.45 3.61
C ARG A 15 -2.17 -4.05 3.80
N TRP A 16 -1.54 -3.07 3.17
CA TRP A 16 -1.98 -1.68 3.25
C TRP A 16 -1.63 -0.91 1.99
N VAL A 17 -2.58 -0.12 1.51
CA VAL A 17 -2.36 0.68 0.30
C VAL A 17 -2.25 2.16 0.63
N PHE A 18 -1.70 2.93 -0.29
CA PHE A 18 -1.54 4.38 -0.10
C PHE A 18 -1.91 5.14 -1.37
N THR A 19 -2.50 6.31 -1.19
CA THR A 19 -2.90 7.15 -2.32
C THR A 19 -2.85 8.62 -1.96
N LEU A 20 -2.17 9.40 -2.79
CA LEU A 20 -2.04 10.83 -2.57
C LEU A 20 -2.15 11.61 -3.88
N ASN A 21 -2.89 12.71 -3.85
CA ASN A 21 -3.07 13.54 -5.03
C ASN A 21 -1.90 14.51 -5.20
N ASN A 22 -1.44 14.67 -6.44
CA ASN A 22 -0.33 15.55 -6.74
C ASN A 22 0.85 15.28 -5.83
N PRO A 23 1.44 14.08 -5.98
CA PRO A 23 2.60 13.68 -5.17
C PRO A 23 3.86 14.45 -5.52
N SER A 24 4.61 14.83 -4.49
CA SER A 24 5.85 15.59 -4.69
C SER A 24 7.04 14.65 -4.80
N GLU A 25 8.12 15.15 -5.42
CA GLU A 25 9.33 14.35 -5.59
C GLU A 25 9.87 13.87 -4.23
N ASP A 26 9.62 14.67 -3.20
CA ASP A 26 10.08 14.32 -1.86
C ASP A 26 9.28 13.16 -1.29
N GLU A 27 7.95 13.25 -1.39
CA GLU A 27 7.07 12.20 -0.88
C GLU A 27 7.26 10.90 -1.68
N ARG A 28 7.23 11.02 -3.00
CA ARG A 28 7.40 9.87 -3.87
C ARG A 28 8.74 9.19 -3.64
N LYS A 29 9.76 10.00 -3.38
CA LYS A 29 11.11 9.49 -3.13
C LYS A 29 11.17 8.76 -1.78
N LYS A 30 10.43 9.26 -0.81
CA LYS A 30 10.40 8.66 0.52
C LYS A 30 9.86 7.23 0.46
N ILE A 31 8.71 7.07 -0.17
CA ILE A 31 8.08 5.76 -0.30
C ILE A 31 8.87 4.87 -1.25
N ARG A 32 9.41 5.48 -2.31
CA ARG A 32 10.20 4.74 -3.30
C ARG A 32 11.55 4.34 -2.73
N ASP A 33 11.98 5.03 -1.68
CA ASP A 33 13.26 4.75 -1.04
C ASP A 33 13.06 3.92 0.22
N LEU A 34 11.84 3.48 0.45
CA LEU A 34 11.52 2.68 1.62
C LEU A 34 12.23 1.32 1.57
N PRO A 35 12.35 0.68 2.74
CA PRO A 35 13.01 -0.63 2.85
C PRO A 35 12.19 -1.75 2.21
N ILE A 36 12.76 -2.37 1.18
CA ILE A 36 12.07 -3.46 0.48
C ILE A 36 11.97 -4.70 1.37
N SER A 37 12.96 -4.90 2.22
CA SER A 37 12.98 -6.05 3.12
C SER A 37 11.87 -5.93 4.17
N LEU A 38 11.41 -4.70 4.40
CA LEU A 38 10.37 -4.44 5.37
C LEU A 38 9.01 -4.95 4.88
N PHE A 39 8.85 -4.96 3.55
CA PHE A 39 7.60 -5.41 2.95
C PHE A 39 7.87 -6.56 1.98
N ASP A 40 7.26 -7.71 2.26
CA ASP A 40 7.43 -8.89 1.42
C ASP A 40 7.04 -8.57 -0.03
N TYR A 41 6.21 -7.55 -0.21
CA TYR A 41 5.75 -7.16 -1.53
C TYR A 41 5.54 -5.65 -1.61
N PHE A 42 6.20 -5.01 -2.56
CA PHE A 42 6.08 -3.56 -2.74
C PHE A 42 5.86 -3.21 -4.21
N ILE A 43 4.70 -2.66 -4.51
CA ILE A 43 4.35 -2.28 -5.88
C ILE A 43 3.68 -0.91 -5.91
N VAL A 44 4.33 0.05 -6.57
CA VAL A 44 3.79 1.39 -6.69
C VAL A 44 3.60 1.79 -8.15
N GLY A 45 2.65 2.68 -8.39
CA GLY A 45 2.39 3.13 -9.75
C GLY A 45 1.86 4.55 -9.81
N GLU A 46 2.49 5.39 -10.61
CA GLU A 46 2.07 6.78 -10.74
C GLU A 46 1.01 6.94 -11.85
N GLU A 47 -0.05 7.66 -11.55
CA GLU A 47 -1.12 7.88 -12.50
C GLU A 47 -1.25 9.37 -12.85
N GLY A 48 -0.82 9.72 -14.06
CA GLY A 48 -0.90 11.11 -14.49
C GLY A 48 -0.23 11.33 -15.83
N ASN A 49 -0.32 10.34 -16.71
CA ASN A 49 0.28 10.44 -18.03
C ASN A 49 -0.76 10.85 -19.08
N GLU A 50 -1.64 11.76 -18.70
CA GLU A 50 -2.69 12.24 -19.59
C GLU A 50 -2.88 13.75 -19.44
N GLU A 51 -2.69 14.47 -20.54
CA GLU A 51 -2.85 15.92 -20.53
C GLU A 51 -4.21 16.31 -19.95
N GLY A 52 -4.23 17.43 -19.22
CA GLY A 52 -5.47 17.89 -18.63
C GLY A 52 -5.68 17.36 -17.22
N ARG A 53 -4.96 16.30 -16.88
CA ARG A 53 -5.06 15.69 -15.56
C ARG A 53 -3.78 15.90 -14.76
N THR A 54 -3.89 15.78 -13.44
CA THR A 54 -2.73 15.95 -12.57
C THR A 54 -2.18 14.60 -12.11
N PRO A 55 -0.92 14.59 -11.69
CA PRO A 55 -0.25 13.37 -11.21
C PRO A 55 -0.80 12.89 -9.88
N HIS A 56 -0.96 11.58 -9.75
CA HIS A 56 -1.48 10.99 -8.52
C HIS A 56 -0.74 9.70 -8.17
N LEU A 57 -0.46 9.51 -6.89
CA LEU A 57 0.25 8.32 -6.43
C LEU A 57 -0.73 7.23 -6.00
N GLN A 58 -0.48 6.00 -6.46
CA GLN A 58 -1.34 4.87 -6.13
C GLN A 58 -0.57 3.56 -6.18
N GLY A 59 -0.38 2.95 -5.01
CA GLY A 59 0.36 1.70 -4.94
C GLY A 59 -0.05 0.85 -3.76
N PHE A 60 0.47 -0.37 -3.69
CA PHE A 60 0.15 -1.28 -2.60
C PHE A 60 1.42 -1.89 -2.01
N ALA A 61 1.45 -2.02 -0.68
CA ALA A 61 2.60 -2.59 0.00
C ALA A 61 2.17 -3.60 1.05
N ASN A 62 2.72 -4.81 0.97
CA ASN A 62 2.39 -5.87 1.90
C ASN A 62 3.38 -5.89 3.07
N PHE A 63 2.89 -5.59 4.26
CA PHE A 63 3.72 -5.57 5.46
C PHE A 63 4.13 -6.99 5.85
N VAL A 64 5.44 -7.18 6.05
CA VAL A 64 5.96 -8.49 6.43
C VAL A 64 5.37 -8.95 7.76
N LYS A 65 4.93 -7.99 8.57
CA LYS A 65 4.34 -8.29 9.88
C LYS A 65 2.97 -7.64 10.02
N LYS A 66 2.38 -7.78 11.20
CA LYS A 66 1.07 -7.19 11.47
C LYS A 66 1.20 -5.74 11.94
N GLN A 67 0.54 -4.84 11.23
CA GLN A 67 0.57 -3.42 11.57
C GLN A 67 -0.82 -2.80 11.52
N THR A 68 -1.02 -1.75 12.32
CA THR A 68 -2.32 -1.08 12.37
C THR A 68 -2.34 0.11 11.43
N PHE A 69 -3.53 0.69 11.25
CA PHE A 69 -3.70 1.84 10.37
C PHE A 69 -2.86 3.02 10.87
N ASN A 70 -3.08 3.42 12.11
CA ASN A 70 -2.35 4.53 12.70
C ASN A 70 -0.86 4.24 12.74
N LYS A 71 -0.51 3.00 13.07
CA LYS A 71 0.89 2.59 13.14
C LYS A 71 1.55 2.67 11.77
N VAL A 72 0.90 2.09 10.76
CA VAL A 72 1.42 2.10 9.40
C VAL A 72 1.74 3.52 8.95
N LYS A 73 1.03 4.49 9.52
CA LYS A 73 1.23 5.89 9.17
C LYS A 73 2.64 6.35 9.54
N TRP A 74 3.34 5.52 10.32
CA TRP A 74 4.70 5.85 10.75
C TRP A 74 5.67 5.78 9.56
N TYR A 75 5.27 5.09 8.51
CA TYR A 75 6.09 4.95 7.32
C TYR A 75 5.47 5.67 6.13
N LEU A 76 4.19 5.38 5.88
CA LEU A 76 3.47 5.99 4.77
C LEU A 76 3.19 7.47 5.06
N GLY A 77 2.82 7.77 6.30
CA GLY A 77 2.53 9.14 6.67
C GLY A 77 1.05 9.46 6.60
N ALA A 78 0.62 10.43 7.40
CA ALA A 78 -0.79 10.83 7.42
C ALA A 78 -1.14 11.66 6.19
N ARG A 79 -0.14 12.33 5.63
CA ARG A 79 -0.35 13.17 4.45
C ARG A 79 -1.05 12.37 3.34
N CYS A 80 -0.68 11.11 3.21
CA CYS A 80 -1.27 10.24 2.20
C CYS A 80 -2.33 9.33 2.81
N HIS A 81 -3.45 9.20 2.10
CA HIS A 81 -4.55 8.35 2.57
C HIS A 81 -4.21 6.88 2.41
N ILE A 82 -4.33 6.13 3.50
CA ILE A 82 -4.04 4.70 3.47
C ILE A 82 -5.27 3.88 3.82
N GLU A 83 -5.43 2.74 3.15
CA GLU A 83 -6.57 1.86 3.39
C GLU A 83 -6.19 0.40 3.14
N LYS A 84 -7.04 -0.51 3.62
CA LYS A 84 -6.79 -1.94 3.44
C LYS A 84 -7.09 -2.37 2.01
N ALA A 85 -6.17 -3.13 1.42
CA ALA A 85 -6.34 -3.61 0.06
C ALA A 85 -7.24 -4.84 0.02
N LYS A 86 -8.13 -4.90 -0.96
CA LYS A 86 -9.04 -6.02 -1.11
C LYS A 86 -8.69 -6.84 -2.34
N GLY A 87 -8.84 -8.17 -2.23
CA GLY A 87 -8.53 -9.04 -3.34
C GLY A 87 -7.33 -9.92 -3.06
N THR A 88 -6.94 -10.72 -4.06
CA THR A 88 -5.80 -11.61 -3.93
C THR A 88 -4.49 -10.89 -4.25
N ASP A 89 -3.38 -11.54 -3.96
CA ASP A 89 -2.06 -10.97 -4.23
C ASP A 89 -1.94 -10.57 -5.69
N GLN A 90 -2.45 -11.41 -6.58
CA GLN A 90 -2.39 -11.15 -8.01
C GLN A 90 -3.27 -9.95 -8.38
N GLN A 91 -4.41 -9.83 -7.70
CA GLN A 91 -5.33 -8.73 -7.96
C GLN A 91 -4.70 -7.39 -7.58
N ASN A 92 -3.94 -7.38 -6.49
CA ASN A 92 -3.28 -6.17 -6.02
C ASN A 92 -2.21 -5.71 -7.00
N LYS A 93 -1.43 -6.67 -7.49
CA LYS A 93 -0.36 -6.37 -8.44
C LYS A 93 -0.93 -5.76 -9.72
N GLU A 94 -1.96 -6.39 -10.26
CA GLU A 94 -2.60 -5.91 -11.48
C GLU A 94 -3.35 -4.60 -11.23
N TYR A 95 -3.95 -4.49 -10.05
CA TYR A 95 -4.70 -3.30 -9.68
C TYR A 95 -3.84 -2.04 -9.80
N CYS A 96 -2.63 -2.11 -9.24
CA CYS A 96 -1.69 -0.99 -9.29
C CYS A 96 -1.21 -0.74 -10.72
N SER A 97 -1.04 -1.82 -11.47
CA SER A 97 -0.57 -1.72 -12.85
C SER A 97 -1.70 -1.26 -13.78
N LYS A 98 -2.92 -1.28 -13.26
CA LYS A 98 -4.09 -0.87 -14.04
C LYS A 98 -3.93 0.57 -14.52
N GLU A 99 -3.06 1.32 -13.86
CA GLU A 99 -2.81 2.71 -14.23
C GLU A 99 -2.01 2.80 -15.53
N GLY A 100 -1.33 1.71 -15.86
CA GLY A 100 -0.53 1.68 -17.08
C GLY A 100 0.83 2.31 -16.89
N ASN A 101 1.07 2.86 -15.71
CA ASN A 101 2.35 3.49 -15.40
C ASN A 101 2.94 2.93 -14.11
N LEU A 102 4.17 2.43 -14.20
CA LEU A 102 4.85 1.86 -13.05
C LEU A 102 5.86 2.85 -12.47
N LEU A 103 5.81 3.04 -11.15
CA LEU A 103 6.72 3.95 -10.47
C LEU A 103 7.79 3.20 -9.70
N MET A 104 7.40 2.07 -9.12
CA MET A 104 8.33 1.24 -8.36
C MET A 104 7.94 -0.24 -8.44
N GLU A 105 8.94 -1.10 -8.64
CA GLU A 105 8.70 -2.53 -8.73
C GLU A 105 9.68 -3.31 -7.86
N CYS A 106 9.19 -3.82 -6.74
CA CYS A 106 10.02 -4.58 -5.82
C CYS A 106 9.19 -5.60 -5.05
N GLY A 107 9.86 -6.39 -4.21
CA GLY A 107 9.17 -7.39 -3.43
C GLY A 107 8.81 -8.62 -4.24
N ALA A 108 8.26 -9.64 -3.58
CA ALA A 108 7.88 -10.87 -4.25
C ALA A 108 6.36 -11.04 -4.24
N PRO A 109 5.85 -11.87 -5.17
CA PRO A 109 4.42 -12.13 -5.29
C PRO A 109 3.88 -12.95 -4.12
N ARG A 110 2.96 -12.36 -3.37
CA ARG A 110 2.36 -13.03 -2.22
C ARG A 110 1.44 -14.17 -2.67
N SER A 111 1.26 -15.15 -1.80
CA SER A 111 0.42 -16.30 -2.11
C SER A 111 -0.27 -16.82 -0.84
N GLN A 112 -1.08 -17.86 -1.00
CA GLN A 112 -1.79 -18.45 0.12
C GLN A 112 -1.87 -19.96 -0.02
N GLY A 113 -2.46 -20.42 -1.13
CA GLY A 113 -2.59 -21.85 -1.36
C GLY A 113 -3.93 -22.22 -1.96
N GLN A 114 -4.03 -23.45 -2.46
CA GLN A 114 -5.27 -23.92 -3.06
C GLN A 114 -5.73 -25.23 -2.41
N ARG A 115 -6.79 -25.15 -1.63
CA ARG A 115 -7.34 -26.32 -0.95
C ARG A 115 -8.58 -26.84 -1.66
N PRO A 1 -11.61 -14.15 35.92
CA PRO A 1 -10.72 -14.02 34.75
C PRO A 1 -9.82 -12.79 34.84
N SER A 2 -10.33 -11.73 35.47
CA SER A 2 -9.57 -10.50 35.61
C SER A 2 -9.26 -9.88 34.24
N LYS A 3 -8.51 -8.79 34.25
CA LYS A 3 -8.14 -8.11 33.03
C LYS A 3 -9.37 -7.56 32.32
N LYS A 4 -9.15 -6.88 31.21
CA LYS A 4 -10.25 -6.30 30.43
C LYS A 4 -9.96 -6.37 28.93
N ASN A 5 -10.90 -6.92 28.18
CA ASN A 5 -10.75 -7.04 26.74
C ASN A 5 -11.07 -5.73 26.04
N GLY A 6 -10.52 -5.55 24.84
CA GLY A 6 -10.77 -4.33 24.09
C GLY A 6 -11.01 -4.60 22.61
N ARG A 7 -12.12 -4.06 22.10
CA ARG A 7 -12.48 -4.25 20.70
C ARG A 7 -13.34 -3.10 20.20
N SER A 8 -13.19 -2.76 18.92
CA SER A 8 -13.95 -1.66 18.32
C SER A 8 -14.73 -2.15 17.11
N GLY A 9 -14.01 -2.38 16.00
CA GLY A 9 -14.66 -2.84 14.79
C GLY A 9 -13.66 -3.38 13.78
N PRO A 10 -12.87 -2.48 13.17
CA PRO A 10 -11.87 -2.84 12.18
C PRO A 10 -10.69 -3.58 12.80
N GLN A 11 -10.11 -4.50 12.02
CA GLN A 11 -8.97 -5.29 12.48
C GLN A 11 -7.77 -5.11 11.56
N PRO A 12 -6.57 -5.31 12.11
CA PRO A 12 -5.32 -5.18 11.35
C PRO A 12 -5.13 -6.31 10.34
N HIS A 13 -4.48 -5.99 9.22
CA HIS A 13 -4.24 -6.97 8.18
C HIS A 13 -2.82 -6.86 7.64
N LYS A 14 -2.47 -7.73 6.70
CA LYS A 14 -1.14 -7.73 6.11
C LYS A 14 -1.17 -7.12 4.71
N ARG A 15 -2.23 -6.38 4.42
CA ARG A 15 -2.38 -5.73 3.12
C ARG A 15 -2.94 -4.33 3.27
N TRP A 16 -2.22 -3.35 2.74
CA TRP A 16 -2.65 -1.95 2.81
C TRP A 16 -2.20 -1.17 1.59
N VAL A 17 -3.10 -0.37 1.03
CA VAL A 17 -2.80 0.43 -0.14
C VAL A 17 -2.72 1.92 0.20
N PHE A 18 -2.07 2.69 -0.67
CA PHE A 18 -1.93 4.12 -0.45
C PHE A 18 -2.25 4.90 -1.73
N THR A 19 -2.85 6.07 -1.57
CA THR A 19 -3.20 6.91 -2.71
C THR A 19 -3.15 8.38 -2.34
N LEU A 20 -2.44 9.17 -3.15
CA LEU A 20 -2.31 10.60 -2.91
C LEU A 20 -2.37 11.37 -4.22
N ASN A 21 -3.10 12.49 -4.21
CA ASN A 21 -3.23 13.32 -5.39
C ASN A 21 -2.06 14.30 -5.50
N ASN A 22 -1.49 14.40 -6.70
CA ASN A 22 -0.37 15.30 -6.94
C ASN A 22 0.73 15.09 -5.90
N PRO A 23 1.38 13.91 -5.96
CA PRO A 23 2.45 13.55 -5.03
C PRO A 23 3.72 14.36 -5.28
N SER A 24 4.45 14.65 -4.21
CA SER A 24 5.69 15.42 -4.31
C SER A 24 6.89 14.50 -4.48
N GLU A 25 8.00 15.08 -4.94
CA GLU A 25 9.22 14.31 -5.15
C GLU A 25 9.72 13.72 -3.84
N ASP A 26 9.45 14.41 -2.74
CA ASP A 26 9.87 13.95 -1.42
C ASP A 26 8.97 12.83 -0.92
N GLU A 27 7.67 12.99 -1.12
CA GLU A 27 6.71 11.98 -0.68
C GLU A 27 6.94 10.66 -1.40
N ARG A 28 7.07 10.72 -2.71
CA ARG A 28 7.29 9.52 -3.51
C ARG A 28 8.65 8.90 -3.20
N LYS A 29 9.61 9.74 -2.84
CA LYS A 29 10.94 9.29 -2.51
C LYS A 29 10.94 8.50 -1.20
N LYS A 30 10.21 9.01 -0.22
CA LYS A 30 10.12 8.35 1.08
C LYS A 30 9.50 6.97 0.96
N ILE A 31 8.34 6.89 0.32
CA ILE A 31 7.65 5.63 0.12
C ILE A 31 8.46 4.68 -0.76
N ARG A 32 9.07 5.23 -1.80
CA ARG A 32 9.88 4.44 -2.72
C ARG A 32 11.19 4.00 -2.06
N ASP A 33 11.58 4.73 -1.01
CA ASP A 33 12.81 4.43 -0.30
C ASP A 33 12.51 3.60 0.96
N LEU A 34 11.26 3.16 1.09
CA LEU A 34 10.85 2.37 2.25
C LEU A 34 11.57 1.01 2.26
N PRO A 35 11.59 0.37 3.44
CA PRO A 35 12.24 -0.92 3.62
C PRO A 35 11.48 -2.05 2.91
N ILE A 36 12.14 -2.68 1.96
CA ILE A 36 11.53 -3.78 1.21
C ILE A 36 11.33 -5.01 2.10
N SER A 37 12.24 -5.21 3.04
CA SER A 37 12.17 -6.35 3.95
C SER A 37 10.96 -6.21 4.88
N LEU A 38 10.48 -4.98 5.04
CA LEU A 38 9.34 -4.72 5.91
C LEU A 38 8.05 -5.20 5.27
N PHE A 39 8.02 -5.22 3.94
CA PHE A 39 6.84 -5.66 3.20
C PHE A 39 7.20 -6.78 2.22
N ASP A 40 6.63 -7.95 2.45
CA ASP A 40 6.89 -9.10 1.60
C ASP A 40 6.67 -8.76 0.13
N TYR A 41 5.78 -7.81 -0.11
CA TYR A 41 5.47 -7.37 -1.47
C TYR A 41 5.24 -5.87 -1.54
N PHE A 42 6.00 -5.20 -2.41
CA PHE A 42 5.89 -3.75 -2.57
C PHE A 42 5.81 -3.37 -4.04
N ILE A 43 4.67 -2.81 -4.44
CA ILE A 43 4.48 -2.40 -5.83
C ILE A 43 3.79 -1.04 -5.89
N VAL A 44 4.49 -0.07 -6.47
CA VAL A 44 3.95 1.28 -6.61
C VAL A 44 3.87 1.70 -8.07
N GLY A 45 2.80 2.39 -8.43
CA GLY A 45 2.63 2.84 -9.80
C GLY A 45 2.08 4.25 -9.89
N GLU A 46 2.75 5.09 -10.68
CA GLU A 46 2.32 6.48 -10.85
C GLU A 46 1.32 6.61 -12.00
N GLU A 47 0.24 7.34 -11.74
CA GLU A 47 -0.79 7.55 -12.75
C GLU A 47 -0.86 9.00 -13.19
N GLY A 48 -0.40 9.28 -14.40
CA GLY A 48 -0.41 10.64 -14.91
C GLY A 48 -0.24 10.69 -16.41
N ASN A 49 -1.24 10.20 -17.14
CA ASN A 49 -1.19 10.19 -18.60
C ASN A 49 -2.30 11.06 -19.19
N GLU A 50 -2.67 12.11 -18.47
CA GLU A 50 -3.72 13.02 -18.92
C GLU A 50 -3.26 14.47 -18.84
N GLU A 51 -2.92 15.04 -19.99
CA GLU A 51 -2.46 16.43 -20.06
C GLU A 51 -3.49 17.37 -19.45
N GLY A 52 -3.01 18.42 -18.80
CA GLY A 52 -3.89 19.38 -18.17
C GLY A 52 -4.19 19.05 -16.72
N ARG A 53 -3.95 17.80 -16.35
CA ARG A 53 -4.18 17.36 -14.98
C ARG A 53 -2.88 17.02 -14.28
N THR A 54 -2.91 16.94 -12.96
CA THR A 54 -1.73 16.62 -12.17
C THR A 54 -1.59 15.12 -11.97
N PRO A 55 -0.37 14.68 -11.65
CA PRO A 55 -0.06 13.26 -11.43
C PRO A 55 -0.69 12.74 -10.14
N HIS A 56 -0.82 11.41 -10.05
CA HIS A 56 -1.40 10.77 -8.87
C HIS A 56 -0.63 9.51 -8.50
N LEU A 57 -0.42 9.32 -7.20
CA LEU A 57 0.30 8.15 -6.70
C LEU A 57 -0.68 7.05 -6.26
N GLN A 58 -0.43 5.84 -6.71
CA GLN A 58 -1.28 4.70 -6.36
C GLN A 58 -0.48 3.41 -6.36
N GLY A 59 -0.30 2.83 -5.18
CA GLY A 59 0.45 1.59 -5.06
C GLY A 59 -0.05 0.71 -3.94
N PHE A 60 0.41 -0.53 -3.90
CA PHE A 60 0.01 -1.48 -2.87
C PHE A 60 1.22 -2.09 -2.19
N ALA A 61 1.13 -2.26 -0.87
CA ALA A 61 2.22 -2.84 -0.10
C ALA A 61 1.70 -3.87 0.91
N ASN A 62 2.25 -5.08 0.84
CA ASN A 62 1.83 -6.15 1.74
C ASN A 62 2.69 -6.16 3.01
N PHE A 63 2.05 -5.86 4.14
CA PHE A 63 2.76 -5.83 5.42
C PHE A 63 3.13 -7.24 5.87
N VAL A 64 4.40 -7.44 6.15
CA VAL A 64 4.89 -8.75 6.60
C VAL A 64 4.21 -9.17 7.89
N LYS A 65 3.66 -8.20 8.62
CA LYS A 65 2.98 -8.47 9.88
C LYS A 65 1.57 -7.89 9.87
N LYS A 66 0.88 -8.01 10.99
CA LYS A 66 -0.48 -7.50 11.11
C LYS A 66 -0.49 -6.11 11.74
N GLN A 67 -0.86 -5.11 10.94
CA GLN A 67 -0.91 -3.73 11.41
C GLN A 67 -2.29 -3.13 11.20
N THR A 68 -2.59 -2.07 11.94
CA THR A 68 -3.88 -1.40 11.84
C THR A 68 -3.80 -0.19 10.92
N PHE A 69 -4.95 0.39 10.62
CA PHE A 69 -5.02 1.56 9.74
C PHE A 69 -4.25 2.72 10.33
N ASN A 70 -4.57 3.08 11.56
CA ASN A 70 -3.91 4.18 12.25
C ASN A 70 -2.41 3.91 12.40
N LYS A 71 -2.07 2.67 12.72
CA LYS A 71 -0.68 2.28 12.89
C LYS A 71 0.08 2.37 11.57
N VAL A 72 -0.49 1.78 10.52
CA VAL A 72 0.13 1.81 9.20
C VAL A 72 0.43 3.24 8.76
N LYS A 73 -0.30 4.19 9.31
CA LYS A 73 -0.11 5.59 8.98
C LYS A 73 1.26 6.08 9.44
N TRP A 74 1.92 5.27 10.25
CA TRP A 74 3.25 5.62 10.77
C TRP A 74 4.29 5.57 9.65
N TYR A 75 3.97 4.85 8.58
CA TYR A 75 4.88 4.72 7.45
C TYR A 75 4.31 5.40 6.22
N LEU A 76 3.07 5.10 5.89
CA LEU A 76 2.41 5.69 4.73
C LEU A 76 2.05 7.14 4.98
N GLY A 77 2.16 7.56 6.24
CA GLY A 77 1.85 8.94 6.60
C GLY A 77 0.38 9.26 6.45
N ALA A 78 -0.09 10.25 7.21
CA ALA A 78 -1.49 10.65 7.15
C ALA A 78 -1.79 11.43 5.88
N ARG A 79 -0.78 12.10 5.35
CA ARG A 79 -0.94 12.88 4.13
C ARG A 79 -1.53 12.03 3.01
N CYS A 80 -1.05 10.80 2.88
CA CYS A 80 -1.53 9.89 1.85
C CYS A 80 -2.68 9.05 2.37
N HIS A 81 -3.73 8.92 1.54
CA HIS A 81 -4.90 8.14 1.92
C HIS A 81 -4.59 6.64 1.88
N ILE A 82 -4.98 5.94 2.94
CA ILE A 82 -4.74 4.51 3.03
C ILE A 82 -6.06 3.73 2.98
N GLU A 83 -6.04 2.57 2.34
CA GLU A 83 -7.22 1.73 2.23
C GLU A 83 -6.85 0.25 2.18
N LYS A 84 -7.84 -0.61 2.41
CA LYS A 84 -7.61 -2.05 2.38
C LYS A 84 -7.63 -2.59 0.95
N ALA A 85 -6.64 -3.40 0.61
CA ALA A 85 -6.55 -3.98 -0.72
C ALA A 85 -7.31 -5.30 -0.79
N LYS A 86 -7.68 -5.69 -2.00
CA LYS A 86 -8.42 -6.94 -2.21
C LYS A 86 -7.91 -7.67 -3.46
N GLY A 87 -7.86 -8.99 -3.38
CA GLY A 87 -7.40 -9.79 -4.50
C GLY A 87 -6.06 -10.45 -4.24
N THR A 88 -5.42 -10.93 -5.29
CA THR A 88 -4.13 -11.61 -5.16
C THR A 88 -3.00 -10.70 -5.62
N ASP A 89 -1.77 -11.15 -5.43
CA ASP A 89 -0.59 -10.38 -5.82
C ASP A 89 -0.67 -9.99 -7.29
N GLN A 90 -1.20 -10.89 -8.11
CA GLN A 90 -1.33 -10.63 -9.55
C GLN A 90 -2.37 -9.56 -9.82
N GLN A 91 -3.43 -9.54 -9.01
CA GLN A 91 -4.49 -8.56 -9.17
C GLN A 91 -4.00 -7.17 -8.81
N ASN A 92 -3.20 -7.08 -7.75
CA ASN A 92 -2.66 -5.80 -7.30
C ASN A 92 -1.48 -5.37 -8.17
N LYS A 93 -0.69 -6.34 -8.59
CA LYS A 93 0.48 -6.06 -9.43
C LYS A 93 0.06 -5.44 -10.75
N GLU A 94 -0.94 -6.04 -11.40
CA GLU A 94 -1.44 -5.54 -12.67
C GLU A 94 -2.20 -4.23 -12.49
N TYR A 95 -2.91 -4.12 -11.37
CA TYR A 95 -3.69 -2.92 -11.07
C TYR A 95 -2.78 -1.69 -11.00
N CYS A 96 -1.76 -1.78 -10.15
CA CYS A 96 -0.81 -0.67 -9.98
C CYS A 96 -0.12 -0.35 -11.30
N SER A 97 0.14 -1.38 -12.10
CA SER A 97 0.81 -1.20 -13.38
C SER A 97 -0.17 -0.72 -14.44
N LYS A 98 -1.47 -0.81 -14.13
CA LYS A 98 -2.51 -0.39 -15.06
C LYS A 98 -2.36 1.09 -15.41
N GLU A 99 -1.64 1.83 -14.56
CA GLU A 99 -1.42 3.25 -14.78
C GLU A 99 -0.43 3.47 -15.92
N GLY A 100 0.33 2.44 -16.26
CA GLY A 100 1.30 2.54 -17.32
C GLY A 100 2.63 3.09 -16.84
N ASN A 101 2.70 3.46 -15.57
CA ASN A 101 3.91 4.01 -14.99
C ASN A 101 4.22 3.36 -13.64
N LEU A 102 5.41 2.79 -13.53
CA LEU A 102 5.83 2.13 -12.29
C LEU A 102 6.74 3.04 -11.46
N LEU A 103 6.32 3.33 -10.24
CA LEU A 103 7.10 4.19 -9.34
C LEU A 103 8.11 3.36 -8.55
N MET A 104 7.80 2.10 -8.34
CA MET A 104 8.68 1.21 -7.59
C MET A 104 8.27 -0.25 -7.78
N GLU A 105 9.26 -1.12 -7.99
CA GLU A 105 9.01 -2.54 -8.19
C GLU A 105 9.93 -3.38 -7.31
N CYS A 106 9.36 -3.95 -6.26
CA CYS A 106 10.12 -4.78 -5.34
C CYS A 106 9.22 -5.80 -4.64
N GLY A 107 9.82 -6.65 -3.81
CA GLY A 107 9.06 -7.65 -3.09
C GLY A 107 8.81 -8.90 -3.93
N ALA A 108 8.15 -9.88 -3.34
CA ALA A 108 7.85 -11.13 -4.03
C ALA A 108 6.36 -11.27 -4.28
N PRO A 109 5.99 -12.12 -5.25
CA PRO A 109 4.59 -12.36 -5.61
C PRO A 109 3.85 -13.13 -4.52
N ARG A 110 2.91 -12.45 -3.87
CA ARG A 110 2.12 -13.07 -2.80
C ARG A 110 1.14 -14.09 -3.37
N SER A 111 0.77 -15.07 -2.55
CA SER A 111 -0.15 -16.12 -2.97
C SER A 111 -1.13 -16.46 -1.85
N GLN A 112 -2.14 -17.27 -2.19
CA GLN A 112 -3.14 -17.67 -1.21
C GLN A 112 -3.43 -19.16 -1.32
N GLY A 113 -2.62 -19.97 -0.63
CA GLY A 113 -2.81 -21.41 -0.67
C GLY A 113 -3.74 -21.90 0.43
N GLN A 114 -4.90 -21.26 0.54
CA GLN A 114 -5.88 -21.62 1.56
C GLN A 114 -7.21 -21.98 0.92
N ARG A 115 -7.72 -23.17 1.23
CA ARG A 115 -8.99 -23.62 0.68
C ARG A 115 -10.16 -22.98 1.42
N PRO A 1 -1.50 -22.96 27.33
CA PRO A 1 -1.76 -21.59 27.77
C PRO A 1 -3.25 -21.33 28.03
N SER A 2 -3.57 -20.08 28.38
CA SER A 2 -4.95 -19.71 28.66
C SER A 2 -5.15 -18.21 28.50
N LYS A 3 -5.39 -17.77 27.28
CA LYS A 3 -5.58 -16.36 26.99
C LYS A 3 -6.42 -16.17 25.72
N LYS A 4 -7.37 -15.25 25.78
CA LYS A 4 -8.23 -14.98 24.62
C LYS A 4 -8.96 -13.65 24.80
N ASN A 5 -9.53 -13.15 23.70
CA ASN A 5 -10.26 -11.88 23.74
C ASN A 5 -10.92 -11.60 22.39
N GLY A 6 -11.82 -10.62 22.37
CA GLY A 6 -12.51 -10.27 21.15
C GLY A 6 -12.75 -8.78 21.02
N ARG A 7 -13.50 -8.39 19.99
CA ARG A 7 -13.80 -6.98 19.77
C ARG A 7 -14.77 -6.81 18.61
N SER A 8 -15.04 -5.57 18.24
CA SER A 8 -15.96 -5.27 17.15
C SER A 8 -15.45 -4.12 16.29
N GLY A 9 -16.24 -3.72 15.29
CA GLY A 9 -15.84 -2.65 14.42
C GLY A 9 -14.67 -3.02 13.52
N PRO A 10 -14.05 -2.02 12.89
CA PRO A 10 -12.91 -2.23 12.00
C PRO A 10 -11.66 -2.66 12.75
N GLN A 11 -10.97 -3.67 12.20
CA GLN A 11 -9.75 -4.18 12.83
C GLN A 11 -8.55 -4.00 11.89
N PRO A 12 -7.35 -4.05 12.47
CA PRO A 12 -6.09 -3.89 11.71
C PRO A 12 -5.82 -5.09 10.81
N HIS A 13 -5.18 -4.83 9.68
CA HIS A 13 -4.84 -5.89 8.73
C HIS A 13 -3.38 -5.80 8.30
N LYS A 14 -2.96 -6.73 7.46
CA LYS A 14 -1.58 -6.76 6.98
C LYS A 14 -1.50 -6.28 5.53
N ARG A 15 -2.54 -5.59 5.09
CA ARG A 15 -2.59 -5.07 3.73
C ARG A 15 -3.20 -3.66 3.69
N TRP A 16 -2.45 -2.72 3.15
CA TRP A 16 -2.91 -1.34 3.06
C TRP A 16 -2.39 -0.67 1.79
N VAL A 17 -3.27 0.05 1.11
CA VAL A 17 -2.90 0.75 -0.12
C VAL A 17 -2.82 2.26 0.10
N PHE A 18 -2.13 2.94 -0.80
CA PHE A 18 -1.98 4.39 -0.71
C PHE A 18 -2.19 5.05 -2.08
N THR A 19 -2.79 6.24 -2.07
CA THR A 19 -3.05 6.97 -3.30
C THR A 19 -3.01 8.48 -3.06
N LEU A 20 -2.23 9.18 -3.88
CA LEU A 20 -2.10 10.63 -3.76
C LEU A 20 -2.06 11.29 -5.13
N ASN A 21 -2.77 12.39 -5.27
CA ASN A 21 -2.82 13.12 -6.54
C ASN A 21 -1.66 14.10 -6.64
N ASN A 22 -0.96 14.07 -7.77
CA ASN A 22 0.18 14.96 -7.99
C ASN A 22 1.16 14.90 -6.82
N PRO A 23 1.81 13.74 -6.67
CA PRO A 23 2.78 13.52 -5.59
C PRO A 23 4.06 14.32 -5.80
N SER A 24 4.66 14.76 -4.70
CA SER A 24 5.89 15.55 -4.75
C SER A 24 7.11 14.64 -4.75
N GLU A 25 8.24 15.17 -5.21
CA GLU A 25 9.48 14.41 -5.26
C GLU A 25 9.92 13.99 -3.86
N ASP A 26 9.57 14.81 -2.87
CA ASP A 26 9.93 14.52 -1.48
C ASP A 26 9.04 13.43 -0.90
N GLU A 27 7.74 13.53 -1.16
CA GLU A 27 6.78 12.54 -0.67
C GLU A 27 6.95 11.21 -1.39
N ARG A 28 7.01 11.26 -2.71
CA ARG A 28 7.16 10.05 -3.51
C ARG A 28 8.47 9.34 -3.16
N LYS A 29 9.51 10.12 -2.86
CA LYS A 29 10.80 9.56 -2.52
C LYS A 29 10.75 8.88 -1.15
N LYS A 30 9.97 9.45 -0.24
CA LYS A 30 9.83 8.91 1.11
C LYS A 30 9.24 7.50 1.06
N ILE A 31 8.12 7.35 0.37
CA ILE A 31 7.45 6.06 0.25
C ILE A 31 8.34 5.06 -0.47
N ARG A 32 9.00 5.51 -1.53
CA ARG A 32 9.89 4.65 -2.30
C ARG A 32 11.16 4.33 -1.52
N ASP A 33 11.47 5.17 -0.54
CA ASP A 33 12.66 4.98 0.28
C ASP A 33 12.30 4.29 1.59
N LEU A 34 11.07 3.81 1.70
CA LEU A 34 10.60 3.14 2.91
C LEU A 34 11.33 1.80 3.09
N PRO A 35 11.29 1.28 4.33
CA PRO A 35 11.94 0.01 4.67
C PRO A 35 11.23 -1.18 4.04
N ILE A 36 11.93 -1.92 3.20
CA ILE A 36 11.36 -3.08 2.54
C ILE A 36 11.11 -4.21 3.53
N SER A 37 11.99 -4.33 4.52
CA SER A 37 11.86 -5.36 5.54
C SER A 37 10.59 -5.15 6.36
N LEU A 38 10.09 -3.93 6.37
CA LEU A 38 8.89 -3.59 7.12
C LEU A 38 7.65 -4.15 6.43
N PHE A 39 7.72 -4.29 5.11
CA PHE A 39 6.59 -4.81 4.34
C PHE A 39 7.04 -6.00 3.50
N ASP A 40 6.49 -7.17 3.81
CA ASP A 40 6.82 -8.39 3.07
C ASP A 40 6.64 -8.18 1.57
N TYR A 41 5.72 -7.28 1.21
CA TYR A 41 5.46 -7.00 -0.20
C TYR A 41 5.27 -5.51 -0.42
N PHE A 42 6.05 -4.96 -1.34
CA PHE A 42 5.97 -3.53 -1.65
C PHE A 42 5.94 -3.30 -3.16
N ILE A 43 4.83 -2.79 -3.66
CA ILE A 43 4.66 -2.52 -5.07
C ILE A 43 3.97 -1.19 -5.32
N VAL A 44 4.65 -0.28 -6.03
CA VAL A 44 4.10 1.03 -6.32
C VAL A 44 4.06 1.28 -7.83
N GLY A 45 3.09 2.07 -8.27
CA GLY A 45 2.97 2.38 -9.68
C GLY A 45 2.66 3.84 -9.93
N GLU A 46 3.09 4.34 -11.09
CA GLU A 46 2.85 5.73 -11.44
C GLU A 46 1.87 5.85 -12.59
N GLU A 47 0.91 6.76 -12.47
CA GLU A 47 -0.10 6.97 -13.51
C GLU A 47 -0.21 8.44 -13.86
N GLY A 48 -0.66 8.71 -15.09
CA GLY A 48 -0.80 10.08 -15.55
C GLY A 48 -0.37 10.26 -16.99
N ASN A 49 -1.21 9.83 -17.92
CA ASN A 49 -0.90 9.94 -19.34
C ASN A 49 -1.93 10.82 -20.05
N GLU A 50 -2.44 11.81 -19.33
CA GLU A 50 -3.44 12.73 -19.89
C GLU A 50 -2.87 14.15 -19.98
N GLU A 51 -2.63 14.61 -21.20
CA GLU A 51 -2.10 15.94 -21.41
C GLU A 51 -2.93 16.99 -20.68
N GLY A 52 -2.26 17.93 -20.03
CA GLY A 52 -2.96 18.97 -19.30
C GLY A 52 -3.28 18.56 -17.87
N ARG A 53 -3.10 17.28 -17.57
CA ARG A 53 -3.38 16.77 -16.24
C ARG A 53 -2.09 16.41 -15.51
N THR A 54 -2.18 16.24 -14.19
CA THR A 54 -1.02 15.90 -13.39
C THR A 54 -1.00 14.41 -13.06
N PRO A 55 0.20 13.90 -12.71
CA PRO A 55 0.38 12.48 -12.38
C PRO A 55 -0.28 12.11 -11.06
N HIS A 56 -0.44 10.81 -10.82
CA HIS A 56 -1.06 10.32 -9.59
C HIS A 56 -0.34 9.07 -9.09
N LEU A 57 -0.18 8.99 -7.77
CA LEU A 57 0.48 7.85 -7.15
C LEU A 57 -0.52 6.79 -6.73
N GLN A 58 -0.20 5.53 -7.03
CA GLN A 58 -1.08 4.41 -6.69
C GLN A 58 -0.29 3.13 -6.52
N GLY A 59 -0.24 2.62 -5.30
CA GLY A 59 0.49 1.39 -5.03
C GLY A 59 -0.07 0.62 -3.85
N PHE A 60 0.47 -0.56 -3.61
CA PHE A 60 0.02 -1.40 -2.50
C PHE A 60 1.20 -1.91 -1.69
N ALA A 61 1.05 -1.94 -0.37
CA ALA A 61 2.11 -2.42 0.51
C ALA A 61 1.56 -3.37 1.58
N ASN A 62 2.13 -4.55 1.65
CA ASN A 62 1.70 -5.55 2.62
C ASN A 62 2.48 -5.42 3.93
N PHE A 63 1.76 -5.05 4.98
CA PHE A 63 2.38 -4.87 6.30
C PHE A 63 2.74 -6.22 6.91
N VAL A 64 4.00 -6.37 7.30
CA VAL A 64 4.48 -7.61 7.90
C VAL A 64 3.72 -7.94 9.18
N LYS A 65 3.12 -6.91 9.78
CA LYS A 65 2.36 -7.08 11.01
C LYS A 65 0.94 -6.53 10.85
N LYS A 66 0.18 -6.55 11.94
CA LYS A 66 -1.19 -6.05 11.93
C LYS A 66 -1.24 -4.61 12.42
N GLN A 67 -1.60 -3.70 11.52
CA GLN A 67 -1.69 -2.28 11.87
C GLN A 67 -3.07 -1.72 11.51
N THR A 68 -3.42 -0.60 12.12
CA THR A 68 -4.70 0.04 11.87
C THR A 68 -4.57 1.16 10.85
N PHE A 69 -5.72 1.70 10.43
CA PHE A 69 -5.73 2.78 9.44
C PHE A 69 -4.99 4.01 9.97
N ASN A 70 -5.40 4.46 11.15
CA ASN A 70 -4.77 5.63 11.77
C ASN A 70 -3.29 5.38 12.04
N LYS A 71 -2.97 4.17 12.49
CA LYS A 71 -1.59 3.81 12.78
C LYS A 71 -0.76 3.80 11.50
N VAL A 72 -1.25 3.12 10.48
CA VAL A 72 -0.55 3.02 9.20
C VAL A 72 -0.23 4.41 8.66
N LYS A 73 -1.01 5.40 9.08
CA LYS A 73 -0.80 6.77 8.63
C LYS A 73 0.54 7.31 9.13
N TRP A 74 1.15 6.58 10.06
CA TRP A 74 2.44 7.00 10.62
C TRP A 74 3.56 6.84 9.59
N TYR A 75 3.31 6.04 8.57
CA TYR A 75 4.29 5.81 7.51
C TYR A 75 3.81 6.38 6.18
N LEU A 76 2.58 6.03 5.80
CA LEU A 76 2.00 6.51 4.56
C LEU A 76 1.62 7.98 4.67
N GLY A 77 1.63 8.50 5.89
CA GLY A 77 1.28 9.89 6.10
C GLY A 77 -0.17 10.18 5.83
N ALA A 78 -0.70 11.24 6.45
CA ALA A 78 -2.10 11.61 6.27
C ALA A 78 -2.33 12.26 4.91
N ARG A 79 -1.28 12.89 4.39
CA ARG A 79 -1.37 13.56 3.09
C ARG A 79 -1.88 12.61 2.02
N CYS A 80 -1.39 11.37 2.05
CA CYS A 80 -1.80 10.36 1.08
C CYS A 80 -2.98 9.57 1.60
N HIS A 81 -3.96 9.34 0.74
CA HIS A 81 -5.15 8.58 1.10
C HIS A 81 -4.84 7.09 1.21
N ILE A 82 -5.27 6.48 2.32
CA ILE A 82 -5.03 5.06 2.55
C ILE A 82 -6.33 4.27 2.51
N GLU A 83 -6.26 3.04 2.00
CA GLU A 83 -7.44 2.19 1.91
C GLU A 83 -7.05 0.72 2.04
N LYS A 84 -8.05 -0.12 2.29
CA LYS A 84 -7.81 -1.56 2.44
C LYS A 84 -7.76 -2.25 1.08
N ALA A 85 -6.76 -3.09 0.88
CA ALA A 85 -6.61 -3.82 -0.37
C ALA A 85 -7.36 -5.13 -0.34
N LYS A 86 -7.68 -5.66 -1.52
CA LYS A 86 -8.40 -6.93 -1.62
C LYS A 86 -8.02 -7.66 -2.90
N GLY A 87 -7.95 -8.98 -2.81
CA GLY A 87 -7.60 -9.79 -3.96
C GLY A 87 -6.34 -10.61 -3.75
N THR A 88 -5.92 -11.33 -4.78
CA THR A 88 -4.73 -12.16 -4.70
C THR A 88 -3.48 -11.35 -5.04
N ASP A 89 -2.31 -11.98 -4.88
CA ASP A 89 -1.05 -11.33 -5.18
C ASP A 89 -1.04 -10.77 -6.60
N GLN A 90 -1.60 -11.53 -7.53
CA GLN A 90 -1.66 -11.12 -8.93
C GLN A 90 -2.61 -9.94 -9.11
N GLN A 91 -3.70 -9.95 -8.34
CA GLN A 91 -4.69 -8.88 -8.43
C GLN A 91 -4.10 -7.56 -7.96
N ASN A 92 -3.32 -7.61 -6.88
CA ASN A 92 -2.70 -6.41 -6.34
C ASN A 92 -1.49 -5.99 -7.18
N LYS A 93 -0.66 -6.96 -7.55
CA LYS A 93 0.52 -6.68 -8.36
C LYS A 93 0.13 -6.12 -9.72
N GLU A 94 -0.92 -6.69 -10.32
CA GLU A 94 -1.38 -6.23 -11.62
C GLU A 94 -2.06 -4.86 -11.51
N TYR A 95 -2.76 -4.64 -10.41
CA TYR A 95 -3.45 -3.38 -10.18
C TYR A 95 -2.48 -2.21 -10.26
N CYS A 96 -1.36 -2.32 -9.56
CA CYS A 96 -0.35 -1.28 -9.54
C CYS A 96 0.32 -1.15 -10.91
N SER A 97 0.48 -2.28 -11.60
CA SER A 97 1.11 -2.29 -12.91
C SER A 97 0.15 -1.78 -13.98
N LYS A 98 -1.13 -1.70 -13.63
CA LYS A 98 -2.16 -1.23 -14.55
C LYS A 98 -1.86 0.21 -15.00
N GLU A 99 -1.05 0.90 -14.21
CA GLU A 99 -0.69 2.29 -14.53
C GLU A 99 0.27 2.34 -15.71
N GLY A 100 0.75 1.17 -16.14
CA GLY A 100 1.67 1.11 -17.25
C GLY A 100 3.12 1.06 -16.82
N ASN A 101 3.43 1.76 -15.74
CA ASN A 101 4.80 1.80 -15.23
C ASN A 101 4.81 1.61 -13.71
N LEU A 102 5.93 1.13 -13.18
CA LEU A 102 6.06 0.90 -11.75
C LEU A 102 7.00 1.94 -11.12
N LEU A 103 6.60 2.50 -9.99
CA LEU A 103 7.41 3.49 -9.30
C LEU A 103 8.40 2.82 -8.35
N MET A 104 8.11 1.57 -7.99
CA MET A 104 8.97 0.83 -7.09
C MET A 104 8.62 -0.66 -7.11
N GLU A 105 9.64 -1.51 -7.16
CA GLU A 105 9.43 -2.95 -7.17
C GLU A 105 10.27 -3.64 -6.11
N CYS A 106 9.61 -4.08 -5.04
CA CYS A 106 10.30 -4.75 -3.93
C CYS A 106 9.36 -5.74 -3.23
N GLY A 107 9.90 -6.46 -2.27
CA GLY A 107 9.11 -7.43 -1.54
C GLY A 107 8.76 -8.64 -2.38
N ALA A 108 7.98 -9.55 -1.81
CA ALA A 108 7.58 -10.77 -2.51
C ALA A 108 6.09 -10.73 -2.85
N PRO A 109 5.69 -11.55 -3.84
CA PRO A 109 4.29 -11.63 -4.28
C PRO A 109 3.39 -12.29 -3.23
N ARG A 110 3.01 -11.51 -2.23
CA ARG A 110 2.15 -12.01 -1.16
C ARG A 110 0.72 -12.25 -1.68
N SER A 111 0.23 -13.47 -1.50
CA SER A 111 -1.11 -13.83 -1.95
C SER A 111 -2.02 -14.11 -0.76
N GLN A 112 -3.27 -14.48 -1.06
CA GLN A 112 -4.24 -14.77 -0.01
C GLN A 112 -4.99 -16.07 -0.32
N GLY A 113 -5.52 -16.70 0.72
CA GLY A 113 -6.26 -17.94 0.54
C GLY A 113 -6.29 -18.79 1.80
N GLN A 114 -7.34 -18.62 2.60
CA GLN A 114 -7.49 -19.36 3.84
C GLN A 114 -8.18 -20.71 3.58
N ARG A 115 -9.35 -20.65 2.97
CA ARG A 115 -10.11 -21.86 2.67
C ARG A 115 -11.15 -21.60 1.58
N PRO A 1 -11.85 -21.66 28.64
CA PRO A 1 -12.24 -20.33 28.13
C PRO A 1 -11.48 -19.20 28.83
N SER A 2 -10.30 -18.89 28.32
CA SER A 2 -9.48 -17.83 28.88
C SER A 2 -10.22 -16.49 28.87
N LYS A 3 -9.56 -15.46 29.37
CA LYS A 3 -10.15 -14.13 29.42
C LYS A 3 -9.67 -13.27 28.25
N LYS A 4 -10.33 -13.41 27.10
CA LYS A 4 -9.96 -12.65 25.92
C LYS A 4 -11.20 -12.32 25.08
N ASN A 5 -11.12 -11.23 24.32
CA ASN A 5 -12.23 -10.81 23.47
C ASN A 5 -11.84 -9.60 22.62
N GLY A 6 -12.19 -9.67 21.34
CA GLY A 6 -11.86 -8.57 20.44
C GLY A 6 -12.44 -7.25 20.90
N ARG A 7 -12.06 -6.17 20.23
CA ARG A 7 -12.54 -4.85 20.58
C ARG A 7 -12.43 -3.89 19.38
N SER A 8 -13.14 -2.77 19.46
CA SER A 8 -13.13 -1.78 18.38
C SER A 8 -13.69 -2.38 17.10
N GLY A 9 -14.02 -1.50 16.15
CA GLY A 9 -14.57 -1.96 14.88
C GLY A 9 -13.49 -2.40 13.91
N PRO A 10 -12.73 -1.42 13.39
CA PRO A 10 -11.64 -1.70 12.44
C PRO A 10 -10.47 -2.42 13.09
N GLN A 11 -9.92 -3.40 12.38
CA GLN A 11 -8.79 -4.17 12.89
C GLN A 11 -7.59 -4.07 11.94
N PRO A 12 -6.38 -4.23 12.50
CA PRO A 12 -5.14 -4.16 11.73
C PRO A 12 -4.98 -5.34 10.78
N HIS A 13 -4.34 -5.09 9.64
CA HIS A 13 -4.12 -6.13 8.65
C HIS A 13 -2.72 -6.04 8.07
N LYS A 14 -2.38 -6.97 7.18
CA LYS A 14 -1.06 -7.00 6.55
C LYS A 14 -1.12 -6.45 5.14
N ARG A 15 -2.24 -5.80 4.80
CA ARG A 15 -2.42 -5.24 3.46
C ARG A 15 -2.98 -3.82 3.56
N TRP A 16 -2.27 -2.87 2.96
CA TRP A 16 -2.69 -1.47 2.97
C TRP A 16 -2.27 -0.76 1.69
N VAL A 17 -3.17 0.02 1.12
CA VAL A 17 -2.90 0.75 -0.10
C VAL A 17 -2.80 2.25 0.16
N PHE A 18 -2.14 2.97 -0.74
CA PHE A 18 -1.98 4.41 -0.60
C PHE A 18 -2.29 5.12 -1.91
N THR A 19 -2.88 6.31 -1.81
CA THR A 19 -3.23 7.09 -2.99
C THR A 19 -3.15 8.58 -2.70
N LEU A 20 -2.42 9.31 -3.54
CA LEU A 20 -2.27 10.75 -3.38
C LEU A 20 -2.28 11.46 -4.72
N ASN A 21 -3.00 12.59 -4.78
CA ASN A 21 -3.10 13.36 -6.02
C ASN A 21 -1.94 14.34 -6.14
N ASN A 22 -1.34 14.39 -7.33
CA ASN A 22 -0.22 15.30 -7.57
C ASN A 22 0.86 15.12 -6.51
N PRO A 23 1.51 13.95 -6.51
CA PRO A 23 2.58 13.62 -5.56
C PRO A 23 3.84 14.45 -5.81
N SER A 24 4.54 14.79 -4.72
CA SER A 24 5.77 15.57 -4.82
C SER A 24 6.98 14.66 -4.91
N GLU A 25 8.14 15.25 -5.23
CA GLU A 25 9.38 14.49 -5.34
C GLU A 25 9.84 13.99 -3.98
N ASP A 26 9.50 14.75 -2.93
CA ASP A 26 9.88 14.38 -1.58
C ASP A 26 8.99 13.25 -1.05
N GLU A 27 7.69 13.38 -1.28
CA GLU A 27 6.74 12.36 -0.82
C GLU A 27 7.02 11.02 -1.49
N ARG A 28 7.17 11.03 -2.81
CA ARG A 28 7.44 9.82 -3.56
C ARG A 28 8.79 9.22 -3.17
N LYS A 29 9.78 10.08 -2.98
CA LYS A 29 11.12 9.64 -2.60
C LYS A 29 11.09 8.91 -1.26
N LYS A 30 10.29 9.44 -0.33
CA LYS A 30 10.17 8.83 1.00
C LYS A 30 9.61 7.42 0.91
N ILE A 31 8.48 7.29 0.22
CA ILE A 31 7.83 5.99 0.06
C ILE A 31 8.70 5.04 -0.76
N ARG A 32 9.34 5.58 -1.80
CA ARG A 32 10.20 4.78 -2.66
C ARG A 32 11.50 4.42 -1.94
N ASP A 33 11.83 5.18 -0.90
CA ASP A 33 13.05 4.93 -0.13
C ASP A 33 12.72 4.14 1.13
N LEU A 34 11.48 3.68 1.24
CA LEU A 34 11.05 2.91 2.41
C LEU A 34 11.75 1.56 2.46
N PRO A 35 11.77 0.95 3.66
CA PRO A 35 12.39 -0.36 3.87
C PRO A 35 11.63 -1.49 3.19
N ILE A 36 12.28 -2.15 2.24
CA ILE A 36 11.65 -3.25 1.51
C ILE A 36 11.46 -4.46 2.43
N SER A 37 12.37 -4.64 3.37
CA SER A 37 12.30 -5.76 4.31
C SER A 37 11.11 -5.60 5.26
N LEU A 38 10.65 -4.37 5.41
CA LEU A 38 9.52 -4.07 6.29
C LEU A 38 8.21 -4.58 5.69
N PHE A 39 8.16 -4.62 4.36
CA PHE A 39 6.96 -5.08 3.67
C PHE A 39 7.28 -6.28 2.77
N ASP A 40 6.61 -7.40 3.03
CA ASP A 40 6.82 -8.62 2.26
C ASP A 40 6.57 -8.37 0.77
N TYR A 41 5.81 -7.33 0.48
CA TYR A 41 5.48 -6.98 -0.90
C TYR A 41 5.28 -5.47 -1.06
N PHE A 42 6.03 -4.88 -1.98
CA PHE A 42 5.94 -3.45 -2.23
C PHE A 42 5.86 -3.16 -3.72
N ILE A 43 4.73 -2.61 -4.16
CA ILE A 43 4.53 -2.29 -5.56
C ILE A 43 3.86 -0.93 -5.72
N VAL A 44 4.56 0.01 -6.35
CA VAL A 44 4.02 1.35 -6.57
C VAL A 44 4.00 1.69 -8.06
N GLY A 45 2.89 2.27 -8.50
CA GLY A 45 2.76 2.64 -9.90
C GLY A 45 2.34 4.09 -10.08
N GLU A 46 2.94 4.76 -11.06
CA GLU A 46 2.62 6.16 -11.32
C GLU A 46 1.62 6.28 -12.47
N GLU A 47 0.59 7.10 -12.27
CA GLU A 47 -0.42 7.30 -13.29
C GLU A 47 -0.54 8.78 -13.68
N GLY A 48 -0.05 9.11 -14.87
CA GLY A 48 -0.10 10.48 -15.34
C GLY A 48 -0.26 10.57 -16.84
N ASN A 49 -0.72 9.50 -17.46
CA ASN A 49 -0.91 9.46 -18.90
C ASN A 49 -2.19 10.20 -19.30
N GLU A 50 -2.11 11.54 -19.28
CA GLU A 50 -3.26 12.36 -19.63
C GLU A 50 -2.90 13.84 -19.57
N GLU A 51 -2.89 14.49 -20.73
CA GLU A 51 -2.55 15.91 -20.81
C GLU A 51 -3.66 16.76 -20.19
N GLY A 52 -3.26 17.87 -19.56
CA GLY A 52 -4.24 18.75 -18.94
C GLY A 52 -4.47 18.41 -17.48
N ARG A 53 -4.12 17.19 -17.09
CA ARG A 53 -4.29 16.74 -15.72
C ARG A 53 -2.95 16.47 -15.05
N THR A 54 -2.94 16.46 -13.72
CA THR A 54 -1.72 16.21 -12.97
C THR A 54 -1.55 14.74 -12.64
N PRO A 55 -0.31 14.33 -12.34
CA PRO A 55 0.00 12.94 -12.01
C PRO A 55 -0.57 12.53 -10.65
N HIS A 56 -0.66 11.22 -10.44
CA HIS A 56 -1.18 10.69 -9.18
C HIS A 56 -0.39 9.47 -8.74
N LEU A 57 -0.15 9.37 -7.43
CA LEU A 57 0.60 8.25 -6.88
C LEU A 57 -0.35 7.15 -6.41
N GLN A 58 -0.27 6.00 -7.06
CA GLN A 58 -1.12 4.86 -6.71
C GLN A 58 -0.28 3.58 -6.58
N GLY A 59 -0.22 3.05 -5.36
CA GLY A 59 0.54 1.83 -5.13
C GLY A 59 0.00 1.04 -3.96
N PHE A 60 0.49 -0.19 -3.81
CA PHE A 60 0.06 -1.06 -2.72
C PHE A 60 1.26 -1.66 -1.99
N ALA A 61 1.16 -1.75 -0.67
CA ALA A 61 2.24 -2.31 0.15
C ALA A 61 1.69 -3.28 1.18
N ASN A 62 2.25 -4.48 1.22
CA ASN A 62 1.82 -5.50 2.17
C ASN A 62 2.72 -5.51 3.40
N PHE A 63 2.16 -5.17 4.55
CA PHE A 63 2.90 -5.15 5.80
C PHE A 63 3.27 -6.56 6.24
N VAL A 64 4.54 -6.76 6.58
CA VAL A 64 5.02 -8.06 7.02
C VAL A 64 4.29 -8.51 8.29
N LYS A 65 3.79 -7.55 9.04
CA LYS A 65 3.07 -7.83 10.28
C LYS A 65 1.70 -7.15 10.29
N LYS A 66 1.01 -7.26 11.42
CA LYS A 66 -0.31 -6.64 11.57
C LYS A 66 -0.19 -5.20 12.03
N GLN A 67 -0.78 -4.29 11.26
CA GLN A 67 -0.74 -2.87 11.58
C GLN A 67 -2.12 -2.23 11.41
N THR A 68 -2.37 -1.18 12.18
CA THR A 68 -3.66 -0.48 12.12
C THR A 68 -3.60 0.66 11.11
N PHE A 69 -4.77 1.22 10.79
CA PHE A 69 -4.86 2.32 9.85
C PHE A 69 -4.08 3.53 10.36
N ASN A 70 -4.39 3.98 11.57
CA ASN A 70 -3.73 5.12 12.16
C ASN A 70 -2.24 4.87 12.34
N LYS A 71 -1.90 3.64 12.74
CA LYS A 71 -0.51 3.26 12.94
C LYS A 71 0.25 3.27 11.62
N VAL A 72 -0.31 2.62 10.61
CA VAL A 72 0.31 2.55 9.29
C VAL A 72 0.62 3.95 8.77
N LYS A 73 -0.13 4.94 9.24
CA LYS A 73 0.07 6.32 8.82
C LYS A 73 1.44 6.83 9.26
N TRP A 74 2.10 6.08 10.12
CA TRP A 74 3.42 6.45 10.61
C TRP A 74 4.46 6.34 9.51
N TYR A 75 4.14 5.56 8.48
CA TYR A 75 5.06 5.37 7.36
C TYR A 75 4.50 6.01 6.08
N LEU A 76 3.25 5.67 5.78
CA LEU A 76 2.59 6.20 4.58
C LEU A 76 2.33 7.70 4.73
N GLY A 77 1.99 8.12 5.94
CA GLY A 77 1.72 9.52 6.19
C GLY A 77 0.25 9.87 6.03
N ALA A 78 -0.19 10.89 6.75
CA ALA A 78 -1.58 11.33 6.68
C ALA A 78 -1.87 12.08 5.39
N ARG A 79 -0.83 12.70 4.84
CA ARG A 79 -0.97 13.46 3.60
C ARG A 79 -1.62 12.61 2.51
N CYS A 80 -1.29 11.33 2.49
CA CYS A 80 -1.84 10.41 1.49
C CYS A 80 -2.96 9.56 2.10
N HIS A 81 -4.00 9.31 1.31
CA HIS A 81 -5.12 8.51 1.78
C HIS A 81 -4.78 7.03 1.77
N ILE A 82 -5.08 6.35 2.87
CA ILE A 82 -4.80 4.92 2.99
C ILE A 82 -6.09 4.11 3.05
N GLU A 83 -6.12 2.99 2.32
CA GLU A 83 -7.29 2.14 2.29
C GLU A 83 -6.89 0.66 2.33
N LYS A 84 -7.85 -0.20 2.64
CA LYS A 84 -7.60 -1.63 2.71
C LYS A 84 -7.63 -2.27 1.33
N ALA A 85 -6.63 -3.09 1.03
CA ALA A 85 -6.55 -3.77 -0.25
C ALA A 85 -7.30 -5.10 -0.22
N LYS A 86 -7.68 -5.58 -1.40
CA LYS A 86 -8.42 -6.83 -1.51
C LYS A 86 -8.04 -7.57 -2.80
N GLY A 87 -7.97 -8.89 -2.72
CA GLY A 87 -7.62 -9.68 -3.89
C GLY A 87 -6.35 -10.49 -3.69
N THR A 88 -5.68 -10.81 -4.79
CA THR A 88 -4.46 -11.60 -4.73
C THR A 88 -3.26 -10.78 -5.20
N ASP A 89 -2.06 -11.36 -5.09
CA ASP A 89 -0.85 -10.68 -5.51
C ASP A 89 -0.95 -10.21 -6.97
N GLN A 90 -1.57 -11.05 -7.79
CA GLN A 90 -1.74 -10.74 -9.21
C GLN A 90 -2.73 -9.59 -9.39
N GLN A 91 -3.75 -9.56 -8.55
CA GLN A 91 -4.77 -8.52 -8.63
C GLN A 91 -4.20 -7.17 -8.19
N ASN A 92 -3.39 -7.19 -7.14
CA ASN A 92 -2.78 -5.97 -6.63
C ASN A 92 -1.62 -5.52 -7.51
N LYS A 93 -0.80 -6.48 -7.92
CA LYS A 93 0.36 -6.19 -8.76
C LYS A 93 -0.09 -5.60 -10.10
N GLU A 94 -1.09 -6.23 -10.72
CA GLU A 94 -1.60 -5.77 -12.00
C GLU A 94 -2.35 -4.45 -11.84
N TYR A 95 -3.04 -4.30 -10.72
CA TYR A 95 -3.79 -3.08 -10.44
C TYR A 95 -2.89 -1.85 -10.50
N CYS A 96 -1.74 -1.95 -9.84
CA CYS A 96 -0.79 -0.84 -9.81
C CYS A 96 -0.18 -0.61 -11.20
N SER A 97 0.02 -1.70 -11.93
CA SER A 97 0.60 -1.62 -13.27
C SER A 97 -0.44 -1.18 -14.29
N LYS A 98 -1.70 -1.19 -13.88
CA LYS A 98 -2.79 -0.78 -14.75
C LYS A 98 -2.59 0.64 -15.26
N GLU A 99 -1.78 1.42 -14.54
CA GLU A 99 -1.50 2.79 -14.93
C GLU A 99 -0.58 2.84 -16.15
N GLY A 100 0.07 1.72 -16.44
CA GLY A 100 0.97 1.66 -17.58
C GLY A 100 2.37 2.15 -17.24
N ASN A 101 2.52 2.71 -16.05
CA ASN A 101 3.82 3.23 -15.61
C ASN A 101 4.12 2.79 -14.19
N LEU A 102 5.27 2.13 -14.01
CA LEU A 102 5.68 1.65 -12.70
C LEU A 102 6.57 2.68 -12.01
N LEU A 103 6.34 2.85 -10.70
CA LEU A 103 7.12 3.81 -9.91
C LEU A 103 8.13 3.09 -9.02
N MET A 104 7.77 1.88 -8.59
CA MET A 104 8.65 1.09 -7.73
C MET A 104 8.27 -0.39 -7.80
N GLU A 105 9.29 -1.24 -7.90
CA GLU A 105 9.06 -2.68 -7.96
C GLU A 105 9.97 -3.43 -6.99
N CYS A 106 9.38 -3.90 -5.89
CA CYS A 106 10.13 -4.63 -4.87
C CYS A 106 9.23 -5.60 -4.13
N GLY A 107 9.83 -6.37 -3.21
CA GLY A 107 9.07 -7.33 -2.44
C GLY A 107 8.75 -8.57 -3.24
N ALA A 108 8.11 -9.54 -2.58
CA ALA A 108 7.74 -10.80 -3.24
C ALA A 108 6.23 -10.90 -3.40
N PRO A 109 5.79 -11.76 -4.33
CA PRO A 109 4.36 -11.98 -4.60
C PRO A 109 3.66 -12.70 -3.46
N ARG A 110 2.70 -12.03 -2.84
CA ARG A 110 1.96 -12.62 -1.73
C ARG A 110 1.01 -13.71 -2.23
N SER A 111 0.70 -14.65 -1.34
CA SER A 111 -0.18 -15.77 -1.69
C SER A 111 -1.13 -16.09 -0.54
N GLN A 112 -1.97 -17.09 -0.74
CA GLN A 112 -2.92 -17.50 0.28
C GLN A 112 -3.67 -18.77 -0.15
N GLY A 113 -3.50 -19.84 0.63
CA GLY A 113 -4.16 -21.09 0.31
C GLY A 113 -4.82 -21.72 1.53
N GLN A 114 -5.10 -23.02 1.44
CA GLN A 114 -5.73 -23.74 2.54
C GLN A 114 -7.09 -23.14 2.86
N ARG A 115 -7.74 -23.68 3.90
CA ARG A 115 -9.06 -23.21 4.31
C ARG A 115 -8.98 -22.48 5.64
N PRO A 1 -5.48 -6.49 39.16
CA PRO A 1 -5.22 -5.73 37.95
C PRO A 1 -5.64 -6.47 36.68
N SER A 2 -6.52 -5.86 35.90
CA SER A 2 -7.01 -6.47 34.68
C SER A 2 -6.76 -5.56 33.48
N LYS A 3 -7.07 -6.05 32.28
CA LYS A 3 -6.87 -5.28 31.06
C LYS A 3 -8.19 -4.63 30.62
N LYS A 4 -8.09 -3.40 30.13
CA LYS A 4 -9.27 -2.66 29.66
C LYS A 4 -9.31 -2.62 28.15
N ASN A 5 -10.11 -3.51 27.56
CA ASN A 5 -10.25 -3.58 26.11
C ASN A 5 -11.71 -3.43 25.70
N GLY A 6 -11.93 -2.86 24.52
CA GLY A 6 -13.29 -2.68 24.03
C GLY A 6 -13.60 -3.55 22.83
N ARG A 7 -14.34 -3.00 21.87
CA ARG A 7 -14.71 -3.75 20.68
C ARG A 7 -14.17 -3.06 19.42
N SER A 8 -13.85 -3.85 18.41
CA SER A 8 -13.32 -3.32 17.17
C SER A 8 -13.90 -4.07 15.96
N GLY A 9 -14.39 -3.32 14.98
CA GLY A 9 -14.96 -3.93 13.80
C GLY A 9 -13.90 -4.42 12.82
N PRO A 10 -13.21 -3.46 12.18
CA PRO A 10 -12.16 -3.77 11.20
C PRO A 10 -10.91 -4.37 11.86
N GLN A 11 -10.50 -5.53 11.39
CA GLN A 11 -9.32 -6.20 11.93
C GLN A 11 -8.11 -6.00 11.03
N PRO A 12 -6.91 -6.20 11.60
CA PRO A 12 -5.65 -6.04 10.85
C PRO A 12 -5.46 -7.13 9.81
N HIS A 13 -4.74 -6.80 8.74
CA HIS A 13 -4.47 -7.75 7.67
C HIS A 13 -3.03 -7.63 7.18
N LYS A 14 -2.67 -8.48 6.22
CA LYS A 14 -1.32 -8.46 5.66
C LYS A 14 -1.31 -7.80 4.29
N ARG A 15 -2.35 -7.03 4.00
CA ARG A 15 -2.45 -6.33 2.72
C ARG A 15 -3.07 -4.95 2.91
N TRP A 16 -2.38 -3.92 2.42
CA TRP A 16 -2.86 -2.56 2.53
C TRP A 16 -2.37 -1.72 1.35
N VAL A 17 -3.28 -0.91 0.79
CA VAL A 17 -2.95 -0.06 -0.34
C VAL A 17 -2.89 1.41 0.08
N PHE A 18 -2.24 2.22 -0.74
CA PHE A 18 -2.11 3.65 -0.46
C PHE A 18 -2.36 4.47 -1.72
N THR A 19 -2.97 5.64 -1.53
CA THR A 19 -3.28 6.53 -2.65
C THR A 19 -3.27 7.99 -2.21
N LEU A 20 -2.53 8.81 -2.94
CA LEU A 20 -2.43 10.23 -2.63
C LEU A 20 -2.45 11.08 -3.90
N ASN A 21 -3.20 12.17 -3.88
CA ASN A 21 -3.29 13.07 -5.03
C ASN A 21 -2.13 14.04 -5.06
N ASN A 22 -1.53 14.20 -6.23
CA ASN A 22 -0.39 15.12 -6.40
C ASN A 22 0.69 14.84 -5.35
N PRO A 23 1.31 13.65 -5.46
CA PRO A 23 2.36 13.24 -4.53
C PRO A 23 3.65 14.04 -4.71
N SER A 24 4.31 14.37 -3.60
CA SER A 24 5.54 15.13 -3.65
C SER A 24 6.76 14.21 -3.71
N GLU A 25 7.87 14.75 -4.20
CA GLU A 25 9.10 13.97 -4.30
C GLU A 25 9.53 13.42 -2.95
N ASP A 26 9.19 14.16 -1.90
CA ASP A 26 9.54 13.75 -0.54
C ASP A 26 8.70 12.57 -0.09
N GLU A 27 7.38 12.68 -0.28
CA GLU A 27 6.46 11.61 0.10
C GLU A 27 6.73 10.35 -0.71
N ARG A 28 6.85 10.51 -2.02
CA ARG A 28 7.10 9.39 -2.91
C ARG A 28 8.43 8.72 -2.58
N LYS A 29 9.41 9.52 -2.16
CA LYS A 29 10.72 9.01 -1.81
C LYS A 29 10.67 8.19 -0.52
N LYS A 30 9.85 8.64 0.42
CA LYS A 30 9.70 7.95 1.70
C LYS A 30 9.15 6.55 1.50
N ILE A 31 8.04 6.45 0.78
CA ILE A 31 7.42 5.16 0.51
C ILE A 31 8.29 4.29 -0.38
N ARG A 32 8.92 4.93 -1.38
CA ARG A 32 9.80 4.21 -2.29
C ARG A 32 11.09 3.78 -1.60
N ASP A 33 11.41 4.45 -0.49
CA ASP A 33 12.62 4.13 0.26
C ASP A 33 12.30 3.25 1.46
N LEU A 34 11.05 2.78 1.52
CA LEU A 34 10.61 1.93 2.62
C LEU A 34 11.36 0.60 2.61
N PRO A 35 11.35 -0.09 3.76
CA PRO A 35 12.02 -1.39 3.91
C PRO A 35 11.31 -2.49 3.13
N ILE A 36 12.04 -3.10 2.18
CA ILE A 36 11.48 -4.17 1.37
C ILE A 36 11.27 -5.43 2.19
N SER A 37 12.15 -5.65 3.16
CA SER A 37 12.06 -6.83 4.03
C SER A 37 10.84 -6.75 4.93
N LEU A 38 10.29 -5.54 5.07
CA LEU A 38 9.11 -5.34 5.91
C LEU A 38 7.84 -5.81 5.20
N PHE A 39 7.86 -5.75 3.87
CA PHE A 39 6.72 -6.18 3.07
C PHE A 39 7.14 -7.23 2.05
N ASP A 40 6.62 -8.45 2.21
CA ASP A 40 6.93 -9.54 1.30
C ASP A 40 6.69 -9.12 -0.15
N TYR A 41 5.74 -8.23 -0.35
CA TYR A 41 5.40 -7.75 -1.68
C TYR A 41 5.21 -6.24 -1.70
N PHE A 42 5.96 -5.56 -2.56
CA PHE A 42 5.87 -4.10 -2.66
C PHE A 42 5.79 -3.66 -4.12
N ILE A 43 4.65 -3.07 -4.50
CA ILE A 43 4.44 -2.61 -5.86
C ILE A 43 3.80 -1.23 -5.88
N VAL A 44 4.51 -0.26 -6.44
CA VAL A 44 4.00 1.10 -6.52
C VAL A 44 3.96 1.58 -7.98
N GLY A 45 2.91 2.34 -8.31
CA GLY A 45 2.78 2.84 -9.66
C GLY A 45 2.42 4.32 -9.69
N GLU A 46 3.04 5.06 -10.60
CA GLU A 46 2.79 6.49 -10.73
C GLU A 46 1.97 6.78 -11.99
N GLU A 47 0.94 7.62 -11.84
CA GLU A 47 0.09 7.98 -12.96
C GLU A 47 0.02 9.49 -13.12
N GLY A 48 0.03 9.96 -14.38
CA GLY A 48 -0.03 11.37 -14.64
C GLY A 48 0.48 11.72 -16.03
N ASN A 49 -0.31 11.39 -17.05
CA ASN A 49 0.07 11.66 -18.43
C ASN A 49 -0.98 12.54 -19.11
N GLU A 50 -1.61 13.42 -18.33
CA GLU A 50 -2.62 14.31 -18.86
C GLU A 50 -2.28 15.77 -18.55
N GLU A 51 -1.87 16.51 -19.57
CA GLU A 51 -1.51 17.92 -19.40
C GLU A 51 -2.62 18.68 -18.70
N GLY A 52 -2.25 19.62 -17.84
CA GLY A 52 -3.23 20.41 -17.12
C GLY A 52 -3.60 19.78 -15.79
N ARG A 53 -3.30 18.51 -15.63
CA ARG A 53 -3.61 17.80 -14.39
C ARG A 53 -2.34 17.40 -13.65
N THR A 54 -2.47 17.07 -12.37
CA THR A 54 -1.34 16.68 -11.55
C THR A 54 -1.25 15.16 -11.42
N PRO A 55 -0.05 14.67 -11.07
CA PRO A 55 0.19 13.22 -10.91
C PRO A 55 -0.52 12.66 -9.68
N HIS A 56 -0.65 11.34 -9.64
CA HIS A 56 -1.31 10.67 -8.52
C HIS A 56 -0.57 9.38 -8.15
N LEU A 57 -0.44 9.13 -6.86
CA LEU A 57 0.23 7.93 -6.38
C LEU A 57 -0.76 6.82 -6.10
N GLN A 58 -0.45 5.61 -6.57
CA GLN A 58 -1.31 4.46 -6.37
C GLN A 58 -0.52 3.16 -6.41
N GLY A 59 -0.42 2.50 -5.26
CA GLY A 59 0.32 1.25 -5.18
C GLY A 59 -0.21 0.34 -4.10
N PHE A 60 0.34 -0.88 -4.03
CA PHE A 60 -0.08 -1.85 -3.04
C PHE A 60 1.13 -2.47 -2.34
N ALA A 61 1.00 -2.69 -1.03
CA ALA A 61 2.08 -3.27 -0.25
C ALA A 61 1.56 -4.35 0.69
N ASN A 62 2.14 -5.55 0.59
CA ASN A 62 1.71 -6.67 1.43
C ASN A 62 2.54 -6.71 2.72
N PHE A 63 1.88 -6.48 3.85
CA PHE A 63 2.55 -6.50 5.15
C PHE A 63 2.94 -7.92 5.54
N VAL A 64 4.21 -8.09 5.89
CA VAL A 64 4.71 -9.40 6.29
C VAL A 64 3.97 -9.93 7.53
N LYS A 65 3.44 -9.00 8.32
CA LYS A 65 2.71 -9.37 9.52
C LYS A 65 1.31 -8.74 9.53
N LYS A 66 0.60 -8.90 10.64
CA LYS A 66 -0.74 -8.35 10.77
C LYS A 66 -0.69 -6.93 11.33
N GLN A 67 -1.28 -5.99 10.59
CA GLN A 67 -1.30 -4.60 11.02
C GLN A 67 -2.68 -3.99 10.82
N THR A 68 -3.01 -2.99 11.63
CA THR A 68 -4.30 -2.33 11.54
C THR A 68 -4.23 -1.07 10.67
N PHE A 69 -5.38 -0.49 10.38
CA PHE A 69 -5.44 0.71 9.55
C PHE A 69 -4.68 1.86 10.21
N ASN A 70 -5.04 2.16 11.45
CA ASN A 70 -4.40 3.24 12.19
C ASN A 70 -2.90 2.97 12.37
N LYS A 71 -2.57 1.72 12.67
CA LYS A 71 -1.19 1.32 12.88
C LYS A 71 -0.39 1.47 11.58
N VAL A 72 -0.94 0.92 10.49
CA VAL A 72 -0.28 0.99 9.18
C VAL A 72 0.06 2.43 8.82
N LYS A 73 -0.70 3.38 9.38
CA LYS A 73 -0.48 4.79 9.10
C LYS A 73 0.87 5.24 9.64
N TRP A 74 1.50 4.39 10.46
CA TRP A 74 2.80 4.70 11.03
C TRP A 74 3.89 4.69 9.97
N TYR A 75 3.62 4.01 8.86
CA TYR A 75 4.57 3.92 7.76
C TYR A 75 4.07 4.66 6.53
N LEU A 76 2.83 4.36 6.13
CA LEU A 76 2.22 4.99 4.96
C LEU A 76 1.91 6.46 5.24
N GLY A 77 1.53 6.75 6.48
CA GLY A 77 1.21 8.12 6.85
C GLY A 77 -0.26 8.45 6.66
N ALA A 78 -0.77 9.38 7.46
CA ALA A 78 -2.17 9.79 7.37
C ALA A 78 -2.40 10.68 6.16
N ARG A 79 -1.36 11.37 5.73
CA ARG A 79 -1.45 12.28 4.59
C ARG A 79 -2.04 11.55 3.38
N CYS A 80 -1.68 10.28 3.22
CA CYS A 80 -2.17 9.48 2.11
C CYS A 80 -3.30 8.55 2.57
N HIS A 81 -4.31 8.39 1.72
CA HIS A 81 -5.45 7.53 2.04
C HIS A 81 -5.08 6.06 1.82
N ILE A 82 -5.30 5.24 2.85
CA ILE A 82 -5.00 3.82 2.76
C ILE A 82 -6.27 2.98 2.90
N GLU A 83 -6.30 1.85 2.20
CA GLU A 83 -7.45 0.96 2.25
C GLU A 83 -7.02 -0.50 2.06
N LYS A 84 -7.92 -1.42 2.41
CA LYS A 84 -7.63 -2.84 2.27
C LYS A 84 -7.72 -3.28 0.81
N ALA A 85 -6.71 -4.03 0.37
CA ALA A 85 -6.68 -4.52 -1.01
C ALA A 85 -7.47 -5.82 -1.15
N LYS A 86 -7.90 -6.13 -2.36
CA LYS A 86 -8.66 -7.34 -2.64
C LYS A 86 -8.23 -7.96 -3.96
N GLY A 87 -8.27 -9.29 -4.01
CA GLY A 87 -7.88 -10.00 -5.24
C GLY A 87 -6.61 -10.80 -5.07
N THR A 88 -6.17 -11.44 -6.14
CA THR A 88 -4.96 -12.25 -6.11
C THR A 88 -3.72 -11.40 -6.37
N ASP A 89 -2.55 -12.01 -6.24
CA ASP A 89 -1.30 -11.31 -6.47
C ASP A 89 -1.28 -10.65 -7.83
N GLN A 90 -1.80 -11.35 -8.84
CA GLN A 90 -1.84 -10.83 -10.20
C GLN A 90 -2.83 -9.67 -10.30
N GLN A 91 -3.92 -9.76 -9.56
CA GLN A 91 -4.93 -8.71 -9.58
C GLN A 91 -4.39 -7.41 -9.00
N ASN A 92 -3.55 -7.54 -7.97
CA ASN A 92 -2.96 -6.37 -7.32
C ASN A 92 -1.82 -5.79 -8.16
N LYS A 93 -0.96 -6.68 -8.66
CA LYS A 93 0.16 -6.26 -9.48
C LYS A 93 -0.32 -5.57 -10.76
N GLU A 94 -1.33 -6.15 -11.40
CA GLU A 94 -1.88 -5.60 -12.62
C GLU A 94 -2.65 -4.31 -12.33
N TYR A 95 -3.32 -4.27 -11.18
CA TYR A 95 -4.09 -3.09 -10.80
C TYR A 95 -3.22 -1.84 -10.80
N CYS A 96 -2.09 -1.92 -10.11
CA CYS A 96 -1.16 -0.80 -10.02
C CYS A 96 -0.53 -0.51 -11.37
N SER A 97 -0.29 -1.56 -12.15
CA SER A 97 0.33 -1.43 -13.46
C SER A 97 -0.63 -0.77 -14.44
N LYS A 98 -1.89 -0.65 -14.04
CA LYS A 98 -2.91 -0.03 -14.88
C LYS A 98 -2.49 1.38 -15.30
N GLU A 99 -1.62 2.00 -14.50
CA GLU A 99 -1.14 3.34 -14.78
C GLU A 99 -0.17 3.33 -15.96
N GLY A 100 0.47 2.19 -16.19
CA GLY A 100 1.42 2.07 -17.27
C GLY A 100 2.83 2.46 -16.86
N ASN A 101 2.95 3.03 -15.67
CA ASN A 101 4.27 3.44 -15.15
C ASN A 101 4.44 3.00 -13.70
N LEU A 102 5.51 2.26 -13.44
CA LEU A 102 5.80 1.78 -12.10
C LEU A 102 6.82 2.67 -11.41
N LEU A 103 6.49 3.13 -10.20
CA LEU A 103 7.37 3.99 -9.44
C LEU A 103 8.35 3.17 -8.61
N MET A 104 7.95 1.94 -8.28
CA MET A 104 8.80 1.05 -7.50
C MET A 104 8.39 -0.41 -7.70
N GLU A 105 9.38 -1.28 -7.87
CA GLU A 105 9.13 -2.70 -8.08
C GLU A 105 9.99 -3.55 -7.14
N CYS A 106 9.37 -4.11 -6.12
CA CYS A 106 10.07 -4.95 -5.16
C CYS A 106 9.18 -6.07 -4.66
N GLY A 107 9.74 -6.95 -3.82
CA GLY A 107 8.98 -8.06 -3.29
C GLY A 107 8.54 -9.03 -4.36
N ALA A 108 7.79 -10.05 -3.96
CA ALA A 108 7.29 -11.06 -4.90
C ALA A 108 5.79 -10.94 -5.08
N PRO A 109 5.29 -11.40 -6.24
CA PRO A 109 3.86 -11.36 -6.57
C PRO A 109 3.05 -12.32 -5.71
N ARG A 110 2.82 -11.96 -4.45
CA ARG A 110 2.06 -12.79 -3.53
C ARG A 110 0.84 -12.05 -3.00
N SER A 111 -0.18 -12.80 -2.61
CA SER A 111 -1.40 -12.21 -2.09
C SER A 111 -2.37 -13.29 -1.61
N GLN A 112 -2.59 -13.34 -0.30
CA GLN A 112 -3.49 -14.33 0.28
C GLN A 112 -3.12 -15.74 -0.17
N GLY A 113 -2.12 -16.33 0.48
CA GLY A 113 -1.69 -17.67 0.13
C GLY A 113 -2.33 -18.73 1.00
N GLN A 114 -2.29 -19.97 0.53
CA GLN A 114 -2.87 -21.08 1.29
C GLN A 114 -2.49 -22.42 0.65
N ARG A 115 -2.61 -22.50 -0.67
CA ARG A 115 -2.29 -23.71 -1.40
C ARG A 115 -0.85 -23.68 -1.93
N PRO A 1 -2.49 -15.40 34.42
CA PRO A 1 -3.32 -15.31 33.22
C PRO A 1 -3.48 -13.88 32.73
N SER A 2 -4.19 -13.71 31.62
CA SER A 2 -4.42 -12.38 31.05
C SER A 2 -5.54 -12.42 30.03
N LYS A 3 -6.55 -11.58 30.24
CA LYS A 3 -7.70 -11.51 29.33
C LYS A 3 -7.71 -10.19 28.57
N LYS A 4 -7.97 -10.27 27.27
CA LYS A 4 -8.01 -9.08 26.43
C LYS A 4 -9.41 -8.48 26.41
N ASN A 5 -9.59 -7.43 25.61
CA ASN A 5 -10.88 -6.75 25.49
C ASN A 5 -11.40 -6.84 24.06
N GLY A 6 -12.72 -6.78 23.91
CA GLY A 6 -13.32 -6.84 22.60
C GLY A 6 -13.70 -5.47 22.06
N ARG A 7 -13.43 -5.25 20.78
CA ARG A 7 -13.74 -3.97 20.14
C ARG A 7 -14.69 -4.16 18.96
N SER A 8 -15.32 -3.07 18.54
CA SER A 8 -16.25 -3.12 17.42
C SER A 8 -15.75 -2.27 16.25
N GLY A 9 -15.68 -2.89 15.07
CA GLY A 9 -15.20 -2.18 13.90
C GLY A 9 -14.28 -3.03 13.03
N PRO A 10 -13.58 -2.38 12.11
CA PRO A 10 -12.65 -3.05 11.20
C PRO A 10 -11.41 -3.58 11.92
N GLN A 11 -10.95 -4.76 11.52
CA GLN A 11 -9.78 -5.36 12.13
C GLN A 11 -8.55 -5.18 11.25
N PRO A 12 -7.36 -5.32 11.85
CA PRO A 12 -6.08 -5.17 11.14
C PRO A 12 -5.84 -6.31 10.15
N HIS A 13 -5.19 -5.99 9.03
CA HIS A 13 -4.88 -6.99 8.02
C HIS A 13 -3.44 -6.85 7.54
N LYS A 14 -3.04 -7.74 6.63
CA LYS A 14 -1.68 -7.72 6.09
C LYS A 14 -1.67 -7.12 4.70
N ARG A 15 -2.74 -6.41 4.34
CA ARG A 15 -2.84 -5.78 3.03
C ARG A 15 -3.44 -4.38 3.15
N TRP A 16 -2.73 -3.39 2.60
CA TRP A 16 -3.19 -2.01 2.64
C TRP A 16 -2.67 -1.23 1.44
N VAL A 17 -3.55 -0.44 0.83
CA VAL A 17 -3.19 0.36 -0.33
C VAL A 17 -3.10 1.84 0.03
N PHE A 18 -2.42 2.61 -0.82
CA PHE A 18 -2.26 4.04 -0.59
C PHE A 18 -2.41 4.82 -1.89
N THR A 19 -3.00 6.00 -1.80
CA THR A 19 -3.20 6.85 -2.98
C THR A 19 -3.15 8.32 -2.61
N LEU A 20 -2.34 9.08 -3.34
CA LEU A 20 -2.21 10.52 -3.08
C LEU A 20 -2.18 11.30 -4.39
N ASN A 21 -3.00 12.35 -4.47
CA ASN A 21 -3.06 13.17 -5.67
C ASN A 21 -1.92 14.19 -5.69
N ASN A 22 -1.22 14.26 -6.82
CA ASN A 22 -0.11 15.17 -6.97
C ASN A 22 0.88 15.04 -5.81
N PRO A 23 1.55 13.88 -5.74
CA PRO A 23 2.52 13.60 -4.69
C PRO A 23 3.79 14.43 -4.84
N SER A 24 4.39 14.78 -3.71
CA SER A 24 5.62 15.59 -3.71
C SER A 24 6.85 14.70 -3.82
N GLU A 25 7.97 15.29 -4.23
CA GLU A 25 9.21 14.56 -4.37
C GLU A 25 9.66 13.97 -3.04
N ASP A 26 9.30 14.64 -1.96
CA ASP A 26 9.66 14.18 -0.62
C ASP A 26 8.77 13.02 -0.18
N GLU A 27 7.46 13.20 -0.34
CA GLU A 27 6.51 12.17 0.04
C GLU A 27 6.67 10.93 -0.83
N ARG A 28 6.80 11.14 -2.13
CA ARG A 28 6.97 10.04 -3.08
C ARG A 28 8.25 9.27 -2.80
N LYS A 29 9.31 10.00 -2.44
CA LYS A 29 10.60 9.39 -2.16
C LYS A 29 10.55 8.60 -0.85
N LYS A 30 9.77 9.11 0.12
CA LYS A 30 9.64 8.45 1.40
C LYS A 30 9.05 7.06 1.25
N ILE A 31 7.91 6.98 0.56
CA ILE A 31 7.24 5.71 0.33
C ILE A 31 8.10 4.77 -0.51
N ARG A 32 8.74 5.32 -1.54
CA ARG A 32 9.60 4.54 -2.41
C ARG A 32 10.88 4.12 -1.69
N ASP A 33 11.22 4.84 -0.62
CA ASP A 33 12.41 4.55 0.15
C ASP A 33 12.06 3.74 1.40
N LEU A 34 10.82 3.29 1.48
CA LEU A 34 10.36 2.51 2.62
C LEU A 34 11.08 1.17 2.69
N PRO A 35 11.06 0.54 3.88
CA PRO A 35 11.70 -0.75 4.11
C PRO A 35 10.99 -1.89 3.38
N ILE A 36 11.70 -2.54 2.47
CA ILE A 36 11.13 -3.64 1.70
C ILE A 36 10.91 -4.86 2.60
N SER A 37 11.78 -5.05 3.58
CA SER A 37 11.68 -6.17 4.50
C SER A 37 10.43 -6.03 5.38
N LEU A 38 9.94 -4.81 5.51
CA LEU A 38 8.77 -4.53 6.33
C LEU A 38 7.50 -5.05 5.64
N PHE A 39 7.52 -5.07 4.32
CA PHE A 39 6.38 -5.54 3.53
C PHE A 39 6.79 -6.67 2.60
N ASP A 40 6.22 -7.85 2.82
CA ASP A 40 6.53 -9.01 1.99
C ASP A 40 6.35 -8.69 0.51
N TYR A 41 5.45 -7.75 0.23
CA TYR A 41 5.19 -7.34 -1.16
C TYR A 41 4.96 -5.84 -1.25
N PHE A 42 5.75 -5.18 -2.11
CA PHE A 42 5.64 -3.74 -2.28
C PHE A 42 5.62 -3.39 -3.76
N ILE A 43 4.50 -2.84 -4.22
CA ILE A 43 4.35 -2.45 -5.62
C ILE A 43 3.66 -1.10 -5.74
N VAL A 44 4.37 -0.12 -6.30
CA VAL A 44 3.83 1.23 -6.49
C VAL A 44 3.77 1.60 -7.96
N GLY A 45 2.77 2.38 -8.33
CA GLY A 45 2.62 2.79 -9.71
C GLY A 45 2.17 4.24 -9.83
N GLU A 46 2.79 4.98 -10.75
CA GLU A 46 2.45 6.37 -10.96
C GLU A 46 1.63 6.55 -12.23
N GLU A 47 0.55 7.32 -12.14
CA GLU A 47 -0.32 7.57 -13.28
C GLU A 47 -0.26 9.03 -13.70
N GLY A 48 0.40 9.29 -14.83
CA GLY A 48 0.52 10.65 -15.33
C GLY A 48 0.75 10.71 -16.82
N ASN A 49 -0.28 10.35 -17.59
CA ASN A 49 -0.18 10.37 -19.05
C ASN A 49 -1.23 11.28 -19.66
N GLU A 50 -1.58 12.34 -18.94
CA GLU A 50 -2.58 13.29 -19.41
C GLU A 50 -2.12 14.72 -19.18
N GLU A 51 -1.80 15.42 -20.27
CA GLU A 51 -1.35 16.80 -20.19
C GLU A 51 -2.44 17.70 -19.61
N GLY A 52 -2.02 18.72 -18.86
CA GLY A 52 -2.97 19.64 -18.26
C GLY A 52 -3.38 19.22 -16.86
N ARG A 53 -3.17 17.94 -16.54
CA ARG A 53 -3.51 17.42 -15.23
C ARG A 53 -2.27 16.99 -14.47
N THR A 54 -2.36 16.98 -13.14
CA THR A 54 -1.24 16.60 -12.29
C THR A 54 -1.19 15.08 -12.11
N PRO A 55 0.00 14.58 -11.73
CA PRO A 55 0.20 13.14 -11.51
C PRO A 55 -0.52 12.63 -10.26
N HIS A 56 -0.67 11.31 -10.16
CA HIS A 56 -1.34 10.71 -9.03
C HIS A 56 -0.62 9.44 -8.58
N LEU A 57 -0.51 9.25 -7.27
CA LEU A 57 0.15 8.07 -6.72
C LEU A 57 -0.85 6.97 -6.43
N GLN A 58 -0.52 5.75 -6.83
CA GLN A 58 -1.39 4.60 -6.61
C GLN A 58 -0.60 3.30 -6.55
N GLY A 59 -0.54 2.70 -5.37
CA GLY A 59 0.20 1.46 -5.20
C GLY A 59 -0.35 0.60 -4.08
N PHE A 60 0.18 -0.61 -3.94
CA PHE A 60 -0.28 -1.53 -2.91
C PHE A 60 0.92 -2.12 -2.16
N ALA A 61 0.77 -2.27 -0.84
CA ALA A 61 1.82 -2.82 -0.01
C ALA A 61 1.27 -3.84 0.98
N ASN A 62 1.84 -5.03 0.97
CA ASN A 62 1.40 -6.10 1.86
C ASN A 62 2.22 -6.10 3.14
N PHE A 63 1.57 -5.80 4.26
CA PHE A 63 2.24 -5.77 5.56
C PHE A 63 2.61 -7.18 6.01
N VAL A 64 3.87 -7.35 6.38
CA VAL A 64 4.37 -8.64 6.83
C VAL A 64 3.63 -9.11 8.07
N LYS A 65 3.06 -8.15 8.81
CA LYS A 65 2.31 -8.46 10.03
C LYS A 65 0.92 -7.85 9.99
N LYS A 66 0.18 -7.99 11.08
CA LYS A 66 -1.16 -7.45 11.17
C LYS A 66 -1.14 -6.01 11.66
N GLN A 67 -1.68 -5.10 10.86
CA GLN A 67 -1.73 -3.69 11.22
C GLN A 67 -3.11 -3.12 11.00
N THR A 68 -3.45 -2.08 11.76
CA THR A 68 -4.75 -1.43 11.65
C THR A 68 -4.70 -0.25 10.69
N PHE A 69 -5.87 0.30 10.37
CA PHE A 69 -5.95 1.43 9.46
C PHE A 69 -5.23 2.64 10.04
N ASN A 70 -5.61 3.03 11.26
CA ASN A 70 -5.00 4.18 11.92
C ASN A 70 -3.52 3.93 12.18
N LYS A 71 -3.18 2.69 12.52
CA LYS A 71 -1.80 2.32 12.80
C LYS A 71 -0.96 2.40 11.53
N VAL A 72 -1.46 1.80 10.46
CA VAL A 72 -0.76 1.81 9.18
C VAL A 72 -0.41 3.23 8.74
N LYS A 73 -1.20 4.19 9.20
CA LYS A 73 -0.98 5.59 8.86
C LYS A 73 0.34 6.08 9.42
N TRP A 74 0.95 5.29 10.29
CA TRP A 74 2.23 5.64 10.89
C TRP A 74 3.35 5.59 9.85
N TYR A 75 3.11 4.86 8.77
CA TYR A 75 4.09 4.74 7.70
C TYR A 75 3.61 5.40 6.42
N LEU A 76 2.39 5.07 6.02
CA LEU A 76 1.81 5.63 4.81
C LEU A 76 1.44 7.10 5.01
N GLY A 77 1.48 7.55 6.26
CA GLY A 77 1.16 8.93 6.58
C GLY A 77 -0.31 9.25 6.33
N ALA A 78 -0.81 10.25 7.04
CA ALA A 78 -2.20 10.66 6.90
C ALA A 78 -2.42 11.44 5.61
N ARG A 79 -1.36 12.10 5.15
CA ARG A 79 -1.43 12.90 3.93
C ARG A 79 -1.98 12.06 2.77
N CYS A 80 -1.51 10.82 2.67
CA CYS A 80 -1.96 9.92 1.62
C CYS A 80 -3.13 9.06 2.08
N HIS A 81 -4.17 9.00 1.27
CA HIS A 81 -5.35 8.21 1.60
C HIS A 81 -5.08 6.72 1.44
N ILE A 82 -5.35 5.95 2.49
CA ILE A 82 -5.13 4.51 2.47
C ILE A 82 -6.45 3.76 2.53
N GLU A 83 -6.47 2.56 1.94
CA GLU A 83 -7.67 1.73 1.93
C GLU A 83 -7.31 0.25 1.93
N LYS A 84 -8.29 -0.59 2.24
CA LYS A 84 -8.07 -2.04 2.27
C LYS A 84 -8.08 -2.61 0.85
N ALA A 85 -7.09 -3.45 0.56
CA ALA A 85 -6.98 -4.07 -0.76
C ALA A 85 -7.80 -5.36 -0.82
N LYS A 86 -8.15 -5.77 -2.03
CA LYS A 86 -8.93 -6.99 -2.23
C LYS A 86 -8.45 -7.74 -3.47
N GLY A 87 -8.50 -9.07 -3.41
CA GLY A 87 -8.07 -9.87 -4.54
C GLY A 87 -6.79 -10.62 -4.25
N THR A 88 -6.08 -11.00 -5.32
CA THR A 88 -4.82 -11.73 -5.18
C THR A 88 -3.63 -10.85 -5.54
N ASP A 89 -2.43 -11.38 -5.33
CA ASP A 89 -1.21 -10.64 -5.64
C ASP A 89 -1.19 -10.21 -7.10
N GLN A 90 -1.63 -11.09 -7.98
CA GLN A 90 -1.66 -10.80 -9.41
C GLN A 90 -2.63 -9.67 -9.72
N GLN A 91 -3.74 -9.63 -8.98
CA GLN A 91 -4.75 -8.59 -9.18
C GLN A 91 -4.22 -7.23 -8.74
N ASN A 92 -3.45 -7.21 -7.67
CA ASN A 92 -2.88 -5.98 -7.15
C ASN A 92 -1.67 -5.54 -7.98
N LYS A 93 -0.85 -6.52 -8.36
CA LYS A 93 0.35 -6.24 -9.15
C LYS A 93 -0.02 -5.63 -10.50
N GLU A 94 -1.00 -6.22 -11.17
CA GLU A 94 -1.45 -5.73 -12.47
C GLU A 94 -2.20 -4.41 -12.32
N TYR A 95 -2.95 -4.29 -11.24
CA TYR A 95 -3.73 -3.08 -10.97
C TYR A 95 -2.83 -1.86 -10.95
N CYS A 96 -1.73 -1.94 -10.22
CA CYS A 96 -0.78 -0.83 -10.11
C CYS A 96 -0.07 -0.60 -11.44
N SER A 97 0.19 -1.69 -12.17
CA SER A 97 0.85 -1.60 -13.46
C SER A 97 -0.10 -1.11 -14.55
N LYS A 98 -1.39 -1.10 -14.23
CA LYS A 98 -2.41 -0.65 -15.17
C LYS A 98 -2.13 0.76 -15.65
N GLU A 99 -1.40 1.52 -14.83
CA GLU A 99 -1.06 2.90 -15.18
C GLU A 99 -0.02 2.94 -16.29
N GLY A 100 0.71 1.84 -16.46
CA GLY A 100 1.74 1.78 -17.49
C GLY A 100 3.09 2.23 -16.99
N ASN A 101 3.11 2.83 -15.80
CA ASN A 101 4.36 3.31 -15.22
C ASN A 101 4.46 2.91 -13.75
N LEU A 102 5.54 2.23 -13.40
CA LEU A 102 5.75 1.78 -12.03
C LEU A 102 6.72 2.70 -11.30
N LEU A 103 6.33 3.16 -10.12
CA LEU A 103 7.17 4.05 -9.32
C LEU A 103 8.13 3.26 -8.45
N MET A 104 7.76 2.02 -8.14
CA MET A 104 8.60 1.16 -7.31
C MET A 104 8.22 -0.30 -7.50
N GLU A 105 9.22 -1.16 -7.62
CA GLU A 105 8.99 -2.59 -7.81
C GLU A 105 9.88 -3.41 -6.87
N CYS A 106 9.26 -3.96 -5.82
CA CYS A 106 9.99 -4.77 -4.85
C CYS A 106 9.06 -5.79 -4.19
N GLY A 107 9.63 -6.61 -3.32
CA GLY A 107 8.85 -7.62 -2.63
C GLY A 107 8.76 -8.93 -3.40
N ALA A 108 8.07 -9.91 -2.83
CA ALA A 108 7.92 -11.21 -3.48
C ALA A 108 6.47 -11.43 -3.93
N PRO A 109 6.29 -12.36 -4.88
CA PRO A 109 4.96 -12.68 -5.41
C PRO A 109 4.09 -13.41 -4.40
N ARG A 110 3.13 -12.69 -3.83
CA ARG A 110 2.23 -13.27 -2.84
C ARG A 110 1.26 -14.24 -3.49
N SER A 111 0.78 -15.21 -2.71
CA SER A 111 -0.15 -16.20 -3.21
C SER A 111 -1.05 -16.72 -2.09
N GLN A 112 -1.70 -15.79 -1.40
CA GLN A 112 -2.59 -16.15 -0.29
C GLN A 112 -1.83 -16.87 0.82
N GLY A 113 -1.45 -16.11 1.84
CA GLY A 113 -0.71 -16.68 2.96
C GLY A 113 -1.63 -17.18 4.06
N GLN A 114 -1.82 -18.50 4.12
CA GLN A 114 -2.68 -19.10 5.14
C GLN A 114 -2.46 -20.60 5.21
N ARG A 115 -2.56 -21.26 4.06
CA ARG A 115 -2.38 -22.71 3.99
C ARG A 115 -1.53 -23.09 2.78
N PRO A 1 -10.73 -12.51 38.18
CA PRO A 1 -10.62 -12.59 36.72
C PRO A 1 -10.74 -11.22 36.05
N SER A 2 -9.61 -10.59 35.77
CA SER A 2 -9.60 -9.28 35.13
C SER A 2 -9.36 -9.40 33.63
N LYS A 3 -10.34 -8.95 32.84
CA LYS A 3 -10.23 -9.00 31.40
C LYS A 3 -10.83 -7.75 30.76
N LYS A 4 -10.28 -7.35 29.62
CA LYS A 4 -10.75 -6.16 28.91
C LYS A 4 -11.48 -6.55 27.63
N ASN A 5 -12.75 -6.17 27.54
CA ASN A 5 -13.56 -6.47 26.37
C ASN A 5 -14.39 -5.26 25.95
N GLY A 6 -13.83 -4.46 25.04
CA GLY A 6 -14.54 -3.28 24.57
C GLY A 6 -15.00 -3.41 23.13
N ARG A 7 -14.35 -2.67 22.24
CA ARG A 7 -14.69 -2.71 20.83
C ARG A 7 -13.44 -2.84 19.96
N SER A 8 -13.55 -3.60 18.88
CA SER A 8 -12.42 -3.80 17.96
C SER A 8 -12.89 -4.43 16.66
N GLY A 9 -13.74 -3.71 15.93
CA GLY A 9 -14.24 -4.21 14.67
C GLY A 9 -13.13 -4.61 13.71
N PRO A 10 -12.48 -3.59 13.13
CA PRO A 10 -11.38 -3.80 12.18
C PRO A 10 -10.14 -4.36 12.85
N GLN A 11 -9.43 -5.24 12.14
CA GLN A 11 -8.21 -5.83 12.68
C GLN A 11 -7.03 -5.60 11.73
N PRO A 12 -5.81 -5.75 12.26
CA PRO A 12 -4.58 -5.56 11.49
C PRO A 12 -4.36 -6.67 10.47
N HIS A 13 -3.77 -6.32 9.34
CA HIS A 13 -3.51 -7.29 8.27
C HIS A 13 -2.09 -7.12 7.73
N LYS A 14 -1.72 -7.98 6.78
CA LYS A 14 -0.40 -7.92 6.17
C LYS A 14 -0.47 -7.30 4.78
N ARG A 15 -1.57 -6.62 4.50
CA ARG A 15 -1.76 -5.98 3.20
C ARG A 15 -2.41 -4.60 3.36
N TRP A 16 -1.74 -3.59 2.83
CA TRP A 16 -2.25 -2.22 2.92
C TRP A 16 -1.86 -1.41 1.69
N VAL A 17 -2.81 -0.66 1.14
CA VAL A 17 -2.56 0.16 -0.04
C VAL A 17 -2.49 1.64 0.33
N PHE A 18 -1.89 2.43 -0.56
CA PHE A 18 -1.76 3.86 -0.33
C PHE A 18 -2.12 4.65 -1.59
N THR A 19 -2.73 5.82 -1.39
CA THR A 19 -3.14 6.67 -2.50
C THR A 19 -3.07 8.14 -2.12
N LEU A 20 -2.40 8.94 -2.94
CA LEU A 20 -2.27 10.37 -2.69
C LEU A 20 -2.37 11.16 -3.98
N ASN A 21 -3.11 12.26 -3.94
CA ASN A 21 -3.28 13.11 -5.11
C ASN A 21 -2.14 14.13 -5.23
N ASN A 22 -1.62 14.28 -6.45
CA ASN A 22 -0.53 15.21 -6.69
C ASN A 22 0.62 14.99 -5.70
N PRO A 23 1.28 13.82 -5.83
CA PRO A 23 2.41 13.47 -4.96
C PRO A 23 3.64 14.32 -5.22
N SER A 24 4.39 14.62 -4.16
CA SER A 24 5.59 15.43 -4.28
C SER A 24 6.82 14.55 -4.48
N GLU A 25 7.91 15.17 -4.91
CA GLU A 25 9.16 14.45 -5.14
C GLU A 25 9.70 13.85 -3.84
N ASP A 26 9.41 14.51 -2.73
CA ASP A 26 9.86 14.05 -1.42
C ASP A 26 8.99 12.89 -0.94
N GLU A 27 7.68 13.01 -1.11
CA GLU A 27 6.75 11.97 -0.68
C GLU A 27 7.02 10.67 -1.43
N ARG A 28 7.14 10.75 -2.75
CA ARG A 28 7.38 9.58 -3.58
C ARG A 28 8.76 9.00 -3.29
N LYS A 29 9.72 9.86 -2.95
CA LYS A 29 11.07 9.44 -2.65
C LYS A 29 11.12 8.68 -1.32
N LYS A 30 10.35 9.16 -0.35
CA LYS A 30 10.30 8.52 0.96
C LYS A 30 9.76 7.10 0.86
N ILE A 31 8.60 6.95 0.22
CA ILE A 31 7.99 5.65 0.06
C ILE A 31 8.83 4.75 -0.85
N ARG A 32 9.40 5.35 -1.90
CA ARG A 32 10.23 4.60 -2.83
C ARG A 32 11.57 4.23 -2.21
N ASP A 33 11.95 4.95 -1.15
CA ASP A 33 13.20 4.70 -0.46
C ASP A 33 12.97 3.86 0.79
N LEU A 34 11.75 3.37 0.96
CA LEU A 34 11.39 2.56 2.12
C LEU A 34 12.12 1.23 2.09
N PRO A 35 12.20 0.57 3.25
CA PRO A 35 12.87 -0.73 3.39
C PRO A 35 12.10 -1.85 2.70
N ILE A 36 12.71 -2.48 1.72
CA ILE A 36 12.09 -3.57 0.99
C ILE A 36 11.92 -4.80 1.87
N SER A 37 12.87 -5.01 2.77
CA SER A 37 12.84 -6.16 3.67
C SER A 37 11.66 -6.04 4.65
N LEU A 38 11.19 -4.81 4.85
CA LEU A 38 10.07 -4.57 5.74
C LEU A 38 8.75 -5.04 5.13
N PHE A 39 8.69 -5.03 3.81
CA PHE A 39 7.49 -5.46 3.09
C PHE A 39 7.82 -6.57 2.10
N ASP A 40 7.28 -7.75 2.35
CA ASP A 40 7.52 -8.90 1.47
C ASP A 40 7.20 -8.55 0.02
N TYR A 41 6.27 -7.62 -0.17
CA TYR A 41 5.87 -7.20 -1.50
C TYR A 41 5.69 -5.68 -1.57
N PHE A 42 6.40 -5.05 -2.49
CA PHE A 42 6.31 -3.60 -2.66
C PHE A 42 6.16 -3.23 -4.14
N ILE A 43 5.02 -2.65 -4.48
CA ILE A 43 4.75 -2.26 -5.85
C ILE A 43 4.07 -0.88 -5.90
N VAL A 44 4.74 0.08 -6.52
CA VAL A 44 4.20 1.42 -6.65
C VAL A 44 4.13 1.86 -8.10
N GLY A 45 3.02 2.50 -8.47
CA GLY A 45 2.85 2.96 -9.83
C GLY A 45 2.38 4.39 -9.91
N GLU A 46 2.93 5.15 -10.85
CA GLU A 46 2.56 6.55 -11.03
C GLU A 46 1.41 6.70 -12.02
N GLU A 47 0.42 7.51 -11.65
CA GLU A 47 -0.75 7.73 -12.50
C GLU A 47 -0.64 9.06 -13.23
N GLY A 48 -0.58 9.00 -14.56
CA GLY A 48 -0.48 10.21 -15.35
C GLY A 48 -0.85 9.98 -16.80
N ASN A 49 -2.09 9.58 -17.05
CA ASN A 49 -2.56 9.33 -18.40
C ASN A 49 -3.79 10.19 -18.71
N GLU A 50 -3.84 11.38 -18.12
CA GLU A 50 -4.94 12.30 -18.35
C GLU A 50 -4.47 13.75 -18.34
N GLU A 51 -4.52 14.38 -19.49
CA GLU A 51 -4.09 15.78 -19.61
C GLU A 51 -5.09 16.72 -18.93
N GLY A 52 -4.57 17.82 -18.39
CA GLY A 52 -5.43 18.77 -17.72
C GLY A 52 -5.53 18.52 -16.22
N ARG A 53 -5.22 17.28 -15.81
CA ARG A 53 -5.28 16.92 -14.41
C ARG A 53 -3.89 16.61 -13.86
N THR A 54 -3.73 16.69 -12.55
CA THR A 54 -2.46 16.42 -11.91
C THR A 54 -2.25 14.93 -11.69
N PRO A 55 -0.98 14.53 -11.51
CA PRO A 55 -0.62 13.12 -11.30
C PRO A 55 -1.08 12.61 -9.94
N HIS A 56 -1.13 11.29 -9.79
CA HIS A 56 -1.56 10.68 -8.54
C HIS A 56 -0.71 9.45 -8.22
N LEU A 57 -0.37 9.28 -6.95
CA LEU A 57 0.44 8.15 -6.52
C LEU A 57 -0.44 6.99 -6.05
N GLN A 58 -0.38 5.88 -6.77
CA GLN A 58 -1.18 4.71 -6.44
C GLN A 58 -0.31 3.46 -6.41
N GLY A 59 -0.17 2.86 -5.23
CA GLY A 59 0.64 1.66 -5.08
C GLY A 59 0.17 0.78 -3.95
N PHE A 60 0.72 -0.43 -3.87
CA PHE A 60 0.35 -1.37 -2.82
C PHE A 60 1.59 -1.95 -2.16
N ALA A 61 1.53 -2.13 -0.84
CA ALA A 61 2.64 -2.68 -0.09
C ALA A 61 2.16 -3.73 0.92
N ASN A 62 2.75 -4.92 0.85
CA ASN A 62 2.38 -5.99 1.75
C ASN A 62 3.27 -6.00 3.00
N PHE A 63 2.66 -5.83 4.16
CA PHE A 63 3.39 -5.81 5.42
C PHE A 63 3.84 -7.22 5.80
N VAL A 64 5.13 -7.36 6.10
CA VAL A 64 5.68 -8.65 6.48
C VAL A 64 5.03 -9.17 7.76
N LYS A 65 4.50 -8.26 8.57
CA LYS A 65 3.83 -8.62 9.81
C LYS A 65 2.42 -8.05 9.86
N LYS A 66 1.77 -8.22 11.00
CA LYS A 66 0.41 -7.72 11.19
C LYS A 66 0.42 -6.31 11.75
N GLN A 67 -0.20 -5.38 11.02
CA GLN A 67 -0.26 -3.99 11.44
C GLN A 67 -1.67 -3.43 11.27
N THR A 68 -1.99 -2.40 12.05
CA THR A 68 -3.31 -1.77 11.99
C THR A 68 -3.29 -0.57 11.06
N PHE A 69 -4.47 -0.01 10.80
CA PHE A 69 -4.60 1.15 9.93
C PHE A 69 -3.83 2.34 10.49
N ASN A 70 -4.14 2.70 11.74
CA ASN A 70 -3.47 3.82 12.39
C ASN A 70 -1.98 3.57 12.52
N LYS A 71 -1.61 2.35 12.88
CA LYS A 71 -0.21 1.98 13.04
C LYS A 71 0.53 2.07 11.71
N VAL A 72 -0.06 1.47 10.67
CA VAL A 72 0.54 1.49 9.33
C VAL A 72 0.86 2.92 8.89
N LYS A 73 0.10 3.87 9.43
CA LYS A 73 0.30 5.28 9.09
C LYS A 73 1.67 5.77 9.55
N TRP A 74 2.33 4.96 10.37
CA TRP A 74 3.66 5.30 10.89
C TRP A 74 4.70 5.25 9.78
N TYR A 75 4.38 4.53 8.70
CA TYR A 75 5.29 4.41 7.57
C TYR A 75 4.72 5.09 6.32
N LEU A 76 3.48 4.76 6.00
CA LEU A 76 2.83 5.33 4.83
C LEU A 76 2.54 6.82 5.04
N GLY A 77 2.25 7.19 6.29
CA GLY A 77 1.96 8.58 6.60
C GLY A 77 0.50 8.92 6.48
N ALA A 78 0.04 9.88 7.27
CA ALA A 78 -1.35 10.31 7.24
C ALA A 78 -1.64 11.15 6.02
N ARG A 79 -0.62 11.82 5.50
CA ARG A 79 -0.78 12.66 4.32
C ARG A 79 -1.44 11.90 3.19
N CYS A 80 -1.10 10.63 3.05
CA CYS A 80 -1.66 9.78 2.00
C CYS A 80 -2.75 8.87 2.56
N HIS A 81 -3.81 8.68 1.78
CA HIS A 81 -4.92 7.83 2.21
C HIS A 81 -4.58 6.35 2.04
N ILE A 82 -4.73 5.58 3.11
CA ILE A 82 -4.43 4.16 3.07
C ILE A 82 -5.70 3.33 3.26
N GLU A 83 -5.74 2.17 2.61
CA GLU A 83 -6.89 1.28 2.70
C GLU A 83 -6.47 -0.17 2.59
N LYS A 84 -7.36 -1.08 2.98
CA LYS A 84 -7.08 -2.51 2.93
C LYS A 84 -7.17 -3.03 1.50
N ALA A 85 -6.16 -3.80 1.09
CA ALA A 85 -6.13 -4.37 -0.25
C ALA A 85 -6.74 -5.76 -0.28
N LYS A 86 -7.17 -6.19 -1.46
CA LYS A 86 -7.78 -7.51 -1.62
C LYS A 86 -7.49 -8.07 -3.00
N GLY A 87 -7.27 -9.38 -3.06
CA GLY A 87 -6.98 -10.03 -4.33
C GLY A 87 -5.66 -10.78 -4.31
N THR A 88 -5.27 -11.33 -5.46
CA THR A 88 -4.03 -12.08 -5.56
C THR A 88 -2.88 -11.17 -5.98
N ASP A 89 -1.67 -11.73 -6.00
CA ASP A 89 -0.49 -10.96 -6.38
C ASP A 89 -0.67 -10.30 -7.74
N GLN A 90 -1.30 -11.03 -8.66
CA GLN A 90 -1.53 -10.50 -10.00
C GLN A 90 -2.57 -9.39 -9.98
N GLN A 91 -3.58 -9.54 -9.11
CA GLN A 91 -4.63 -8.55 -8.99
C GLN A 91 -4.07 -7.22 -8.47
N ASN A 92 -3.18 -7.29 -7.50
CA ASN A 92 -2.57 -6.10 -6.92
C ASN A 92 -1.47 -5.56 -7.81
N LYS A 93 -0.64 -6.47 -8.34
CA LYS A 93 0.46 -6.08 -9.21
C LYS A 93 -0.06 -5.42 -10.48
N GLU A 94 -1.10 -6.00 -11.06
CA GLU A 94 -1.69 -5.47 -12.28
C GLU A 94 -2.44 -4.16 -12.00
N TYR A 95 -3.07 -4.09 -10.83
CA TYR A 95 -3.82 -2.91 -10.43
C TYR A 95 -2.93 -1.67 -10.45
N CYS A 96 -1.75 -1.79 -9.83
CA CYS A 96 -0.81 -0.67 -9.78
C CYS A 96 -0.25 -0.37 -11.16
N SER A 97 -0.06 -1.41 -11.96
CA SER A 97 0.48 -1.25 -13.30
C SER A 97 -0.59 -0.73 -14.26
N LYS A 98 -1.84 -0.76 -13.81
CA LYS A 98 -2.96 -0.28 -14.63
C LYS A 98 -2.75 1.17 -15.03
N GLU A 99 -1.94 1.89 -14.28
CA GLU A 99 -1.66 3.29 -14.56
C GLU A 99 -0.75 3.42 -15.79
N GLY A 100 -0.06 2.34 -16.12
CA GLY A 100 0.83 2.36 -17.26
C GLY A 100 2.20 2.91 -16.94
N ASN A 101 2.36 3.36 -15.70
CA ASN A 101 3.64 3.92 -15.24
C ASN A 101 4.06 3.31 -13.90
N LEU A 102 5.25 2.74 -13.87
CA LEU A 102 5.77 2.13 -12.65
C LEU A 102 6.70 3.09 -11.92
N LEU A 103 6.47 3.27 -10.62
CA LEU A 103 7.29 4.15 -9.80
C LEU A 103 8.32 3.36 -9.00
N MET A 104 7.97 2.12 -8.65
CA MET A 104 8.87 1.26 -7.89
C MET A 104 8.47 -0.21 -8.04
N GLU A 105 9.46 -1.07 -8.24
CA GLU A 105 9.22 -2.50 -8.40
C GLU A 105 10.14 -3.31 -7.51
N CYS A 106 9.59 -3.85 -6.42
CA CYS A 106 10.37 -4.66 -5.49
C CYS A 106 9.48 -5.70 -4.80
N GLY A 107 10.11 -6.54 -3.98
CA GLY A 107 9.37 -7.57 -3.27
C GLY A 107 8.88 -8.66 -4.20
N ALA A 108 8.22 -9.67 -3.64
CA ALA A 108 7.70 -10.78 -4.42
C ALA A 108 6.18 -10.74 -4.48
N PRO A 109 5.61 -11.43 -5.48
CA PRO A 109 4.15 -11.50 -5.67
C PRO A 109 3.47 -12.31 -4.59
N ARG A 110 2.94 -11.62 -3.58
CA ARG A 110 2.25 -12.28 -2.47
C ARG A 110 0.90 -12.84 -2.93
N SER A 111 0.74 -14.16 -2.81
CA SER A 111 -0.49 -14.82 -3.21
C SER A 111 -1.40 -15.05 -2.01
N GLN A 112 -2.58 -15.60 -2.26
CA GLN A 112 -3.54 -15.88 -1.21
C GLN A 112 -3.48 -17.34 -0.79
N GLY A 113 -3.14 -18.21 -1.73
CA GLY A 113 -3.06 -19.63 -1.44
C GLY A 113 -4.27 -20.40 -1.93
N GLN A 114 -4.58 -21.50 -1.26
CA GLN A 114 -5.72 -22.32 -1.63
C GLN A 114 -6.31 -23.02 -0.41
N ARG A 115 -7.39 -23.78 -0.64
CA ARG A 115 -8.05 -24.49 0.45
C ARG A 115 -7.07 -25.39 1.20
N PRO A 1 -3.81 -18.57 34.87
CA PRO A 1 -4.22 -17.19 34.67
C PRO A 1 -5.29 -17.05 33.58
N SER A 2 -5.70 -15.82 33.31
CA SER A 2 -6.71 -15.55 32.29
C SER A 2 -6.28 -14.42 31.37
N LYS A 3 -7.05 -14.21 30.30
CA LYS A 3 -6.74 -13.15 29.35
C LYS A 3 -7.99 -12.33 29.02
N LYS A 4 -7.83 -11.31 28.19
CA LYS A 4 -8.95 -10.46 27.80
C LYS A 4 -9.18 -10.53 26.30
N ASN A 5 -10.41 -10.85 25.91
CA ASN A 5 -10.77 -10.95 24.50
C ASN A 5 -11.80 -9.89 24.12
N GLY A 6 -11.53 -9.18 23.03
CA GLY A 6 -12.44 -8.14 22.57
C GLY A 6 -11.99 -7.49 21.29
N ARG A 7 -12.94 -7.10 20.46
CA ARG A 7 -12.63 -6.45 19.18
C ARG A 7 -13.86 -5.75 18.61
N SER A 8 -13.63 -4.77 17.75
CA SER A 8 -14.71 -4.01 17.14
C SER A 8 -14.80 -4.30 15.64
N GLY A 9 -15.63 -3.54 14.94
CA GLY A 9 -15.79 -3.73 13.51
C GLY A 9 -14.46 -3.69 12.77
N PRO A 10 -13.86 -2.49 12.67
CA PRO A 10 -12.58 -2.30 11.99
C PRO A 10 -11.42 -2.91 12.75
N GLN A 11 -10.65 -3.76 12.06
CA GLN A 11 -9.50 -4.42 12.67
C GLN A 11 -8.26 -4.30 11.79
N PRO A 12 -7.08 -4.43 12.40
CA PRO A 12 -5.81 -4.35 11.68
C PRO A 12 -5.57 -5.55 10.76
N HIS A 13 -4.89 -5.31 9.65
CA HIS A 13 -4.60 -6.36 8.68
C HIS A 13 -3.17 -6.27 8.19
N LYS A 14 -2.78 -7.21 7.33
CA LYS A 14 -1.42 -7.24 6.78
C LYS A 14 -1.42 -6.72 5.35
N ARG A 15 -2.48 -6.01 4.96
CA ARG A 15 -2.59 -5.46 3.62
C ARG A 15 -3.18 -4.05 3.66
N TRP A 16 -2.47 -3.11 3.05
CA TRP A 16 -2.93 -1.73 3.01
C TRP A 16 -2.41 -1.01 1.76
N VAL A 17 -3.29 -0.24 1.12
CA VAL A 17 -2.91 0.49 -0.09
C VAL A 17 -2.87 1.99 0.18
N PHE A 18 -2.19 2.73 -0.70
CA PHE A 18 -2.08 4.17 -0.57
C PHE A 18 -2.32 4.86 -1.90
N THR A 19 -2.94 6.03 -1.85
CA THR A 19 -3.23 6.79 -3.07
C THR A 19 -3.22 8.30 -2.78
N LEU A 20 -2.46 9.04 -3.59
CA LEU A 20 -2.37 10.48 -3.43
C LEU A 20 -2.37 11.18 -4.78
N ASN A 21 -3.15 12.25 -4.91
CA ASN A 21 -3.24 13.00 -6.14
C ASN A 21 -2.08 14.00 -6.25
N ASN A 22 -1.42 14.00 -7.42
CA ASN A 22 -0.29 14.90 -7.65
C ASN A 22 0.72 14.81 -6.51
N PRO A 23 1.37 13.65 -6.38
CA PRO A 23 2.37 13.40 -5.34
C PRO A 23 3.65 14.21 -5.58
N SER A 24 4.30 14.62 -4.50
CA SER A 24 5.53 15.39 -4.58
C SER A 24 6.75 14.48 -4.60
N GLU A 25 7.87 14.98 -5.11
CA GLU A 25 9.10 14.20 -5.17
C GLU A 25 9.56 13.80 -3.78
N ASP A 26 9.26 14.64 -2.79
CA ASP A 26 9.65 14.36 -1.42
C ASP A 26 8.81 13.24 -0.83
N GLU A 27 7.50 13.30 -1.05
CA GLU A 27 6.59 12.28 -0.55
C GLU A 27 6.78 10.96 -1.28
N ARG A 28 6.83 11.04 -2.61
CA ARG A 28 7.02 9.84 -3.44
C ARG A 28 8.34 9.16 -3.12
N LYS A 29 9.34 9.94 -2.74
CA LYS A 29 10.65 9.42 -2.40
C LYS A 29 10.61 8.67 -1.08
N LYS A 30 9.84 9.18 -0.13
CA LYS A 30 9.72 8.55 1.17
C LYS A 30 9.12 7.15 1.06
N ILE A 31 7.97 7.07 0.38
CA ILE A 31 7.30 5.78 0.18
C ILE A 31 8.17 4.82 -0.61
N ARG A 32 8.82 5.33 -1.65
CA ARG A 32 9.67 4.52 -2.49
C ARG A 32 10.96 4.13 -1.75
N ASP A 33 11.30 4.90 -0.72
CA ASP A 33 12.49 4.65 0.07
C ASP A 33 12.14 3.90 1.36
N LEU A 34 10.90 3.45 1.45
CA LEU A 34 10.44 2.72 2.63
C LEU A 34 11.20 1.40 2.78
N PRO A 35 11.18 0.84 3.99
CA PRO A 35 11.86 -0.42 4.31
C PRO A 35 11.18 -1.61 3.65
N ILE A 36 11.93 -2.31 2.80
CA ILE A 36 11.40 -3.48 2.09
C ILE A 36 11.19 -4.65 3.06
N SER A 37 12.06 -4.74 4.06
CA SER A 37 11.97 -5.81 5.05
C SER A 37 10.72 -5.65 5.92
N LEU A 38 10.16 -4.44 5.91
CA LEU A 38 8.97 -4.14 6.70
C LEU A 38 7.72 -4.71 6.04
N PHE A 39 7.77 -4.82 4.71
CA PHE A 39 6.62 -5.34 3.95
C PHE A 39 7.06 -6.49 3.06
N ASP A 40 6.53 -7.68 3.33
CA ASP A 40 6.86 -8.87 2.55
C ASP A 40 6.69 -8.61 1.06
N TYR A 41 5.75 -7.72 0.72
CA TYR A 41 5.48 -7.38 -0.66
C TYR A 41 5.21 -5.88 -0.82
N PHE A 42 5.98 -5.25 -1.69
CA PHE A 42 5.83 -3.81 -1.93
C PHE A 42 5.82 -3.51 -3.43
N ILE A 43 4.70 -3.00 -3.92
CA ILE A 43 4.56 -2.67 -5.32
C ILE A 43 3.86 -1.32 -5.50
N VAL A 44 4.57 -0.37 -6.10
CA VAL A 44 4.02 0.96 -6.34
C VAL A 44 3.99 1.28 -7.83
N GLY A 45 2.98 2.04 -8.24
CA GLY A 45 2.85 2.41 -9.64
C GLY A 45 2.48 3.87 -9.83
N GLU A 46 3.16 4.54 -10.75
CA GLU A 46 2.89 5.95 -11.03
C GLU A 46 1.88 6.10 -12.15
N GLU A 47 0.90 6.97 -11.96
CA GLU A 47 -0.13 7.21 -12.96
C GLU A 47 -0.07 8.65 -13.46
N GLY A 48 -0.52 8.87 -14.69
CA GLY A 48 -0.52 10.20 -15.27
C GLY A 48 -0.16 10.20 -16.74
N ASN A 49 -0.84 9.34 -17.51
CA ASN A 49 -0.58 9.24 -18.94
C ASN A 49 -1.60 10.06 -19.73
N GLU A 50 -1.91 11.25 -19.24
CA GLU A 50 -2.88 12.12 -19.91
C GLU A 50 -2.48 13.58 -19.77
N GLU A 51 -2.11 14.20 -20.89
CA GLU A 51 -1.70 15.61 -20.89
C GLU A 51 -2.82 16.49 -20.37
N GLY A 52 -2.45 17.58 -19.70
CA GLY A 52 -3.44 18.50 -19.16
C GLY A 52 -3.79 18.18 -17.73
N ARG A 53 -3.54 16.94 -17.32
CA ARG A 53 -3.86 16.52 -15.96
C ARG A 53 -2.58 16.19 -15.18
N THR A 54 -2.66 16.27 -13.86
CA THR A 54 -1.51 15.99 -13.01
C THR A 54 -1.40 14.49 -12.73
N PRO A 55 -0.19 14.05 -12.34
CA PRO A 55 0.08 12.64 -12.03
C PRO A 55 -0.60 12.19 -10.75
N HIS A 56 -0.68 10.88 -10.56
CA HIS A 56 -1.32 10.32 -9.37
C HIS A 56 -0.54 9.11 -8.86
N LEU A 57 -0.39 9.01 -7.55
CA LEU A 57 0.32 7.90 -6.94
C LEU A 57 -0.63 6.80 -6.50
N GLN A 58 -0.28 5.55 -6.83
CA GLN A 58 -1.12 4.41 -6.47
C GLN A 58 -0.28 3.15 -6.33
N GLY A 59 -0.16 2.66 -5.10
CA GLY A 59 0.62 1.46 -4.85
C GLY A 59 0.06 0.63 -3.71
N PHE A 60 0.49 -0.63 -3.63
CA PHE A 60 0.03 -1.53 -2.58
C PHE A 60 1.20 -2.16 -1.84
N ALA A 61 1.07 -2.28 -0.53
CA ALA A 61 2.12 -2.86 0.30
C ALA A 61 1.55 -3.80 1.34
N ASN A 62 2.15 -4.97 1.48
CA ASN A 62 1.70 -5.96 2.45
C ASN A 62 2.50 -5.87 3.74
N PHE A 63 1.83 -5.47 4.82
CA PHE A 63 2.49 -5.36 6.12
C PHE A 63 2.87 -6.73 6.68
N VAL A 64 4.14 -6.87 7.04
CA VAL A 64 4.64 -8.13 7.58
C VAL A 64 3.89 -8.51 8.86
N LYS A 65 3.32 -7.51 9.53
CA LYS A 65 2.58 -7.74 10.76
C LYS A 65 1.18 -7.14 10.67
N LYS A 66 0.45 -7.19 11.78
CA LYS A 66 -0.91 -6.65 11.82
C LYS A 66 -0.89 -5.18 12.28
N GLN A 67 -1.44 -4.31 11.45
CA GLN A 67 -1.49 -2.88 11.77
C GLN A 67 -2.86 -2.30 11.46
N THR A 68 -3.23 -1.24 12.19
CA THR A 68 -4.52 -0.59 11.99
C THR A 68 -4.42 0.54 10.97
N PHE A 69 -5.56 1.09 10.59
CA PHE A 69 -5.61 2.18 9.64
C PHE A 69 -4.87 3.41 10.17
N ASN A 70 -5.25 3.83 11.37
CA ASN A 70 -4.62 5.00 11.99
C ASN A 70 -3.14 4.76 12.22
N LYS A 71 -2.80 3.56 12.67
CA LYS A 71 -1.42 3.20 12.93
C LYS A 71 -0.60 3.19 11.64
N VAL A 72 -1.12 2.52 10.62
CA VAL A 72 -0.44 2.44 9.33
C VAL A 72 -0.12 3.83 8.80
N LYS A 73 -0.90 4.81 9.23
CA LYS A 73 -0.70 6.20 8.79
C LYS A 73 0.65 6.73 9.27
N TRP A 74 1.28 5.99 10.18
CA TRP A 74 2.57 6.38 10.72
C TRP A 74 3.67 6.27 9.65
N TYR A 75 3.39 5.49 8.62
CA TYR A 75 4.35 5.29 7.53
C TYR A 75 3.83 5.89 6.23
N LEU A 76 2.60 5.55 5.88
CA LEU A 76 1.98 6.06 4.66
C LEU A 76 1.60 7.52 4.81
N GLY A 77 1.64 8.02 6.05
CA GLY A 77 1.30 9.40 6.31
C GLY A 77 -0.17 9.68 6.09
N ALA A 78 -0.69 10.71 6.76
CA ALA A 78 -2.09 11.08 6.64
C ALA A 78 -2.36 11.78 5.31
N ARG A 79 -1.34 12.44 4.78
CA ARG A 79 -1.46 13.16 3.52
C ARG A 79 -2.01 12.25 2.43
N CYS A 80 -1.51 11.02 2.39
CA CYS A 80 -1.94 10.04 1.40
C CYS A 80 -3.11 9.21 1.92
N HIS A 81 -4.12 9.02 1.08
CA HIS A 81 -5.28 8.23 1.46
C HIS A 81 -4.96 6.74 1.51
N ILE A 82 -5.35 6.08 2.59
CA ILE A 82 -5.10 4.66 2.77
C ILE A 82 -6.40 3.87 2.72
N GLU A 83 -6.35 2.68 2.12
CA GLU A 83 -7.52 1.82 2.01
C GLU A 83 -7.11 0.35 2.00
N LYS A 84 -8.10 -0.53 2.22
CA LYS A 84 -7.84 -1.96 2.23
C LYS A 84 -7.82 -2.52 0.82
N ALA A 85 -6.81 -3.33 0.52
CA ALA A 85 -6.68 -3.93 -0.80
C ALA A 85 -7.47 -5.23 -0.90
N LYS A 86 -7.81 -5.63 -2.13
CA LYS A 86 -8.57 -6.85 -2.35
C LYS A 86 -8.05 -7.59 -3.57
N GLY A 87 -8.05 -8.92 -3.49
CA GLY A 87 -7.58 -9.73 -4.60
C GLY A 87 -6.32 -10.51 -4.27
N THR A 88 -5.92 -11.41 -5.15
CA THR A 88 -4.73 -12.21 -4.95
C THR A 88 -3.45 -11.40 -5.20
N ASP A 89 -2.31 -12.02 -4.93
CA ASP A 89 -1.03 -11.35 -5.12
C ASP A 89 -0.89 -10.84 -6.55
N GLN A 90 -1.35 -11.64 -7.51
CA GLN A 90 -1.29 -11.27 -8.91
C GLN A 90 -2.26 -10.14 -9.22
N GLN A 91 -3.42 -10.16 -8.58
CA GLN A 91 -4.44 -9.14 -8.77
C GLN A 91 -3.92 -7.76 -8.36
N ASN A 92 -3.20 -7.73 -7.23
CA ASN A 92 -2.65 -6.47 -6.72
C ASN A 92 -1.46 -6.02 -7.57
N LYS A 93 -0.61 -6.96 -7.93
CA LYS A 93 0.56 -6.66 -8.75
C LYS A 93 0.16 -6.10 -10.10
N GLU A 94 -0.82 -6.73 -10.74
CA GLU A 94 -1.30 -6.30 -12.04
C GLU A 94 -2.06 -4.98 -11.92
N TYR A 95 -2.79 -4.81 -10.83
CA TYR A 95 -3.57 -3.60 -10.59
C TYR A 95 -2.68 -2.37 -10.66
N CYS A 96 -1.61 -2.37 -9.85
CA CYS A 96 -0.68 -1.25 -9.81
C CYS A 96 0.01 -1.06 -11.16
N SER A 97 0.27 -2.18 -11.84
CA SER A 97 0.93 -2.14 -13.14
C SER A 97 -0.04 -1.71 -14.23
N LYS A 98 -1.32 -1.70 -13.90
CA LYS A 98 -2.36 -1.31 -14.85
C LYS A 98 -2.09 0.09 -15.39
N GLU A 99 -1.35 0.88 -14.62
CA GLU A 99 -1.02 2.24 -15.03
C GLU A 99 0.00 2.26 -16.17
N GLY A 100 0.73 1.15 -16.30
CA GLY A 100 1.74 1.05 -17.35
C GLY A 100 3.09 1.54 -16.90
N ASN A 101 3.14 2.17 -15.73
CA ASN A 101 4.39 2.70 -15.19
C ASN A 101 4.53 2.33 -13.71
N LEU A 102 5.64 1.67 -13.37
CA LEU A 102 5.90 1.26 -12.00
C LEU A 102 6.91 2.20 -11.34
N LEU A 103 6.56 2.71 -10.16
CA LEU A 103 7.43 3.61 -9.43
C LEU A 103 8.41 2.84 -8.55
N MET A 104 7.93 1.78 -7.91
CA MET A 104 8.77 0.95 -7.05
C MET A 104 8.40 -0.53 -7.20
N GLU A 105 9.41 -1.38 -7.29
CA GLU A 105 9.20 -2.81 -7.42
C GLU A 105 10.09 -3.59 -6.47
N CYS A 106 9.49 -4.12 -5.41
CA CYS A 106 10.23 -4.89 -4.41
C CYS A 106 9.33 -5.92 -3.73
N GLY A 107 9.91 -6.72 -2.85
CA GLY A 107 9.15 -7.74 -2.15
C GLY A 107 8.82 -8.93 -3.03
N ALA A 108 8.11 -9.90 -2.47
CA ALA A 108 7.73 -11.09 -3.20
C ALA A 108 6.23 -11.12 -3.49
N PRO A 109 5.83 -11.91 -4.50
CA PRO A 109 4.43 -12.04 -4.90
C PRO A 109 3.59 -12.78 -3.85
N ARG A 110 3.22 -12.08 -2.79
CA ARG A 110 2.42 -12.67 -1.73
C ARG A 110 1.05 -12.00 -1.64
N SER A 111 0.07 -12.74 -1.13
CA SER A 111 -1.28 -12.24 -1.00
C SER A 111 -1.81 -12.45 0.41
N GLN A 112 -3.08 -12.10 0.63
CA GLN A 112 -3.70 -12.26 1.94
C GLN A 112 -3.53 -13.68 2.46
N GLY A 113 -4.00 -14.65 1.68
CA GLY A 113 -3.89 -16.04 2.09
C GLY A 113 -5.06 -16.87 1.64
N GLN A 114 -5.15 -18.09 2.15
CA GLN A 114 -6.25 -18.99 1.80
C GLN A 114 -7.32 -19.00 2.89
N ARG A 115 -8.32 -19.86 2.72
CA ARG A 115 -9.40 -19.98 3.69
C ARG A 115 -9.24 -21.22 4.55
N PRO A 1 -4.16 -16.92 34.01
CA PRO A 1 -5.43 -16.21 33.82
C PRO A 1 -5.37 -15.24 32.65
N SER A 2 -6.47 -15.18 31.89
CA SER A 2 -6.53 -14.29 30.73
C SER A 2 -7.99 -13.98 30.38
N LYS A 3 -8.49 -12.87 30.89
CA LYS A 3 -9.87 -12.46 30.62
C LYS A 3 -10.09 -12.25 29.13
N LYS A 4 -11.36 -12.18 28.73
CA LYS A 4 -11.72 -11.98 27.34
C LYS A 4 -12.71 -10.84 27.19
N ASN A 5 -12.56 -10.06 26.12
CA ASN A 5 -13.45 -8.94 25.86
C ASN A 5 -13.73 -8.80 24.36
N GLY A 6 -14.99 -9.01 23.98
CA GLY A 6 -15.37 -8.91 22.58
C GLY A 6 -15.54 -7.47 22.15
N ARG A 7 -14.66 -7.00 21.27
CA ARG A 7 -14.73 -5.63 20.77
C ARG A 7 -15.25 -5.60 19.34
N SER A 8 -15.59 -4.41 18.86
CA SER A 8 -16.12 -4.24 17.51
C SER A 8 -15.27 -3.24 16.73
N GLY A 9 -15.23 -3.42 15.41
CA GLY A 9 -14.45 -2.52 14.57
C GLY A 9 -13.50 -3.26 13.65
N PRO A 10 -12.82 -2.52 12.77
CA PRO A 10 -11.86 -3.09 11.82
C PRO A 10 -10.61 -3.61 12.50
N GLN A 11 -10.01 -4.64 11.92
CA GLN A 11 -8.79 -5.23 12.48
C GLN A 11 -7.61 -5.03 11.54
N PRO A 12 -6.39 -5.16 12.08
CA PRO A 12 -5.16 -5.01 11.30
C PRO A 12 -4.95 -6.15 10.32
N HIS A 13 -4.37 -5.84 9.16
CA HIS A 13 -4.11 -6.84 8.14
C HIS A 13 -2.68 -6.73 7.62
N LYS A 14 -2.31 -7.63 6.71
CA LYS A 14 -0.98 -7.64 6.14
C LYS A 14 -0.97 -7.04 4.74
N ARG A 15 -2.03 -6.29 4.42
CA ARG A 15 -2.15 -5.67 3.11
C ARG A 15 -2.74 -4.27 3.23
N TRP A 16 -2.06 -3.28 2.64
CA TRP A 16 -2.52 -1.90 2.69
C TRP A 16 -2.04 -1.13 1.46
N VAL A 17 -2.95 -0.36 0.88
CA VAL A 17 -2.63 0.43 -0.30
C VAL A 17 -2.57 1.92 0.02
N PHE A 18 -1.94 2.70 -0.85
CA PHE A 18 -1.81 4.13 -0.65
C PHE A 18 -2.09 4.89 -1.95
N THR A 19 -2.71 6.06 -1.83
CA THR A 19 -3.03 6.87 -2.99
C THR A 19 -3.02 8.36 -2.64
N LEU A 20 -2.30 9.15 -3.43
CA LEU A 20 -2.21 10.58 -3.20
C LEU A 20 -2.24 11.34 -4.53
N ASN A 21 -3.00 12.43 -4.54
CA ASN A 21 -3.12 13.25 -5.74
C ASN A 21 -1.94 14.22 -5.87
N ASN A 22 -1.37 14.30 -7.07
CA ASN A 22 -0.25 15.19 -7.31
C ASN A 22 0.85 14.97 -6.28
N PRO A 23 1.47 13.78 -6.30
CA PRO A 23 2.54 13.42 -5.36
C PRO A 23 3.83 14.20 -5.64
N SER A 24 4.52 14.59 -4.58
CA SER A 24 5.76 15.34 -4.69
C SER A 24 6.96 14.39 -4.72
N GLU A 25 8.06 14.88 -5.28
CA GLU A 25 9.29 14.08 -5.37
C GLU A 25 9.74 13.62 -3.98
N ASP A 26 9.43 14.43 -2.97
CA ASP A 26 9.81 14.09 -1.60
C ASP A 26 8.96 12.95 -1.06
N GLU A 27 7.65 13.06 -1.23
CA GLU A 27 6.74 12.03 -0.76
C GLU A 27 7.00 10.71 -1.47
N ARG A 28 7.09 10.75 -2.79
CA ARG A 28 7.33 9.56 -3.59
C ARG A 28 8.69 8.94 -3.24
N LYS A 29 9.63 9.79 -2.87
CA LYS A 29 10.97 9.33 -2.52
C LYS A 29 10.95 8.58 -1.20
N LYS A 30 10.17 9.08 -0.25
CA LYS A 30 10.05 8.45 1.07
C LYS A 30 9.48 7.04 0.95
N ILE A 31 8.36 6.91 0.27
CA ILE A 31 7.72 5.61 0.08
C ILE A 31 8.57 4.70 -0.77
N ARG A 32 9.19 5.26 -1.81
CA ARG A 32 10.04 4.50 -2.71
C ARG A 32 11.35 4.11 -2.02
N ASP A 33 11.70 4.84 -0.97
CA ASP A 33 12.92 4.57 -0.22
C ASP A 33 12.62 3.77 1.03
N LEU A 34 11.38 3.31 1.16
CA LEU A 34 10.97 2.52 2.32
C LEU A 34 11.70 1.18 2.36
N PRO A 35 11.73 0.57 3.56
CA PRO A 35 12.39 -0.73 3.76
C PRO A 35 11.66 -1.87 3.06
N ILE A 36 12.34 -2.51 2.13
CA ILE A 36 11.75 -3.64 1.39
C ILE A 36 11.57 -4.85 2.29
N SER A 37 12.47 -5.02 3.25
CA SER A 37 12.41 -6.14 4.18
C SER A 37 11.21 -6.01 5.11
N LEU A 38 10.69 -4.79 5.23
CA LEU A 38 9.54 -4.53 6.09
C LEU A 38 8.26 -5.05 5.45
N PHE A 39 8.24 -5.07 4.11
CA PHE A 39 7.07 -5.55 3.37
C PHE A 39 7.46 -6.69 2.44
N ASP A 40 6.88 -7.86 2.67
CA ASP A 40 7.15 -9.03 1.84
C ASP A 40 6.89 -8.72 0.37
N TYR A 41 6.04 -7.74 0.12
CA TYR A 41 5.70 -7.36 -1.25
C TYR A 41 5.48 -5.85 -1.34
N PHE A 42 6.22 -5.20 -2.24
CA PHE A 42 6.11 -3.76 -2.44
C PHE A 42 6.02 -3.42 -3.93
N ILE A 43 4.89 -2.87 -4.33
CA ILE A 43 4.69 -2.49 -5.73
C ILE A 43 4.02 -1.13 -5.84
N VAL A 44 4.72 -0.18 -6.45
CA VAL A 44 4.20 1.17 -6.62
C VAL A 44 4.13 1.55 -8.10
N GLY A 45 3.04 2.19 -8.48
CA GLY A 45 2.87 2.60 -9.87
C GLY A 45 2.45 4.06 -10.00
N GLU A 46 3.03 4.74 -10.99
CA GLU A 46 2.72 6.15 -11.21
C GLU A 46 1.64 6.30 -12.27
N GLU A 47 0.65 7.14 -12.00
CA GLU A 47 -0.45 7.38 -12.93
C GLU A 47 -0.47 8.84 -13.39
N GLY A 48 -0.07 9.07 -14.64
CA GLY A 48 -0.05 10.41 -15.17
C GLY A 48 -0.53 10.47 -16.61
N ASN A 49 -1.30 9.46 -17.02
CA ASN A 49 -1.82 9.40 -18.38
C ASN A 49 -2.99 10.35 -18.55
N GLU A 50 -2.70 11.64 -18.66
CA GLU A 50 -3.74 12.65 -18.82
C GLU A 50 -3.13 14.05 -18.93
N GLU A 51 -2.93 14.50 -20.16
CA GLU A 51 -2.35 15.82 -20.41
C GLU A 51 -3.22 16.91 -19.81
N GLY A 52 -2.59 17.93 -19.24
CA GLY A 52 -3.33 19.03 -18.64
C GLY A 52 -3.62 18.80 -17.17
N ARG A 53 -3.49 17.55 -16.73
CA ARG A 53 -3.74 17.19 -15.34
C ARG A 53 -2.45 16.81 -14.63
N THR A 54 -2.49 16.80 -13.30
CA THR A 54 -1.32 16.45 -12.52
C THR A 54 -1.24 14.94 -12.30
N PRO A 55 -0.04 14.46 -11.96
CA PRO A 55 0.20 13.03 -11.72
C PRO A 55 -0.45 12.54 -10.44
N HIS A 56 -0.59 11.22 -10.31
CA HIS A 56 -1.20 10.63 -9.14
C HIS A 56 -0.46 9.36 -8.71
N LEU A 57 -0.27 9.20 -7.41
CA LEU A 57 0.43 8.02 -6.88
C LEU A 57 -0.56 6.92 -6.50
N GLN A 58 -0.25 5.70 -6.90
CA GLN A 58 -1.11 4.56 -6.61
C GLN A 58 -0.30 3.26 -6.57
N GLY A 59 -0.18 2.68 -5.38
CA GLY A 59 0.57 1.44 -5.23
C GLY A 59 0.05 0.59 -4.08
N PHE A 60 0.58 -0.62 -3.98
CA PHE A 60 0.17 -1.54 -2.92
C PHE A 60 1.38 -2.13 -2.20
N ALA A 61 1.27 -2.26 -0.88
CA ALA A 61 2.36 -2.80 -0.08
C ALA A 61 1.83 -3.82 0.93
N ASN A 62 2.40 -5.02 0.91
CA ASN A 62 2.00 -6.08 1.82
C ASN A 62 2.85 -6.06 3.09
N PHE A 63 2.22 -5.75 4.22
CA PHE A 63 2.94 -5.71 5.49
C PHE A 63 3.32 -7.11 5.95
N VAL A 64 4.59 -7.28 6.30
CA VAL A 64 5.09 -8.58 6.75
C VAL A 64 4.37 -9.02 8.02
N LYS A 65 3.84 -8.06 8.77
CA LYS A 65 3.11 -8.37 10.00
C LYS A 65 1.73 -7.73 9.99
N LYS A 66 1.02 -7.83 11.11
CA LYS A 66 -0.31 -7.27 11.23
C LYS A 66 -0.24 -5.81 11.70
N GLN A 67 -0.84 -4.91 10.92
CA GLN A 67 -0.84 -3.50 11.25
C GLN A 67 -2.23 -2.90 11.05
N THR A 68 -2.53 -1.84 11.79
CA THR A 68 -3.82 -1.18 11.69
C THR A 68 -3.75 0.02 10.75
N PHE A 69 -4.91 0.60 10.45
CA PHE A 69 -4.97 1.76 9.56
C PHE A 69 -4.20 2.93 10.14
N ASN A 70 -4.54 3.30 11.38
CA ASN A 70 -3.88 4.42 12.05
C ASN A 70 -2.38 4.15 12.22
N LYS A 71 -2.05 2.91 12.57
CA LYS A 71 -0.66 2.53 12.76
C LYS A 71 0.11 2.61 11.44
N VAL A 72 -0.45 2.01 10.40
CA VAL A 72 0.19 2.00 9.08
C VAL A 72 0.52 3.43 8.64
N LYS A 73 -0.24 4.40 9.16
CA LYS A 73 -0.03 5.79 8.81
C LYS A 73 1.33 6.28 9.30
N TRP A 74 1.98 5.47 10.14
CA TRP A 74 3.29 5.81 10.68
C TRP A 74 4.35 5.73 9.60
N TYR A 75 4.06 5.01 8.53
CA TYR A 75 5.00 4.84 7.42
C TYR A 75 4.47 5.52 6.16
N LEU A 76 3.23 5.20 5.80
CA LEU A 76 2.60 5.78 4.61
C LEU A 76 2.31 7.26 4.82
N GLY A 77 1.91 7.61 6.04
CA GLY A 77 1.59 9.00 6.35
C GLY A 77 0.12 9.32 6.14
N ALA A 78 -0.38 10.29 6.90
CA ALA A 78 -1.78 10.69 6.80
C ALA A 78 -2.03 11.51 5.54
N ARG A 79 -0.99 12.19 5.07
CA ARG A 79 -1.09 13.02 3.87
C ARG A 79 -1.70 12.23 2.72
N CYS A 80 -1.34 10.94 2.63
CA CYS A 80 -1.85 10.08 1.56
C CYS A 80 -2.96 9.17 2.09
N HIS A 81 -3.99 8.98 1.28
CA HIS A 81 -5.12 8.13 1.67
C HIS A 81 -4.76 6.65 1.53
N ILE A 82 -4.96 5.91 2.61
CA ILE A 82 -4.65 4.48 2.61
C ILE A 82 -5.91 3.65 2.81
N GLU A 83 -5.96 2.48 2.18
CA GLU A 83 -7.11 1.59 2.28
C GLU A 83 -6.67 0.13 2.16
N LYS A 84 -7.56 -0.77 2.56
CA LYS A 84 -7.27 -2.20 2.49
C LYS A 84 -7.41 -2.71 1.06
N ALA A 85 -6.42 -3.48 0.61
CA ALA A 85 -6.42 -4.04 -0.73
C ALA A 85 -7.21 -5.35 -0.78
N LYS A 86 -7.66 -5.70 -1.98
CA LYS A 86 -8.42 -6.94 -2.17
C LYS A 86 -8.04 -7.63 -3.47
N GLY A 87 -8.00 -8.95 -3.45
CA GLY A 87 -7.64 -9.71 -4.63
C GLY A 87 -6.39 -10.54 -4.44
N THR A 88 -5.98 -11.25 -5.49
CA THR A 88 -4.79 -12.08 -5.43
C THR A 88 -3.53 -11.28 -5.76
N ASP A 89 -2.38 -11.93 -5.63
CA ASP A 89 -1.11 -11.27 -5.91
C ASP A 89 -1.10 -10.67 -7.32
N GLN A 90 -1.67 -11.40 -8.26
CA GLN A 90 -1.73 -10.95 -9.65
C GLN A 90 -2.69 -9.77 -9.79
N GLN A 91 -3.77 -9.80 -9.02
CA GLN A 91 -4.77 -8.74 -9.06
C GLN A 91 -4.20 -7.44 -8.52
N ASN A 92 -3.43 -7.53 -7.44
CA ASN A 92 -2.82 -6.36 -6.83
C ASN A 92 -1.65 -5.85 -7.67
N LYS A 93 -0.80 -6.76 -8.11
CA LYS A 93 0.36 -6.41 -8.92
C LYS A 93 -0.08 -5.79 -10.24
N GLU A 94 -1.04 -6.42 -10.90
CA GLU A 94 -1.56 -5.92 -12.17
C GLU A 94 -2.29 -4.61 -11.99
N TYR A 95 -2.99 -4.48 -10.87
CA TYR A 95 -3.74 -3.26 -10.56
C TYR A 95 -2.84 -2.04 -10.58
N CYS A 96 -1.69 -2.15 -9.93
CA CYS A 96 -0.73 -1.05 -9.88
C CYS A 96 -0.12 -0.79 -11.25
N SER A 97 0.08 -1.85 -12.01
CA SER A 97 0.66 -1.74 -13.34
C SER A 97 -0.37 -1.25 -14.35
N LYS A 98 -1.65 -1.27 -13.94
CA LYS A 98 -2.73 -0.83 -14.80
C LYS A 98 -2.52 0.61 -15.26
N GLU A 99 -1.74 1.36 -14.48
CA GLU A 99 -1.46 2.75 -14.80
C GLU A 99 -0.51 2.85 -15.99
N GLY A 100 0.22 1.77 -16.26
CA GLY A 100 1.15 1.77 -17.37
C GLY A 100 2.51 2.32 -16.99
N ASN A 101 2.63 2.80 -15.75
CA ASN A 101 3.89 3.35 -15.27
C ASN A 101 4.22 2.81 -13.89
N LEU A 102 5.43 2.26 -13.75
CA LEU A 102 5.88 1.72 -12.47
C LEU A 102 6.80 2.70 -11.75
N LEU A 103 6.50 2.95 -10.48
CA LEU A 103 7.29 3.87 -9.67
C LEU A 103 8.31 3.10 -8.83
N MET A 104 7.96 1.87 -8.47
CA MET A 104 8.84 1.04 -7.66
C MET A 104 8.47 -0.44 -7.81
N GLU A 105 9.49 -1.29 -7.94
CA GLU A 105 9.26 -2.72 -8.08
C GLU A 105 10.17 -3.50 -7.14
N CYS A 106 9.59 -4.05 -6.09
CA CYS A 106 10.35 -4.82 -5.10
C CYS A 106 9.45 -5.84 -4.41
N GLY A 107 10.05 -6.66 -3.55
CA GLY A 107 9.29 -7.66 -2.82
C GLY A 107 9.00 -8.88 -3.68
N ALA A 108 8.28 -9.85 -3.11
CA ALA A 108 7.94 -11.07 -3.83
C ALA A 108 6.44 -11.12 -4.13
N PRO A 109 6.08 -11.87 -5.18
CA PRO A 109 4.68 -12.02 -5.60
C PRO A 109 3.86 -12.84 -4.61
N ARG A 110 3.34 -12.17 -3.59
CA ARG A 110 2.53 -12.83 -2.57
C ARG A 110 1.13 -12.22 -2.51
N SER A 111 0.17 -13.02 -2.05
CA SER A 111 -1.22 -12.57 -1.95
C SER A 111 -1.69 -12.62 -0.49
N GLN A 112 -2.99 -12.42 -0.30
CA GLN A 112 -3.57 -12.43 1.04
C GLN A 112 -3.24 -13.74 1.76
N GLY A 113 -2.40 -13.64 2.78
CA GLY A 113 -2.02 -14.81 3.54
C GLY A 113 -3.14 -15.32 4.42
N GLN A 114 -3.24 -16.64 4.56
CA GLN A 114 -4.27 -17.25 5.38
C GLN A 114 -4.02 -18.76 5.55
N ARG A 115 -4.09 -19.49 4.44
CA ARG A 115 -3.88 -20.93 4.47
C ARG A 115 -3.39 -21.43 3.11
N PRO A 1 -13.67 -19.30 29.84
CA PRO A 1 -12.58 -18.95 28.93
C PRO A 1 -11.33 -18.50 29.68
N SER A 2 -10.35 -17.99 28.94
CA SER A 2 -9.10 -17.52 29.53
C SER A 2 -8.62 -16.25 28.84
N LYS A 3 -7.85 -15.45 29.57
CA LYS A 3 -7.32 -14.19 29.03
C LYS A 3 -8.45 -13.22 28.70
N LYS A 4 -8.09 -11.96 28.49
CA LYS A 4 -9.08 -10.94 28.16
C LYS A 4 -8.74 -10.26 26.84
N ASN A 5 -9.70 -9.55 26.27
CA ASN A 5 -9.50 -8.85 25.01
C ASN A 5 -10.46 -7.67 24.88
N GLY A 6 -10.50 -7.08 23.70
CA GLY A 6 -11.38 -5.95 23.46
C GLY A 6 -12.19 -6.10 22.19
N ARG A 7 -13.22 -5.27 22.04
CA ARG A 7 -14.08 -5.31 20.86
C ARG A 7 -14.31 -3.91 20.30
N SER A 8 -14.61 -3.84 19.00
CA SER A 8 -14.85 -2.56 18.35
C SER A 8 -15.33 -2.77 16.92
N GLY A 9 -14.53 -3.47 16.12
CA GLY A 9 -14.89 -3.73 14.74
C GLY A 9 -13.68 -3.79 13.83
N PRO A 10 -13.11 -2.61 13.53
CA PRO A 10 -11.94 -2.50 12.65
C PRO A 10 -10.68 -3.05 13.30
N GLN A 11 -10.02 -3.97 12.61
CA GLN A 11 -8.79 -4.59 13.12
C GLN A 11 -7.64 -4.41 12.14
N PRO A 12 -6.41 -4.49 12.65
CA PRO A 12 -5.20 -4.33 11.85
C PRO A 12 -4.98 -5.50 10.90
N HIS A 13 -4.52 -5.19 9.68
CA HIS A 13 -4.28 -6.23 8.68
C HIS A 13 -2.85 -6.13 8.15
N LYS A 14 -2.49 -7.05 7.26
CA LYS A 14 -1.15 -7.08 6.68
C LYS A 14 -1.17 -6.54 5.25
N ARG A 15 -2.23 -5.81 4.92
CA ARG A 15 -2.36 -5.22 3.58
C ARG A 15 -2.95 -3.82 3.66
N TRP A 16 -2.25 -2.86 3.06
CA TRP A 16 -2.71 -1.48 3.05
C TRP A 16 -2.22 -0.75 1.80
N VAL A 17 -3.12 0.02 1.19
CA VAL A 17 -2.77 0.77 -0.02
C VAL A 17 -2.68 2.26 0.28
N PHE A 18 -2.03 3.00 -0.61
CA PHE A 18 -1.86 4.43 -0.45
C PHE A 18 -2.12 5.17 -1.77
N THR A 19 -2.69 6.36 -1.68
CA THR A 19 -2.99 7.15 -2.86
C THR A 19 -2.91 8.65 -2.55
N LEU A 20 -2.16 9.38 -3.37
CA LEU A 20 -2.00 10.81 -3.19
C LEU A 20 -2.05 11.54 -4.52
N ASN A 21 -2.90 12.56 -4.60
CA ASN A 21 -3.06 13.34 -5.82
C ASN A 21 -1.90 14.32 -5.98
N ASN A 22 -1.29 14.32 -7.17
CA ASN A 22 -0.17 15.21 -7.45
C ASN A 22 0.90 15.10 -6.36
N PRO A 23 1.54 13.93 -6.26
CA PRO A 23 2.59 13.68 -5.27
C PRO A 23 3.87 14.48 -5.56
N SER A 24 4.58 14.84 -4.50
CA SER A 24 5.82 15.60 -4.65
C SER A 24 7.03 14.67 -4.72
N GLU A 25 8.14 15.20 -5.22
CA GLU A 25 9.36 14.41 -5.36
C GLU A 25 9.88 13.97 -3.99
N ASP A 26 9.59 14.77 -2.97
CA ASP A 26 10.03 14.47 -1.61
C ASP A 26 9.19 13.34 -1.02
N GLU A 27 7.87 13.48 -1.13
CA GLU A 27 6.96 12.47 -0.59
C GLU A 27 7.05 11.17 -1.39
N ARG A 28 7.02 11.30 -2.71
CA ARG A 28 7.09 10.14 -3.60
C ARG A 28 8.39 9.38 -3.38
N LYS A 29 9.47 10.11 -3.12
CA LYS A 29 10.78 9.50 -2.88
C LYS A 29 10.80 8.76 -1.55
N LYS A 30 10.10 9.31 -0.56
CA LYS A 30 10.04 8.70 0.76
C LYS A 30 9.43 7.31 0.69
N ILE A 31 8.25 7.22 0.08
CA ILE A 31 7.56 5.93 -0.06
C ILE A 31 8.38 4.95 -0.89
N ARG A 32 8.96 5.45 -1.97
CA ARG A 32 9.76 4.62 -2.86
C ARG A 32 11.09 4.23 -2.19
N ASP A 33 11.48 5.00 -1.19
CA ASP A 33 12.71 4.75 -0.45
C ASP A 33 12.44 3.99 0.83
N LEU A 34 11.20 3.54 1.00
CA LEU A 34 10.80 2.81 2.20
C LEU A 34 11.52 1.47 2.28
N PRO A 35 11.56 0.89 3.48
CA PRO A 35 12.22 -0.40 3.73
C PRO A 35 11.46 -1.56 3.08
N ILE A 36 12.11 -2.25 2.16
CA ILE A 36 11.51 -3.38 1.48
C ILE A 36 11.31 -4.56 2.43
N SER A 37 12.24 -4.72 3.36
CA SER A 37 12.17 -5.80 4.33
C SER A 37 10.97 -5.63 5.27
N LEU A 38 10.49 -4.39 5.37
CA LEU A 38 9.34 -4.09 6.22
C LEU A 38 8.05 -4.61 5.61
N PHE A 39 8.02 -4.69 4.28
CA PHE A 39 6.84 -5.17 3.57
C PHE A 39 7.21 -6.34 2.65
N ASP A 40 6.65 -7.50 2.94
CA ASP A 40 6.91 -8.70 2.14
C ASP A 40 6.66 -8.42 0.66
N TYR A 41 5.75 -7.48 0.39
CA TYR A 41 5.41 -7.13 -0.99
C TYR A 41 5.19 -5.62 -1.12
N PHE A 42 5.93 -5.01 -2.05
CA PHE A 42 5.82 -3.57 -2.28
C PHE A 42 5.72 -3.27 -3.77
N ILE A 43 4.60 -2.73 -4.18
CA ILE A 43 4.38 -2.38 -5.59
C ILE A 43 3.71 -1.02 -5.73
N VAL A 44 4.40 -0.09 -6.36
CA VAL A 44 3.88 1.26 -6.57
C VAL A 44 3.80 1.60 -8.04
N GLY A 45 2.72 2.26 -8.43
CA GLY A 45 2.54 2.64 -9.83
C GLY A 45 2.09 4.08 -9.99
N GLU A 46 2.64 4.77 -10.98
CA GLU A 46 2.29 6.15 -11.24
C GLU A 46 1.17 6.25 -12.27
N GLU A 47 0.18 7.09 -11.99
CA GLU A 47 -0.95 7.28 -12.90
C GLU A 47 -1.09 8.74 -13.29
N GLY A 48 -0.73 9.04 -14.54
CA GLY A 48 -0.82 10.40 -15.03
C GLY A 48 -0.18 10.57 -16.40
N ASN A 49 -0.88 10.11 -17.43
CA ASN A 49 -0.38 10.21 -18.79
C ASN A 49 -1.33 11.02 -19.67
N GLU A 50 -2.00 11.99 -19.06
CA GLU A 50 -2.94 12.84 -19.77
C GLU A 50 -2.63 14.32 -19.55
N GLU A 51 -2.25 15.01 -20.62
CA GLU A 51 -1.92 16.42 -20.53
C GLU A 51 -3.10 17.21 -19.97
N GLY A 52 -2.78 18.29 -19.26
CA GLY A 52 -3.82 19.13 -18.68
C GLY A 52 -4.16 18.72 -17.25
N ARG A 53 -3.84 17.48 -16.90
CA ARG A 53 -4.11 16.97 -15.56
C ARG A 53 -2.82 16.60 -14.85
N THR A 54 -2.82 16.73 -13.53
CA THR A 54 -1.64 16.41 -12.73
C THR A 54 -1.55 14.91 -12.48
N PRO A 55 -0.33 14.43 -12.15
CA PRO A 55 -0.08 13.02 -11.88
C PRO A 55 -0.73 12.55 -10.58
N HIS A 56 -0.84 11.23 -10.42
CA HIS A 56 -1.43 10.66 -9.21
C HIS A 56 -0.67 9.41 -8.77
N LEU A 57 -0.48 9.28 -7.47
CA LEU A 57 0.24 8.13 -6.91
C LEU A 57 -0.73 7.05 -6.46
N GLN A 58 -0.44 5.81 -6.80
CA GLN A 58 -1.28 4.68 -6.43
C GLN A 58 -0.48 3.39 -6.36
N GLY A 59 -0.31 2.86 -5.15
CA GLY A 59 0.44 1.64 -4.97
C GLY A 59 -0.04 0.83 -3.79
N PHE A 60 0.36 -0.44 -3.73
CA PHE A 60 -0.04 -1.32 -2.64
C PHE A 60 1.17 -1.90 -1.93
N ALA A 61 1.09 -1.99 -0.61
CA ALA A 61 2.19 -2.53 0.20
C ALA A 61 1.67 -3.51 1.24
N ASN A 62 2.22 -4.72 1.25
CA ASN A 62 1.82 -5.74 2.20
C ASN A 62 2.68 -5.69 3.46
N PHE A 63 2.08 -5.33 4.58
CA PHE A 63 2.78 -5.25 5.84
C PHE A 63 3.16 -6.64 6.35
N VAL A 64 4.45 -6.83 6.64
CA VAL A 64 4.95 -8.11 7.14
C VAL A 64 4.28 -8.49 8.45
N LYS A 65 3.76 -7.48 9.15
CA LYS A 65 3.09 -7.70 10.43
C LYS A 65 1.70 -7.08 10.43
N LYS A 66 1.03 -7.15 11.57
CA LYS A 66 -0.32 -6.59 11.71
C LYS A 66 -0.25 -5.13 12.15
N GLN A 67 -0.85 -4.25 11.34
CA GLN A 67 -0.86 -2.83 11.64
C GLN A 67 -2.25 -2.24 11.44
N THR A 68 -2.56 -1.18 12.17
CA THR A 68 -3.86 -0.52 12.07
C THR A 68 -3.82 0.62 11.05
N PHE A 69 -4.99 1.16 10.73
CA PHE A 69 -5.09 2.24 9.78
C PHE A 69 -4.30 3.46 10.25
N ASN A 70 -4.59 3.91 11.47
CA ASN A 70 -3.90 5.07 12.04
C ASN A 70 -2.43 4.76 12.28
N LYS A 71 -2.15 3.52 12.67
CA LYS A 71 -0.77 3.09 12.93
C LYS A 71 0.05 3.07 11.65
N VAL A 72 -0.56 2.59 10.56
CA VAL A 72 0.13 2.53 9.28
C VAL A 72 0.46 3.92 8.76
N LYS A 73 -0.30 4.91 9.22
CA LYS A 73 -0.09 6.29 8.81
C LYS A 73 1.27 6.80 9.28
N TRP A 74 1.91 6.03 10.16
CA TRP A 74 3.21 6.40 10.69
C TRP A 74 4.28 6.31 9.61
N TYR A 75 3.98 5.56 8.54
CA TYR A 75 4.91 5.39 7.44
C TYR A 75 4.38 6.04 6.16
N LEU A 76 3.14 5.71 5.82
CA LEU A 76 2.51 6.27 4.62
C LEU A 76 2.16 7.73 4.82
N GLY A 77 2.24 8.19 6.07
CA GLY A 77 1.93 9.58 6.37
C GLY A 77 0.45 9.90 6.19
N ALA A 78 -0.01 10.92 6.89
CA ALA A 78 -1.40 11.33 6.79
C ALA A 78 -1.69 12.06 5.48
N ARG A 79 -0.66 12.71 4.94
CA ARG A 79 -0.79 13.43 3.69
C ARG A 79 -1.39 12.55 2.60
N CYS A 80 -0.93 11.30 2.54
CA CYS A 80 -1.42 10.36 1.54
C CYS A 80 -2.57 9.52 2.10
N HIS A 81 -3.67 9.46 1.36
CA HIS A 81 -4.84 8.69 1.78
C HIS A 81 -4.57 7.19 1.64
N ILE A 82 -4.79 6.46 2.74
CA ILE A 82 -4.58 5.02 2.74
C ILE A 82 -5.91 4.27 2.91
N GLU A 83 -5.98 3.08 2.34
CA GLU A 83 -7.18 2.26 2.42
C GLU A 83 -6.84 0.78 2.40
N LYS A 84 -7.80 -0.06 2.80
CA LYS A 84 -7.60 -1.50 2.82
C LYS A 84 -7.73 -2.09 1.42
N ALA A 85 -6.77 -2.94 1.06
CA ALA A 85 -6.77 -3.58 -0.25
C ALA A 85 -7.65 -4.83 -0.25
N LYS A 86 -8.14 -5.20 -1.42
CA LYS A 86 -8.99 -6.38 -1.56
C LYS A 86 -8.56 -7.22 -2.75
N GLY A 87 -8.64 -8.54 -2.61
CA GLY A 87 -8.26 -9.43 -3.68
C GLY A 87 -6.99 -10.20 -3.38
N THR A 88 -6.27 -10.60 -4.43
CA THR A 88 -5.02 -11.34 -4.27
C THR A 88 -3.83 -10.50 -4.72
N ASP A 89 -2.63 -11.03 -4.51
CA ASP A 89 -1.41 -10.33 -4.89
C ASP A 89 -1.42 -9.98 -6.37
N GLN A 90 -1.91 -10.93 -7.19
CA GLN A 90 -1.98 -10.73 -8.63
C GLN A 90 -2.93 -9.59 -8.98
N GLN A 91 -4.01 -9.47 -8.21
CA GLN A 91 -4.99 -8.43 -8.44
C GLN A 91 -4.41 -7.05 -8.15
N ASN A 92 -3.63 -6.95 -7.08
CA ASN A 92 -3.01 -5.69 -6.69
C ASN A 92 -1.83 -5.37 -7.59
N LYS A 93 -1.05 -6.39 -7.92
CA LYS A 93 0.11 -6.21 -8.79
C LYS A 93 -0.30 -5.71 -10.17
N GLU A 94 -1.33 -6.33 -10.73
CA GLU A 94 -1.82 -5.94 -12.05
C GLU A 94 -2.53 -4.59 -11.99
N TYR A 95 -3.23 -4.35 -10.88
CA TYR A 95 -3.96 -3.10 -10.70
C TYR A 95 -3.00 -1.91 -10.71
N CYS A 96 -1.89 -2.04 -10.00
CA CYS A 96 -0.89 -0.97 -9.93
C CYS A 96 -0.23 -0.76 -11.29
N SER A 97 -0.04 -1.85 -12.03
CA SER A 97 0.59 -1.77 -13.35
C SER A 97 -0.43 -1.35 -14.41
N LYS A 98 -1.71 -1.43 -14.06
CA LYS A 98 -2.78 -1.05 -14.98
C LYS A 98 -2.62 0.40 -15.43
N GLU A 99 -1.92 1.19 -14.63
CA GLU A 99 -1.69 2.59 -14.95
C GLU A 99 -0.70 2.75 -16.09
N GLY A 100 0.03 1.68 -16.39
CA GLY A 100 1.00 1.71 -17.46
C GLY A 100 2.32 2.33 -17.03
N ASN A 101 2.38 2.79 -15.78
CA ASN A 101 3.58 3.41 -15.25
C ASN A 101 3.91 2.85 -13.87
N LEU A 102 5.12 2.33 -13.72
CA LEU A 102 5.56 1.77 -12.45
C LEU A 102 6.49 2.74 -11.72
N LEU A 103 6.17 3.00 -10.45
CA LEU A 103 6.98 3.91 -9.64
C LEU A 103 8.02 3.14 -8.84
N MET A 104 7.64 1.96 -8.36
CA MET A 104 8.54 1.12 -7.58
C MET A 104 8.15 -0.35 -7.69
N GLU A 105 9.16 -1.21 -7.86
CA GLU A 105 8.93 -2.65 -7.99
C GLU A 105 9.84 -3.43 -7.04
N CYS A 106 9.27 -3.95 -5.96
CA CYS A 106 10.03 -4.72 -4.99
C CYS A 106 9.14 -5.71 -4.25
N GLY A 107 9.73 -6.50 -3.37
CA GLY A 107 8.98 -7.49 -2.62
C GLY A 107 8.79 -8.79 -3.38
N ALA A 108 8.12 -9.75 -2.76
CA ALA A 108 7.88 -11.04 -3.37
C ALA A 108 6.40 -11.23 -3.69
N PRO A 109 6.11 -12.15 -4.61
CA PRO A 109 4.73 -12.45 -5.03
C PRO A 109 3.94 -13.15 -3.94
N ARG A 110 3.06 -12.41 -3.27
CA ARG A 110 2.24 -12.98 -2.21
C ARG A 110 1.19 -13.94 -2.76
N SER A 111 0.76 -14.89 -1.93
CA SER A 111 -0.23 -15.86 -2.35
C SER A 111 -0.82 -16.59 -1.14
N GLN A 112 -2.07 -17.01 -1.25
CA GLN A 112 -2.75 -17.72 -0.17
C GLN A 112 -3.55 -18.90 -0.71
N GLY A 113 -3.86 -19.84 0.17
CA GLY A 113 -4.62 -21.01 -0.22
C GLY A 113 -4.36 -22.20 0.69
N GLN A 114 -5.05 -22.23 1.82
CA GLN A 114 -4.89 -23.31 2.78
C GLN A 114 -5.59 -24.58 2.29
N ARG A 115 -6.91 -24.59 2.36
CA ARG A 115 -7.71 -25.74 1.92
C ARG A 115 -8.30 -25.49 0.54
N PRO A 1 -2.84 -10.35 35.46
CA PRO A 1 -2.45 -9.40 34.41
C PRO A 1 -3.33 -9.52 33.17
N SER A 2 -4.50 -8.90 33.21
CA SER A 2 -5.42 -8.94 32.10
C SER A 2 -4.96 -8.02 30.97
N LYS A 3 -5.15 -8.47 29.73
CA LYS A 3 -4.76 -7.69 28.57
C LYS A 3 -5.91 -6.84 28.06
N LYS A 4 -5.80 -5.52 28.23
CA LYS A 4 -6.84 -4.60 27.79
C LYS A 4 -6.88 -4.53 26.26
N ASN A 5 -8.08 -4.43 25.72
CA ASN A 5 -8.26 -4.34 24.27
C ASN A 5 -9.71 -4.01 23.92
N GLY A 6 -9.89 -3.01 23.06
CA GLY A 6 -11.23 -2.62 22.65
C GLY A 6 -11.65 -3.26 21.35
N ARG A 7 -12.89 -3.73 21.30
CA ARG A 7 -13.42 -4.38 20.09
C ARG A 7 -13.92 -3.32 19.10
N SER A 8 -13.80 -3.65 17.82
CA SER A 8 -14.24 -2.74 16.76
C SER A 8 -14.72 -3.51 15.54
N GLY A 9 -15.39 -2.81 14.62
CA GLY A 9 -15.89 -3.45 13.42
C GLY A 9 -14.77 -4.00 12.55
N PRO A 10 -14.02 -3.09 11.89
CA PRO A 10 -12.92 -3.48 11.02
C PRO A 10 -11.73 -4.06 11.79
N GLN A 11 -11.04 -5.01 11.18
CA GLN A 11 -9.89 -5.65 11.81
C GLN A 11 -8.64 -5.46 10.96
N PRO A 12 -7.47 -5.63 11.60
CA PRO A 12 -6.17 -5.48 10.93
C PRO A 12 -5.90 -6.60 9.93
N HIS A 13 -5.21 -6.26 8.84
CA HIS A 13 -4.88 -7.24 7.81
C HIS A 13 -3.43 -7.10 7.37
N LYS A 14 -3.01 -7.96 6.45
CA LYS A 14 -1.64 -7.93 5.94
C LYS A 14 -1.60 -7.28 4.55
N ARG A 15 -2.67 -6.61 4.19
CA ARG A 15 -2.76 -5.94 2.89
C ARG A 15 -3.37 -4.54 3.03
N TRP A 16 -2.68 -3.55 2.51
CA TRP A 16 -3.15 -2.17 2.58
C TRP A 16 -2.65 -1.36 1.39
N VAL A 17 -3.54 -0.57 0.79
CA VAL A 17 -3.19 0.25 -0.36
C VAL A 17 -3.15 1.73 0.02
N PHE A 18 -2.26 2.48 -0.63
CA PHE A 18 -2.13 3.91 -0.37
C PHE A 18 -2.38 4.73 -1.64
N THR A 19 -3.01 5.88 -1.47
CA THR A 19 -3.31 6.76 -2.60
C THR A 19 -3.33 8.22 -2.17
N LEU A 20 -2.57 9.05 -2.90
CA LEU A 20 -2.50 10.47 -2.59
C LEU A 20 -2.47 11.30 -3.87
N ASN A 21 -3.24 12.38 -3.89
CA ASN A 21 -3.30 13.26 -5.05
C ASN A 21 -2.13 14.23 -5.06
N ASN A 22 -1.52 14.40 -6.22
CA ASN A 22 -0.38 15.31 -6.37
C ASN A 22 0.69 15.01 -5.32
N PRO A 23 1.33 13.85 -5.44
CA PRO A 23 2.37 13.42 -4.51
C PRO A 23 3.65 14.25 -4.65
N SER A 24 4.23 14.63 -3.53
CA SER A 24 5.46 15.42 -3.53
C SER A 24 6.69 14.53 -3.47
N GLU A 25 7.82 15.06 -3.93
CA GLU A 25 9.07 14.31 -3.93
C GLU A 25 9.45 13.88 -2.51
N ASP A 26 9.04 14.67 -1.53
CA ASP A 26 9.33 14.37 -0.14
C ASP A 26 8.53 13.17 0.35
N GLU A 27 7.24 13.16 0.03
CA GLU A 27 6.35 12.08 0.43
C GLU A 27 6.68 10.80 -0.34
N ARG A 28 6.84 10.93 -1.66
CA ARG A 28 7.15 9.78 -2.50
C ARG A 28 8.49 9.17 -2.12
N LYS A 29 9.39 10.00 -1.61
CA LYS A 29 10.71 9.54 -1.20
C LYS A 29 10.62 8.71 0.08
N LYS A 30 9.77 9.14 0.99
CA LYS A 30 9.59 8.44 2.26
C LYS A 30 9.06 7.03 2.03
N ILE A 31 7.96 6.93 1.27
CA ILE A 31 7.36 5.64 0.97
C ILE A 31 8.31 4.75 0.16
N ARG A 32 9.01 5.38 -0.79
CA ARG A 32 9.95 4.65 -1.64
C ARG A 32 11.20 4.26 -0.86
N ASP A 33 11.44 4.97 0.25
CA ASP A 33 12.60 4.69 1.09
C ASP A 33 12.22 3.83 2.28
N LEU A 34 10.99 3.32 2.26
CA LEU A 34 10.51 2.48 3.35
C LEU A 34 11.22 1.13 3.36
N PRO A 35 11.18 0.44 4.51
CA PRO A 35 11.81 -0.87 4.67
C PRO A 35 11.12 -1.96 3.86
N ILE A 36 11.84 -2.55 2.93
CA ILE A 36 11.28 -3.61 2.09
C ILE A 36 11.06 -4.88 2.90
N SER A 37 11.91 -5.11 3.89
CA SER A 37 11.80 -6.29 4.74
C SER A 37 10.56 -6.21 5.63
N LEU A 38 10.05 -5.00 5.81
CA LEU A 38 8.87 -4.78 6.63
C LEU A 38 7.60 -5.28 5.92
N PHE A 39 7.63 -5.24 4.59
CA PHE A 39 6.50 -5.69 3.79
C PHE A 39 6.90 -6.83 2.87
N ASP A 40 6.20 -7.95 2.97
CA ASP A 40 6.48 -9.12 2.14
C ASP A 40 6.31 -8.78 0.66
N TYR A 41 5.59 -7.69 0.39
CA TYR A 41 5.36 -7.27 -0.99
C TYR A 41 5.15 -5.76 -1.06
N PHE A 42 5.95 -5.10 -1.90
CA PHE A 42 5.86 -3.65 -2.07
C PHE A 42 5.86 -3.27 -3.55
N ILE A 43 4.76 -2.71 -4.01
CA ILE A 43 4.64 -2.31 -5.40
C ILE A 43 3.96 -0.94 -5.52
N VAL A 44 4.69 0.03 -6.06
CA VAL A 44 4.16 1.38 -6.23
C VAL A 44 4.27 1.83 -7.68
N GLY A 45 3.34 2.69 -8.11
CA GLY A 45 3.34 3.18 -9.47
C GLY A 45 2.80 4.59 -9.57
N GLU A 46 3.42 5.40 -10.43
CA GLU A 46 3.00 6.78 -10.62
C GLU A 46 2.02 6.90 -11.79
N GLU A 47 0.93 7.63 -11.58
CA GLU A 47 -0.08 7.81 -12.62
C GLU A 47 -0.35 9.30 -12.86
N GLY A 48 0.14 9.81 -13.99
CA GLY A 48 -0.06 11.20 -14.31
C GLY A 48 0.23 11.51 -15.76
N ASN A 49 0.10 10.50 -16.62
CA ASN A 49 0.35 10.66 -18.05
C ASN A 49 -0.93 11.06 -18.78
N GLU A 50 -1.20 12.36 -18.83
CA GLU A 50 -2.39 12.86 -19.50
C GLU A 50 -2.46 14.39 -19.42
N GLU A 51 -2.90 15.01 -20.50
CA GLU A 51 -3.01 16.47 -20.54
C GLU A 51 -4.22 16.95 -19.74
N GLY A 52 -4.01 17.97 -18.92
CA GLY A 52 -5.09 18.50 -18.11
C GLY A 52 -5.25 17.75 -16.81
N ARG A 53 -4.53 16.65 -16.66
CA ARG A 53 -4.60 15.84 -15.45
C ARG A 53 -3.40 16.11 -14.54
N THR A 54 -3.50 15.67 -13.29
CA THR A 54 -2.43 15.86 -12.33
C THR A 54 -1.82 14.53 -11.91
N PRO A 55 -0.59 14.57 -11.37
CA PRO A 55 0.12 13.37 -10.92
C PRO A 55 -0.51 12.78 -9.66
N HIS A 56 -0.57 11.45 -9.61
CA HIS A 56 -1.15 10.75 -8.47
C HIS A 56 -0.33 9.51 -8.13
N LEU A 57 -0.14 9.27 -6.83
CA LEU A 57 0.62 8.11 -6.38
C LEU A 57 -0.31 6.99 -5.93
N GLN A 58 -0.27 5.87 -6.65
CA GLN A 58 -1.11 4.73 -6.33
C GLN A 58 -0.28 3.44 -6.26
N GLY A 59 -0.18 2.88 -5.07
CA GLY A 59 0.59 1.65 -4.89
C GLY A 59 0.02 0.76 -3.82
N PHE A 60 0.47 -0.49 -3.79
CA PHE A 60 -0.01 -1.46 -2.80
C PHE A 60 1.16 -2.05 -2.02
N ALA A 61 0.95 -2.24 -0.72
CA ALA A 61 1.98 -2.81 0.14
C ALA A 61 1.40 -3.86 1.08
N ASN A 62 1.98 -5.05 1.05
CA ASN A 62 1.52 -6.15 1.89
C ASN A 62 2.32 -6.21 3.20
N PHE A 63 1.65 -5.94 4.31
CA PHE A 63 2.30 -5.96 5.62
C PHE A 63 2.67 -7.39 6.02
N VAL A 64 3.92 -7.58 6.42
CA VAL A 64 4.40 -8.90 6.83
C VAL A 64 3.59 -9.42 8.03
N LYS A 65 3.00 -8.51 8.77
CA LYS A 65 2.20 -8.87 9.95
C LYS A 65 0.83 -8.22 9.89
N LYS A 66 0.05 -8.40 10.96
CA LYS A 66 -1.29 -7.82 11.04
C LYS A 66 -1.24 -6.40 11.56
N GLN A 67 -1.80 -5.46 10.80
CA GLN A 67 -1.83 -4.06 11.19
C GLN A 67 -3.20 -3.45 10.95
N THR A 68 -3.54 -2.46 11.77
CA THR A 68 -4.83 -1.79 11.64
C THR A 68 -4.73 -0.56 10.75
N PHE A 69 -5.88 0.01 10.39
CA PHE A 69 -5.93 1.19 9.54
C PHE A 69 -5.20 2.36 10.19
N ASN A 70 -5.60 2.69 11.41
CA ASN A 70 -4.99 3.79 12.15
C ASN A 70 -3.52 3.54 12.40
N LYS A 71 -3.17 2.29 12.71
CA LYS A 71 -1.79 1.92 12.96
C LYS A 71 -0.96 2.05 11.70
N VAL A 72 -1.44 1.47 10.61
CA VAL A 72 -0.74 1.52 9.33
C VAL A 72 -0.43 2.97 8.94
N LYS A 73 -1.23 3.90 9.44
CA LYS A 73 -1.04 5.32 9.15
C LYS A 73 0.28 5.82 9.71
N TRP A 74 0.90 5.01 10.56
CA TRP A 74 2.18 5.37 11.17
C TRP A 74 3.30 5.39 10.12
N TYR A 75 3.06 4.71 9.01
CA TYR A 75 4.05 4.64 7.93
C TYR A 75 3.55 5.38 6.69
N LEU A 76 2.33 5.06 6.27
CA LEU A 76 1.74 5.69 5.10
C LEU A 76 1.33 7.13 5.41
N GLY A 77 1.35 7.49 6.68
CA GLY A 77 0.99 8.84 7.07
C GLY A 77 -0.48 9.13 6.86
N ALA A 78 -1.02 10.09 7.62
CA ALA A 78 -2.42 10.46 7.51
C ALA A 78 -2.66 11.29 6.25
N ARG A 79 -1.65 12.04 5.84
CA ARG A 79 -1.75 12.88 4.65
C ARG A 79 -2.25 12.07 3.45
N CYS A 80 -1.87 10.80 3.41
CA CYS A 80 -2.27 9.92 2.32
C CYS A 80 -3.43 9.02 2.74
N HIS A 81 -4.35 8.79 1.82
CA HIS A 81 -5.51 7.95 2.10
C HIS A 81 -5.15 6.47 1.94
N ILE A 82 -5.59 5.65 2.90
CA ILE A 82 -5.32 4.22 2.87
C ILE A 82 -6.60 3.42 2.65
N GLU A 83 -6.51 2.41 1.80
CA GLU A 83 -7.66 1.56 1.51
C GLU A 83 -7.29 0.08 1.63
N LYS A 84 -8.32 -0.78 1.69
CA LYS A 84 -8.11 -2.21 1.81
C LYS A 84 -7.92 -2.85 0.44
N ALA A 85 -6.90 -3.69 0.32
CA ALA A 85 -6.61 -4.36 -0.94
C ALA A 85 -7.31 -5.72 -1.01
N LYS A 86 -7.60 -6.17 -2.22
CA LYS A 86 -8.27 -7.45 -2.42
C LYS A 86 -7.87 -8.07 -3.75
N GLY A 87 -7.72 -9.40 -3.76
CA GLY A 87 -7.34 -10.10 -4.97
C GLY A 87 -6.03 -10.85 -4.82
N THR A 88 -5.58 -11.46 -5.90
CA THR A 88 -4.33 -12.22 -5.88
C THR A 88 -3.12 -11.31 -6.13
N ASP A 89 -1.94 -11.88 -6.03
CA ASP A 89 -0.70 -11.12 -6.24
C ASP A 89 -0.72 -10.44 -7.60
N GLN A 90 -1.22 -11.14 -8.60
CA GLN A 90 -1.29 -10.60 -9.97
C GLN A 90 -2.32 -9.48 -10.05
N GLN A 91 -3.41 -9.62 -9.30
CA GLN A 91 -4.47 -8.62 -9.30
C GLN A 91 -3.95 -7.29 -8.75
N ASN A 92 -3.14 -7.35 -7.70
CA ASN A 92 -2.58 -6.16 -7.09
C ASN A 92 -1.40 -5.63 -7.90
N LYS A 93 -0.52 -6.54 -8.31
CA LYS A 93 0.65 -6.17 -9.09
C LYS A 93 0.24 -5.53 -10.42
N GLU A 94 -0.74 -6.15 -11.08
CA GLU A 94 -1.23 -5.64 -12.36
C GLU A 94 -1.97 -4.31 -12.18
N TYR A 95 -2.68 -4.19 -11.06
CA TYR A 95 -3.43 -2.97 -10.78
C TYR A 95 -2.52 -1.75 -10.79
N CYS A 96 -1.45 -1.82 -9.99
CA CYS A 96 -0.50 -0.72 -9.91
C CYS A 96 0.16 -0.46 -11.25
N SER A 97 0.40 -1.54 -12.01
CA SER A 97 1.03 -1.43 -13.31
C SER A 97 0.02 -0.95 -14.36
N LYS A 98 -1.25 -0.96 -14.01
CA LYS A 98 -2.31 -0.52 -14.91
C LYS A 98 -2.09 0.92 -15.35
N GLU A 99 -1.31 1.66 -14.56
CA GLU A 99 -1.03 3.06 -14.86
C GLU A 99 -0.06 3.17 -16.05
N GLY A 100 0.60 2.07 -16.37
CA GLY A 100 1.55 2.06 -17.48
C GLY A 100 2.91 2.59 -17.09
N ASN A 101 3.03 3.06 -15.86
CA ASN A 101 4.29 3.60 -15.36
C ASN A 101 4.60 3.06 -13.97
N LEU A 102 5.77 2.44 -13.82
CA LEU A 102 6.19 1.88 -12.55
C LEU A 102 7.03 2.88 -11.77
N LEU A 103 6.80 2.95 -10.45
CA LEU A 103 7.54 3.87 -9.59
C LEU A 103 8.51 3.10 -8.69
N MET A 104 8.00 2.04 -8.07
CA MET A 104 8.82 1.23 -7.18
C MET A 104 8.48 -0.25 -7.33
N GLU A 105 9.50 -1.10 -7.38
CA GLU A 105 9.30 -2.54 -7.52
C GLU A 105 10.17 -3.31 -6.53
N CYS A 106 9.54 -3.84 -5.49
CA CYS A 106 10.26 -4.60 -4.47
C CYS A 106 9.35 -5.65 -3.84
N GLY A 107 9.92 -6.44 -2.93
CA GLY A 107 9.15 -7.47 -2.27
C GLY A 107 8.86 -8.66 -3.16
N ALA A 108 8.07 -9.61 -2.65
CA ALA A 108 7.72 -10.80 -3.42
C ALA A 108 6.26 -10.77 -3.82
N PRO A 109 5.91 -11.57 -4.85
CA PRO A 109 4.54 -11.67 -5.35
C PRO A 109 3.61 -12.37 -4.36
N ARG A 110 3.20 -11.65 -3.33
CA ARG A 110 2.31 -12.19 -2.31
C ARG A 110 0.86 -12.18 -2.80
N SER A 111 0.21 -13.33 -2.71
CA SER A 111 -1.18 -13.46 -3.15
C SER A 111 -2.11 -13.60 -1.95
N GLN A 112 -3.37 -13.92 -2.24
CA GLN A 112 -4.36 -14.09 -1.18
C GLN A 112 -4.14 -15.40 -0.43
N GLY A 113 -4.46 -16.52 -1.08
CA GLY A 113 -4.29 -17.81 -0.46
C GLY A 113 -4.14 -18.93 -1.48
N GLN A 114 -4.89 -20.00 -1.28
CA GLN A 114 -4.85 -21.14 -2.19
C GLN A 114 -6.25 -21.70 -2.44
N ARG A 115 -6.93 -22.08 -1.37
CA ARG A 115 -8.28 -22.63 -1.48
C ARG A 115 -9.30 -21.52 -1.68
N PRO A 1 -5.49 -4.82 35.70
CA PRO A 1 -6.16 -5.92 34.99
C PRO A 1 -7.67 -5.76 34.94
N SER A 2 -8.25 -6.02 33.78
CA SER A 2 -9.70 -5.90 33.59
C SER A 2 -10.10 -6.30 32.18
N LYS A 3 -9.36 -5.79 31.20
CA LYS A 3 -9.64 -6.10 29.80
C LYS A 3 -11.02 -5.57 29.40
N LYS A 4 -11.20 -4.26 29.52
CA LYS A 4 -12.47 -3.63 29.16
C LYS A 4 -12.48 -3.23 27.70
N ASN A 5 -13.06 -4.08 26.86
CA ASN A 5 -13.15 -3.80 25.43
C ASN A 5 -14.59 -3.82 24.95
N GLY A 6 -15.05 -2.68 24.44
CA GLY A 6 -16.42 -2.58 23.96
C GLY A 6 -16.50 -2.59 22.44
N ARG A 7 -15.67 -1.77 21.81
CA ARG A 7 -15.65 -1.68 20.36
C ARG A 7 -14.82 -2.81 19.75
N SER A 8 -15.27 -3.32 18.61
CA SER A 8 -14.57 -4.40 17.93
C SER A 8 -15.18 -4.68 16.56
N GLY A 9 -14.33 -4.81 15.54
CA GLY A 9 -14.81 -5.07 14.20
C GLY A 9 -13.68 -5.33 13.23
N PRO A 10 -12.97 -4.27 12.84
CA PRO A 10 -11.84 -4.36 11.90
C PRO A 10 -10.63 -5.07 12.51
N GLN A 11 -9.95 -5.87 11.69
CA GLN A 11 -8.78 -6.60 12.16
C GLN A 11 -7.58 -6.37 11.22
N PRO A 12 -6.38 -6.64 11.73
CA PRO A 12 -5.15 -6.46 10.96
C PRO A 12 -5.01 -7.49 9.84
N HIS A 13 -4.39 -7.09 8.73
CA HIS A 13 -4.20 -7.97 7.59
C HIS A 13 -2.79 -7.84 7.04
N LYS A 14 -2.49 -8.63 6.01
CA LYS A 14 -1.17 -8.59 5.38
C LYS A 14 -1.22 -7.84 4.05
N ARG A 15 -2.36 -7.21 3.78
CA ARG A 15 -2.53 -6.45 2.54
C ARG A 15 -3.04 -5.04 2.83
N TRP A 16 -2.30 -4.04 2.38
CA TRP A 16 -2.68 -2.65 2.59
C TRP A 16 -2.28 -1.79 1.39
N VAL A 17 -3.18 -0.92 0.97
CA VAL A 17 -2.93 -0.03 -0.16
C VAL A 17 -2.84 1.43 0.29
N PHE A 18 -2.19 2.26 -0.53
CA PHE A 18 -2.04 3.67 -0.22
C PHE A 18 -2.35 4.53 -1.44
N THR A 19 -2.95 5.69 -1.20
CA THR A 19 -3.30 6.61 -2.28
C THR A 19 -3.24 8.05 -1.81
N LEU A 20 -2.53 8.89 -2.56
CA LEU A 20 -2.40 10.30 -2.22
C LEU A 20 -2.45 11.17 -3.46
N ASN A 21 -3.21 12.26 -3.40
CA ASN A 21 -3.34 13.17 -4.53
C ASN A 21 -2.20 14.18 -4.55
N ASN A 22 -1.56 14.33 -5.71
CA ASN A 22 -0.45 15.26 -5.86
C ASN A 22 0.60 15.04 -4.78
N PRO A 23 1.26 13.87 -4.82
CA PRO A 23 2.30 13.51 -3.86
C PRO A 23 3.55 14.35 -4.02
N SER A 24 4.25 14.60 -2.91
CA SER A 24 5.47 15.40 -2.94
C SER A 24 6.69 14.51 -3.17
N GLU A 25 7.77 15.12 -3.67
CA GLU A 25 8.99 14.37 -3.95
C GLU A 25 9.56 13.75 -2.67
N ASP A 26 9.30 14.39 -1.54
CA ASP A 26 9.78 13.90 -0.25
C ASP A 26 8.94 12.72 0.22
N GLU A 27 7.62 12.84 0.08
CA GLU A 27 6.70 11.79 0.50
C GLU A 27 6.83 10.57 -0.42
N ARG A 28 6.79 10.82 -1.73
CA ARG A 28 6.89 9.74 -2.70
C ARG A 28 8.21 8.99 -2.56
N LYS A 29 9.26 9.73 -2.22
CA LYS A 29 10.58 9.14 -2.05
C LYS A 29 10.63 8.27 -0.79
N LYS A 30 9.92 8.70 0.24
CA LYS A 30 9.87 7.96 1.50
C LYS A 30 9.29 6.57 1.30
N ILE A 31 8.12 6.51 0.67
CA ILE A 31 7.46 5.23 0.41
C ILE A 31 8.27 4.38 -0.57
N ARG A 32 8.82 5.03 -1.60
CA ARG A 32 9.62 4.34 -2.59
C ARG A 32 10.95 3.88 -2.01
N ASP A 33 11.36 4.53 -0.92
CA ASP A 33 12.62 4.19 -0.26
C ASP A 33 12.39 3.28 0.93
N LEU A 34 11.15 2.80 1.07
CA LEU A 34 10.79 1.91 2.17
C LEU A 34 11.54 0.58 2.06
N PRO A 35 11.62 -0.15 3.19
CA PRO A 35 12.30 -1.44 3.24
C PRO A 35 11.54 -2.52 2.48
N ILE A 36 12.18 -3.09 1.47
CA ILE A 36 11.58 -4.14 0.66
C ILE A 36 11.42 -5.43 1.47
N SER A 37 12.37 -5.68 2.35
CA SER A 37 12.35 -6.88 3.18
C SER A 37 11.16 -6.85 4.14
N LEU A 38 10.65 -5.65 4.39
CA LEU A 38 9.52 -5.47 5.30
C LEU A 38 8.22 -5.93 4.64
N PHE A 39 8.17 -5.82 3.32
CA PHE A 39 6.98 -6.22 2.56
C PHE A 39 7.33 -7.24 1.49
N ASP A 40 6.81 -8.45 1.63
CA ASP A 40 7.07 -9.52 0.67
C ASP A 40 6.76 -9.06 -0.75
N TYR A 41 5.82 -8.13 -0.87
CA TYR A 41 5.42 -7.61 -2.18
C TYR A 41 5.21 -6.10 -2.12
N PHE A 42 5.92 -5.37 -2.99
CA PHE A 42 5.81 -3.92 -3.03
C PHE A 42 5.65 -3.43 -4.47
N ILE A 43 4.51 -2.84 -4.77
CA ILE A 43 4.23 -2.33 -6.11
C ILE A 43 3.56 -0.97 -6.05
N VAL A 44 4.23 0.04 -6.59
CA VAL A 44 3.70 1.40 -6.60
C VAL A 44 3.59 1.94 -8.02
N GLY A 45 2.47 2.60 -8.31
CA GLY A 45 2.26 3.15 -9.65
C GLY A 45 1.97 4.63 -9.62
N GLU A 46 2.62 5.38 -10.50
CA GLU A 46 2.43 6.83 -10.57
C GLU A 46 1.40 7.19 -11.64
N GLU A 47 0.48 8.07 -11.28
CA GLU A 47 -0.57 8.50 -12.19
C GLU A 47 -0.44 9.99 -12.51
N GLY A 48 -0.86 10.38 -13.71
CA GLY A 48 -0.79 11.77 -14.11
C GLY A 48 -0.35 11.93 -15.55
N ASN A 49 -1.17 11.44 -16.48
CA ASN A 49 -0.85 11.54 -17.90
C ASN A 49 -1.81 12.48 -18.61
N GLU A 50 -2.26 13.51 -17.89
CA GLU A 50 -3.18 14.49 -18.46
C GLU A 50 -2.75 15.91 -18.10
N GLU A 51 -2.27 16.65 -19.11
CA GLU A 51 -1.82 18.02 -18.90
C GLU A 51 -2.90 18.85 -18.22
N GLY A 52 -2.48 19.79 -17.38
CA GLY A 52 -3.43 20.63 -16.67
C GLY A 52 -3.82 20.07 -15.31
N ARG A 53 -3.59 18.77 -15.13
CA ARG A 53 -3.93 18.11 -13.87
C ARG A 53 -2.66 17.68 -13.13
N THR A 54 -2.79 17.47 -11.84
CA THR A 54 -1.66 17.05 -11.01
C THR A 54 -1.56 15.54 -10.93
N PRO A 55 -0.37 15.04 -10.59
CA PRO A 55 -0.11 13.60 -10.46
C PRO A 55 -0.82 12.98 -9.26
N HIS A 56 -0.95 11.66 -9.27
CA HIS A 56 -1.61 10.95 -8.18
C HIS A 56 -0.87 9.65 -7.85
N LEU A 57 -0.73 9.36 -6.56
CA LEU A 57 -0.04 8.16 -6.11
C LEU A 57 -1.04 7.04 -5.83
N GLN A 58 -0.74 5.85 -6.35
CA GLN A 58 -1.62 4.70 -6.16
C GLN A 58 -0.83 3.40 -6.28
N GLY A 59 -0.69 2.68 -5.17
CA GLY A 59 0.04 1.43 -5.19
C GLY A 59 -0.42 0.48 -4.10
N PHE A 60 0.14 -0.72 -4.09
CA PHE A 60 -0.22 -1.73 -3.09
C PHE A 60 1.02 -2.36 -2.47
N ALA A 61 0.97 -2.61 -1.17
CA ALA A 61 2.09 -3.21 -0.46
C ALA A 61 1.63 -4.33 0.45
N ASN A 62 2.21 -5.51 0.28
CA ASN A 62 1.85 -6.67 1.09
C ASN A 62 2.76 -6.77 2.32
N PHE A 63 2.16 -6.60 3.50
CA PHE A 63 2.91 -6.67 4.74
C PHE A 63 3.32 -8.11 5.05
N VAL A 64 4.60 -8.30 5.34
CA VAL A 64 5.12 -9.62 5.66
C VAL A 64 4.43 -10.22 6.88
N LYS A 65 3.87 -9.36 7.72
CA LYS A 65 3.17 -9.79 8.92
C LYS A 65 1.79 -9.15 9.01
N LYS A 66 1.11 -9.38 10.13
CA LYS A 66 -0.22 -8.83 10.34
C LYS A 66 -0.15 -7.48 11.04
N GLN A 67 -0.69 -6.45 10.40
CA GLN A 67 -0.69 -5.10 10.96
C GLN A 67 -2.06 -4.47 10.86
N THR A 68 -2.30 -3.45 11.69
CA THR A 68 -3.58 -2.76 11.70
C THR A 68 -3.53 -1.49 10.85
N PHE A 69 -4.69 -0.89 10.61
CA PHE A 69 -4.76 0.33 9.81
C PHE A 69 -4.02 1.47 10.49
N ASN A 70 -4.36 1.74 11.75
CA ASN A 70 -3.71 2.80 12.51
C ASN A 70 -2.21 2.57 12.60
N LYS A 71 -1.83 1.33 12.90
CA LYS A 71 -0.42 0.97 13.02
C LYS A 71 0.30 1.13 11.69
N VAL A 72 -0.31 0.60 10.62
CA VAL A 72 0.28 0.69 9.29
C VAL A 72 0.60 2.14 8.92
N LYS A 73 -0.13 3.07 9.52
CA LYS A 73 0.07 4.49 9.27
C LYS A 73 1.45 4.93 9.74
N TRP A 74 2.12 4.08 10.51
CA TRP A 74 3.44 4.39 11.02
C TRP A 74 4.47 4.42 9.89
N TYR A 75 4.13 3.77 8.77
CA TYR A 75 5.03 3.72 7.63
C TYR A 75 4.45 4.50 6.45
N LEU A 76 3.20 4.21 6.11
CA LEU A 76 2.53 4.89 5.01
C LEU A 76 2.25 6.35 5.35
N GLY A 77 1.92 6.61 6.61
CA GLY A 77 1.66 7.97 7.04
C GLY A 77 0.17 8.30 6.96
N ALA A 78 -0.26 9.23 7.81
CA ALA A 78 -1.66 9.66 7.84
C ALA A 78 -1.99 10.54 6.64
N ARG A 79 -0.97 11.25 6.14
CA ARG A 79 -1.15 12.14 5.01
C ARG A 79 -1.83 11.42 3.84
N CYS A 80 -1.46 10.15 3.64
CA CYS A 80 -2.02 9.36 2.56
C CYS A 80 -3.10 8.43 3.09
N HIS A 81 -4.16 8.25 2.31
CA HIS A 81 -5.26 7.37 2.70
C HIS A 81 -4.90 5.90 2.50
N ILE A 82 -5.16 5.10 3.52
CA ILE A 82 -4.86 3.67 3.47
C ILE A 82 -6.14 2.84 3.45
N GLU A 83 -6.15 1.80 2.62
CA GLU A 83 -7.31 0.93 2.51
C GLU A 83 -6.88 -0.52 2.33
N LYS A 84 -7.82 -1.44 2.53
CA LYS A 84 -7.54 -2.87 2.39
C LYS A 84 -7.65 -3.29 0.93
N ALA A 85 -6.65 -4.05 0.46
CA ALA A 85 -6.65 -4.53 -0.92
C ALA A 85 -7.44 -5.83 -1.05
N LYS A 86 -7.88 -6.12 -2.26
CA LYS A 86 -8.65 -7.34 -2.53
C LYS A 86 -8.30 -7.91 -3.90
N GLY A 87 -8.37 -9.24 -4.01
CA GLY A 87 -8.06 -9.89 -5.27
C GLY A 87 -6.79 -10.71 -5.19
N THR A 88 -6.42 -11.32 -6.32
CA THR A 88 -5.22 -12.14 -6.38
C THR A 88 -3.98 -11.30 -6.63
N ASP A 89 -2.81 -11.93 -6.58
CA ASP A 89 -1.55 -11.23 -6.81
C ASP A 89 -1.56 -10.49 -8.14
N GLN A 90 -2.13 -11.13 -9.16
CA GLN A 90 -2.21 -10.54 -10.49
C GLN A 90 -3.19 -9.36 -10.50
N GLN A 91 -4.26 -9.48 -9.73
CA GLN A 91 -5.26 -8.43 -9.66
C GLN A 91 -4.68 -7.16 -9.04
N ASN A 92 -3.80 -7.33 -8.06
CA ASN A 92 -3.17 -6.20 -7.39
C ASN A 92 -2.05 -5.61 -8.26
N LYS A 93 -1.21 -6.48 -8.81
CA LYS A 93 -0.11 -6.05 -9.66
C LYS A 93 -0.63 -5.33 -10.90
N GLU A 94 -1.68 -5.89 -11.49
CA GLU A 94 -2.27 -5.30 -12.69
C GLU A 94 -3.00 -3.99 -12.36
N TYR A 95 -3.62 -3.94 -11.18
CA TYR A 95 -4.34 -2.76 -10.75
C TYR A 95 -3.43 -1.53 -10.76
N CYS A 96 -2.31 -1.64 -10.07
CA CYS A 96 -1.36 -0.53 -9.99
C CYS A 96 -0.77 -0.22 -11.36
N SER A 97 -0.59 -1.26 -12.16
CA SER A 97 -0.03 -1.10 -13.51
C SER A 97 -1.07 -0.54 -14.47
N LYS A 98 -2.32 -0.53 -14.03
CA LYS A 98 -3.42 -0.02 -14.84
C LYS A 98 -3.16 1.41 -15.27
N GLU A 99 -2.33 2.12 -14.49
CA GLU A 99 -1.99 3.50 -14.79
C GLU A 99 -1.05 3.59 -15.99
N GLY A 100 -0.32 2.50 -16.24
CA GLY A 100 0.60 2.48 -17.36
C GLY A 100 1.99 2.92 -16.98
N ASN A 101 2.13 3.45 -15.77
CA ASN A 101 3.43 3.92 -15.27
C ASN A 101 3.67 3.43 -13.84
N LEU A 102 4.78 2.73 -13.65
CA LEU A 102 5.13 2.22 -12.33
C LEU A 102 6.18 3.10 -11.66
N LEU A 103 5.90 3.50 -10.42
CA LEU A 103 6.82 4.35 -9.67
C LEU A 103 7.84 3.51 -8.92
N MET A 104 7.48 2.27 -8.61
CA MET A 104 8.36 1.36 -7.90
C MET A 104 7.97 -0.09 -8.14
N GLU A 105 8.96 -0.94 -8.36
CA GLU A 105 8.70 -2.35 -8.62
C GLU A 105 9.64 -3.23 -7.77
N CYS A 106 9.09 -3.84 -6.73
CA CYS A 106 9.88 -4.70 -5.85
C CYS A 106 9.02 -5.83 -5.30
N GLY A 107 9.66 -6.72 -4.54
CA GLY A 107 8.94 -7.85 -3.96
C GLY A 107 8.45 -8.83 -5.01
N ALA A 108 7.77 -9.87 -4.57
CA ALA A 108 7.25 -10.88 -5.48
C ALA A 108 5.72 -10.82 -5.58
N PRO A 109 5.17 -11.34 -6.67
CA PRO A 109 3.73 -11.35 -6.91
C PRO A 109 2.99 -12.30 -5.97
N ARG A 110 2.74 -11.83 -4.76
CA ARG A 110 2.03 -12.64 -3.76
C ARG A 110 0.75 -11.94 -3.30
N SER A 111 -0.21 -12.73 -2.85
CA SER A 111 -1.48 -12.20 -2.37
C SER A 111 -2.14 -13.15 -1.38
N GLN A 112 -2.62 -14.27 -1.88
CA GLN A 112 -3.28 -15.27 -1.03
C GLN A 112 -2.35 -16.44 -0.75
N GLY A 113 -2.89 -17.49 -0.13
CA GLY A 113 -2.09 -18.66 0.19
C GLY A 113 -2.79 -19.58 1.16
N GLN A 114 -2.67 -20.89 0.92
CA GLN A 114 -3.30 -21.88 1.78
C GLN A 114 -2.63 -23.25 1.62
N ARG A 115 -2.39 -23.92 2.74
CA ARG A 115 -1.75 -25.22 2.72
C ARG A 115 -2.49 -26.20 3.64
N PRO A 1 -4.76 -7.25 37.96
CA PRO A 1 -4.36 -6.87 36.61
C PRO A 1 -5.00 -7.75 35.54
N SER A 2 -6.07 -7.25 34.95
CA SER A 2 -6.78 -8.00 33.91
C SER A 2 -6.61 -7.34 32.55
N LYS A 3 -7.11 -6.12 32.42
CA LYS A 3 -7.02 -5.37 31.17
C LYS A 3 -7.61 -6.17 30.01
N LYS A 4 -8.93 -6.06 29.85
CA LYS A 4 -9.62 -6.77 28.77
C LYS A 4 -9.47 -6.04 27.45
N ASN A 5 -9.80 -6.72 26.37
CA ASN A 5 -9.69 -6.13 25.03
C ASN A 5 -10.82 -6.63 24.13
N GLY A 6 -12.03 -6.16 24.40
CA GLY A 6 -13.18 -6.57 23.60
C GLY A 6 -13.74 -5.43 22.77
N ARG A 7 -13.21 -5.27 21.56
CA ARG A 7 -13.65 -4.21 20.66
C ARG A 7 -14.09 -4.78 19.32
N SER A 8 -14.91 -4.03 18.59
CA SER A 8 -15.41 -4.47 17.29
C SER A 8 -14.91 -3.55 16.19
N GLY A 9 -15.05 -4.00 14.95
CA GLY A 9 -14.61 -3.21 13.81
C GLY A 9 -13.72 -3.98 12.87
N PRO A 10 -13.04 -3.27 11.96
CA PRO A 10 -12.15 -3.88 10.97
C PRO A 10 -10.88 -4.46 11.61
N GLN A 11 -10.56 -5.70 11.25
CA GLN A 11 -9.38 -6.37 11.79
C GLN A 11 -8.17 -6.13 10.90
N PRO A 12 -6.96 -6.34 11.45
CA PRO A 12 -5.71 -6.16 10.73
C PRO A 12 -5.50 -7.23 9.66
N HIS A 13 -4.79 -6.87 8.60
CA HIS A 13 -4.51 -7.80 7.51
C HIS A 13 -3.07 -7.66 7.02
N LYS A 14 -2.69 -8.49 6.06
CA LYS A 14 -1.35 -8.46 5.50
C LYS A 14 -1.35 -7.77 4.13
N ARG A 15 -2.39 -7.01 3.85
CA ARG A 15 -2.51 -6.30 2.59
C ARG A 15 -3.12 -4.92 2.79
N TRP A 16 -2.45 -3.90 2.30
CA TRP A 16 -2.93 -2.53 2.43
C TRP A 16 -2.45 -1.67 1.26
N VAL A 17 -3.35 -0.86 0.71
CA VAL A 17 -3.01 0.01 -0.41
C VAL A 17 -2.90 1.47 0.04
N PHE A 18 -2.23 2.28 -0.77
CA PHE A 18 -2.05 3.70 -0.45
C PHE A 18 -2.30 4.57 -1.68
N THR A 19 -2.91 5.73 -1.46
CA THR A 19 -3.22 6.65 -2.54
C THR A 19 -3.24 8.09 -2.05
N LEU A 20 -2.49 8.95 -2.74
CA LEU A 20 -2.41 10.36 -2.38
C LEU A 20 -2.41 11.25 -3.62
N ASN A 21 -3.17 12.33 -3.56
CA ASN A 21 -3.25 13.27 -4.68
C ASN A 21 -2.08 14.25 -4.67
N ASN A 22 -1.51 14.52 -5.84
CA ASN A 22 -0.39 15.44 -5.95
C ASN A 22 0.71 15.09 -4.96
N PRO A 23 1.34 13.93 -5.16
CA PRO A 23 2.42 13.44 -4.29
C PRO A 23 3.69 14.26 -4.44
N SER A 24 4.33 14.57 -3.31
CA SER A 24 5.55 15.36 -3.32
C SER A 24 6.78 14.46 -3.38
N GLU A 25 7.90 15.02 -3.83
CA GLU A 25 9.14 14.27 -3.94
C GLU A 25 9.57 13.70 -2.58
N ASP A 26 9.20 14.41 -1.52
CA ASP A 26 9.55 14.00 -0.17
C ASP A 26 8.71 12.77 0.24
N GLU A 27 7.41 12.85 0.03
CA GLU A 27 6.51 11.75 0.39
C GLU A 27 6.77 10.54 -0.48
N ARG A 28 6.88 10.76 -1.79
CA ARG A 28 7.13 9.67 -2.73
C ARG A 28 8.46 8.98 -2.42
N LYS A 29 9.44 9.76 -1.99
CA LYS A 29 10.75 9.22 -1.65
C LYS A 29 10.69 8.38 -0.38
N LYS A 30 9.86 8.81 0.56
CA LYS A 30 9.70 8.09 1.82
C LYS A 30 9.15 6.69 1.59
N ILE A 31 8.05 6.61 0.86
CA ILE A 31 7.43 5.32 0.56
C ILE A 31 8.33 4.46 -0.34
N ARG A 32 8.97 5.12 -1.30
CA ARG A 32 9.87 4.41 -2.22
C ARG A 32 11.14 3.98 -1.51
N ASP A 33 11.45 4.63 -0.40
CA ASP A 33 12.65 4.32 0.37
C ASP A 33 12.31 3.42 1.56
N LEU A 34 11.07 2.94 1.60
CA LEU A 34 10.62 2.08 2.68
C LEU A 34 11.35 0.74 2.65
N PRO A 35 11.33 0.02 3.79
CA PRO A 35 11.98 -1.28 3.90
C PRO A 35 11.28 -2.36 3.10
N ILE A 36 11.99 -2.94 2.14
CA ILE A 36 11.43 -3.99 1.31
C ILE A 36 11.20 -5.27 2.11
N SER A 37 12.07 -5.52 3.08
CA SER A 37 11.97 -6.71 3.91
C SER A 37 10.73 -6.64 4.79
N LEU A 38 10.22 -5.43 5.01
CA LEU A 38 9.03 -5.23 5.83
C LEU A 38 7.78 -5.70 5.10
N PHE A 39 7.82 -5.63 3.77
CA PHE A 39 6.68 -6.04 2.95
C PHE A 39 7.10 -7.08 1.92
N ASP A 40 6.57 -8.30 2.07
CA ASP A 40 6.90 -9.39 1.15
C ASP A 40 6.67 -8.96 -0.29
N TYR A 41 5.73 -8.04 -0.50
CA TYR A 41 5.41 -7.56 -1.84
C TYR A 41 5.20 -6.04 -1.83
N PHE A 42 5.95 -5.34 -2.67
CA PHE A 42 5.84 -3.89 -2.77
C PHE A 42 5.76 -3.45 -4.23
N ILE A 43 4.63 -2.86 -4.60
CA ILE A 43 4.42 -2.39 -5.96
C ILE A 43 3.75 -1.02 -5.97
N VAL A 44 4.46 -0.03 -6.52
CA VAL A 44 3.94 1.33 -6.59
C VAL A 44 3.91 1.83 -8.03
N GLY A 45 2.88 2.61 -8.37
CA GLY A 45 2.76 3.14 -9.71
C GLY A 45 2.35 4.60 -9.73
N GLU A 46 2.99 5.38 -10.57
CA GLU A 46 2.68 6.81 -10.68
C GLU A 46 1.69 7.06 -11.82
N GLU A 47 0.68 7.88 -11.54
CA GLU A 47 -0.34 8.21 -12.53
C GLU A 47 -0.46 9.72 -12.70
N GLY A 48 0.04 10.22 -13.83
CA GLY A 48 -0.02 11.65 -14.09
C GLY A 48 0.82 12.06 -15.29
N ASN A 49 0.86 11.19 -16.29
CA ASN A 49 1.65 11.47 -17.50
C ASN A 49 0.74 11.95 -18.63
N GLU A 50 -0.30 12.69 -18.28
CA GLU A 50 -1.25 13.21 -19.27
C GLU A 50 -1.60 14.67 -18.97
N GLU A 51 -1.33 15.54 -19.95
CA GLU A 51 -1.62 16.96 -19.79
C GLU A 51 -3.06 17.18 -19.35
N GLY A 52 -3.26 18.20 -18.52
CA GLY A 52 -4.59 18.51 -18.03
C GLY A 52 -4.91 17.81 -16.72
N ARG A 53 -4.14 16.76 -16.41
CA ARG A 53 -4.33 16.01 -15.18
C ARG A 53 -3.13 16.15 -14.24
N THR A 54 -3.38 16.11 -12.95
CA THR A 54 -2.32 16.24 -11.95
C THR A 54 -1.78 14.87 -11.55
N PRO A 55 -0.55 14.87 -11.00
CA PRO A 55 0.12 13.64 -10.57
C PRO A 55 -0.55 13.03 -9.33
N HIS A 56 -0.71 11.71 -9.34
CA HIS A 56 -1.32 11.00 -8.22
C HIS A 56 -0.60 9.69 -7.94
N LEU A 57 -0.43 9.38 -6.66
CA LEU A 57 0.26 8.16 -6.25
C LEU A 57 -0.76 7.04 -6.01
N GLN A 58 -0.45 5.85 -6.53
CA GLN A 58 -1.32 4.70 -6.37
C GLN A 58 -0.52 3.40 -6.42
N GLY A 59 -0.46 2.70 -5.30
CA GLY A 59 0.27 1.45 -5.24
C GLY A 59 -0.25 0.52 -4.16
N PHE A 60 0.30 -0.69 -4.10
CA PHE A 60 -0.12 -1.68 -3.11
C PHE A 60 1.09 -2.31 -2.43
N ALA A 61 0.97 -2.53 -1.12
CA ALA A 61 2.05 -3.13 -0.35
C ALA A 61 1.53 -4.23 0.57
N ASN A 62 2.11 -5.42 0.46
CA ASN A 62 1.71 -6.55 1.29
C ASN A 62 2.52 -6.60 2.57
N PHE A 63 1.85 -6.41 3.70
CA PHE A 63 2.51 -6.44 5.00
C PHE A 63 2.90 -7.86 5.39
N VAL A 64 4.17 -8.05 5.72
CA VAL A 64 4.66 -9.36 6.10
C VAL A 64 3.95 -9.88 7.35
N LYS A 65 3.41 -8.96 8.14
CA LYS A 65 2.70 -9.33 9.36
C LYS A 65 1.30 -8.74 9.37
N LYS A 66 0.58 -8.92 10.47
CA LYS A 66 -0.78 -8.41 10.60
C LYS A 66 -0.77 -7.02 11.20
N GLN A 67 -1.31 -6.05 10.45
CA GLN A 67 -1.36 -4.67 10.91
C GLN A 67 -2.75 -4.08 10.71
N THR A 68 -3.11 -3.10 11.54
CA THR A 68 -4.41 -2.46 11.45
C THR A 68 -4.35 -1.22 10.57
N PHE A 69 -5.52 -0.64 10.28
CA PHE A 69 -5.60 0.56 9.45
C PHE A 69 -4.86 1.72 10.10
N ASN A 70 -5.23 2.03 11.34
CA ASN A 70 -4.60 3.12 12.07
C ASN A 70 -3.11 2.86 12.28
N LYS A 71 -2.77 1.62 12.58
CA LYS A 71 -1.39 1.23 12.80
C LYS A 71 -0.57 1.37 11.51
N VAL A 72 -1.11 0.85 10.42
CA VAL A 72 -0.45 0.91 9.12
C VAL A 72 -0.10 2.35 8.75
N LYS A 73 -0.88 3.29 9.27
CA LYS A 73 -0.67 4.70 9.00
C LYS A 73 0.66 5.17 9.58
N TRP A 74 1.26 4.33 10.43
CA TRP A 74 2.53 4.66 11.06
C TRP A 74 3.66 4.71 10.03
N TYR A 75 3.42 4.09 8.88
CA TYR A 75 4.42 4.06 7.81
C TYR A 75 3.93 4.85 6.60
N LEU A 76 2.71 4.55 6.16
CA LEU A 76 2.13 5.23 5.01
C LEU A 76 1.72 6.66 5.36
N GLY A 77 1.73 6.96 6.66
CA GLY A 77 1.36 8.29 7.11
C GLY A 77 -0.12 8.57 6.93
N ALA A 78 -0.65 9.48 7.74
CA ALA A 78 -2.06 9.85 7.66
C ALA A 78 -2.34 10.74 6.45
N ARG A 79 -1.33 11.51 6.05
CA ARG A 79 -1.46 12.41 4.91
C ARG A 79 -1.97 11.66 3.68
N CYS A 80 -1.57 10.39 3.56
CA CYS A 80 -1.99 9.57 2.43
C CYS A 80 -3.15 8.67 2.82
N HIS A 81 -4.09 8.49 1.89
CA HIS A 81 -5.26 7.65 2.14
C HIS A 81 -4.93 6.18 1.91
N ILE A 82 -5.22 5.34 2.91
CA ILE A 82 -4.95 3.91 2.82
C ILE A 82 -6.24 3.11 2.91
N GLU A 83 -6.28 1.99 2.21
CA GLU A 83 -7.45 1.12 2.22
C GLU A 83 -7.06 -0.34 2.02
N LYS A 84 -7.98 -1.24 2.33
CA LYS A 84 -7.74 -2.67 2.19
C LYS A 84 -7.79 -3.10 0.72
N ALA A 85 -6.80 -3.87 0.30
CA ALA A 85 -6.74 -4.34 -1.08
C ALA A 85 -7.51 -5.65 -1.24
N LYS A 86 -7.92 -5.95 -2.48
CA LYS A 86 -8.65 -7.16 -2.77
C LYS A 86 -8.24 -7.75 -4.11
N GLY A 87 -8.30 -9.07 -4.22
CA GLY A 87 -7.92 -9.74 -5.46
C GLY A 87 -6.66 -10.55 -5.31
N THR A 88 -6.22 -11.17 -6.41
CA THR A 88 -5.02 -11.99 -6.40
C THR A 88 -3.77 -11.15 -6.63
N ASP A 89 -2.61 -11.77 -6.52
CA ASP A 89 -1.34 -11.08 -6.71
C ASP A 89 -1.31 -10.38 -8.07
N GLN A 90 -1.84 -11.06 -9.09
CA GLN A 90 -1.87 -10.51 -10.44
C GLN A 90 -2.83 -9.33 -10.52
N GLN A 91 -3.94 -9.42 -9.78
CA GLN A 91 -4.94 -8.36 -9.78
C GLN A 91 -4.36 -7.07 -9.19
N ASN A 92 -3.53 -7.21 -8.17
CA ASN A 92 -2.91 -6.06 -7.53
C ASN A 92 -1.76 -5.52 -8.36
N LYS A 93 -0.92 -6.43 -8.86
CA LYS A 93 0.22 -6.05 -9.67
C LYS A 93 -0.23 -5.34 -10.95
N GLU A 94 -1.24 -5.90 -11.60
CA GLU A 94 -1.77 -5.32 -12.83
C GLU A 94 -2.50 -4.01 -12.56
N TYR A 95 -3.18 -3.96 -11.41
CA TYR A 95 -3.93 -2.77 -11.02
C TYR A 95 -3.01 -1.55 -10.95
N CYS A 96 -1.88 -1.71 -10.27
CA CYS A 96 -0.92 -0.62 -10.12
C CYS A 96 -0.28 -0.27 -11.46
N SER A 97 -0.08 -1.28 -12.30
CA SER A 97 0.52 -1.09 -13.61
C SER A 97 -0.50 -0.52 -14.59
N LYS A 98 -1.77 -0.56 -14.21
CA LYS A 98 -2.84 -0.05 -15.06
C LYS A 98 -2.61 1.41 -15.42
N GLU A 99 -1.83 2.10 -14.58
CA GLU A 99 -1.54 3.51 -14.81
C GLU A 99 -0.57 3.68 -15.97
N GLY A 100 0.18 2.62 -16.28
CA GLY A 100 1.13 2.67 -17.37
C GLY A 100 2.48 3.22 -16.93
N ASN A 101 2.58 3.62 -15.68
CA ASN A 101 3.81 4.16 -15.13
C ASN A 101 4.15 3.54 -13.78
N LEU A 102 5.32 2.95 -13.67
CA LEU A 102 5.76 2.32 -12.44
C LEU A 102 6.65 3.26 -11.62
N LEU A 103 6.37 3.36 -10.33
CA LEU A 103 7.15 4.22 -9.45
C LEU A 103 8.17 3.41 -8.66
N MET A 104 7.81 2.18 -8.31
CA MET A 104 8.69 1.30 -7.55
C MET A 104 8.30 -0.16 -7.76
N GLU A 105 9.31 -1.02 -7.94
CA GLU A 105 9.08 -2.44 -8.15
C GLU A 105 9.95 -3.28 -7.22
N CYS A 106 9.33 -3.85 -6.19
CA CYS A 106 10.05 -4.67 -5.23
C CYS A 106 9.18 -5.82 -4.74
N GLY A 107 9.76 -6.69 -3.92
CA GLY A 107 9.03 -7.83 -3.39
C GLY A 107 8.60 -8.79 -4.49
N ALA A 108 7.84 -9.82 -4.11
CA ALA A 108 7.37 -10.80 -5.06
C ALA A 108 5.86 -10.69 -5.28
N PRO A 109 5.39 -11.14 -6.45
CA PRO A 109 3.98 -11.08 -6.80
C PRO A 109 3.14 -12.07 -5.99
N ARG A 110 2.89 -11.72 -4.73
CA ARG A 110 2.11 -12.58 -3.85
C ARG A 110 0.88 -11.84 -3.32
N SER A 111 -0.16 -12.59 -2.97
CA SER A 111 -1.39 -12.01 -2.45
C SER A 111 -1.81 -12.69 -1.15
N GLN A 112 -2.32 -13.91 -1.27
CA GLN A 112 -2.76 -14.67 -0.12
C GLN A 112 -1.58 -15.33 0.59
N GLY A 113 -1.86 -15.97 1.73
CA GLY A 113 -0.81 -16.62 2.49
C GLY A 113 -1.35 -17.60 3.50
N GLN A 114 -2.56 -18.11 3.25
CA GLN A 114 -3.19 -19.06 4.15
C GLN A 114 -3.02 -20.49 3.65
N ARG A 115 -3.15 -20.67 2.35
CA ARG A 115 -3.01 -21.98 1.74
C ARG A 115 -1.96 -21.97 0.63
N PRO A 1 -7.30 -19.50 31.45
CA PRO A 1 -6.82 -18.68 30.34
C PRO A 1 -7.93 -17.83 29.73
N SER A 2 -7.56 -16.99 28.76
CA SER A 2 -8.52 -16.12 28.10
C SER A 2 -9.19 -15.18 29.09
N LYS A 3 -8.64 -13.97 29.22
CA LYS A 3 -9.18 -12.98 30.14
C LYS A 3 -9.67 -11.76 29.38
N LYS A 4 -8.83 -11.23 28.50
CA LYS A 4 -9.18 -10.06 27.70
C LYS A 4 -9.96 -10.47 26.44
N ASN A 5 -10.88 -9.60 26.03
CA ASN A 5 -11.69 -9.88 24.85
C ASN A 5 -12.04 -8.58 24.12
N GLY A 6 -12.23 -8.67 22.80
CA GLY A 6 -12.57 -7.49 22.02
C GLY A 6 -12.61 -7.78 20.54
N ARG A 7 -13.82 -7.92 20.00
CA ARG A 7 -13.99 -8.21 18.58
C ARG A 7 -15.14 -7.38 17.99
N SER A 8 -14.89 -6.10 17.76
CA SER A 8 -15.90 -5.21 17.21
C SER A 8 -15.26 -3.95 16.65
N GLY A 9 -15.73 -3.53 15.47
CA GLY A 9 -15.19 -2.33 14.85
C GLY A 9 -14.03 -2.63 13.91
N PRO A 10 -13.36 -1.58 13.44
CA PRO A 10 -12.23 -1.72 12.52
C PRO A 10 -10.99 -2.30 13.21
N GLN A 11 -10.33 -3.25 12.54
CA GLN A 11 -9.14 -3.88 13.10
C GLN A 11 -7.97 -3.77 12.13
N PRO A 12 -6.75 -3.94 12.67
CA PRO A 12 -5.53 -3.87 11.86
C PRO A 12 -5.38 -5.05 10.91
N HIS A 13 -4.72 -4.82 9.78
CA HIS A 13 -4.52 -5.87 8.78
C HIS A 13 -3.09 -5.82 8.23
N LYS A 14 -2.79 -6.75 7.33
CA LYS A 14 -1.45 -6.82 6.73
C LYS A 14 -1.48 -6.27 5.30
N ARG A 15 -2.54 -5.56 4.97
CA ARG A 15 -2.69 -4.97 3.64
C ARG A 15 -3.19 -3.53 3.72
N TRP A 16 -2.46 -2.62 3.12
CA TRP A 16 -2.83 -1.21 3.12
C TRP A 16 -2.33 -0.52 1.85
N VAL A 17 -3.19 0.31 1.26
CA VAL A 17 -2.85 1.04 0.05
C VAL A 17 -2.75 2.53 0.31
N PHE A 18 -2.08 3.25 -0.59
CA PHE A 18 -1.92 4.69 -0.45
C PHE A 18 -2.11 5.39 -1.79
N THR A 19 -2.70 6.59 -1.75
CA THR A 19 -2.95 7.36 -2.96
C THR A 19 -2.90 8.85 -2.67
N LEU A 20 -2.12 9.58 -3.47
CA LEU A 20 -1.99 11.02 -3.31
C LEU A 20 -1.98 11.73 -4.66
N ASN A 21 -2.71 12.84 -4.73
CA ASN A 21 -2.79 13.61 -5.97
C ASN A 21 -1.59 14.54 -6.11
N ASN A 22 -1.04 14.59 -7.32
CA ASN A 22 0.12 15.44 -7.59
C ASN A 22 1.23 15.21 -6.56
N PRO A 23 1.80 14.00 -6.58
CA PRO A 23 2.88 13.61 -5.66
C PRO A 23 4.18 14.36 -5.95
N SER A 24 4.90 14.71 -4.90
CA SER A 24 6.16 15.43 -5.04
C SER A 24 7.34 14.46 -5.10
N GLU A 25 8.45 14.92 -5.66
CA GLU A 25 9.65 14.08 -5.78
C GLU A 25 10.13 13.62 -4.42
N ASP A 26 9.88 14.44 -3.40
CA ASP A 26 10.29 14.12 -2.03
C ASP A 26 9.38 13.05 -1.43
N GLU A 27 8.07 13.23 -1.58
CA GLU A 27 7.11 12.28 -1.06
C GLU A 27 7.28 10.91 -1.71
N ARG A 28 7.35 10.89 -3.03
CA ARG A 28 7.51 9.65 -3.77
C ARG A 28 8.81 8.95 -3.38
N LYS A 29 9.83 9.74 -3.06
CA LYS A 29 11.12 9.19 -2.67
C LYS A 29 11.05 8.54 -1.30
N LYS A 30 10.25 9.13 -0.41
CA LYS A 30 10.09 8.60 0.93
C LYS A 30 9.45 7.21 0.91
N ILE A 31 8.37 7.08 0.15
CA ILE A 31 7.68 5.80 0.02
C ILE A 31 8.48 4.81 -0.82
N ARG A 32 9.16 5.34 -1.84
CA ARG A 32 9.96 4.51 -2.72
C ARG A 32 11.25 4.06 -2.03
N ASP A 33 11.64 4.78 -1.00
CA ASP A 33 12.84 4.47 -0.25
C ASP A 33 12.51 3.72 1.04
N LEU A 34 11.25 3.34 1.19
CA LEU A 34 10.79 2.63 2.37
C LEU A 34 11.48 1.27 2.49
N PRO A 35 11.46 0.71 3.70
CA PRO A 35 12.08 -0.60 3.97
C PRO A 35 11.33 -1.74 3.32
N ILE A 36 11.99 -2.48 2.44
CA ILE A 36 11.38 -3.61 1.75
C ILE A 36 11.14 -4.77 2.70
N SER A 37 12.03 -4.92 3.68
CA SER A 37 11.92 -6.00 4.65
C SER A 37 10.72 -5.77 5.57
N LEU A 38 10.21 -4.54 5.60
CA LEU A 38 9.08 -4.19 6.43
C LEU A 38 7.78 -4.69 5.80
N PHE A 39 7.76 -4.79 4.48
CA PHE A 39 6.58 -5.26 3.76
C PHE A 39 6.92 -6.44 2.86
N ASP A 40 6.29 -7.58 3.11
CA ASP A 40 6.52 -8.79 2.33
C ASP A 40 6.31 -8.52 0.85
N TYR A 41 5.48 -7.52 0.55
CA TYR A 41 5.19 -7.17 -0.83
C TYR A 41 4.97 -5.66 -0.98
N PHE A 42 5.75 -5.04 -1.86
CA PHE A 42 5.64 -3.60 -2.09
C PHE A 42 5.62 -3.30 -3.58
N ILE A 43 4.51 -2.74 -4.05
CA ILE A 43 4.37 -2.39 -5.46
C ILE A 43 3.73 -1.02 -5.63
N VAL A 44 4.48 -0.10 -6.22
CA VAL A 44 3.98 1.26 -6.45
C VAL A 44 3.99 1.61 -7.93
N GLY A 45 3.09 2.51 -8.32
CA GLY A 45 3.01 2.92 -9.72
C GLY A 45 2.59 4.36 -9.87
N GLU A 46 3.10 5.02 -10.90
CA GLU A 46 2.77 6.41 -11.17
C GLU A 46 1.66 6.52 -12.21
N GLU A 47 0.68 7.38 -11.91
CA GLU A 47 -0.44 7.57 -12.82
C GLU A 47 -0.28 8.86 -13.62
N GLY A 48 -0.44 8.77 -14.94
CA GLY A 48 -0.30 9.93 -15.79
C GLY A 48 -1.06 9.79 -17.09
N ASN A 49 -2.37 10.02 -17.04
CA ASN A 49 -3.21 9.92 -18.23
C ASN A 49 -2.76 10.90 -19.31
N GLU A 50 -3.56 11.02 -20.36
CA GLU A 50 -3.25 11.92 -21.46
C GLU A 50 -2.98 13.34 -20.95
N GLU A 51 -2.53 14.20 -21.84
CA GLU A 51 -2.24 15.59 -21.48
C GLU A 51 -3.44 16.24 -20.79
N GLY A 52 -3.16 17.25 -19.97
CA GLY A 52 -4.22 17.93 -19.25
C GLY A 52 -4.45 17.35 -17.87
N ARG A 53 -4.10 16.09 -17.69
CA ARG A 53 -4.28 15.41 -16.41
C ARG A 53 -3.00 15.47 -15.59
N THR A 54 -3.13 15.78 -14.30
CA THR A 54 -1.98 15.85 -13.41
C THR A 54 -1.57 14.47 -12.93
N PRO A 55 -0.30 14.36 -12.47
CA PRO A 55 0.24 13.10 -11.98
C PRO A 55 -0.38 12.67 -10.65
N HIS A 56 -0.51 11.36 -10.46
CA HIS A 56 -1.09 10.82 -9.23
C HIS A 56 -0.34 9.58 -8.77
N LEU A 57 -0.11 9.47 -7.47
CA LEU A 57 0.59 8.34 -6.90
C LEU A 57 -0.38 7.26 -6.42
N GLN A 58 -0.09 6.02 -6.77
CA GLN A 58 -0.94 4.90 -6.39
C GLN A 58 -0.14 3.61 -6.25
N GLY A 59 0.00 3.14 -5.01
CA GLY A 59 0.76 1.92 -4.76
C GLY A 59 0.20 1.12 -3.60
N PHE A 60 0.47 -0.18 -3.60
CA PHE A 60 -0.01 -1.07 -2.54
C PHE A 60 1.16 -1.76 -1.84
N ALA A 61 1.06 -1.88 -0.53
CA ALA A 61 2.10 -2.52 0.26
C ALA A 61 1.51 -3.44 1.33
N ASN A 62 2.06 -4.64 1.45
CA ASN A 62 1.58 -5.60 2.43
C ASN A 62 2.42 -5.55 3.70
N PHE A 63 1.80 -5.12 4.80
CA PHE A 63 2.49 -5.03 6.08
C PHE A 63 2.79 -6.41 6.64
N VAL A 64 4.06 -6.65 6.96
CA VAL A 64 4.49 -7.94 7.50
C VAL A 64 3.85 -8.19 8.86
N LYS A 65 3.48 -7.11 9.54
CA LYS A 65 2.86 -7.21 10.86
C LYS A 65 1.52 -6.48 10.89
N LYS A 66 0.64 -6.92 11.78
CA LYS A 66 -0.68 -6.31 11.91
C LYS A 66 -0.56 -4.83 12.30
N GLN A 67 -1.13 -3.97 11.46
CA GLN A 67 -1.08 -2.53 11.72
C GLN A 67 -2.45 -1.90 11.50
N THR A 68 -2.70 -0.79 12.20
CA THR A 68 -3.98 -0.10 12.08
C THR A 68 -3.88 1.06 11.08
N PHE A 69 -5.03 1.65 10.77
CA PHE A 69 -5.08 2.76 9.82
C PHE A 69 -4.27 3.95 10.33
N ASN A 70 -4.58 4.39 11.54
CA ASN A 70 -3.89 5.52 12.16
C ASN A 70 -2.40 5.21 12.32
N LYS A 71 -2.10 3.99 12.73
CA LYS A 71 -0.71 3.57 12.93
C LYS A 71 0.05 3.56 11.60
N VAL A 72 -0.55 2.94 10.59
CA VAL A 72 0.07 2.87 9.27
C VAL A 72 0.45 4.26 8.76
N LYS A 73 -0.26 5.27 9.25
CA LYS A 73 0.00 6.64 8.84
C LYS A 73 1.39 7.09 9.30
N TRP A 74 2.01 6.29 10.16
CA TRP A 74 3.33 6.60 10.68
C TRP A 74 4.40 6.44 9.59
N TYR A 75 4.05 5.68 8.55
CA TYR A 75 4.97 5.44 7.44
C TYR A 75 4.46 6.09 6.16
N LEU A 76 3.20 5.81 5.83
CA LEU A 76 2.59 6.37 4.63
C LEU A 76 2.34 7.86 4.78
N GLY A 77 2.00 8.28 5.99
CA GLY A 77 1.73 9.68 6.26
C GLY A 77 0.27 10.05 6.06
N ALA A 78 -0.18 11.07 6.78
CA ALA A 78 -1.56 11.52 6.67
C ALA A 78 -1.79 12.31 5.39
N ARG A 79 -0.73 12.92 4.89
CA ARG A 79 -0.82 13.71 3.66
C ARG A 79 -1.46 12.90 2.54
N CYS A 80 -1.15 11.61 2.49
CA CYS A 80 -1.70 10.73 1.47
C CYS A 80 -2.85 9.89 2.03
N HIS A 81 -3.88 9.70 1.22
CA HIS A 81 -5.04 8.91 1.63
C HIS A 81 -4.73 7.42 1.58
N ILE A 82 -4.96 6.72 2.68
CA ILE A 82 -4.71 5.29 2.76
C ILE A 82 -6.00 4.51 3.01
N GLU A 83 -6.09 3.33 2.40
CA GLU A 83 -7.27 2.49 2.57
C GLU A 83 -6.91 1.01 2.49
N LYS A 84 -7.82 0.16 2.93
CA LYS A 84 -7.60 -1.29 2.91
C LYS A 84 -7.73 -1.84 1.49
N ALA A 85 -6.77 -2.66 1.09
CA ALA A 85 -6.79 -3.26 -0.24
C ALA A 85 -7.63 -4.53 -0.26
N LYS A 86 -8.09 -4.92 -1.45
CA LYS A 86 -8.89 -6.11 -1.61
C LYS A 86 -8.48 -6.90 -2.84
N GLY A 87 -8.51 -8.22 -2.73
CA GLY A 87 -8.13 -9.07 -3.85
C GLY A 87 -6.86 -9.85 -3.57
N THR A 88 -6.26 -10.39 -4.63
CA THR A 88 -5.04 -11.17 -4.50
C THR A 88 -3.82 -10.35 -4.93
N ASP A 89 -2.63 -10.93 -4.74
CA ASP A 89 -1.40 -10.24 -5.11
C ASP A 89 -1.40 -9.88 -6.59
N GLN A 90 -1.92 -10.78 -7.42
CA GLN A 90 -1.98 -10.55 -8.85
C GLN A 90 -2.93 -9.41 -9.18
N GLN A 91 -4.01 -9.30 -8.41
CA GLN A 91 -5.00 -8.25 -8.62
C GLN A 91 -4.42 -6.89 -8.29
N ASN A 92 -3.66 -6.82 -7.20
CA ASN A 92 -3.04 -5.57 -6.78
C ASN A 92 -1.82 -5.24 -7.64
N LYS A 93 -1.05 -6.26 -7.97
CA LYS A 93 0.14 -6.07 -8.80
C LYS A 93 -0.23 -5.52 -10.18
N GLU A 94 -1.23 -6.13 -10.80
CA GLU A 94 -1.68 -5.70 -12.11
C GLU A 94 -2.40 -4.36 -12.03
N TYR A 95 -3.27 -4.21 -11.04
CA TYR A 95 -4.03 -2.99 -10.85
C TYR A 95 -3.09 -1.78 -10.71
N CYS A 96 -2.01 -1.98 -9.96
CA CYS A 96 -1.03 -0.91 -9.74
C CYS A 96 -0.28 -0.60 -11.03
N SER A 97 -0.04 -1.62 -11.84
CA SER A 97 0.67 -1.45 -13.10
C SER A 97 -0.27 -0.91 -14.19
N LYS A 98 -1.56 -0.93 -13.90
CA LYS A 98 -2.56 -0.43 -14.86
C LYS A 98 -2.27 1.01 -15.25
N GLU A 99 -1.51 1.71 -14.41
CA GLU A 99 -1.17 3.10 -14.68
C GLU A 99 -0.15 3.19 -15.81
N GLY A 100 0.55 2.10 -16.07
CA GLY A 100 1.55 2.08 -17.13
C GLY A 100 2.89 2.60 -16.67
N ASN A 101 2.94 3.10 -15.43
CA ASN A 101 4.18 3.63 -14.88
C ASN A 101 4.50 2.97 -13.54
N LEU A 102 5.71 2.46 -13.40
CA LEU A 102 6.14 1.80 -12.18
C LEU A 102 7.16 2.66 -11.43
N LEU A 103 6.78 3.12 -10.25
CA LEU A 103 7.67 3.95 -9.43
C LEU A 103 8.58 3.09 -8.56
N MET A 104 8.03 2.00 -8.03
CA MET A 104 8.79 1.10 -7.19
C MET A 104 8.32 -0.34 -7.37
N GLU A 105 9.27 -1.27 -7.47
CA GLU A 105 8.95 -2.68 -7.64
C GLU A 105 9.83 -3.55 -6.75
N CYS A 106 9.24 -4.07 -5.68
CA CYS A 106 9.97 -4.91 -4.74
C CYS A 106 9.02 -5.87 -4.01
N GLY A 107 9.58 -6.73 -3.17
CA GLY A 107 8.78 -7.67 -2.43
C GLY A 107 8.62 -8.99 -3.15
N ALA A 108 7.90 -9.92 -2.55
CA ALA A 108 7.68 -11.23 -3.15
C ALA A 108 6.22 -11.41 -3.57
N PRO A 109 5.99 -12.36 -4.48
CA PRO A 109 4.64 -12.65 -4.99
C PRO A 109 3.75 -13.31 -3.93
N ARG A 110 2.86 -12.52 -3.34
CA ARG A 110 1.96 -13.03 -2.32
C ARG A 110 0.91 -13.95 -2.93
N SER A 111 0.39 -14.86 -2.11
CA SER A 111 -0.63 -15.81 -2.58
C SER A 111 -1.13 -16.66 -1.42
N GLN A 112 -2.39 -16.47 -1.05
CA GLN A 112 -3.01 -17.22 0.04
C GLN A 112 -4.01 -18.23 -0.49
N GLY A 113 -4.01 -19.43 0.09
CA GLY A 113 -4.94 -20.46 -0.34
C GLY A 113 -4.36 -21.85 -0.16
N GLN A 114 -5.09 -22.71 0.53
CA GLN A 114 -4.64 -24.09 0.76
C GLN A 114 -5.62 -25.08 0.13
N ARG A 115 -6.81 -25.20 0.70
CA ARG A 115 -7.82 -26.11 0.21
C ARG A 115 -8.78 -25.40 -0.75
N PRO A 1 -7.87 -18.19 34.51
CA PRO A 1 -7.56 -17.44 33.29
C PRO A 1 -8.82 -17.00 32.54
N SER A 2 -8.94 -15.70 32.32
CA SER A 2 -10.10 -15.15 31.62
C SER A 2 -9.80 -13.75 31.09
N LYS A 3 -10.59 -13.32 30.12
CA LYS A 3 -10.42 -11.99 29.53
C LYS A 3 -11.75 -11.27 29.42
N LYS A 4 -12.73 -11.93 28.81
CA LYS A 4 -14.07 -11.35 28.65
C LYS A 4 -13.98 -9.99 27.96
N ASN A 5 -13.00 -9.85 27.06
CA ASN A 5 -12.82 -8.59 26.33
C ASN A 5 -13.28 -8.75 24.89
N GLY A 6 -13.53 -7.61 24.24
CA GLY A 6 -13.98 -7.63 22.85
C GLY A 6 -13.40 -6.50 22.04
N ARG A 7 -13.84 -6.37 20.79
CA ARG A 7 -13.36 -5.32 19.90
C ARG A 7 -14.48 -4.36 19.54
N SER A 8 -14.16 -3.34 18.75
CA SER A 8 -15.13 -2.35 18.34
C SER A 8 -14.60 -1.52 17.16
N GLY A 9 -14.85 -2.01 15.95
CA GLY A 9 -14.39 -1.31 14.77
C GLY A 9 -13.59 -2.19 13.84
N PRO A 10 -12.91 -1.58 12.86
CA PRO A 10 -12.08 -2.29 11.89
C PRO A 10 -10.82 -2.88 12.52
N GLN A 11 -10.40 -4.03 12.02
CA GLN A 11 -9.21 -4.69 12.54
C GLN A 11 -8.04 -4.55 11.57
N PRO A 12 -6.81 -4.74 12.07
CA PRO A 12 -5.59 -4.64 11.27
C PRO A 12 -5.46 -5.78 10.27
N HIS A 13 -4.84 -5.49 9.13
CA HIS A 13 -4.65 -6.50 8.09
C HIS A 13 -3.22 -6.44 7.54
N LYS A 14 -2.92 -7.34 6.61
CA LYS A 14 -1.60 -7.39 6.00
C LYS A 14 -1.61 -6.80 4.59
N ARG A 15 -2.68 -6.06 4.28
CA ARG A 15 -2.82 -5.44 2.97
C ARG A 15 -3.31 -4.00 3.10
N TRP A 16 -2.55 -3.07 2.54
CA TRP A 16 -2.92 -1.66 2.58
C TRP A 16 -2.43 -0.93 1.34
N VAL A 17 -3.30 -0.09 0.77
CA VAL A 17 -2.97 0.66 -0.43
C VAL A 17 -2.76 2.14 -0.10
N PHE A 18 -2.09 2.85 -1.00
CA PHE A 18 -1.82 4.27 -0.80
C PHE A 18 -2.13 5.06 -2.08
N THR A 19 -2.65 6.26 -1.91
CA THR A 19 -2.99 7.12 -3.04
C THR A 19 -2.89 8.59 -2.68
N LEU A 20 -2.15 9.35 -3.48
CA LEU A 20 -1.97 10.78 -3.24
C LEU A 20 -1.99 11.56 -4.55
N ASN A 21 -2.68 12.69 -4.55
CA ASN A 21 -2.77 13.54 -5.73
C ASN A 21 -1.56 14.45 -5.84
N ASN A 22 -0.99 14.52 -7.04
CA ASN A 22 0.18 15.36 -7.28
C ASN A 22 1.27 15.08 -6.26
N PRO A 23 1.85 13.87 -6.32
CA PRO A 23 2.91 13.45 -5.40
C PRO A 23 4.22 14.20 -5.66
N SER A 24 4.95 14.49 -4.59
CA SER A 24 6.21 15.20 -4.69
C SER A 24 7.38 14.22 -4.80
N GLU A 25 8.49 14.70 -5.35
CA GLU A 25 9.67 13.87 -5.52
C GLU A 25 10.16 13.33 -4.17
N ASP A 26 9.91 14.10 -3.11
CA ASP A 26 10.33 13.71 -1.77
C ASP A 26 9.41 12.61 -1.22
N GLU A 27 8.10 12.84 -1.32
CA GLU A 27 7.13 11.87 -0.83
C GLU A 27 7.22 10.56 -1.62
N ARG A 28 7.26 10.67 -2.94
CA ARG A 28 7.35 9.49 -3.80
C ARG A 28 8.65 8.73 -3.55
N LYS A 29 9.72 9.47 -3.27
CA LYS A 29 11.02 8.87 -3.01
C LYS A 29 11.02 8.14 -1.68
N LYS A 30 10.31 8.69 -0.70
CA LYS A 30 10.22 8.09 0.63
C LYS A 30 9.59 6.71 0.56
N ILE A 31 8.42 6.63 -0.07
CA ILE A 31 7.70 5.37 -0.21
C ILE A 31 8.48 4.39 -1.08
N ARG A 32 9.07 4.91 -2.15
CA ARG A 32 9.85 4.08 -3.06
C ARG A 32 11.15 3.63 -2.42
N ASP A 33 11.59 4.36 -1.40
CA ASP A 33 12.82 4.04 -0.69
C ASP A 33 12.54 3.27 0.59
N LEU A 34 11.27 2.87 0.77
CA LEU A 34 10.86 2.12 1.95
C LEU A 34 11.52 0.75 1.98
N PRO A 35 11.56 0.14 3.18
CA PRO A 35 12.15 -1.19 3.37
C PRO A 35 11.32 -2.29 2.73
N ILE A 36 11.93 -3.02 1.78
CA ILE A 36 11.24 -4.09 1.09
C ILE A 36 11.00 -5.27 2.03
N SER A 37 11.93 -5.51 2.94
CA SER A 37 11.81 -6.61 3.90
C SER A 37 10.62 -6.39 4.82
N LEU A 38 10.17 -5.14 4.91
CA LEU A 38 9.03 -4.80 5.77
C LEU A 38 7.72 -5.23 5.12
N PHE A 39 7.70 -5.26 3.79
CA PHE A 39 6.51 -5.66 3.05
C PHE A 39 6.82 -6.79 2.09
N ASP A 40 6.23 -7.97 2.35
CA ASP A 40 6.43 -9.13 1.50
C ASP A 40 6.18 -8.80 0.04
N TYR A 41 5.28 -7.85 -0.20
CA TYR A 41 4.95 -7.43 -1.56
C TYR A 41 4.84 -5.91 -1.65
N PHE A 42 5.59 -5.33 -2.58
CA PHE A 42 5.57 -3.89 -2.77
C PHE A 42 5.45 -3.54 -4.25
N ILE A 43 4.34 -2.90 -4.62
CA ILE A 43 4.10 -2.51 -6.01
C ILE A 43 3.55 -1.10 -6.09
N VAL A 44 4.30 -0.21 -6.73
CA VAL A 44 3.87 1.18 -6.90
C VAL A 44 3.80 1.57 -8.36
N GLY A 45 2.79 2.35 -8.72
CA GLY A 45 2.63 2.79 -10.09
C GLY A 45 2.28 4.26 -10.20
N GLU A 46 2.88 4.93 -11.18
CA GLU A 46 2.63 6.35 -11.38
C GLU A 46 1.51 6.57 -12.40
N GLU A 47 0.57 7.46 -12.07
CA GLU A 47 -0.55 7.75 -12.96
C GLU A 47 -0.35 9.10 -13.65
N GLY A 48 -0.04 9.04 -14.94
CA GLY A 48 0.16 10.26 -15.70
C GLY A 48 -0.15 10.09 -17.18
N ASN A 49 -1.42 9.87 -17.49
CA ASN A 49 -1.85 9.68 -18.88
C ASN A 49 -2.89 10.73 -19.27
N GLU A 50 -2.79 11.91 -18.69
CA GLU A 50 -3.72 13.00 -18.98
C GLU A 50 -3.00 14.34 -19.02
N GLU A 51 -2.77 14.84 -20.24
CA GLU A 51 -2.09 16.12 -20.43
C GLU A 51 -2.91 17.26 -19.82
N GLY A 52 -2.21 18.24 -19.26
CA GLY A 52 -2.90 19.38 -18.67
C GLY A 52 -3.18 19.18 -17.20
N ARG A 53 -3.15 17.93 -16.75
CA ARG A 53 -3.41 17.60 -15.35
C ARG A 53 -2.13 17.16 -14.65
N THR A 54 -2.16 17.16 -13.32
CA THR A 54 -1.00 16.77 -12.53
C THR A 54 -0.97 15.26 -12.32
N PRO A 55 0.22 14.73 -12.00
CA PRO A 55 0.41 13.30 -11.77
C PRO A 55 -0.25 12.82 -10.48
N HIS A 56 -0.46 11.52 -10.38
CA HIS A 56 -1.09 10.94 -9.20
C HIS A 56 -0.42 9.62 -8.82
N LEU A 57 -0.22 9.41 -7.52
CA LEU A 57 0.42 8.20 -7.02
C LEU A 57 -0.64 7.15 -6.65
N GLN A 58 -0.43 5.92 -7.12
CA GLN A 58 -1.35 4.83 -6.83
C GLN A 58 -0.62 3.49 -6.82
N GLY A 59 -0.54 2.88 -5.64
CA GLY A 59 0.13 1.60 -5.52
C GLY A 59 -0.41 0.77 -4.37
N PHE A 60 0.13 -0.43 -4.22
CA PHE A 60 -0.31 -1.33 -3.15
C PHE A 60 0.89 -1.98 -2.45
N ALA A 61 0.80 -2.10 -1.14
CA ALA A 61 1.87 -2.70 -0.36
C ALA A 61 1.33 -3.69 0.66
N ASN A 62 1.84 -4.92 0.63
CA ASN A 62 1.40 -5.97 1.54
C ASN A 62 2.28 -6.00 2.79
N PHE A 63 1.68 -5.67 3.93
CA PHE A 63 2.41 -5.66 5.20
C PHE A 63 2.73 -7.08 5.65
N VAL A 64 4.00 -7.31 6.00
CA VAL A 64 4.44 -8.62 6.45
C VAL A 64 3.69 -9.05 7.70
N LYS A 65 3.17 -8.08 8.45
CA LYS A 65 2.43 -8.37 9.67
C LYS A 65 1.06 -7.68 9.64
N LYS A 66 0.34 -7.77 10.76
CA LYS A 66 -0.97 -7.15 10.86
C LYS A 66 -0.88 -5.77 11.48
N GLN A 67 -1.25 -4.75 10.71
CA GLN A 67 -1.19 -3.37 11.18
C GLN A 67 -2.55 -2.68 10.99
N THR A 68 -2.76 -1.59 11.72
CA THR A 68 -4.01 -0.84 11.63
C THR A 68 -3.87 0.34 10.69
N PHE A 69 -4.98 0.99 10.38
CA PHE A 69 -4.98 2.15 9.50
C PHE A 69 -4.16 3.29 10.09
N ASN A 70 -4.47 3.66 11.32
CA ASN A 70 -3.76 4.74 12.00
C ASN A 70 -2.28 4.40 12.15
N LYS A 71 -2.00 3.16 12.51
CA LYS A 71 -0.63 2.70 12.69
C LYS A 71 0.13 2.74 11.36
N VAL A 72 -0.48 2.17 10.32
CA VAL A 72 0.14 2.14 9.01
C VAL A 72 0.54 3.53 8.54
N LYS A 73 -0.15 4.54 9.07
CA LYS A 73 0.12 5.92 8.72
C LYS A 73 1.52 6.33 9.18
N TRP A 74 2.14 5.50 10.01
CA TRP A 74 3.48 5.77 10.53
C TRP A 74 4.52 5.66 9.42
N TYR A 75 4.15 4.97 8.35
CA TYR A 75 5.06 4.78 7.22
C TYR A 75 4.54 5.49 5.98
N LEU A 76 3.27 5.26 5.65
CA LEU A 76 2.65 5.87 4.49
C LEU A 76 2.34 7.34 4.75
N GLY A 77 2.46 7.75 6.02
CA GLY A 77 2.19 9.12 6.39
C GLY A 77 0.72 9.47 6.29
N ALA A 78 0.32 10.54 6.98
CA ALA A 78 -1.08 10.97 6.97
C ALA A 78 -1.42 11.67 5.66
N ARG A 79 -0.46 12.42 5.12
CA ARG A 79 -0.67 13.14 3.87
C ARG A 79 -1.15 12.20 2.78
N CYS A 80 -0.59 10.99 2.75
CA CYS A 80 -0.96 10.00 1.74
C CYS A 80 -2.22 9.25 2.16
N HIS A 81 -3.20 9.18 1.26
CA HIS A 81 -4.45 8.49 1.55
C HIS A 81 -4.25 6.99 1.56
N ILE A 82 -4.67 6.34 2.64
CA ILE A 82 -4.54 4.90 2.78
C ILE A 82 -5.90 4.22 2.77
N GLU A 83 -5.98 3.07 2.11
CA GLU A 83 -7.23 2.32 2.02
C GLU A 83 -6.96 0.82 2.00
N LYS A 84 -8.01 0.03 2.25
CA LYS A 84 -7.88 -1.42 2.27
C LYS A 84 -7.98 -1.98 0.85
N ALA A 85 -7.06 -2.89 0.52
CA ALA A 85 -7.04 -3.51 -0.80
C ALA A 85 -7.92 -4.75 -0.83
N LYS A 86 -8.34 -5.14 -2.03
CA LYS A 86 -9.19 -6.32 -2.20
C LYS A 86 -8.85 -7.05 -3.50
N GLY A 87 -8.91 -8.37 -3.44
CA GLY A 87 -8.60 -9.17 -4.63
C GLY A 87 -7.38 -10.04 -4.44
N THR A 88 -6.97 -10.72 -5.50
CA THR A 88 -5.80 -11.59 -5.46
C THR A 88 -4.52 -10.84 -5.81
N ASP A 89 -3.39 -11.52 -5.68
CA ASP A 89 -2.10 -10.91 -5.99
C ASP A 89 -2.09 -10.34 -7.41
N GLN A 90 -2.70 -11.07 -8.34
CA GLN A 90 -2.75 -10.65 -9.72
C GLN A 90 -3.66 -9.43 -9.89
N GLN A 91 -4.74 -9.39 -9.10
CA GLN A 91 -5.69 -8.29 -9.16
C GLN A 91 -5.04 -7.00 -8.66
N ASN A 92 -4.19 -7.12 -7.65
CA ASN A 92 -3.52 -5.96 -7.07
C ASN A 92 -2.35 -5.53 -7.96
N LYS A 93 -1.55 -6.49 -8.40
CA LYS A 93 -0.40 -6.21 -9.26
C LYS A 93 -0.85 -5.58 -10.58
N GLU A 94 -1.91 -6.14 -11.16
CA GLU A 94 -2.43 -5.63 -12.42
C GLU A 94 -3.11 -4.28 -12.23
N TYR A 95 -3.77 -4.11 -11.08
CA TYR A 95 -4.46 -2.87 -10.77
C TYR A 95 -3.50 -1.68 -10.81
N CYS A 96 -2.35 -1.84 -10.16
CA CYS A 96 -1.35 -0.78 -10.12
C CYS A 96 -0.73 -0.57 -11.50
N SER A 97 -0.59 -1.65 -12.25
CA SER A 97 0.00 -1.58 -13.59
C SER A 97 -1.01 -1.05 -14.59
N LYS A 98 -2.27 -1.00 -14.18
CA LYS A 98 -3.34 -0.51 -15.05
C LYS A 98 -3.06 0.91 -15.52
N GLU A 99 -2.22 1.62 -14.77
CA GLU A 99 -1.87 2.99 -15.10
C GLU A 99 -0.92 3.03 -16.30
N GLY A 100 -0.27 1.90 -16.57
CA GLY A 100 0.64 1.82 -17.69
C GLY A 100 2.03 2.32 -17.33
N ASN A 101 2.19 2.81 -16.11
CA ASN A 101 3.47 3.34 -15.65
C ASN A 101 3.81 2.78 -14.27
N LEU A 102 4.98 2.14 -14.17
CA LEU A 102 5.43 1.57 -12.91
C LEU A 102 6.39 2.51 -12.19
N LEU A 103 6.20 2.68 -10.88
CA LEU A 103 7.04 3.55 -10.09
C LEU A 103 8.05 2.73 -9.28
N MET A 104 7.63 1.56 -8.84
CA MET A 104 8.50 0.67 -8.06
C MET A 104 8.00 -0.76 -8.11
N GLU A 105 8.93 -1.70 -8.27
CA GLU A 105 8.58 -3.11 -8.35
C GLU A 105 9.45 -3.93 -7.39
N CYS A 106 8.86 -4.37 -6.29
CA CYS A 106 9.59 -5.16 -5.30
C CYS A 106 8.68 -6.24 -4.69
N GLY A 107 9.25 -7.07 -3.83
CA GLY A 107 8.47 -8.13 -3.21
C GLY A 107 7.93 -9.13 -4.21
N ALA A 108 7.14 -10.08 -3.73
CA ALA A 108 6.55 -11.09 -4.60
C ALA A 108 5.05 -10.89 -4.73
N PRO A 109 4.49 -11.39 -5.84
CA PRO A 109 3.05 -11.27 -6.12
C PRO A 109 2.20 -12.14 -5.19
N ARG A 110 2.03 -11.66 -3.96
CA ARG A 110 1.24 -12.39 -2.97
C ARG A 110 0.07 -11.54 -2.48
N SER A 111 -0.99 -12.22 -2.02
CA SER A 111 -2.17 -11.52 -1.51
C SER A 111 -2.83 -12.32 -0.40
N GLN A 112 -2.03 -13.12 0.30
CA GLN A 112 -2.54 -13.94 1.40
C GLN A 112 -1.40 -14.60 2.16
N GLY A 113 -1.60 -14.81 3.46
CA GLY A 113 -0.58 -15.42 4.28
C GLY A 113 -1.17 -16.29 5.38
N GLN A 114 -0.42 -17.30 5.79
CA GLN A 114 -0.86 -18.22 6.85
C GLN A 114 -1.04 -17.47 8.17
N ARG A 115 0.07 -17.16 8.81
CA ARG A 115 0.04 -16.45 10.08
C ARG A 115 0.58 -15.03 9.94
N PRO A 1 -7.48 -12.37 37.31
CA PRO A 1 -8.31 -11.84 36.22
C PRO A 1 -7.66 -12.07 34.85
N SER A 2 -8.28 -11.51 33.81
CA SER A 2 -7.78 -11.66 32.45
C SER A 2 -7.67 -10.31 31.76
N LYS A 3 -6.95 -10.27 30.64
CA LYS A 3 -6.77 -9.04 29.88
C LYS A 3 -6.84 -9.31 28.38
N LYS A 4 -7.92 -9.96 27.96
CA LYS A 4 -8.11 -10.28 26.54
C LYS A 4 -9.43 -9.72 26.03
N ASN A 5 -9.52 -8.39 25.95
CA ASN A 5 -10.72 -7.74 25.47
C ASN A 5 -10.39 -6.64 24.47
N GLY A 6 -11.02 -6.71 23.30
CA GLY A 6 -10.78 -5.72 22.26
C GLY A 6 -10.93 -6.30 20.87
N ARG A 7 -12.01 -5.89 20.19
CA ARG A 7 -12.28 -6.37 18.84
C ARG A 7 -12.86 -5.27 17.97
N SER A 8 -14.05 -4.80 18.33
CA SER A 8 -14.72 -3.75 17.59
C SER A 8 -14.96 -4.16 16.14
N GLY A 9 -15.50 -3.25 15.34
CA GLY A 9 -15.77 -3.55 13.94
C GLY A 9 -14.50 -3.62 13.11
N PRO A 10 -13.86 -2.47 12.90
CA PRO A 10 -12.61 -2.38 12.12
C PRO A 10 -11.44 -3.02 12.84
N GLN A 11 -10.69 -3.84 12.11
CA GLN A 11 -9.53 -4.52 12.68
C GLN A 11 -8.32 -4.38 11.76
N PRO A 12 -7.12 -4.54 12.34
CA PRO A 12 -5.86 -4.43 11.59
C PRO A 12 -5.65 -5.60 10.64
N HIS A 13 -4.99 -5.35 9.52
CA HIS A 13 -4.73 -6.38 8.52
C HIS A 13 -3.29 -6.29 8.02
N LYS A 14 -2.92 -7.21 7.13
CA LYS A 14 -1.59 -7.25 6.56
C LYS A 14 -1.58 -6.66 5.15
N ARG A 15 -2.68 -6.02 4.78
CA ARG A 15 -2.80 -5.42 3.45
C ARG A 15 -3.37 -4.00 3.55
N TRP A 16 -2.66 -3.05 2.95
CA TRP A 16 -3.09 -1.66 2.97
C TRP A 16 -2.59 -0.92 1.74
N VAL A 17 -3.47 -0.12 1.13
CA VAL A 17 -3.12 0.64 -0.07
C VAL A 17 -3.04 2.13 0.24
N PHE A 18 -2.38 2.87 -0.65
CA PHE A 18 -2.23 4.31 -0.47
C PHE A 18 -2.36 5.03 -1.81
N THR A 19 -2.94 6.24 -1.78
CA THR A 19 -3.12 7.03 -2.99
C THR A 19 -3.05 8.52 -2.69
N LEU A 20 -2.21 9.23 -3.43
CA LEU A 20 -2.05 10.67 -3.24
C LEU A 20 -1.90 11.38 -4.58
N ASN A 21 -2.71 12.42 -4.78
CA ASN A 21 -2.67 13.18 -6.02
C ASN A 21 -1.52 14.18 -6.00
N ASN A 22 -0.80 14.26 -7.12
CA ASN A 22 0.33 15.17 -7.25
C ASN A 22 1.31 14.98 -6.09
N PRO A 23 1.98 13.82 -6.07
CA PRO A 23 2.95 13.48 -5.02
C PRO A 23 4.21 14.33 -5.12
N SER A 24 4.85 14.57 -3.98
CA SER A 24 6.08 15.37 -3.94
C SER A 24 7.31 14.47 -4.06
N GLU A 25 8.43 15.06 -4.46
CA GLU A 25 9.67 14.33 -4.61
C GLU A 25 10.12 13.73 -3.29
N ASP A 26 9.76 14.39 -2.19
CA ASP A 26 10.12 13.92 -0.85
C ASP A 26 9.20 12.79 -0.42
N GLU A 27 7.90 13.00 -0.56
CA GLU A 27 6.91 11.99 -0.17
C GLU A 27 7.05 10.74 -1.03
N ARG A 28 7.13 10.93 -2.34
CA ARG A 28 7.27 9.82 -3.28
C ARG A 28 8.54 9.02 -2.98
N LYS A 29 9.62 9.73 -2.71
CA LYS A 29 10.90 9.08 -2.41
C LYS A 29 10.85 8.37 -1.06
N LYS A 30 10.13 8.97 -0.11
CA LYS A 30 10.00 8.39 1.22
C LYS A 30 9.33 7.03 1.17
N ILE A 31 8.21 6.94 0.45
CA ILE A 31 7.48 5.69 0.32
C ILE A 31 8.33 4.63 -0.39
N ARG A 32 9.01 5.05 -1.45
CA ARG A 32 9.86 4.14 -2.21
C ARG A 32 11.13 3.79 -1.43
N ASP A 33 11.48 4.64 -0.48
CA ASP A 33 12.67 4.43 0.34
C ASP A 33 12.32 3.66 1.61
N LEU A 34 11.09 3.18 1.68
CA LEU A 34 10.63 2.43 2.85
C LEU A 34 11.33 1.09 2.95
N PRO A 35 11.31 0.49 4.15
CA PRO A 35 11.94 -0.81 4.39
C PRO A 35 11.21 -1.96 3.70
N ILE A 36 11.92 -2.67 2.83
CA ILE A 36 11.33 -3.79 2.10
C ILE A 36 11.06 -4.96 3.03
N SER A 37 11.94 -5.15 4.01
CA SER A 37 11.79 -6.24 4.97
C SER A 37 10.54 -6.05 5.83
N LEU A 38 10.01 -4.83 5.81
CA LEU A 38 8.82 -4.51 6.59
C LEU A 38 7.56 -4.98 5.88
N PHE A 39 7.61 -5.01 4.55
CA PHE A 39 6.47 -5.46 3.75
C PHE A 39 6.86 -6.62 2.84
N ASP A 40 6.19 -7.75 3.01
CA ASP A 40 6.45 -8.94 2.21
C ASP A 40 6.28 -8.63 0.72
N TYR A 41 5.46 -7.63 0.43
CA TYR A 41 5.20 -7.24 -0.95
C TYR A 41 4.97 -5.74 -1.07
N PHE A 42 5.77 -5.09 -1.92
CA PHE A 42 5.66 -3.66 -2.12
C PHE A 42 5.68 -3.31 -3.60
N ILE A 43 4.57 -2.79 -4.10
CA ILE A 43 4.46 -2.41 -5.51
C ILE A 43 3.74 -1.08 -5.67
N VAL A 44 4.37 -0.16 -6.39
CA VAL A 44 3.79 1.16 -6.63
C VAL A 44 3.91 1.56 -8.09
N GLY A 45 2.98 2.40 -8.54
CA GLY A 45 3.00 2.85 -9.93
C GLY A 45 2.47 4.25 -10.09
N GLU A 46 3.12 5.04 -10.93
CA GLU A 46 2.72 6.42 -11.16
C GLU A 46 2.11 6.58 -12.56
N GLU A 47 0.98 7.27 -12.64
CA GLU A 47 0.30 7.48 -13.91
C GLU A 47 0.28 8.97 -14.27
N GLY A 48 1.02 9.33 -15.31
CA GLY A 48 1.08 10.72 -15.74
C GLY A 48 1.16 10.86 -17.24
N ASN A 49 0.21 10.24 -17.95
CA ASN A 49 0.18 10.29 -19.40
C ASN A 49 -1.15 10.85 -19.89
N GLU A 50 -1.74 11.75 -19.11
CA GLU A 50 -3.02 12.36 -19.47
C GLU A 50 -2.96 13.87 -19.28
N GLU A 51 -2.91 14.60 -20.41
CA GLU A 51 -2.86 16.05 -20.37
C GLU A 51 -4.09 16.62 -19.67
N GLY A 52 -3.90 17.75 -18.98
CA GLY A 52 -5.00 18.37 -18.28
C GLY A 52 -5.11 17.91 -16.83
N ARG A 53 -4.52 16.76 -16.54
CA ARG A 53 -4.55 16.21 -15.19
C ARG A 53 -3.14 16.09 -14.61
N THR A 54 -3.05 16.02 -13.29
CA THR A 54 -1.76 15.90 -12.62
C THR A 54 -1.44 14.44 -12.32
N PRO A 55 -0.14 14.16 -12.10
CA PRO A 55 0.32 12.80 -11.80
C PRO A 55 -0.11 12.33 -10.41
N HIS A 56 -0.69 11.15 -10.36
CA HIS A 56 -1.16 10.59 -9.09
C HIS A 56 -0.35 9.35 -8.71
N LEU A 57 -0.05 9.20 -7.43
CA LEU A 57 0.71 8.06 -6.94
C LEU A 57 -0.21 6.99 -6.36
N GLN A 58 -0.24 5.82 -7.01
CA GLN A 58 -1.08 4.72 -6.56
C GLN A 58 -0.26 3.45 -6.40
N GLY A 59 -0.09 3.01 -5.15
CA GLY A 59 0.67 1.81 -4.88
C GLY A 59 0.10 1.00 -3.74
N PHE A 60 0.44 -0.28 -3.70
CA PHE A 60 -0.06 -1.17 -2.65
C PHE A 60 1.10 -1.84 -1.92
N ALA A 61 0.97 -1.98 -0.60
CA ALA A 61 2.00 -2.61 0.21
C ALA A 61 1.39 -3.60 1.20
N ASN A 62 2.05 -4.74 1.37
CA ASN A 62 1.58 -5.76 2.29
C ASN A 62 2.39 -5.77 3.57
N PHE A 63 1.75 -5.45 4.69
CA PHE A 63 2.41 -5.41 5.98
C PHE A 63 2.74 -6.81 6.47
N VAL A 64 4.00 -7.04 6.84
CA VAL A 64 4.43 -8.34 7.32
C VAL A 64 3.68 -8.75 8.57
N LYS A 65 3.15 -7.77 9.29
CA LYS A 65 2.39 -8.02 10.51
C LYS A 65 1.03 -7.35 10.45
N LYS A 66 0.29 -7.43 11.55
CA LYS A 66 -1.04 -6.82 11.63
C LYS A 66 -0.95 -5.37 12.07
N GLN A 67 -1.51 -4.47 11.28
CA GLN A 67 -1.50 -3.05 11.58
C GLN A 67 -2.87 -2.43 11.35
N THR A 68 -3.16 -1.36 12.08
CA THR A 68 -4.44 -0.67 11.95
C THR A 68 -4.34 0.49 10.98
N PHE A 69 -5.48 1.08 10.65
CA PHE A 69 -5.52 2.22 9.73
C PHE A 69 -4.74 3.40 10.28
N ASN A 70 -5.09 3.81 11.50
CA ASN A 70 -4.41 4.94 12.14
C ASN A 70 -2.93 4.65 12.32
N LYS A 71 -2.62 3.43 12.73
CA LYS A 71 -1.23 3.03 12.95
C LYS A 71 -0.45 3.04 11.64
N VAL A 72 -1.03 2.42 10.61
CA VAL A 72 -0.39 2.36 9.30
C VAL A 72 -0.01 3.76 8.80
N LYS A 73 -0.75 4.76 9.29
CA LYS A 73 -0.49 6.15 8.89
C LYS A 73 0.89 6.60 9.37
N TRP A 74 1.50 5.81 10.23
CA TRP A 74 2.82 6.12 10.76
C TRP A 74 3.89 6.00 9.68
N TYR A 75 3.57 5.26 8.62
CA TYR A 75 4.50 5.06 7.52
C TYR A 75 3.99 5.71 6.24
N LEU A 76 2.73 5.42 5.90
CA LEU A 76 2.12 5.98 4.71
C LEU A 76 1.79 7.45 4.90
N GLY A 77 1.86 7.92 6.15
CA GLY A 77 1.57 9.30 6.45
C GLY A 77 0.11 9.64 6.25
N ALA A 78 -0.36 10.67 6.94
CA ALA A 78 -1.75 11.10 6.83
C ALA A 78 -1.99 11.85 5.53
N ARG A 79 -0.95 12.49 5.02
CA ARG A 79 -1.04 13.25 3.78
C ARG A 79 -1.62 12.39 2.66
N CYS A 80 -1.18 11.13 2.59
CA CYS A 80 -1.64 10.20 1.57
C CYS A 80 -2.82 9.39 2.08
N HIS A 81 -3.88 9.32 1.29
CA HIS A 81 -5.08 8.57 1.65
C HIS A 81 -4.83 7.07 1.55
N ILE A 82 -5.09 6.35 2.64
CA ILE A 82 -4.90 4.91 2.66
C ILE A 82 -6.23 4.18 2.83
N GLU A 83 -6.30 2.98 2.25
CA GLU A 83 -7.51 2.17 2.33
C GLU A 83 -7.18 0.68 2.32
N LYS A 84 -8.16 -0.14 2.70
CA LYS A 84 -7.97 -1.58 2.73
C LYS A 84 -8.01 -2.17 1.33
N ALA A 85 -7.06 -3.04 1.03
CA ALA A 85 -7.00 -3.68 -0.29
C ALA A 85 -7.73 -5.02 -0.28
N LYS A 86 -8.13 -5.47 -1.47
CA LYS A 86 -8.84 -6.74 -1.60
C LYS A 86 -8.40 -7.47 -2.87
N GLY A 87 -8.31 -8.80 -2.78
CA GLY A 87 -7.91 -9.59 -3.93
C GLY A 87 -6.61 -10.34 -3.69
N THR A 88 -5.96 -10.75 -4.76
CA THR A 88 -4.70 -11.49 -4.67
C THR A 88 -3.53 -10.61 -5.08
N ASP A 89 -2.32 -11.13 -4.92
CA ASP A 89 -1.11 -10.41 -5.27
C ASP A 89 -1.12 -10.02 -6.74
N GLN A 90 -1.67 -10.90 -7.58
CA GLN A 90 -1.75 -10.65 -9.01
C GLN A 90 -2.74 -9.53 -9.32
N GLN A 91 -3.82 -9.46 -8.55
CA GLN A 91 -4.83 -8.45 -8.74
C GLN A 91 -4.29 -7.06 -8.40
N ASN A 92 -3.51 -6.99 -7.32
CA ASN A 92 -2.92 -5.72 -6.88
C ASN A 92 -1.69 -5.38 -7.73
N LYS A 93 -0.92 -6.40 -8.08
CA LYS A 93 0.28 -6.20 -8.87
C LYS A 93 -0.06 -5.61 -10.24
N GLU A 94 -1.06 -6.18 -10.90
CA GLU A 94 -1.49 -5.72 -12.20
C GLU A 94 -2.19 -4.37 -12.10
N TYR A 95 -2.94 -4.19 -11.02
CA TYR A 95 -3.68 -2.94 -10.79
C TYR A 95 -2.73 -1.75 -10.81
N CYS A 96 -1.63 -1.85 -10.07
CA CYS A 96 -0.64 -0.78 -10.01
C CYS A 96 0.07 -0.62 -11.34
N SER A 97 0.28 -1.73 -12.05
CA SER A 97 0.96 -1.71 -13.33
C SER A 97 0.02 -1.23 -14.43
N LYS A 98 -1.26 -1.15 -14.11
CA LYS A 98 -2.27 -0.71 -15.07
C LYS A 98 -1.94 0.69 -15.59
N GLU A 99 -1.15 1.43 -14.82
CA GLU A 99 -0.77 2.77 -15.22
C GLU A 99 0.25 2.75 -16.36
N GLY A 100 0.88 1.59 -16.54
CA GLY A 100 1.87 1.44 -17.61
C GLY A 100 3.23 1.94 -17.19
N ASN A 101 3.32 2.51 -15.98
CA ASN A 101 4.58 3.03 -15.47
C ASN A 101 4.80 2.60 -14.02
N LEU A 102 5.93 1.94 -13.78
CA LEU A 102 6.27 1.46 -12.45
C LEU A 102 7.25 2.41 -11.76
N LEU A 103 6.85 2.95 -10.62
CA LEU A 103 7.69 3.87 -9.87
C LEU A 103 8.41 3.14 -8.74
N MET A 104 7.82 2.04 -8.28
CA MET A 104 8.42 1.25 -7.21
C MET A 104 8.22 -0.24 -7.46
N GLU A 105 9.28 -1.01 -7.22
CA GLU A 105 9.23 -2.46 -7.43
C GLU A 105 10.05 -3.19 -6.37
N CYS A 106 9.36 -3.80 -5.41
CA CYS A 106 10.03 -4.53 -4.34
C CYS A 106 9.12 -5.61 -3.77
N GLY A 107 9.64 -6.38 -2.83
CA GLY A 107 8.86 -7.44 -2.21
C GLY A 107 8.57 -8.58 -3.18
N ALA A 108 7.96 -9.64 -2.67
CA ALA A 108 7.63 -10.80 -3.50
C ALA A 108 6.12 -10.94 -3.66
N PRO A 109 5.70 -11.68 -4.69
CA PRO A 109 4.28 -11.92 -4.97
C PRO A 109 3.63 -12.82 -3.94
N ARG A 110 2.62 -12.29 -3.24
CA ARG A 110 1.92 -13.04 -2.23
C ARG A 110 1.06 -14.13 -2.85
N SER A 111 0.80 -15.20 -2.09
CA SER A 111 -0.01 -16.30 -2.58
C SER A 111 -0.67 -17.06 -1.42
N GLN A 112 -1.99 -17.01 -1.37
CA GLN A 112 -2.73 -17.68 -0.30
C GLN A 112 -2.54 -19.19 -0.39
N GLY A 113 -3.04 -19.79 -1.46
CA GLY A 113 -2.92 -21.23 -1.64
C GLY A 113 -3.96 -21.79 -2.59
N GLN A 114 -5.08 -22.25 -2.03
CA GLN A 114 -6.15 -22.82 -2.83
C GLN A 114 -7.52 -22.42 -2.28
N ARG A 115 -7.85 -22.93 -1.10
CA ARG A 115 -9.12 -22.63 -0.46
C ARG A 115 -8.92 -22.18 0.98
N PRO A 1 -11.33 -15.07 36.11
CA PRO A 1 -11.58 -13.73 35.58
C PRO A 1 -10.85 -13.46 34.27
N SER A 2 -11.61 -13.24 33.20
CA SER A 2 -11.02 -12.98 31.89
C SER A 2 -10.75 -11.49 31.71
N LYS A 3 -9.60 -11.18 31.12
CA LYS A 3 -9.22 -9.79 30.87
C LYS A 3 -9.99 -9.21 29.70
N LYS A 4 -10.29 -7.92 29.78
CA LYS A 4 -11.04 -7.23 28.72
C LYS A 4 -10.23 -7.20 27.43
N ASN A 5 -10.62 -8.03 26.47
CA ASN A 5 -9.94 -8.10 25.18
C ASN A 5 -10.52 -7.08 24.20
N GLY A 6 -9.73 -6.70 23.21
CA GLY A 6 -10.19 -5.75 22.22
C GLY A 6 -11.29 -6.30 21.33
N ARG A 7 -12.43 -5.62 21.31
CA ARG A 7 -13.56 -6.06 20.51
C ARG A 7 -14.07 -4.92 19.64
N SER A 8 -13.18 -4.32 18.85
CA SER A 8 -13.56 -3.22 17.98
C SER A 8 -14.04 -3.73 16.62
N GLY A 9 -14.39 -2.81 15.74
CA GLY A 9 -14.86 -3.17 14.42
C GLY A 9 -13.73 -3.53 13.47
N PRO A 10 -12.99 -2.50 13.04
CA PRO A 10 -11.86 -2.67 12.11
C PRO A 10 -10.67 -3.37 12.77
N GLN A 11 -10.04 -4.26 12.02
CA GLN A 11 -8.89 -5.00 12.54
C GLN A 11 -7.69 -4.87 11.59
N PRO A 12 -6.48 -5.09 12.14
CA PRO A 12 -5.24 -5.00 11.38
C PRO A 12 -5.10 -6.14 10.36
N HIS A 13 -4.41 -5.87 9.26
CA HIS A 13 -4.20 -6.86 8.23
C HIS A 13 -2.77 -6.79 7.68
N LYS A 14 -2.45 -7.68 6.75
CA LYS A 14 -1.13 -7.72 6.14
C LYS A 14 -1.16 -7.10 4.74
N ARG A 15 -2.20 -6.33 4.45
CA ARG A 15 -2.34 -5.69 3.16
C ARG A 15 -2.89 -4.28 3.30
N TRP A 16 -2.20 -3.30 2.72
CA TRP A 16 -2.62 -1.91 2.78
C TRP A 16 -2.16 -1.14 1.56
N VAL A 17 -3.04 -0.30 1.03
CA VAL A 17 -2.73 0.49 -0.16
C VAL A 17 -2.64 1.97 0.19
N PHE A 18 -1.99 2.75 -0.67
CA PHE A 18 -1.84 4.18 -0.47
C PHE A 18 -2.12 4.95 -1.75
N THR A 19 -2.72 6.13 -1.60
CA THR A 19 -3.04 6.97 -2.75
C THR A 19 -3.00 8.45 -2.38
N LEU A 20 -2.27 9.23 -3.17
CA LEU A 20 -2.13 10.66 -2.92
C LEU A 20 -2.17 11.44 -4.24
N ASN A 21 -2.90 12.56 -4.24
CA ASN A 21 -3.00 13.39 -5.43
C ASN A 21 -1.83 14.35 -5.53
N ASN A 22 -1.26 14.45 -6.73
CA ASN A 22 -0.12 15.33 -6.95
C ASN A 22 0.97 15.10 -5.92
N PRO A 23 1.57 13.90 -5.96
CA PRO A 23 2.65 13.51 -5.03
C PRO A 23 3.94 14.29 -5.30
N SER A 24 4.67 14.58 -4.22
CA SER A 24 5.93 15.31 -4.33
C SER A 24 7.11 14.36 -4.47
N GLU A 25 8.21 14.86 -5.02
CA GLU A 25 9.41 14.05 -5.20
C GLU A 25 9.89 13.47 -3.87
N ASP A 26 9.62 14.19 -2.79
CA ASP A 26 10.02 13.76 -1.46
C ASP A 26 9.10 12.65 -0.95
N GLU A 27 7.80 12.83 -1.15
CA GLU A 27 6.82 11.85 -0.71
C GLU A 27 7.03 10.51 -1.41
N ARG A 28 7.16 10.56 -2.74
CA ARG A 28 7.36 9.36 -3.53
C ARG A 28 8.72 8.72 -3.22
N LYS A 29 9.69 9.56 -2.87
CA LYS A 29 11.03 9.08 -2.54
C LYS A 29 11.03 8.32 -1.22
N LYS A 30 10.29 8.84 -0.25
CA LYS A 30 10.20 8.23 1.07
C LYS A 30 9.60 6.83 0.97
N ILE A 31 8.44 6.74 0.32
CA ILE A 31 7.75 5.47 0.15
C ILE A 31 8.57 4.51 -0.73
N ARG A 32 9.15 5.06 -1.79
CA ARG A 32 9.96 4.26 -2.70
C ARG A 32 11.27 3.83 -2.04
N ASP A 33 11.67 4.56 -1.01
CA ASP A 33 12.90 4.26 -0.30
C ASP A 33 12.62 3.44 0.96
N LEU A 34 11.37 3.01 1.11
CA LEU A 34 10.96 2.23 2.27
C LEU A 34 11.68 0.88 2.29
N PRO A 35 11.71 0.24 3.48
CA PRO A 35 12.36 -1.05 3.67
C PRO A 35 11.60 -2.18 2.97
N ILE A 36 12.26 -2.86 2.04
CA ILE A 36 11.65 -3.95 1.31
C ILE A 36 11.44 -5.17 2.22
N SER A 37 12.36 -5.37 3.15
CA SER A 37 12.28 -6.49 4.08
C SER A 37 11.08 -6.33 5.02
N LEU A 38 10.55 -5.11 5.10
CA LEU A 38 9.42 -4.83 5.95
C LEU A 38 8.12 -5.30 5.30
N PHE A 39 8.09 -5.30 3.97
CA PHE A 39 6.91 -5.73 3.22
C PHE A 39 7.28 -6.84 2.24
N ASP A 40 6.74 -8.03 2.47
CA ASP A 40 7.00 -9.17 1.59
C ASP A 40 6.73 -8.82 0.14
N TYR A 41 5.79 -7.90 -0.08
CA TYR A 41 5.43 -7.47 -1.42
C TYR A 41 5.25 -5.96 -1.48
N PHE A 42 5.98 -5.31 -2.39
CA PHE A 42 5.91 -3.87 -2.55
C PHE A 42 5.79 -3.49 -4.03
N ILE A 43 4.66 -2.90 -4.40
CA ILE A 43 4.42 -2.48 -5.77
C ILE A 43 3.79 -1.10 -5.83
N VAL A 44 4.50 -0.15 -6.44
CA VAL A 44 4.01 1.22 -6.57
C VAL A 44 3.92 1.63 -8.02
N GLY A 45 2.85 2.36 -8.37
CA GLY A 45 2.67 2.81 -9.74
C GLY A 45 2.36 4.29 -9.82
N GLU A 46 3.05 4.98 -10.72
CA GLU A 46 2.82 6.42 -10.89
C GLU A 46 1.83 6.69 -12.01
N GLU A 47 0.84 7.53 -11.74
CA GLU A 47 -0.18 7.87 -12.72
C GLU A 47 0.10 9.23 -13.34
N GLY A 48 0.07 9.29 -14.67
CA GLY A 48 0.31 10.54 -15.37
C GLY A 48 -0.32 10.57 -16.74
N ASN A 49 -1.63 10.84 -16.78
CA ASN A 49 -2.36 10.90 -18.04
C ASN A 49 -1.79 12.00 -18.94
N GLU A 50 -2.49 12.28 -20.03
CA GLU A 50 -2.07 13.31 -20.98
C GLU A 50 -1.95 14.66 -20.28
N GLU A 51 -1.45 15.65 -21.01
CA GLU A 51 -1.30 17.00 -20.47
C GLU A 51 -2.60 17.50 -19.87
N GLY A 52 -2.49 18.45 -18.94
CA GLY A 52 -3.66 19.00 -18.29
C GLY A 52 -4.00 18.30 -17.00
N ARG A 53 -3.58 17.04 -16.88
CA ARG A 53 -3.84 16.26 -15.68
C ARG A 53 -2.59 16.14 -14.82
N THR A 54 -2.74 16.32 -13.51
CA THR A 54 -1.61 16.24 -12.58
C THR A 54 -1.31 14.79 -12.23
N PRO A 55 -0.08 14.56 -11.75
CA PRO A 55 0.37 13.21 -11.36
C PRO A 55 -0.32 12.71 -10.11
N HIS A 56 -0.48 11.40 -10.00
CA HIS A 56 -1.13 10.79 -8.85
C HIS A 56 -0.42 9.50 -8.44
N LEU A 57 -0.27 9.31 -7.13
CA LEU A 57 0.40 8.12 -6.61
C LEU A 57 -0.62 7.03 -6.26
N GLN A 58 -0.33 5.81 -6.67
CA GLN A 58 -1.22 4.69 -6.40
C GLN A 58 -0.45 3.37 -6.42
N GLY A 59 -0.34 2.74 -5.24
CA GLY A 59 0.38 1.48 -5.14
C GLY A 59 -0.13 0.62 -4.00
N PHE A 60 0.38 -0.60 -3.91
CA PHE A 60 -0.02 -1.53 -2.86
C PHE A 60 1.20 -2.15 -2.18
N ALA A 61 1.11 -2.30 -0.87
CA ALA A 61 2.21 -2.87 -0.10
C ALA A 61 1.70 -3.91 0.91
N ASN A 62 2.25 -5.11 0.84
CA ASN A 62 1.84 -6.19 1.73
C ASN A 62 2.70 -6.20 2.99
N PHE A 63 2.08 -5.91 4.13
CA PHE A 63 2.80 -5.88 5.41
C PHE A 63 3.16 -7.30 5.85
N VAL A 64 4.43 -7.49 6.18
CA VAL A 64 4.93 -8.79 6.62
C VAL A 64 4.22 -9.25 7.89
N LYS A 65 3.72 -8.28 8.65
CA LYS A 65 3.01 -8.58 9.90
C LYS A 65 1.62 -7.93 9.91
N LYS A 66 0.94 -8.03 11.03
CA LYS A 66 -0.39 -7.45 11.18
C LYS A 66 -0.31 -6.03 11.73
N GLN A 67 -0.86 -5.08 10.98
CA GLN A 67 -0.85 -3.69 11.39
C GLN A 67 -2.22 -3.04 11.18
N THR A 68 -2.51 -2.01 11.96
CA THR A 68 -3.78 -1.31 11.87
C THR A 68 -3.68 -0.11 10.93
N PHE A 69 -4.82 0.50 10.62
CA PHE A 69 -4.86 1.66 9.74
C PHE A 69 -4.07 2.81 10.31
N ASN A 70 -4.39 3.19 11.55
CA ASN A 70 -3.70 4.28 12.23
C ASN A 70 -2.22 3.98 12.39
N LYS A 71 -1.90 2.74 12.75
CA LYS A 71 -0.52 2.31 12.93
C LYS A 71 0.25 2.38 11.62
N VAL A 72 -0.33 1.79 10.57
CA VAL A 72 0.30 1.78 9.26
C VAL A 72 0.65 3.19 8.81
N LYS A 73 -0.07 4.17 9.34
CA LYS A 73 0.16 5.57 8.99
C LYS A 73 1.54 6.02 9.47
N TRP A 74 2.17 5.21 10.30
CA TRP A 74 3.49 5.52 10.83
C TRP A 74 4.55 5.44 9.73
N TYR A 75 4.22 4.74 8.66
CA TYR A 75 5.15 4.57 7.54
C TYR A 75 4.61 5.27 6.29
N LEU A 76 3.37 4.99 5.94
CA LEU A 76 2.75 5.59 4.78
C LEU A 76 2.50 7.09 5.00
N GLY A 77 2.17 7.45 6.23
CA GLY A 77 1.92 8.84 6.55
C GLY A 77 0.46 9.21 6.42
N ALA A 78 0.03 10.21 7.19
CA ALA A 78 -1.35 10.65 7.17
C ALA A 78 -1.64 11.48 5.91
N ARG A 79 -0.60 12.12 5.38
CA ARG A 79 -0.73 12.94 4.19
C ARG A 79 -1.41 12.16 3.07
N CYS A 80 -1.06 10.88 2.95
CA CYS A 80 -1.63 10.03 1.91
C CYS A 80 -2.76 9.17 2.48
N HIS A 81 -3.79 8.96 1.66
CA HIS A 81 -4.94 8.16 2.08
C HIS A 81 -4.62 6.67 1.99
N ILE A 82 -4.94 5.94 3.06
CA ILE A 82 -4.68 4.50 3.10
C ILE A 82 -5.99 3.71 3.11
N GLU A 83 -5.99 2.57 2.43
CA GLU A 83 -7.17 1.73 2.36
C GLU A 83 -6.79 0.26 2.23
N LYS A 84 -7.74 -0.62 2.48
CA LYS A 84 -7.51 -2.07 2.40
C LYS A 84 -7.65 -2.55 0.97
N ALA A 85 -6.67 -3.35 0.52
CA ALA A 85 -6.69 -3.88 -0.84
C ALA A 85 -7.56 -5.13 -0.93
N LYS A 86 -8.12 -5.37 -2.10
CA LYS A 86 -8.98 -6.54 -2.31
C LYS A 86 -8.58 -7.28 -3.59
N GLY A 87 -8.66 -8.60 -3.54
CA GLY A 87 -8.31 -9.41 -4.69
C GLY A 87 -7.11 -10.29 -4.44
N THR A 88 -6.68 -11.03 -5.45
CA THR A 88 -5.54 -11.93 -5.33
C THR A 88 -4.24 -11.20 -5.59
N ASP A 89 -3.11 -11.88 -5.38
CA ASP A 89 -1.80 -11.29 -5.60
C ASP A 89 -1.69 -10.72 -7.01
N GLN A 90 -2.24 -11.45 -7.99
CA GLN A 90 -2.19 -11.02 -9.38
C GLN A 90 -3.07 -9.79 -9.59
N GLN A 91 -4.20 -9.75 -8.89
CA GLN A 91 -5.13 -8.63 -9.00
C GLN A 91 -4.50 -7.34 -8.47
N ASN A 92 -3.78 -7.45 -7.37
CA ASN A 92 -3.13 -6.29 -6.77
C ASN A 92 -1.98 -5.80 -7.64
N LYS A 93 -1.16 -6.72 -8.10
CA LYS A 93 -0.03 -6.38 -8.96
C LYS A 93 -0.50 -5.75 -10.27
N GLU A 94 -1.56 -6.31 -10.84
CA GLU A 94 -2.11 -5.81 -12.09
C GLU A 94 -2.79 -4.46 -11.88
N TYR A 95 -3.43 -4.29 -10.72
CA TYR A 95 -4.11 -3.05 -10.41
C TYR A 95 -3.17 -1.86 -10.49
N CYS A 96 -2.05 -1.95 -9.78
CA CYS A 96 -1.06 -0.88 -9.77
C CYS A 96 -0.44 -0.70 -11.16
N SER A 97 -0.29 -1.81 -11.89
CA SER A 97 0.29 -1.77 -13.22
C SER A 97 -0.74 -1.24 -14.24
N LYS A 98 -1.99 -1.17 -13.81
CA LYS A 98 -3.06 -0.70 -14.69
C LYS A 98 -2.75 0.70 -15.22
N GLU A 99 -1.92 1.43 -14.48
CA GLU A 99 -1.53 2.79 -14.88
C GLU A 99 -0.58 2.75 -16.07
N GLY A 100 0.13 1.63 -16.22
CA GLY A 100 1.07 1.50 -17.32
C GLY A 100 2.46 1.95 -16.93
N ASN A 101 2.60 2.55 -15.76
CA ASN A 101 3.89 3.03 -15.28
C ASN A 101 4.11 2.64 -13.83
N LEU A 102 5.22 1.95 -13.58
CA LEU A 102 5.55 1.51 -12.22
C LEU A 102 6.63 2.40 -11.61
N LEU A 103 6.36 2.91 -10.42
CA LEU A 103 7.30 3.78 -9.72
C LEU A 103 8.29 2.95 -8.90
N MET A 104 7.86 1.77 -8.48
CA MET A 104 8.71 0.89 -7.69
C MET A 104 8.24 -0.56 -7.79
N GLU A 105 9.19 -1.47 -7.94
CA GLU A 105 8.88 -2.89 -8.06
C GLU A 105 9.79 -3.73 -7.16
N CYS A 106 9.21 -4.22 -6.06
CA CYS A 106 9.97 -5.03 -5.11
C CYS A 106 9.09 -6.15 -4.55
N GLY A 107 9.70 -7.01 -3.73
CA GLY A 107 8.96 -8.11 -3.14
C GLY A 107 8.41 -9.06 -4.17
N ALA A 108 7.64 -10.05 -3.72
CA ALA A 108 7.06 -11.03 -4.62
C ALA A 108 5.55 -10.85 -4.72
N PRO A 109 4.97 -11.28 -5.85
CA PRO A 109 3.53 -11.17 -6.10
C PRO A 109 2.72 -12.11 -5.21
N ARG A 110 2.59 -11.76 -3.94
CA ARG A 110 1.84 -12.58 -2.99
C ARG A 110 0.70 -11.78 -2.37
N SER A 111 -0.34 -12.49 -1.93
CA SER A 111 -1.49 -11.83 -1.32
C SER A 111 -2.48 -12.88 -0.80
N GLN A 112 -3.49 -12.41 -0.07
CA GLN A 112 -4.50 -13.30 0.48
C GLN A 112 -3.94 -14.12 1.63
N GLY A 113 -3.04 -15.04 1.32
CA GLY A 113 -2.44 -15.87 2.33
C GLY A 113 -1.93 -17.20 1.79
N GLN A 114 -1.92 -18.23 2.63
CA GLN A 114 -1.47 -19.54 2.22
C GLN A 114 -2.29 -20.07 1.06
N ARG A 115 -3.60 -20.23 1.29
CA ARG A 115 -4.50 -20.73 0.26
C ARG A 115 -5.36 -19.60 -0.30
N PRO A 1 -11.64 -16.27 40.33
CA PRO A 1 -10.81 -15.21 39.74
C PRO A 1 -10.68 -15.35 38.23
N SER A 2 -11.02 -14.29 37.51
CA SER A 2 -10.94 -14.30 36.05
C SER A 2 -11.03 -12.88 35.50
N LYS A 3 -10.55 -12.70 34.28
CA LYS A 3 -10.58 -11.38 33.63
C LYS A 3 -10.78 -11.53 32.12
N LYS A 4 -11.26 -10.46 31.50
CA LYS A 4 -11.50 -10.46 30.06
C LYS A 4 -11.31 -9.07 29.47
N ASN A 5 -11.33 -8.98 28.14
CA ASN A 5 -11.15 -7.71 27.46
C ASN A 5 -12.42 -7.32 26.70
N GLY A 6 -12.32 -6.28 25.88
CA GLY A 6 -13.47 -5.82 25.11
C GLY A 6 -13.11 -4.72 24.14
N ARG A 7 -13.51 -4.89 22.87
CA ARG A 7 -13.23 -3.89 21.85
C ARG A 7 -14.05 -4.17 20.59
N SER A 8 -14.44 -3.09 19.91
CA SER A 8 -15.24 -3.22 18.70
C SER A 8 -14.70 -2.29 17.60
N GLY A 9 -14.56 -2.85 16.40
CA GLY A 9 -14.06 -2.07 15.28
C GLY A 9 -13.21 -2.88 14.33
N PRO A 10 -12.61 -2.21 13.33
CA PRO A 10 -11.76 -2.88 12.34
C PRO A 10 -10.45 -3.37 12.94
N GLN A 11 -9.95 -4.49 12.41
CA GLN A 11 -8.70 -5.07 12.89
C GLN A 11 -7.58 -4.85 11.88
N PRO A 12 -6.33 -4.97 12.35
CA PRO A 12 -5.15 -4.79 11.51
C PRO A 12 -4.97 -5.90 10.50
N HIS A 13 -4.50 -5.56 9.31
CA HIS A 13 -4.29 -6.55 8.25
C HIS A 13 -2.88 -6.45 7.70
N LYS A 14 -2.56 -7.32 6.74
CA LYS A 14 -1.24 -7.34 6.13
C LYS A 14 -1.28 -6.72 4.73
N ARG A 15 -2.43 -6.14 4.38
CA ARG A 15 -2.60 -5.52 3.08
C ARG A 15 -3.14 -4.10 3.22
N TRP A 16 -2.41 -3.14 2.66
CA TRP A 16 -2.81 -1.74 2.73
C TRP A 16 -2.40 -1.00 1.46
N VAL A 17 -3.32 -0.18 0.94
CA VAL A 17 -3.05 0.59 -0.27
C VAL A 17 -2.89 2.08 0.05
N PHE A 18 -2.25 2.80 -0.86
CA PHE A 18 -2.03 4.23 -0.68
C PHE A 18 -2.31 5.00 -1.97
N THR A 19 -2.88 6.19 -1.83
CA THR A 19 -3.20 7.02 -2.98
C THR A 19 -3.11 8.50 -2.63
N LEU A 20 -2.38 9.26 -3.43
CA LEU A 20 -2.22 10.69 -3.21
C LEU A 20 -2.24 11.45 -4.53
N ASN A 21 -2.96 12.58 -4.54
CA ASN A 21 -3.06 13.41 -5.74
C ASN A 21 -1.89 14.37 -5.84
N ASN A 22 -1.31 14.47 -7.02
CA ASN A 22 -0.17 15.37 -7.25
C ASN A 22 0.93 15.12 -6.22
N PRO A 23 1.56 13.94 -6.30
CA PRO A 23 2.64 13.56 -5.38
C PRO A 23 3.91 14.37 -5.61
N SER A 24 4.62 14.68 -4.52
CA SER A 24 5.85 15.46 -4.61
C SER A 24 7.07 14.53 -4.73
N GLU A 25 8.21 15.13 -5.03
CA GLU A 25 9.45 14.36 -5.19
C GLU A 25 9.90 13.79 -3.85
N ASP A 26 9.57 14.50 -2.77
CA ASP A 26 9.95 14.06 -1.43
C ASP A 26 9.06 12.91 -0.97
N GLU A 27 7.75 13.05 -1.19
CA GLU A 27 6.79 12.03 -0.79
C GLU A 27 7.06 10.71 -1.52
N ARG A 28 7.22 10.80 -2.84
CA ARG A 28 7.48 9.62 -3.66
C ARG A 28 8.83 9.00 -3.30
N LYS A 29 9.78 9.85 -2.91
CA LYS A 29 11.12 9.39 -2.55
C LYS A 29 11.08 8.62 -1.23
N LYS A 30 10.28 9.12 -0.28
CA LYS A 30 10.16 8.48 1.02
C LYS A 30 9.59 7.07 0.89
N ILE A 31 8.47 6.95 0.20
CA ILE A 31 7.82 5.66 0.00
C ILE A 31 8.69 4.75 -0.87
N ARG A 32 9.31 5.32 -1.89
CA ARG A 32 10.17 4.56 -2.79
C ARG A 32 11.47 4.15 -2.09
N ASP A 33 11.80 4.86 -1.02
CA ASP A 33 13.01 4.57 -0.26
C ASP A 33 12.69 3.75 0.99
N LEU A 34 11.45 3.31 1.09
CA LEU A 34 11.01 2.52 2.24
C LEU A 34 11.70 1.16 2.27
N PRO A 35 11.70 0.53 3.45
CA PRO A 35 12.33 -0.80 3.63
C PRO A 35 11.54 -1.90 2.92
N ILE A 36 12.20 -2.57 1.97
CA ILE A 36 11.58 -3.64 1.22
C ILE A 36 11.35 -4.87 2.11
N SER A 37 12.25 -5.08 3.06
CA SER A 37 12.15 -6.21 3.98
C SER A 37 10.96 -6.05 4.92
N LEU A 38 10.48 -4.82 5.04
CA LEU A 38 9.35 -4.52 5.91
C LEU A 38 8.05 -5.01 5.28
N PHE A 39 8.02 -5.05 3.95
CA PHE A 39 6.83 -5.49 3.23
C PHE A 39 7.16 -6.65 2.30
N ASP A 40 6.52 -7.79 2.54
CA ASP A 40 6.75 -8.98 1.73
C ASP A 40 6.53 -8.68 0.25
N TYR A 41 5.71 -7.67 -0.02
CA TYR A 41 5.40 -7.28 -1.39
C TYR A 41 5.14 -5.79 -1.49
N PHE A 42 5.89 -5.11 -2.36
CA PHE A 42 5.74 -3.67 -2.54
C PHE A 42 5.70 -3.32 -4.03
N ILE A 43 4.57 -2.78 -4.47
CA ILE A 43 4.40 -2.40 -5.86
C ILE A 43 3.74 -1.02 -5.99
N VAL A 44 4.46 -0.07 -6.57
CA VAL A 44 3.93 1.27 -6.75
C VAL A 44 3.93 1.67 -8.22
N GLY A 45 2.83 2.29 -8.65
CA GLY A 45 2.72 2.71 -10.04
C GLY A 45 2.34 4.17 -10.17
N GLU A 46 2.98 4.86 -11.11
CA GLU A 46 2.71 6.28 -11.33
C GLU A 46 1.59 6.47 -12.36
N GLU A 47 0.66 7.35 -12.05
CA GLU A 47 -0.46 7.62 -12.94
C GLU A 47 -0.27 8.94 -13.68
N GLY A 48 0.04 8.84 -14.97
CA GLY A 48 0.25 10.03 -15.77
C GLY A 48 -0.08 9.82 -17.24
N ASN A 49 -1.32 9.45 -17.51
CA ASN A 49 -1.76 9.20 -18.88
C ASN A 49 -2.96 10.09 -19.23
N GLU A 50 -3.01 11.28 -18.65
CA GLU A 50 -4.09 12.22 -18.89
C GLU A 50 -3.58 13.65 -18.94
N GLU A 51 -3.53 14.21 -20.14
CA GLU A 51 -3.06 15.58 -20.33
C GLU A 51 -4.04 16.58 -19.74
N GLY A 52 -3.52 17.70 -19.23
CA GLY A 52 -4.37 18.72 -18.64
C GLY A 52 -4.55 18.53 -17.14
N ARG A 53 -4.31 17.33 -16.67
CA ARG A 53 -4.46 17.02 -15.25
C ARG A 53 -3.10 16.70 -14.63
N THR A 54 -3.03 16.78 -13.30
CA THR A 54 -1.79 16.51 -12.58
C THR A 54 -1.63 15.02 -12.33
N PRO A 55 -0.38 14.59 -12.07
CA PRO A 55 -0.06 13.19 -11.80
C PRO A 55 -0.60 12.72 -10.45
N HIS A 56 -0.72 11.40 -10.30
CA HIS A 56 -1.22 10.83 -9.06
C HIS A 56 -0.43 9.57 -8.67
N LEU A 57 -0.15 9.42 -7.39
CA LEU A 57 0.59 8.26 -6.90
C LEU A 57 -0.35 7.15 -6.46
N GLN A 58 -0.32 6.03 -7.16
CA GLN A 58 -1.17 4.89 -6.84
C GLN A 58 -0.35 3.61 -6.71
N GLY A 59 -0.30 3.06 -5.50
CA GLY A 59 0.45 1.84 -5.28
C GLY A 59 -0.11 1.00 -4.15
N PHE A 60 0.42 -0.20 -3.97
CA PHE A 60 -0.04 -1.09 -2.92
C PHE A 60 1.13 -1.85 -2.30
N ALA A 61 1.08 -2.02 -0.98
CA ALA A 61 2.13 -2.73 -0.26
C ALA A 61 1.55 -3.71 0.75
N ASN A 62 2.25 -4.80 0.99
CA ASN A 62 1.81 -5.82 1.93
C ASN A 62 2.67 -5.82 3.18
N PHE A 63 2.08 -5.47 4.31
CA PHE A 63 2.80 -5.42 5.58
C PHE A 63 3.12 -6.84 6.06
N VAL A 64 4.39 -7.08 6.34
CA VAL A 64 4.84 -8.38 6.82
C VAL A 64 4.21 -8.72 8.16
N LYS A 65 3.81 -7.69 8.90
CA LYS A 65 3.20 -7.87 10.21
C LYS A 65 1.85 -7.16 10.28
N LYS A 66 0.96 -7.67 11.12
CA LYS A 66 -0.36 -7.08 11.29
C LYS A 66 -0.27 -5.63 11.76
N GLN A 67 -0.83 -4.73 10.98
CA GLN A 67 -0.82 -3.31 11.32
C GLN A 67 -2.19 -2.68 11.14
N THR A 68 -2.44 -1.61 11.90
CA THR A 68 -3.73 -0.92 11.83
C THR A 68 -3.66 0.27 10.88
N PHE A 69 -4.81 0.86 10.59
CA PHE A 69 -4.88 2.01 9.69
C PHE A 69 -4.10 3.18 10.26
N ASN A 70 -4.41 3.55 11.49
CA ASN A 70 -3.74 4.67 12.16
C ASN A 70 -2.23 4.40 12.28
N LYS A 71 -1.89 3.17 12.62
CA LYS A 71 -0.48 2.78 12.77
C LYS A 71 0.24 2.85 11.44
N VAL A 72 -0.35 2.24 10.41
CA VAL A 72 0.24 2.24 9.08
C VAL A 72 0.54 3.66 8.61
N LYS A 73 -0.19 4.62 9.15
CA LYS A 73 -0.01 6.02 8.79
C LYS A 73 1.38 6.51 9.21
N TRP A 74 2.06 5.71 10.04
CA TRP A 74 3.38 6.07 10.51
C TRP A 74 4.41 6.01 9.38
N TYR A 75 4.06 5.29 8.32
CA TYR A 75 4.95 5.15 7.18
C TYR A 75 4.37 5.83 5.94
N LEU A 76 3.11 5.53 5.65
CA LEU A 76 2.43 6.12 4.49
C LEU A 76 2.08 7.58 4.76
N GLY A 77 2.20 7.99 6.01
CA GLY A 77 1.90 9.37 6.37
C GLY A 77 0.42 9.68 6.25
N ALA A 78 -0.03 10.68 6.99
CA ALA A 78 -1.43 11.08 6.97
C ALA A 78 -1.75 11.86 5.69
N ARG A 79 -0.75 12.53 5.15
CA ARG A 79 -0.93 13.32 3.93
C ARG A 79 -1.54 12.47 2.82
N CYS A 80 -1.22 11.17 2.83
CA CYS A 80 -1.74 10.25 1.82
C CYS A 80 -2.90 9.43 2.39
N HIS A 81 -3.87 9.14 1.53
CA HIS A 81 -5.03 8.35 1.95
C HIS A 81 -4.73 6.86 1.88
N ILE A 82 -5.02 6.16 2.98
CA ILE A 82 -4.77 4.73 3.05
C ILE A 82 -6.09 3.95 3.12
N GLU A 83 -6.14 2.82 2.42
CA GLU A 83 -7.34 1.98 2.40
C GLU A 83 -6.97 0.51 2.32
N LYS A 84 -7.93 -0.35 2.62
CA LYS A 84 -7.71 -1.80 2.58
C LYS A 84 -7.84 -2.33 1.16
N ALA A 85 -6.87 -3.14 0.75
CA ALA A 85 -6.88 -3.73 -0.59
C ALA A 85 -7.67 -5.03 -0.62
N LYS A 86 -8.13 -5.41 -1.80
CA LYS A 86 -8.90 -6.63 -1.97
C LYS A 86 -8.49 -7.38 -3.23
N GLY A 87 -8.54 -8.70 -3.18
CA GLY A 87 -8.16 -9.51 -4.32
C GLY A 87 -6.89 -10.30 -4.09
N THR A 88 -6.22 -10.67 -5.17
CA THR A 88 -4.98 -11.43 -5.07
C THR A 88 -3.78 -10.59 -5.47
N ASP A 89 -2.58 -11.15 -5.30
CA ASP A 89 -1.35 -10.44 -5.64
C ASP A 89 -1.35 -10.02 -7.11
N GLN A 90 -1.84 -10.90 -7.96
CA GLN A 90 -1.90 -10.63 -9.40
C GLN A 90 -2.85 -9.49 -9.69
N GLN A 91 -3.94 -9.40 -8.93
CA GLN A 91 -4.93 -8.36 -9.11
C GLN A 91 -4.37 -7.00 -8.69
N ASN A 92 -3.57 -7.01 -7.62
CA ASN A 92 -2.98 -5.78 -7.11
C ASN A 92 -1.77 -5.37 -7.95
N LYS A 93 -0.98 -6.35 -8.36
CA LYS A 93 0.20 -6.08 -9.18
C LYS A 93 -0.19 -5.45 -10.51
N GLU A 94 -1.18 -6.03 -11.16
CA GLU A 94 -1.65 -5.52 -12.45
C GLU A 94 -2.36 -4.19 -12.29
N TYR A 95 -3.09 -4.04 -11.18
CA TYR A 95 -3.83 -2.82 -10.89
C TYR A 95 -2.88 -1.61 -10.87
N CYS A 96 -1.76 -1.76 -10.19
CA CYS A 96 -0.78 -0.69 -10.10
C CYS A 96 -0.12 -0.42 -11.45
N SER A 97 0.08 -1.48 -12.22
CA SER A 97 0.70 -1.37 -13.54
C SER A 97 -0.32 -0.86 -14.57
N LYS A 98 -1.59 -0.87 -14.20
CA LYS A 98 -2.65 -0.42 -15.08
C LYS A 98 -2.40 1.03 -15.52
N GLU A 99 -1.66 1.77 -14.70
CA GLU A 99 -1.35 3.17 -15.01
C GLU A 99 -0.35 3.27 -16.15
N GLY A 100 0.30 2.15 -16.46
CA GLY A 100 1.28 2.14 -17.54
C GLY A 100 2.63 2.65 -17.09
N ASN A 101 2.72 3.08 -15.83
CA ASN A 101 3.97 3.59 -15.29
C ASN A 101 4.25 3.00 -13.92
N LEU A 102 5.48 2.52 -13.72
CA LEU A 102 5.87 1.92 -12.46
C LEU A 102 6.82 2.84 -11.70
N LEU A 103 6.41 3.27 -10.51
CA LEU A 103 7.22 4.15 -9.69
C LEU A 103 8.17 3.34 -8.80
N MET A 104 7.79 2.10 -8.52
CA MET A 104 8.61 1.22 -7.69
C MET A 104 8.21 -0.23 -7.87
N GLU A 105 9.21 -1.11 -7.96
CA GLU A 105 8.96 -2.53 -8.15
C GLU A 105 9.88 -3.37 -7.25
N CYS A 106 9.32 -3.91 -6.19
CA CYS A 106 10.08 -4.73 -5.25
C CYS A 106 9.18 -5.74 -4.54
N GLY A 107 9.78 -6.57 -3.70
CA GLY A 107 9.02 -7.56 -2.97
C GLY A 107 8.86 -8.86 -3.74
N ALA A 108 8.17 -9.82 -3.15
CA ALA A 108 7.94 -11.11 -3.79
C ALA A 108 6.48 -11.28 -4.17
N PRO A 109 6.22 -12.20 -5.12
CA PRO A 109 4.86 -12.49 -5.59
C PRO A 109 4.02 -13.20 -4.53
N ARG A 110 3.07 -12.47 -3.95
CA ARG A 110 2.20 -13.03 -2.92
C ARG A 110 1.22 -14.02 -3.53
N SER A 111 0.75 -14.96 -2.71
CA SER A 111 -0.19 -15.97 -3.17
C SER A 111 -1.55 -15.80 -2.50
N GLN A 112 -1.52 -15.65 -1.17
CA GLN A 112 -2.75 -15.48 -0.40
C GLN A 112 -3.72 -16.63 -0.67
N GLY A 113 -3.23 -17.86 -0.51
CA GLY A 113 -4.08 -19.02 -0.73
C GLY A 113 -3.70 -20.18 0.17
N GLN A 114 -4.61 -21.14 0.30
CA GLN A 114 -4.37 -22.30 1.14
C GLN A 114 -4.87 -23.58 0.46
N ARG A 115 -4.81 -24.69 1.18
CA ARG A 115 -5.24 -25.97 0.64
C ARG A 115 -6.57 -26.41 1.27
#